data_9I31
#
_entry.id   9I31
#
_cell.length_a   276.626
_cell.length_b   276.626
_cell.length_c   390.302
_cell.angle_alpha   90.000
_cell.angle_beta   90.000
_cell.angle_gamma   90.000
#
_symmetry.space_group_name_H-M   'I 4 2 2'
#
loop_
_entity.id
_entity.type
_entity.pdbx_description
1 polymer 'Alpha-methylacyl-CoA racemase'
2 non-polymer 'ACETYL COENZYME *A'
3 water water
#
_entity_poly.entity_id   1
_entity_poly.type   'polypeptide(L)'
_entity_poly.pdbx_seq_one_letter_code
;MAGPLSGLRVVELAGIGPGPHAAMILGDLGADVVRIDRPSSVDGISRDAMLRNRRIVTADLKSDQGLELALKLIAKADVL
IEGYRPGVTERLGLGPEECAKVNDRLIYARMTGWGQTGPRSQQAGHDINYISLNGILHAIGRGDERPVPPLNLVGDFGGG
SMFLLVGILAALWERQSSGKGQVVDAAMVDGSSVLIQMMWAMRATGMWTDTRGANMLDGGAPYYDTYECADGRYVAVGAI
EPQFYAAMLAGLGLDAAELPPQNDRARWPELRALLTEAFASHDRDHWGAVFANSDACVTPVLAFGEVHNEPHIIERNTFY
EANGGWQPMPAPRFSRTASSQPRPPAATIDIEAVLTDWDGGSGC
;
_entity_poly.pdbx_strand_id   A,B,C,D,E,F,G,H,I,J,K,L
#
loop_
_chem_comp.id
_chem_comp.type
_chem_comp.name
_chem_comp.formula
ACO non-polymer 'ACETYL COENZYME *A' 'C23 H38 N7 O17 P3 S'
#
# COMPACT_ATOMS: atom_id res chain seq x y z
N MET A 1 37.81 26.25 -53.28
CA MET A 1 38.33 26.78 -51.96
C MET A 1 39.79 26.32 -51.78
N ALA A 2 40.70 27.24 -51.47
CA ALA A 2 42.12 26.92 -51.33
C ALA A 2 42.42 26.17 -50.04
N GLY A 3 43.31 25.18 -50.10
CA GLY A 3 43.91 24.63 -48.91
C GLY A 3 43.70 23.14 -48.84
N PRO A 4 44.39 22.41 -47.94
CA PRO A 4 44.40 20.96 -47.99
C PRO A 4 43.06 20.30 -47.63
N LEU A 5 42.17 21.05 -46.97
CA LEU A 5 40.90 20.50 -46.51
C LEU A 5 39.78 20.89 -47.47
N SER A 6 40.14 21.37 -48.67
CA SER A 6 39.19 21.56 -49.76
C SER A 6 38.28 20.33 -49.86
N GLY A 7 36.97 20.59 -49.90
CA GLY A 7 35.97 19.55 -50.05
C GLY A 7 35.40 19.08 -48.71
N LEU A 8 36.10 19.37 -47.59
CA LEU A 8 35.61 18.92 -46.31
C LEU A 8 34.47 19.82 -45.87
N ARG A 9 33.37 19.19 -45.41
CA ARG A 9 32.15 19.88 -45.08
C ARG A 9 31.90 19.80 -43.60
N VAL A 10 31.63 20.96 -42.98
CA VAL A 10 31.58 21.03 -41.54
C VAL A 10 30.34 21.83 -41.12
N VAL A 11 29.63 21.27 -40.12
CA VAL A 11 28.52 21.96 -39.48
C VAL A 11 28.92 22.28 -38.03
N GLU A 12 28.81 23.56 -37.68
CA GLU A 12 29.23 24.07 -36.38
C GLU A 12 28.00 24.64 -35.69
N LEU A 13 27.61 24.00 -34.59
CA LEU A 13 26.59 24.56 -33.71
C LEU A 13 27.24 25.63 -32.83
N ALA A 14 26.86 26.89 -33.09
CA ALA A 14 27.51 28.08 -32.56
C ALA A 14 27.60 28.03 -31.04
N GLY A 15 28.83 28.17 -30.55
CA GLY A 15 29.12 28.39 -29.13
C GLY A 15 30.25 29.39 -28.97
N ILE A 16 31.04 29.20 -27.91
CA ILE A 16 32.10 30.16 -27.60
C ILE A 16 33.41 29.43 -27.30
N GLY A 17 34.52 30.13 -27.63
CA GLY A 17 35.84 29.66 -27.25
C GLY A 17 36.35 28.56 -28.16
N PRO A 18 36.57 27.34 -27.68
CA PRO A 18 37.27 26.33 -28.48
C PRO A 18 36.52 25.88 -29.74
N GLY A 19 35.20 25.67 -29.65
CA GLY A 19 34.44 25.26 -30.84
C GLY A 19 34.67 26.19 -32.02
N PRO A 20 34.40 27.50 -31.91
CA PRO A 20 34.62 28.38 -33.05
C PRO A 20 36.08 28.51 -33.50
N HIS A 21 37.03 28.28 -32.58
CA HIS A 21 38.45 28.41 -32.93
C HIS A 21 38.81 27.24 -33.85
N ALA A 22 38.37 26.03 -33.46
CA ALA A 22 38.56 24.84 -34.27
C ALA A 22 37.87 24.95 -35.63
N ALA A 23 36.66 25.51 -35.64
CA ALA A 23 35.89 25.69 -36.86
C ALA A 23 36.65 26.65 -37.76
N MET A 24 37.12 27.75 -37.15
CA MET A 24 37.95 28.71 -37.86
C MET A 24 39.10 27.99 -38.58
N ILE A 25 39.84 27.17 -37.86
CA ILE A 25 41.05 26.61 -38.45
C ILE A 25 40.68 25.67 -39.60
N LEU A 26 39.59 24.89 -39.50
CA LEU A 26 39.17 24.04 -40.61
C LEU A 26 38.84 24.93 -41.82
N GLY A 27 38.10 25.99 -41.58
CA GLY A 27 37.83 26.96 -42.64
C GLY A 27 39.10 27.53 -43.26
N ASP A 28 40.04 27.90 -42.39
CA ASP A 28 41.31 28.51 -42.78
C ASP A 28 42.02 27.61 -43.78
N LEU A 29 41.98 26.28 -43.55
CA LEU A 29 42.66 25.30 -44.36
C LEU A 29 41.79 24.79 -45.53
N GLY A 30 40.66 25.46 -45.79
CA GLY A 30 39.88 25.18 -47.00
C GLY A 30 38.57 24.42 -46.80
N ALA A 31 38.21 24.06 -45.57
CA ALA A 31 36.95 23.39 -45.29
C ALA A 31 35.78 24.32 -45.56
N ASP A 32 34.65 23.70 -45.93
CA ASP A 32 33.38 24.39 -46.13
C ASP A 32 32.61 24.35 -44.80
N VAL A 33 32.56 25.49 -44.11
CA VAL A 33 32.10 25.49 -42.74
C VAL A 33 30.82 26.30 -42.69
N VAL A 34 29.76 25.64 -42.22
CA VAL A 34 28.46 26.29 -42.10
C VAL A 34 28.13 26.36 -40.62
N ARG A 35 27.89 27.59 -40.14
CA ARG A 35 27.64 27.81 -38.73
C ARG A 35 26.20 28.20 -38.50
N ILE A 36 25.51 27.42 -37.66
CA ILE A 36 24.12 27.65 -37.29
C ILE A 36 24.10 28.38 -35.95
N ASP A 37 23.61 29.63 -35.96
CA ASP A 37 23.39 30.42 -34.77
C ASP A 37 21.88 30.53 -34.51
N ARG A 38 21.49 31.09 -33.34
CA ARG A 38 20.09 31.35 -33.06
C ARG A 38 19.65 32.64 -33.75
N PRO A 39 18.37 32.76 -34.14
CA PRO A 39 17.87 34.02 -34.67
C PRO A 39 18.09 35.17 -33.68
N SER A 40 17.78 34.93 -32.39
CA SER A 40 18.06 35.87 -31.30
C SER A 40 19.56 35.99 -31.09
N SER A 41 20.19 36.87 -31.88
CA SER A 41 21.60 36.83 -32.27
C SER A 41 21.66 37.32 -33.71
N VAL A 42 22.86 37.63 -34.19
CA VAL A 42 23.05 38.13 -35.54
C VAL A 42 22.19 39.38 -35.75
N ASP A 43 22.72 40.53 -35.32
CA ASP A 43 22.17 41.83 -35.63
C ASP A 43 23.13 42.53 -36.60
N GLY A 44 23.42 41.88 -37.73
CA GLY A 44 24.31 42.43 -38.75
C GLY A 44 25.41 41.45 -39.12
N ILE A 45 26.41 41.94 -39.88
CA ILE A 45 27.62 41.19 -40.18
C ILE A 45 28.51 41.17 -38.93
N SER A 46 29.11 40.00 -38.60
CA SER A 46 29.87 39.86 -37.37
C SER A 46 31.13 40.74 -37.40
N ARG A 47 31.45 41.31 -36.23
CA ARG A 47 32.67 42.08 -36.04
C ARG A 47 33.80 41.19 -35.48
N ASP A 48 33.53 39.88 -35.34
CA ASP A 48 34.42 38.94 -34.67
C ASP A 48 35.22 38.18 -35.72
N ALA A 49 36.49 38.59 -35.87
CA ALA A 49 37.39 38.01 -36.85
C ALA A 49 37.54 36.50 -36.67
N MET A 50 37.16 35.96 -35.51
CA MET A 50 37.24 34.52 -35.32
C MET A 50 36.19 33.80 -36.16
N LEU A 51 35.16 34.53 -36.64
CA LEU A 51 34.12 33.91 -37.46
C LEU A 51 34.44 34.04 -38.94
N ARG A 52 35.71 34.22 -39.29
CA ARG A 52 36.14 34.19 -40.68
C ARG A 52 35.97 32.78 -41.24
N ASN A 53 36.05 32.71 -42.59
CA ASN A 53 35.94 31.47 -43.34
C ASN A 53 34.69 30.68 -42.95
N ARG A 54 33.55 31.39 -42.86
CA ARG A 54 32.25 30.83 -42.48
C ARG A 54 31.16 31.19 -43.49
N ARG A 55 30.18 30.30 -43.61
CA ARG A 55 28.82 30.75 -43.89
C ARG A 55 27.96 30.60 -42.62
N ILE A 56 27.35 31.71 -42.21
CA ILE A 56 26.46 31.74 -41.05
C ILE A 56 25.02 31.47 -41.52
N VAL A 57 24.30 30.60 -40.79
CA VAL A 57 22.86 30.49 -40.98
C VAL A 57 22.17 30.57 -39.62
N THR A 58 20.90 30.97 -39.65
CA THR A 58 20.04 31.15 -38.48
C THR A 58 19.01 30.03 -38.45
N ALA A 59 18.69 29.55 -37.25
CA ALA A 59 17.73 28.47 -37.08
C ALA A 59 17.45 28.22 -35.60
N ASP A 60 16.18 28.43 -35.21
CA ASP A 60 15.70 28.03 -33.90
C ASP A 60 15.70 26.51 -33.84
N LEU A 61 16.68 25.93 -33.16
CA LEU A 61 16.81 24.48 -33.10
C LEU A 61 15.79 23.87 -32.14
N LYS A 62 15.07 24.72 -31.40
CA LYS A 62 14.02 24.23 -30.50
C LYS A 62 12.78 23.85 -31.32
N SER A 63 12.52 24.57 -32.42
CA SER A 63 11.39 24.31 -33.30
C SER A 63 11.66 23.08 -34.18
N ASP A 64 10.60 22.51 -34.73
CA ASP A 64 10.68 21.23 -35.44
C ASP A 64 11.23 21.47 -36.85
N GLN A 65 10.96 22.65 -37.39
CA GLN A 65 11.44 23.08 -38.68
C GLN A 65 12.94 23.33 -38.60
N GLY A 66 13.34 24.11 -37.58
CA GLY A 66 14.74 24.31 -37.20
C GLY A 66 15.54 23.01 -37.17
N LEU A 67 15.08 22.05 -36.36
CA LEU A 67 15.74 20.77 -36.21
C LEU A 67 15.83 20.01 -37.52
N GLU A 68 14.77 20.12 -38.34
CA GLU A 68 14.71 19.32 -39.55
C GLU A 68 15.78 19.82 -40.52
N LEU A 69 15.77 21.13 -40.80
CA LEU A 69 16.78 21.74 -41.65
C LEU A 69 18.18 21.39 -41.13
N ALA A 70 18.39 21.48 -39.81
CA ALA A 70 19.68 21.15 -39.23
C ALA A 70 20.07 19.72 -39.57
N LEU A 71 19.14 18.77 -39.40
CA LEU A 71 19.44 17.37 -39.66
C LEU A 71 19.66 17.09 -41.14
N LYS A 72 19.16 17.97 -42.02
CA LYS A 72 19.38 17.89 -43.45
C LYS A 72 20.78 18.38 -43.82
N LEU A 73 21.29 19.39 -43.11
CA LEU A 73 22.66 19.83 -43.29
C LEU A 73 23.61 18.71 -42.85
N ILE A 74 23.38 18.23 -41.65
CA ILE A 74 24.27 17.23 -41.06
C ILE A 74 24.33 15.99 -41.95
N ALA A 75 23.19 15.66 -42.56
CA ALA A 75 23.09 14.51 -43.45
C ALA A 75 24.10 14.61 -44.59
N LYS A 76 24.33 15.85 -45.08
CA LYS A 76 25.19 16.13 -46.21
C LYS A 76 26.62 16.54 -45.79
N ALA A 77 27.08 16.24 -44.56
CA ALA A 77 28.33 16.83 -44.08
C ALA A 77 29.25 15.76 -43.53
N ASP A 78 30.53 16.11 -43.34
CA ASP A 78 31.49 15.16 -42.83
C ASP A 78 31.69 15.29 -41.33
N VAL A 79 31.51 16.54 -40.83
CA VAL A 79 31.83 16.86 -39.46
C VAL A 79 30.75 17.74 -38.84
N LEU A 80 30.44 17.37 -37.58
CA LEU A 80 29.66 18.22 -36.69
C LEU A 80 30.51 18.63 -35.48
N ILE A 81 30.46 19.93 -35.18
CA ILE A 81 31.11 20.47 -33.99
C ILE A 81 30.03 21.06 -33.08
N GLU A 82 30.00 20.60 -31.84
CA GLU A 82 29.19 21.24 -30.83
C GLU A 82 30.02 21.38 -29.55
N GLY A 83 29.84 22.51 -28.86
CA GLY A 83 30.48 22.74 -27.56
C GLY A 83 29.53 23.23 -26.47
N TYR A 84 28.36 22.56 -26.37
CA TYR A 84 27.38 22.80 -25.32
C TYR A 84 27.66 21.83 -24.20
N ARG A 85 26.97 21.98 -23.07
CA ARG A 85 27.08 21.00 -22.01
C ARG A 85 26.58 19.64 -22.48
N PRO A 86 27.08 18.53 -21.91
CA PRO A 86 26.58 17.20 -22.24
C PRO A 86 25.06 17.15 -22.06
N GLY A 87 24.33 16.51 -22.99
CA GLY A 87 22.87 16.43 -22.89
C GLY A 87 22.18 17.45 -23.78
N VAL A 88 22.88 18.52 -24.15
CA VAL A 88 22.16 19.57 -24.82
C VAL A 88 21.74 19.14 -26.23
N THR A 89 22.67 18.54 -26.99
CA THR A 89 22.34 18.17 -28.35
C THR A 89 21.33 17.01 -28.31
N GLU A 90 21.54 16.05 -27.40
CA GLU A 90 20.57 14.99 -27.21
C GLU A 90 19.15 15.57 -27.15
N ARG A 91 18.94 16.52 -26.23
CA ARG A 91 17.62 17.06 -25.99
C ARG A 91 17.13 17.87 -27.18
N LEU A 92 18.01 18.40 -28.03
CA LEU A 92 17.51 19.11 -29.20
C LEU A 92 17.00 18.14 -30.27
N GLY A 93 17.41 16.86 -30.18
CA GLY A 93 17.27 15.91 -31.29
C GLY A 93 18.47 15.85 -32.24
N LEU A 94 19.60 16.49 -31.85
CA LEU A 94 20.81 16.58 -32.65
C LEU A 94 21.95 15.79 -31.99
N GLY A 95 21.65 14.86 -31.10
CA GLY A 95 22.65 14.03 -30.45
C GLY A 95 23.36 13.12 -31.45
N PRO A 96 24.43 12.39 -31.03
CA PRO A 96 25.17 11.49 -31.92
C PRO A 96 24.29 10.37 -32.50
N GLU A 97 23.51 9.71 -31.63
CA GLU A 97 22.68 8.57 -32.02
C GLU A 97 21.63 8.96 -33.06
N GLU A 98 21.05 10.15 -32.90
CA GLU A 98 20.16 10.71 -33.89
C GLU A 98 20.92 11.03 -35.18
N CYS A 99 22.15 11.52 -35.05
CA CYS A 99 22.92 11.94 -36.21
C CYS A 99 23.34 10.69 -37.00
N ALA A 100 23.73 9.61 -36.28
CA ALA A 100 24.16 8.33 -36.82
C ALA A 100 23.06 7.67 -37.65
N LYS A 101 21.80 8.07 -37.42
CA LYS A 101 20.68 7.54 -38.17
C LYS A 101 20.55 8.22 -39.51
N VAL A 102 20.98 9.49 -39.66
CA VAL A 102 20.88 10.15 -40.94
C VAL A 102 22.23 10.26 -41.66
N ASN A 103 23.32 9.70 -41.11
CA ASN A 103 24.65 9.88 -41.69
C ASN A 103 25.68 9.14 -40.85
N ASP A 104 25.90 7.86 -41.11
CA ASP A 104 26.84 7.08 -40.29
C ASP A 104 28.30 7.37 -40.70
N ARG A 105 28.50 8.38 -41.56
CA ARG A 105 29.83 8.81 -41.96
C ARG A 105 30.29 9.99 -41.08
N LEU A 106 29.38 10.51 -40.22
CA LEU A 106 29.61 11.75 -39.50
C LEU A 106 30.73 11.61 -38.47
N ILE A 107 31.60 12.62 -38.44
CA ILE A 107 32.49 12.78 -37.31
C ILE A 107 31.80 13.74 -36.35
N TYR A 108 31.45 13.20 -35.17
CA TYR A 108 30.62 13.91 -34.21
C TYR A 108 31.55 14.45 -33.12
N ALA A 109 31.90 15.73 -33.21
CA ALA A 109 32.97 16.30 -32.35
C ALA A 109 32.38 17.13 -31.23
N ARG A 110 32.66 16.67 -30.02
CA ARG A 110 32.13 17.23 -28.78
C ARG A 110 33.23 17.94 -27.97
N MET A 111 33.09 19.27 -27.90
CA MET A 111 34.08 20.16 -27.28
C MET A 111 33.54 20.62 -25.93
N THR A 112 34.09 20.08 -24.84
CA THR A 112 33.77 20.51 -23.49
C THR A 112 35.05 20.76 -22.66
N GLY A 113 34.85 21.22 -21.43
CA GLY A 113 35.93 21.42 -20.50
C GLY A 113 36.14 20.19 -19.62
N TRP A 114 35.04 19.70 -19.07
CA TRP A 114 35.11 18.66 -18.05
C TRP A 114 34.92 17.26 -18.64
N GLY A 115 34.41 17.20 -19.89
CA GLY A 115 34.14 15.94 -20.54
C GLY A 115 32.65 15.59 -20.52
N GLN A 116 32.32 14.36 -20.92
CA GLN A 116 30.95 13.99 -21.21
C GLN A 116 30.26 13.42 -19.97
N THR A 117 31.03 12.90 -19.01
CA THR A 117 30.55 12.28 -17.80
C THR A 117 31.38 12.74 -16.62
N GLY A 118 30.96 12.33 -15.42
CA GLY A 118 31.66 12.53 -14.17
C GLY A 118 31.07 13.70 -13.36
N PRO A 119 31.54 13.90 -12.13
CA PRO A 119 30.94 14.86 -11.18
C PRO A 119 30.89 16.34 -11.61
N ARG A 120 31.86 16.78 -12.42
CA ARG A 120 31.89 18.17 -12.83
C ARG A 120 31.27 18.36 -14.19
N SER A 121 30.72 17.30 -14.78
CA SER A 121 30.35 17.35 -16.18
C SER A 121 29.22 18.32 -16.48
N GLN A 122 28.45 18.76 -15.47
CA GLN A 122 27.42 19.78 -15.71
C GLN A 122 27.76 21.16 -15.14
N GLN A 123 28.93 21.32 -14.54
CA GLN A 123 29.33 22.63 -14.02
C GLN A 123 29.77 23.55 -15.14
N ALA A 124 29.29 24.78 -15.10
CA ALA A 124 29.84 25.84 -15.92
C ALA A 124 31.31 26.05 -15.54
N GLY A 125 32.05 26.54 -16.51
CA GLY A 125 33.46 26.79 -16.33
C GLY A 125 34.01 27.56 -17.52
N HIS A 126 35.25 28.02 -17.29
CA HIS A 126 36.04 28.63 -18.34
C HIS A 126 37.45 28.07 -18.25
N ASP A 127 38.32 28.56 -19.13
CA ASP A 127 39.70 28.05 -19.24
C ASP A 127 40.35 27.91 -17.88
N ILE A 128 40.31 28.98 -17.10
CA ILE A 128 41.02 29.03 -15.83
C ILE A 128 40.58 27.89 -14.91
N ASN A 129 39.29 27.50 -14.97
CA ASN A 129 38.78 26.42 -14.13
C ASN A 129 39.40 25.08 -14.56
N TYR A 130 39.42 24.81 -15.87
CA TYR A 130 39.85 23.48 -16.31
C TYR A 130 41.33 23.25 -15.98
N ILE A 131 42.14 24.31 -16.15
CA ILE A 131 43.56 24.19 -15.91
C ILE A 131 43.85 24.30 -14.42
N SER A 132 42.87 24.73 -13.61
CA SER A 132 43.11 24.73 -12.18
C SER A 132 43.11 23.32 -11.61
N LEU A 133 42.38 22.39 -12.23
CA LEU A 133 42.15 21.08 -11.61
C LEU A 133 43.26 20.10 -11.91
N ASN A 134 44.01 20.33 -13.01
CA ASN A 134 44.98 19.36 -13.47
C ASN A 134 46.42 19.80 -13.24
N GLY A 135 46.62 20.78 -12.36
CA GLY A 135 47.96 21.12 -11.89
C GLY A 135 48.62 22.25 -12.69
N ILE A 136 48.06 22.66 -13.84
CA ILE A 136 48.71 23.57 -14.78
C ILE A 136 48.75 24.98 -14.19
N LEU A 137 47.60 25.49 -13.75
CA LEU A 137 47.52 26.87 -13.32
C LEU A 137 48.45 27.11 -12.15
N HIS A 138 48.52 26.13 -11.26
CA HIS A 138 49.32 26.26 -10.07
C HIS A 138 50.80 26.47 -10.46
N ALA A 139 51.21 25.99 -11.63
CA ALA A 139 52.62 26.05 -12.03
C ALA A 139 53.00 27.39 -12.66
N ILE A 140 52.02 28.27 -12.91
CA ILE A 140 52.27 29.47 -13.71
C ILE A 140 52.33 30.71 -12.82
N GLY A 141 53.44 31.47 -12.94
CA GLY A 141 53.59 32.77 -12.27
C GLY A 141 54.81 32.76 -11.34
N ARG A 142 55.06 33.90 -10.70
CA ARG A 142 56.19 34.03 -9.80
C ARG A 142 55.93 33.23 -8.52
N GLY A 143 57.03 32.82 -7.89
CA GLY A 143 56.96 32.05 -6.65
C GLY A 143 56.44 32.86 -5.46
N ASP A 144 56.60 34.18 -5.51
CA ASP A 144 56.21 35.00 -4.37
C ASP A 144 54.77 35.53 -4.53
N GLU A 145 53.99 34.98 -5.49
CA GLU A 145 52.66 35.49 -5.78
C GLU A 145 51.71 34.35 -6.14
N ARG A 146 50.41 34.66 -6.18
CA ARG A 146 49.42 33.68 -6.54
C ARG A 146 49.52 33.39 -8.03
N PRO A 147 49.04 32.23 -8.47
CA PRO A 147 49.19 31.83 -9.86
C PRO A 147 48.52 32.83 -10.79
N VAL A 148 49.05 32.95 -12.00
CA VAL A 148 48.52 33.90 -12.94
C VAL A 148 48.06 33.12 -14.17
N PRO A 149 46.85 33.40 -14.65
CA PRO A 149 46.32 32.70 -15.80
C PRO A 149 47.11 33.09 -17.04
N PRO A 150 47.52 32.09 -17.84
CA PRO A 150 48.13 32.32 -19.15
C PRO A 150 47.11 32.62 -20.24
N LEU A 151 46.45 33.76 -20.07
CA LEU A 151 45.24 34.10 -20.79
C LEU A 151 44.38 32.84 -20.79
N ASN A 152 43.71 32.58 -21.93
CA ASN A 152 42.93 31.38 -22.15
C ASN A 152 43.57 30.55 -23.24
N LEU A 153 44.93 30.58 -23.29
CA LEU A 153 45.66 29.89 -24.34
C LEU A 153 45.76 28.39 -24.08
N VAL A 154 45.83 27.96 -22.82
CA VAL A 154 46.23 26.60 -22.51
C VAL A 154 45.03 25.64 -22.47
N GLY A 155 43.93 26.08 -21.88
CA GLY A 155 42.76 25.20 -21.79
C GLY A 155 41.86 25.28 -23.03
N ASP A 156 41.44 26.48 -23.40
CA ASP A 156 40.55 26.69 -24.53
C ASP A 156 41.22 26.27 -25.84
N PHE A 157 42.42 26.77 -26.11
CA PHE A 157 42.99 26.61 -27.45
C PHE A 157 43.97 25.45 -27.44
N GLY A 158 45.12 25.58 -26.77
CA GLY A 158 46.15 24.56 -26.91
C GLY A 158 45.65 23.19 -26.48
N GLY A 159 44.91 23.15 -25.36
CA GLY A 159 44.45 21.89 -24.82
C GLY A 159 42.97 21.60 -25.16
N GLY A 160 42.37 22.42 -26.01
CA GLY A 160 40.95 22.39 -26.29
C GLY A 160 40.66 22.26 -27.79
N SER A 161 40.53 23.38 -28.49
CA SER A 161 40.32 23.38 -29.92
C SER A 161 41.34 22.52 -30.65
N MET A 162 42.64 22.58 -30.26
CA MET A 162 43.63 21.87 -31.05
C MET A 162 43.48 20.36 -30.92
N PHE A 163 43.09 19.88 -29.74
CA PHE A 163 42.81 18.46 -29.59
C PHE A 163 41.52 18.06 -30.30
N LEU A 164 40.53 18.95 -30.35
CA LEU A 164 39.35 18.67 -31.13
C LEU A 164 39.75 18.47 -32.59
N LEU A 165 40.61 19.36 -33.13
CA LEU A 165 41.08 19.30 -34.52
C LEU A 165 41.78 17.99 -34.82
N VAL A 166 42.69 17.59 -33.95
CA VAL A 166 43.44 16.37 -34.13
C VAL A 166 42.49 15.18 -34.12
N GLY A 167 41.51 15.20 -33.20
CA GLY A 167 40.46 14.18 -33.16
C GLY A 167 39.64 14.09 -34.45
N ILE A 168 39.14 15.22 -34.92
CA ILE A 168 38.36 15.24 -36.13
C ILE A 168 39.18 14.61 -37.25
N LEU A 169 40.44 15.09 -37.41
CA LEU A 169 41.24 14.73 -38.57
C LEU A 169 41.74 13.31 -38.43
N ALA A 170 42.03 12.90 -37.21
CA ALA A 170 42.40 11.52 -36.99
C ALA A 170 41.22 10.60 -37.32
N ALA A 171 40.00 11.05 -36.99
CA ALA A 171 38.81 10.23 -37.22
C ALA A 171 38.52 10.15 -38.71
N LEU A 172 38.77 11.22 -39.49
CA LEU A 172 38.63 11.20 -40.93
C LEU A 172 39.58 10.19 -41.60
N TRP A 173 40.79 10.07 -41.06
CA TRP A 173 41.73 9.07 -41.54
C TRP A 173 41.22 7.66 -41.24
N GLU A 174 40.63 7.48 -40.07
CA GLU A 174 40.06 6.18 -39.73
C GLU A 174 38.94 5.86 -40.71
N ARG A 175 38.13 6.87 -41.02
CA ARG A 175 36.96 6.72 -41.86
C ARG A 175 37.37 6.25 -43.26
N GLN A 176 38.68 6.20 -43.53
CA GLN A 176 39.15 5.86 -44.86
C GLN A 176 39.14 4.35 -45.01
N SER A 177 39.60 3.60 -44.01
CA SER A 177 39.35 2.17 -43.91
C SER A 177 37.85 1.87 -43.79
N SER A 178 37.27 2.28 -42.66
CA SER A 178 36.04 1.71 -42.08
C SER A 178 34.78 2.12 -42.84
N GLY A 179 34.82 3.26 -43.55
CA GLY A 179 33.67 3.92 -44.14
C GLY A 179 32.66 4.44 -43.11
N LYS A 180 33.06 4.43 -41.81
CA LYS A 180 32.20 4.85 -40.71
C LYS A 180 32.82 6.03 -39.94
N GLY A 181 31.99 7.03 -39.63
CA GLY A 181 32.32 8.04 -38.63
C GLY A 181 32.30 7.51 -37.19
N GLN A 182 32.27 8.46 -36.23
CA GLN A 182 32.38 8.12 -34.81
C GLN A 182 32.39 9.42 -33.99
N VAL A 183 32.47 9.24 -32.67
CA VAL A 183 32.32 10.39 -31.78
C VAL A 183 33.72 10.72 -31.25
N VAL A 184 34.05 12.02 -31.34
CA VAL A 184 35.26 12.56 -30.74
C VAL A 184 34.92 13.34 -29.48
N ASP A 185 35.46 12.88 -28.35
CA ASP A 185 35.23 13.47 -27.04
C ASP A 185 36.48 14.26 -26.59
N ALA A 186 36.48 15.56 -26.87
CA ALA A 186 37.57 16.49 -26.54
C ALA A 186 37.21 17.33 -25.32
N ALA A 187 37.84 17.01 -24.20
CA ALA A 187 37.73 17.78 -22.96
C ALA A 187 39.02 18.58 -22.69
N MET A 188 38.88 19.85 -22.36
CA MET A 188 40.00 20.73 -22.07
C MET A 188 40.82 20.18 -20.91
N VAL A 189 40.20 19.47 -19.96
CA VAL A 189 40.97 18.99 -18.82
C VAL A 189 41.91 17.89 -19.25
N ASP A 190 41.52 17.13 -20.29
CA ASP A 190 42.38 16.05 -20.79
C ASP A 190 43.42 16.58 -21.77
N GLY A 191 42.98 17.35 -22.76
CA GLY A 191 43.87 17.86 -23.79
C GLY A 191 44.99 18.73 -23.19
N SER A 192 44.65 19.64 -22.25
CA SER A 192 45.64 20.45 -21.56
C SER A 192 46.64 19.58 -20.78
N SER A 193 46.19 18.42 -20.28
CA SER A 193 47.07 17.55 -19.52
C SER A 193 48.09 16.88 -20.45
N VAL A 194 47.68 16.54 -21.68
CA VAL A 194 48.62 15.99 -22.66
C VAL A 194 49.49 17.13 -23.20
N LEU A 195 48.94 18.34 -23.26
CA LEU A 195 49.74 19.50 -23.65
C LEU A 195 50.95 19.70 -22.74
N ILE A 196 50.78 19.42 -21.44
CA ILE A 196 51.83 19.62 -20.46
C ILE A 196 52.52 18.30 -20.14
N GLN A 197 52.47 17.33 -21.03
CA GLN A 197 53.08 16.03 -20.78
C GLN A 197 54.55 16.13 -20.38
N MET A 198 55.30 17.10 -20.93
CA MET A 198 56.71 17.24 -20.60
C MET A 198 56.93 17.46 -19.10
N MET A 199 56.04 18.22 -18.45
CA MET A 199 56.23 18.49 -17.04
C MET A 199 55.98 17.23 -16.23
N TRP A 200 54.97 16.46 -16.63
CA TRP A 200 54.70 15.18 -16.02
C TRP A 200 55.89 14.25 -16.27
N ALA A 201 56.51 14.32 -17.45
CA ALA A 201 57.69 13.50 -17.72
C ALA A 201 58.82 13.87 -16.78
N MET A 202 59.07 15.18 -16.63
CA MET A 202 60.21 15.70 -15.89
C MET A 202 59.95 15.52 -14.40
N ARG A 203 58.67 15.64 -14.01
CA ARG A 203 58.32 15.46 -12.60
C ARG A 203 58.74 14.07 -12.15
N ALA A 204 58.54 13.08 -13.03
CA ALA A 204 58.79 11.68 -12.71
C ALA A 204 60.28 11.42 -12.52
N THR A 205 61.13 12.17 -13.22
CA THR A 205 62.55 11.95 -13.14
C THR A 205 63.25 12.97 -12.23
N GLY A 206 62.50 13.73 -11.42
CA GLY A 206 63.12 14.65 -10.45
C GLY A 206 63.58 15.97 -11.05
N MET A 207 63.26 16.25 -12.32
CA MET A 207 63.67 17.46 -13.02
C MET A 207 62.58 18.55 -12.99
N TRP A 208 61.47 18.36 -12.26
CA TRP A 208 60.46 19.41 -12.11
C TRP A 208 59.81 19.29 -10.74
N THR A 209 59.74 20.39 -9.98
CA THR A 209 59.05 20.34 -8.70
C THR A 209 57.75 21.13 -8.79
N ASP A 210 56.88 20.87 -7.80
CA ASP A 210 55.59 21.52 -7.68
C ASP A 210 55.72 22.96 -7.16
N THR A 211 56.92 23.38 -6.75
CA THR A 211 57.12 24.75 -6.29
C THR A 211 57.08 25.71 -7.47
N ARG A 212 56.09 26.61 -7.46
CA ARG A 212 55.95 27.62 -8.50
C ARG A 212 57.18 28.53 -8.53
N GLY A 213 57.71 28.82 -9.73
CA GLY A 213 58.80 29.78 -9.90
C GLY A 213 60.19 29.24 -9.53
N ALA A 214 60.33 27.92 -9.40
CA ALA A 214 61.59 27.31 -9.00
C ALA A 214 62.04 26.21 -9.96
N ASN A 215 61.71 26.32 -11.24
CA ASN A 215 62.08 25.31 -12.24
C ASN A 215 62.79 25.95 -13.44
N MET A 216 63.20 25.11 -14.39
CA MET A 216 64.01 25.62 -15.49
C MET A 216 63.20 26.48 -16.46
N LEU A 217 61.88 26.21 -16.58
CA LEU A 217 61.07 26.79 -17.63
C LEU A 217 59.91 27.65 -17.11
N ASP A 218 59.90 28.01 -15.84
CA ASP A 218 58.76 28.72 -15.26
C ASP A 218 59.13 30.14 -14.86
N GLY A 219 60.38 30.54 -15.12
CA GLY A 219 60.87 31.83 -14.70
C GLY A 219 61.90 31.73 -13.60
N GLY A 220 62.03 30.56 -12.98
CA GLY A 220 62.99 30.33 -11.91
C GLY A 220 64.45 30.39 -12.35
N ALA A 221 64.75 30.02 -13.59
CA ALA A 221 66.12 30.03 -14.07
C ALA A 221 66.47 31.41 -14.61
N PRO A 222 67.58 32.04 -14.15
CA PRO A 222 67.97 33.35 -14.67
C PRO A 222 68.22 33.41 -16.17
N TYR A 223 68.54 32.27 -16.78
CA TYR A 223 68.74 32.20 -18.21
C TYR A 223 67.47 31.84 -18.97
N TYR A 224 66.32 31.69 -18.29
CA TYR A 224 65.08 31.49 -19.02
C TYR A 224 64.00 32.35 -18.37
N ASP A 225 63.95 33.61 -18.76
CA ASP A 225 63.07 34.58 -18.12
C ASP A 225 63.11 35.86 -18.92
N THR A 226 62.28 36.84 -18.51
CA THR A 226 62.34 38.18 -19.08
C THR A 226 63.17 39.06 -18.14
N TYR A 227 63.70 40.14 -18.74
CA TYR A 227 64.48 41.15 -18.07
C TYR A 227 63.98 42.52 -18.46
N GLU A 228 63.89 43.41 -17.47
CA GLU A 228 63.55 44.81 -17.72
C GLU A 228 64.79 45.56 -18.18
N CYS A 229 64.64 46.34 -19.25
CA CYS A 229 65.72 47.12 -19.84
C CYS A 229 65.65 48.57 -19.34
N ALA A 230 66.57 49.43 -19.84
CA ALA A 230 66.76 50.78 -19.32
C ALA A 230 65.51 51.62 -19.59
N ASP A 231 64.77 51.28 -20.64
CA ASP A 231 63.61 52.05 -21.04
C ASP A 231 62.33 51.51 -20.42
N GLY A 232 62.38 50.55 -19.49
CA GLY A 232 61.13 49.99 -18.97
C GLY A 232 60.49 48.92 -19.86
N ARG A 233 61.06 48.61 -21.04
CA ARG A 233 60.57 47.52 -21.85
C ARG A 233 61.38 46.25 -21.55
N TYR A 234 61.07 45.14 -22.24
CA TYR A 234 61.61 43.85 -21.80
C TYR A 234 62.27 43.11 -22.96
N VAL A 235 63.23 42.26 -22.58
CA VAL A 235 63.76 41.19 -23.41
C VAL A 235 63.44 39.87 -22.75
N ALA A 236 63.42 38.86 -23.61
CA ALA A 236 63.30 37.48 -23.19
C ALA A 236 64.64 36.81 -23.44
N VAL A 237 65.05 36.02 -22.45
CA VAL A 237 66.24 35.21 -22.52
C VAL A 237 65.83 33.76 -22.39
N GLY A 238 66.27 32.92 -23.35
CA GLY A 238 65.98 31.52 -23.37
C GLY A 238 67.26 30.67 -23.54
N ALA A 239 68.38 31.11 -22.96
CA ALA A 239 69.69 30.55 -23.32
C ALA A 239 69.98 29.31 -22.49
N ILE A 240 69.28 28.20 -22.77
CA ILE A 240 69.41 27.02 -21.98
C ILE A 240 70.75 26.32 -22.24
N GLU A 241 71.02 26.03 -23.51
CA GLU A 241 72.24 25.29 -23.87
C GLU A 241 73.48 26.12 -23.52
N PRO A 242 74.57 25.50 -23.02
CA PRO A 242 75.71 26.29 -22.54
C PRO A 242 76.37 27.17 -23.60
N GLN A 243 76.35 26.73 -24.86
CA GLN A 243 76.98 27.48 -25.94
C GLN A 243 76.19 28.74 -26.27
N PHE A 244 74.84 28.67 -26.16
CA PHE A 244 74.00 29.86 -26.36
C PHE A 244 74.16 30.80 -25.16
N TYR A 245 74.22 30.23 -23.97
CA TYR A 245 74.38 31.02 -22.77
C TYR A 245 75.70 31.80 -22.84
N ALA A 246 76.78 31.13 -23.27
CA ALA A 246 78.08 31.80 -23.39
C ALA A 246 77.98 32.92 -24.40
N ALA A 247 77.23 32.71 -25.49
CA ALA A 247 77.08 33.76 -26.49
C ALA A 247 76.34 34.97 -25.91
N MET A 248 75.38 34.71 -25.02
CA MET A 248 74.62 35.78 -24.38
C MET A 248 75.53 36.61 -23.46
N LEU A 249 76.33 35.93 -22.66
CA LEU A 249 77.21 36.59 -21.70
C LEU A 249 78.18 37.53 -22.41
N ALA A 250 78.69 37.10 -23.54
CA ALA A 250 79.66 37.89 -24.27
C ALA A 250 79.00 39.13 -24.82
N GLY A 251 77.77 39.01 -25.34
CA GLY A 251 77.06 40.19 -25.81
C GLY A 251 76.65 41.15 -24.70
N LEU A 252 76.46 40.64 -23.47
CA LEU A 252 76.09 41.47 -22.34
C LEU A 252 77.29 42.18 -21.76
N GLY A 253 78.49 41.70 -22.07
CA GLY A 253 79.70 42.27 -21.51
C GLY A 253 80.15 41.60 -20.22
N LEU A 254 79.60 40.42 -19.85
CA LEU A 254 79.95 39.83 -18.56
C LEU A 254 80.94 38.71 -18.80
N ASP A 255 82.03 38.71 -18.03
CA ASP A 255 83.05 37.66 -18.14
C ASP A 255 82.56 36.47 -17.33
N ALA A 256 82.50 35.30 -17.96
CA ALA A 256 82.06 34.07 -17.29
C ALA A 256 82.82 33.83 -16.00
N ALA A 257 84.11 34.24 -15.95
CA ALA A 257 84.91 33.99 -14.76
C ALA A 257 84.41 34.77 -13.54
N GLU A 258 83.66 35.85 -13.74
CA GLU A 258 83.14 36.65 -12.64
C GLU A 258 81.74 36.19 -12.23
N LEU A 259 81.12 35.19 -12.88
CA LEU A 259 79.77 34.81 -12.53
C LEU A 259 79.79 33.43 -11.88
N PRO A 260 78.76 33.13 -11.10
CA PRO A 260 78.50 31.77 -10.66
C PRO A 260 78.18 30.84 -11.85
N PRO A 261 78.36 29.52 -11.70
CA PRO A 261 78.04 28.60 -12.78
C PRO A 261 76.57 28.76 -13.18
N GLN A 262 76.28 28.58 -14.47
CA GLN A 262 74.96 28.75 -15.06
C GLN A 262 73.92 27.91 -14.31
N ASN A 263 74.27 26.67 -13.96
CA ASN A 263 73.34 25.74 -13.33
C ASN A 263 73.69 25.43 -11.89
N ASP A 264 74.37 26.35 -11.19
CA ASP A 264 74.46 26.27 -9.75
C ASP A 264 73.27 26.98 -9.11
N ARG A 265 72.20 26.22 -8.85
CA ARG A 265 70.92 26.79 -8.47
C ARG A 265 71.02 27.53 -7.14
N ALA A 266 71.95 27.12 -6.28
CA ALA A 266 72.10 27.78 -4.99
C ALA A 266 72.59 29.21 -5.17
N ARG A 267 73.24 29.50 -6.32
CA ARG A 267 73.76 30.84 -6.59
C ARG A 267 72.95 31.59 -7.65
N TRP A 268 71.78 31.06 -8.00
CA TRP A 268 70.89 31.75 -8.92
C TRP A 268 70.52 33.17 -8.48
N PRO A 269 70.36 33.47 -7.17
CA PRO A 269 70.14 34.85 -6.73
C PRO A 269 71.23 35.82 -7.16
N GLU A 270 72.51 35.43 -6.94
CA GLU A 270 73.62 36.23 -7.41
C GLU A 270 73.58 36.37 -8.93
N LEU A 271 73.42 35.25 -9.64
CA LEU A 271 73.46 35.28 -11.09
C LEU A 271 72.36 36.22 -11.63
N ARG A 272 71.15 36.06 -11.07
CA ARG A 272 70.04 36.92 -11.51
C ARG A 272 70.35 38.39 -11.29
N ALA A 273 70.93 38.71 -10.13
CA ALA A 273 71.32 40.09 -9.81
C ALA A 273 72.28 40.62 -10.88
N LEU A 274 73.24 39.80 -11.30
CA LEU A 274 74.24 40.24 -12.29
C LEU A 274 73.62 40.47 -13.66
N LEU A 275 72.77 39.51 -14.09
CA LEU A 275 72.11 39.59 -15.40
C LEU A 275 71.13 40.76 -15.39
N THR A 276 70.45 40.94 -14.25
CA THR A 276 69.49 42.06 -14.10
C THR A 276 70.17 43.42 -14.31
N GLU A 277 71.30 43.65 -13.65
CA GLU A 277 72.00 44.94 -13.74
C GLU A 277 72.52 45.12 -15.16
N ALA A 278 73.00 44.04 -15.78
CA ALA A 278 73.50 44.15 -17.13
C ALA A 278 72.39 44.51 -18.11
N PHE A 279 71.24 43.81 -18.08
CA PHE A 279 70.22 44.14 -19.07
C PHE A 279 69.60 45.51 -18.81
N ALA A 280 69.59 45.93 -17.54
CA ALA A 280 69.01 47.22 -17.18
C ALA A 280 69.84 48.40 -17.68
N SER A 281 71.06 48.15 -18.18
CA SER A 281 71.99 49.23 -18.51
C SER A 281 71.75 49.77 -19.93
N HIS A 282 70.98 49.07 -20.76
CA HIS A 282 70.64 49.61 -22.06
C HIS A 282 69.18 49.28 -22.37
N ASP A 283 68.67 49.85 -23.46
CA ASP A 283 67.26 49.78 -23.77
C ASP A 283 67.01 48.51 -24.59
N ARG A 284 65.74 48.16 -24.72
CA ARG A 284 65.35 46.93 -25.41
C ARG A 284 65.93 46.95 -26.81
N ASP A 285 65.82 48.07 -27.54
CA ASP A 285 66.14 48.04 -28.95
C ASP A 285 67.65 47.88 -29.15
N HIS A 286 68.46 48.39 -28.20
CA HIS A 286 69.88 48.08 -28.13
C HIS A 286 70.12 46.57 -28.12
N TRP A 287 69.47 45.84 -27.19
CA TRP A 287 69.72 44.41 -27.07
C TRP A 287 69.25 43.69 -28.33
N GLY A 288 68.17 44.17 -28.95
CA GLY A 288 67.65 43.56 -30.17
C GLY A 288 68.70 43.58 -31.28
N ALA A 289 69.43 44.70 -31.37
CA ALA A 289 70.50 44.88 -32.33
C ALA A 289 71.66 43.95 -31.99
N VAL A 290 72.31 44.16 -30.83
CA VAL A 290 73.38 43.30 -30.36
C VAL A 290 73.08 41.83 -30.70
N PHE A 291 71.86 41.33 -30.49
CA PHE A 291 71.70 39.89 -30.54
C PHE A 291 71.01 39.42 -31.83
N ALA A 292 70.75 40.30 -32.78
CA ALA A 292 70.14 39.83 -34.02
C ALA A 292 71.15 38.94 -34.74
N ASN A 293 70.66 37.83 -35.28
CA ASN A 293 71.48 36.84 -35.97
C ASN A 293 72.41 36.10 -35.04
N SER A 294 72.22 36.21 -33.72
CA SER A 294 73.01 35.43 -32.79
C SER A 294 72.21 34.24 -32.28
N ASP A 295 72.92 33.28 -31.73
CA ASP A 295 72.34 32.13 -31.07
C ASP A 295 72.21 32.36 -29.56
N ALA A 296 72.26 33.62 -29.13
CA ALA A 296 72.21 33.97 -27.70
C ALA A 296 70.81 33.77 -27.10
N CYS A 297 69.79 33.61 -27.94
CA CYS A 297 68.42 33.38 -27.47
C CYS A 297 67.92 34.56 -26.64
N VAL A 298 68.14 35.77 -27.14
CA VAL A 298 67.70 37.00 -26.54
C VAL A 298 66.83 37.69 -27.57
N THR A 299 65.57 37.98 -27.26
CA THR A 299 64.69 38.61 -28.21
C THR A 299 63.89 39.71 -27.52
N PRO A 300 63.48 40.74 -28.28
CA PRO A 300 62.64 41.79 -27.73
C PRO A 300 61.23 41.26 -27.44
N VAL A 301 60.71 41.61 -26.26
CA VAL A 301 59.33 41.31 -25.92
C VAL A 301 58.44 42.40 -26.50
N LEU A 302 57.85 42.14 -27.67
CA LEU A 302 57.04 43.13 -28.36
C LEU A 302 55.58 43.07 -27.85
N ALA A 303 54.98 44.24 -27.73
CA ALA A 303 53.54 44.35 -27.56
C ALA A 303 52.81 44.08 -28.88
N PHE A 304 51.55 43.66 -28.78
CA PHE A 304 50.76 43.36 -29.97
C PHE A 304 50.89 44.47 -31.02
N GLY A 305 50.81 45.72 -30.57
CA GLY A 305 50.76 46.86 -31.48
C GLY A 305 52.07 47.14 -32.22
N GLU A 306 53.18 46.53 -31.77
CA GLU A 306 54.48 46.69 -32.40
C GLU A 306 54.82 45.52 -33.32
N VAL A 307 54.02 44.44 -33.27
CA VAL A 307 54.39 43.22 -33.98
C VAL A 307 54.45 43.47 -35.47
N HIS A 308 53.56 44.32 -35.99
CA HIS A 308 53.47 44.60 -37.42
C HIS A 308 54.74 45.27 -37.94
N ASN A 309 55.57 45.85 -37.07
CA ASN A 309 56.81 46.45 -37.52
C ASN A 309 58.02 45.52 -37.46
N GLU A 310 57.88 44.24 -37.08
CA GLU A 310 59.05 43.40 -36.88
C GLU A 310 59.40 42.71 -38.20
N PRO A 311 60.63 42.85 -38.73
CA PRO A 311 60.92 42.41 -40.09
C PRO A 311 60.61 40.94 -40.35
N HIS A 312 60.97 40.05 -39.41
CA HIS A 312 60.71 38.63 -39.60
C HIS A 312 59.20 38.31 -39.71
N ILE A 313 58.36 39.05 -38.98
CA ILE A 313 56.92 38.88 -39.02
C ILE A 313 56.39 39.33 -40.38
N ILE A 314 56.84 40.51 -40.83
CA ILE A 314 56.41 41.14 -42.08
C ILE A 314 56.77 40.22 -43.24
N GLU A 315 58.03 39.77 -43.27
CA GLU A 315 58.54 39.05 -44.42
C GLU A 315 57.90 37.69 -44.60
N ARG A 316 57.53 36.99 -43.52
CA ARG A 316 56.94 35.69 -43.73
C ARG A 316 55.41 35.80 -43.87
N ASN A 317 54.84 37.00 -43.87
CA ASN A 317 53.41 37.22 -43.88
C ASN A 317 52.69 36.37 -42.82
N THR A 318 53.17 36.43 -41.57
CA THR A 318 52.48 35.80 -40.46
C THR A 318 51.09 36.45 -40.25
N PHE A 319 50.97 37.74 -40.56
CA PHE A 319 49.73 38.49 -40.37
C PHE A 319 49.23 39.11 -41.68
N TYR A 320 47.93 39.44 -41.73
CA TYR A 320 47.33 40.20 -42.83
C TYR A 320 46.40 41.25 -42.24
N GLU A 321 46.12 42.33 -42.97
CA GLU A 321 45.28 43.40 -42.44
C GLU A 321 43.83 43.10 -42.77
N ALA A 322 42.92 43.45 -41.87
CA ALA A 322 41.51 43.20 -42.08
C ALA A 322 40.71 44.11 -41.17
N ASN A 323 39.85 44.96 -41.76
CA ASN A 323 38.87 45.71 -41.00
C ASN A 323 39.47 46.14 -39.67
N GLY A 324 40.27 47.22 -39.72
CA GLY A 324 40.84 47.86 -38.54
C GLY A 324 41.50 46.86 -37.58
N GLY A 325 42.28 45.91 -38.14
CA GLY A 325 43.32 45.26 -37.35
C GLY A 325 44.03 44.13 -38.10
N TRP A 326 45.29 43.90 -37.71
CA TRP A 326 46.00 42.72 -38.14
C TRP A 326 45.36 41.49 -37.52
N GLN A 327 45.41 40.41 -38.30
CA GLN A 327 44.95 39.10 -37.90
C GLN A 327 45.98 38.09 -38.38
N PRO A 328 46.19 36.97 -37.68
CA PRO A 328 47.09 35.93 -38.18
C PRO A 328 46.60 35.15 -39.38
N MET A 329 47.53 34.92 -40.31
CA MET A 329 47.31 34.08 -41.46
C MET A 329 47.20 32.64 -41.02
N PRO A 330 46.55 31.77 -41.80
CA PRO A 330 46.42 30.37 -41.40
C PRO A 330 47.76 29.74 -41.11
N ALA A 331 47.74 28.81 -40.16
CA ALA A 331 48.89 27.98 -39.81
C ALA A 331 48.37 26.56 -39.76
N PRO A 332 49.20 25.53 -40.01
CA PRO A 332 50.55 25.71 -40.55
C PRO A 332 50.47 25.93 -42.05
N ARG A 333 51.59 25.82 -42.77
CA ARG A 333 51.63 26.16 -44.19
C ARG A 333 51.86 24.90 -45.02
N PHE A 334 51.37 24.88 -46.26
CA PHE A 334 51.45 23.70 -47.10
C PHE A 334 52.09 24.10 -48.43
N SER A 335 53.07 23.29 -48.87
CA SER A 335 53.83 23.56 -50.09
C SER A 335 52.96 23.52 -51.37
N ARG A 336 52.05 22.54 -51.50
CA ARG A 336 51.30 22.38 -52.75
C ARG A 336 49.90 22.99 -52.66
N THR A 337 49.12 22.64 -51.62
CA THR A 337 47.76 23.14 -51.48
C THR A 337 47.73 24.22 -50.39
N ALA A 338 48.24 25.39 -50.76
CA ALA A 338 48.42 26.49 -49.82
C ALA A 338 47.05 27.01 -49.46
N SER A 339 46.89 27.44 -48.19
CA SER A 339 45.72 28.18 -47.76
C SER A 339 45.75 29.55 -48.42
N SER A 340 44.59 30.19 -48.49
CA SER A 340 44.52 31.54 -48.99
C SER A 340 44.18 32.47 -47.84
N GLN A 341 44.23 33.76 -48.11
CA GLN A 341 43.80 34.75 -47.15
C GLN A 341 42.39 34.37 -46.70
N PRO A 342 42.05 34.51 -45.41
CA PRO A 342 40.70 34.20 -44.93
C PRO A 342 39.65 35.16 -45.46
N ARG A 343 38.45 34.63 -45.75
CA ARG A 343 37.33 35.44 -46.19
C ARG A 343 36.72 36.06 -44.95
N PRO A 344 36.47 37.38 -44.91
CA PRO A 344 36.04 38.02 -43.68
C PRO A 344 34.64 37.50 -43.34
N PRO A 345 34.10 37.81 -42.14
CA PRO A 345 32.69 37.53 -41.84
C PRO A 345 31.76 38.08 -42.93
N ALA A 346 30.77 37.27 -43.33
CA ALA A 346 29.80 37.64 -44.36
C ALA A 346 28.41 37.66 -43.74
N ALA A 347 27.52 38.48 -44.32
CA ALA A 347 26.12 38.50 -43.90
C ALA A 347 25.52 37.09 -43.96
N THR A 348 24.47 36.88 -43.16
CA THR A 348 23.83 35.59 -43.00
C THR A 348 23.29 35.10 -44.35
N ILE A 349 23.26 33.78 -44.49
CA ILE A 349 22.78 33.12 -45.67
C ILE A 349 21.54 32.32 -45.24
N ASP A 350 20.77 31.88 -46.22
CA ASP A 350 19.57 31.11 -45.96
C ASP A 350 19.91 29.63 -45.92
N ILE A 351 19.34 28.90 -44.97
CA ILE A 351 19.69 27.50 -44.79
C ILE A 351 19.26 26.65 -45.99
N GLU A 352 18.25 27.12 -46.75
CA GLU A 352 17.79 26.42 -47.95
C GLU A 352 18.82 26.60 -49.06
N ALA A 353 19.26 27.85 -49.26
CA ALA A 353 20.33 28.16 -50.20
C ALA A 353 21.52 27.21 -50.04
N VAL A 354 21.84 26.84 -48.78
CA VAL A 354 23.01 26.03 -48.47
C VAL A 354 22.75 24.57 -48.86
N LEU A 355 21.58 24.04 -48.50
CA LEU A 355 21.19 22.68 -48.85
C LEU A 355 21.20 22.46 -50.36
N THR A 356 20.74 23.46 -51.12
CA THR A 356 20.84 23.49 -52.57
C THR A 356 22.29 23.29 -53.00
N ASP A 357 23.14 24.29 -52.69
CA ASP A 357 24.58 24.22 -52.90
C ASP A 357 25.10 22.80 -52.63
N TRP A 358 24.88 22.27 -51.43
CA TRP A 358 25.46 20.97 -51.06
C TRP A 358 24.82 19.80 -51.82
N ASP A 359 23.69 20.05 -52.50
CA ASP A 359 23.14 19.11 -53.47
C ASP A 359 22.85 17.77 -52.78
N MET B 1 47.30 -2.47 -33.26
CA MET B 1 47.51 -1.17 -32.55
C MET B 1 46.21 -0.38 -32.46
N ALA B 2 45.80 -0.02 -31.23
CA ALA B 2 44.51 0.61 -30.99
C ALA B 2 44.54 2.09 -31.34
N GLY B 3 43.45 2.60 -31.90
CA GLY B 3 43.20 4.02 -32.02
C GLY B 3 42.87 4.38 -33.46
N PRO B 4 42.37 5.58 -33.72
CA PRO B 4 42.01 5.95 -35.10
C PRO B 4 43.15 5.97 -36.11
N LEU B 5 44.40 6.01 -35.66
CA LEU B 5 45.51 6.20 -36.59
C LEU B 5 46.25 4.87 -36.79
N SER B 6 45.59 3.77 -36.47
CA SER B 6 46.13 2.45 -36.76
C SER B 6 46.51 2.39 -38.23
N GLY B 7 47.71 1.88 -38.54
CA GLY B 7 48.11 1.77 -39.94
C GLY B 7 48.88 2.99 -40.46
N LEU B 8 48.86 4.13 -39.73
CA LEU B 8 49.68 5.26 -40.13
C LEU B 8 51.12 5.04 -39.69
N ARG B 9 52.05 5.21 -40.65
CA ARG B 9 53.47 5.01 -40.38
C ARG B 9 54.21 6.35 -40.40
N VAL B 10 55.05 6.53 -39.37
CA VAL B 10 55.65 7.83 -39.08
C VAL B 10 57.11 7.60 -38.77
N VAL B 11 57.97 8.35 -39.48
CA VAL B 11 59.39 8.32 -39.13
C VAL B 11 59.71 9.66 -38.46
N GLU B 12 60.34 9.60 -37.30
CA GLU B 12 60.62 10.79 -36.53
C GLU B 12 62.13 10.92 -36.44
N LEU B 13 62.66 12.03 -36.97
CA LEU B 13 64.07 12.35 -36.78
C LEU B 13 64.21 13.07 -35.44
N ALA B 14 64.96 12.47 -34.52
CA ALA B 14 64.94 12.82 -33.12
C ALA B 14 65.37 14.27 -32.89
N GLY B 15 64.60 14.95 -32.05
CA GLY B 15 64.92 16.31 -31.64
C GLY B 15 64.26 16.60 -30.30
N ILE B 16 64.00 17.88 -30.01
CA ILE B 16 63.51 18.27 -28.70
C ILE B 16 62.25 19.12 -28.85
N GLY B 17 61.40 19.00 -27.83
CA GLY B 17 60.28 19.91 -27.69
C GLY B 17 59.13 19.49 -28.59
N PRO B 18 58.78 20.33 -29.59
CA PRO B 18 57.54 20.08 -30.31
C PRO B 18 57.52 18.83 -31.19
N GLY B 19 58.62 18.49 -31.90
CA GLY B 19 58.64 17.29 -32.74
C GLY B 19 58.30 16.01 -31.96
N PRO B 20 59.00 15.73 -30.85
CA PRO B 20 58.70 14.56 -30.04
C PRO B 20 57.28 14.54 -29.47
N HIS B 21 56.70 15.73 -29.20
CA HIS B 21 55.36 15.83 -28.67
C HIS B 21 54.33 15.41 -29.73
N ALA B 22 54.52 15.89 -30.96
CA ALA B 22 53.68 15.54 -32.08
C ALA B 22 53.74 14.04 -32.34
N ALA B 23 54.96 13.53 -32.41
CA ALA B 23 55.17 12.11 -32.64
C ALA B 23 54.51 11.30 -31.52
N MET B 24 54.57 11.81 -30.28
CA MET B 24 53.97 11.13 -29.12
C MET B 24 52.46 11.04 -29.32
N ILE B 25 51.82 12.15 -29.71
CA ILE B 25 50.37 12.12 -29.85
C ILE B 25 49.95 11.20 -30.99
N LEU B 26 50.75 11.14 -32.07
CA LEU B 26 50.44 10.26 -33.19
C LEU B 26 50.48 8.82 -32.69
N GLY B 27 51.51 8.51 -31.92
CA GLY B 27 51.68 7.22 -31.31
C GLY B 27 50.49 6.87 -30.41
N ASP B 28 50.06 7.89 -29.64
CA ASP B 28 49.05 7.68 -28.63
C ASP B 28 47.77 7.16 -29.29
N LEU B 29 47.43 7.74 -30.44
CA LEU B 29 46.26 7.45 -31.24
C LEU B 29 46.47 6.25 -32.19
N GLY B 30 47.53 5.48 -31.95
CA GLY B 30 47.72 4.20 -32.64
C GLY B 30 48.62 4.24 -33.88
N ALA B 31 49.31 5.35 -34.15
CA ALA B 31 50.25 5.35 -35.26
C ALA B 31 51.47 4.52 -34.91
N ASP B 32 52.06 3.95 -35.99
CA ASP B 32 53.31 3.21 -35.94
C ASP B 32 54.45 4.20 -36.12
N VAL B 33 55.17 4.49 -35.03
CA VAL B 33 56.09 5.60 -34.98
C VAL B 33 57.49 5.06 -34.72
N VAL B 34 58.41 5.39 -35.66
CA VAL B 34 59.78 4.93 -35.55
C VAL B 34 60.68 6.16 -35.47
N ARG B 35 61.43 6.24 -34.39
CA ARG B 35 62.21 7.42 -34.09
C ARG B 35 63.68 7.08 -34.28
N ILE B 36 64.35 7.87 -35.15
CA ILE B 36 65.76 7.69 -35.47
C ILE B 36 66.55 8.66 -34.61
N ASP B 37 67.30 8.13 -33.66
CA ASP B 37 68.17 8.95 -32.85
C ASP B 37 69.61 8.70 -33.30
N ARG B 38 70.57 9.39 -32.70
CA ARG B 38 71.96 9.11 -33.00
C ARG B 38 72.50 8.14 -31.95
N PRO B 39 73.41 7.21 -32.34
CA PRO B 39 73.97 6.20 -31.44
C PRO B 39 74.57 6.80 -30.18
N SER B 40 75.13 8.00 -30.34
CA SER B 40 75.89 8.65 -29.27
C SER B 40 75.01 9.06 -28.09
N SER B 41 73.71 9.31 -28.30
CA SER B 41 72.90 9.77 -27.19
C SER B 41 72.14 8.62 -26.51
N VAL B 42 71.82 7.53 -27.23
CA VAL B 42 71.08 6.41 -26.65
C VAL B 42 72.00 5.54 -25.78
N ASP B 43 71.54 5.26 -24.53
CA ASP B 43 72.18 4.35 -23.58
C ASP B 43 71.19 3.25 -23.15
N GLY B 44 70.59 3.41 -21.96
CA GLY B 44 69.62 2.46 -21.44
C GLY B 44 68.28 2.57 -22.17
N ILE B 45 67.20 2.25 -21.48
CA ILE B 45 65.86 2.53 -22.00
C ILE B 45 65.55 3.97 -21.60
N SER B 46 64.90 4.76 -22.48
CA SER B 46 64.67 6.17 -22.15
C SER B 46 63.68 6.27 -20.98
N ARG B 47 63.99 7.21 -20.07
CA ARG B 47 63.15 7.47 -18.91
C ARG B 47 62.31 8.73 -19.17
N ASP B 48 62.26 9.18 -20.43
CA ASP B 48 61.42 10.30 -20.85
C ASP B 48 60.09 9.76 -21.39
N ALA B 49 59.04 9.88 -20.56
CA ALA B 49 57.71 9.38 -20.91
C ALA B 49 57.20 10.02 -22.20
N MET B 50 57.81 11.13 -22.65
CA MET B 50 57.37 11.68 -23.92
C MET B 50 57.73 10.71 -25.07
N LEU B 51 58.68 9.78 -24.81
CA LEU B 51 59.11 8.80 -25.80
C LEU B 51 58.29 7.51 -25.72
N ARG B 52 57.07 7.59 -25.20
CA ARG B 52 56.16 6.46 -25.16
C ARG B 52 55.59 6.21 -26.56
N ASN B 53 55.07 4.99 -26.80
CA ASN B 53 54.46 4.65 -28.08
C ASN B 53 55.41 4.87 -29.27
N ARG B 54 56.67 4.49 -29.07
CA ARG B 54 57.72 4.52 -30.08
C ARG B 54 58.42 3.17 -30.21
N ARG B 55 58.96 2.92 -31.41
CA ARG B 55 60.17 2.11 -31.56
C ARG B 55 61.34 3.04 -31.85
N ILE B 56 62.42 2.87 -31.06
CA ILE B 56 63.65 3.63 -31.19
C ILE B 56 64.65 2.80 -32.01
N VAL B 57 65.27 3.44 -33.01
CA VAL B 57 66.42 2.91 -33.73
C VAL B 57 67.50 3.98 -33.75
N THR B 58 68.78 3.58 -33.82
CA THR B 58 69.88 4.52 -34.00
C THR B 58 70.47 4.44 -35.41
N ALA B 59 71.18 5.50 -35.80
CA ALA B 59 71.83 5.59 -37.10
C ALA B 59 72.56 6.92 -37.22
N ASP B 60 73.87 6.86 -37.55
CA ASP B 60 74.64 8.01 -38.00
C ASP B 60 74.12 8.46 -39.36
N LEU B 61 73.29 9.50 -39.37
CA LEU B 61 72.72 10.01 -40.61
C LEU B 61 73.78 10.69 -41.49
N LYS B 62 74.96 10.95 -40.91
CA LYS B 62 76.09 11.47 -41.66
C LYS B 62 76.86 10.36 -42.39
N SER B 63 76.60 9.08 -42.09
CA SER B 63 77.27 7.99 -42.80
C SER B 63 76.46 7.63 -44.06
N ASP B 64 77.04 6.75 -44.88
CA ASP B 64 76.43 6.38 -46.15
C ASP B 64 75.32 5.38 -45.89
N GLN B 65 75.59 4.49 -44.92
CA GLN B 65 74.70 3.41 -44.56
C GLN B 65 73.49 3.94 -43.76
N GLY B 66 73.76 4.80 -42.76
CA GLY B 66 72.69 5.49 -42.05
C GLY B 66 71.74 6.22 -42.99
N LEU B 67 72.29 7.02 -43.92
CA LEU B 67 71.43 7.72 -44.87
C LEU B 67 70.58 6.70 -45.64
N GLU B 68 71.18 5.57 -46.03
CA GLU B 68 70.47 4.66 -46.90
C GLU B 68 69.33 4.00 -46.12
N LEU B 69 69.67 3.45 -44.95
CA LEU B 69 68.70 2.79 -44.09
C LEU B 69 67.52 3.72 -43.80
N ALA B 70 67.81 5.01 -43.53
CA ALA B 70 66.80 6.00 -43.23
C ALA B 70 65.87 6.21 -44.41
N LEU B 71 66.46 6.29 -45.62
CA LEU B 71 65.67 6.56 -46.81
C LEU B 71 64.76 5.36 -47.15
N LYS B 72 65.18 4.17 -46.72
CA LYS B 72 64.40 2.96 -46.92
C LYS B 72 63.19 2.94 -45.97
N LEU B 73 63.34 3.42 -44.72
CA LEU B 73 62.20 3.65 -43.84
C LEU B 73 61.22 4.61 -44.50
N ILE B 74 61.74 5.76 -44.90
CA ILE B 74 60.90 6.87 -45.33
C ILE B 74 60.13 6.45 -46.57
N ALA B 75 60.79 5.60 -47.38
CA ALA B 75 60.18 4.97 -48.55
C ALA B 75 58.88 4.25 -48.17
N LYS B 76 58.90 3.57 -47.01
CA LYS B 76 57.80 2.74 -46.54
C LYS B 76 56.80 3.50 -45.65
N ALA B 77 57.01 4.81 -45.39
CA ALA B 77 56.28 5.50 -44.33
C ALA B 77 55.27 6.47 -44.92
N ASP B 78 54.34 6.98 -44.09
CA ASP B 78 53.39 7.97 -44.56
C ASP B 78 53.84 9.39 -44.24
N VAL B 79 54.54 9.54 -43.11
CA VAL B 79 54.85 10.88 -42.59
C VAL B 79 56.30 10.90 -42.13
N LEU B 80 56.98 12.03 -42.39
CA LEU B 80 58.26 12.26 -41.73
C LEU B 80 58.19 13.57 -40.94
N ILE B 81 58.70 13.49 -39.71
CA ILE B 81 58.78 14.62 -38.80
C ILE B 81 60.25 14.94 -38.59
N GLU B 82 60.63 16.18 -38.88
CA GLU B 82 61.94 16.68 -38.46
C GLU B 82 61.80 18.06 -37.82
N GLY B 83 62.60 18.31 -36.78
CA GLY B 83 62.58 19.60 -36.12
C GLY B 83 63.97 20.23 -36.00
N TYR B 84 64.78 20.12 -37.05
CA TYR B 84 66.08 20.79 -37.05
C TYR B 84 65.94 22.15 -37.71
N ARG B 85 67.02 22.93 -37.64
CA ARG B 85 67.02 24.20 -38.36
C ARG B 85 66.90 23.91 -39.85
N PRO B 86 66.34 24.87 -40.60
CA PRO B 86 66.21 24.73 -42.03
C PRO B 86 67.57 24.50 -42.67
N GLY B 87 67.60 23.65 -43.71
CA GLY B 87 68.85 23.31 -44.38
C GLY B 87 69.48 22.05 -43.84
N VAL B 88 69.15 21.68 -42.59
CA VAL B 88 69.82 20.56 -41.95
C VAL B 88 69.49 19.25 -42.67
N THR B 89 68.20 18.93 -42.87
CA THR B 89 67.87 17.67 -43.53
C THR B 89 68.35 17.70 -45.00
N GLU B 90 68.27 18.85 -45.66
CA GLU B 90 68.75 18.95 -47.04
C GLU B 90 70.20 18.50 -47.14
N ARG B 91 71.05 18.96 -46.21
CA ARG B 91 72.47 18.64 -46.22
C ARG B 91 72.70 17.18 -45.85
N LEU B 92 71.84 16.56 -45.05
CA LEU B 92 72.02 15.16 -44.77
C LEU B 92 71.64 14.29 -45.99
N GLY B 93 71.01 14.89 -47.00
CA GLY B 93 70.40 14.14 -48.08
C GLY B 93 69.03 13.54 -47.69
N LEU B 94 68.32 14.16 -46.74
CA LEU B 94 67.00 13.75 -46.31
C LEU B 94 65.99 14.89 -46.47
N GLY B 95 66.33 15.83 -47.34
CA GLY B 95 65.51 16.97 -47.64
C GLY B 95 64.24 16.53 -48.34
N PRO B 96 63.24 17.41 -48.45
CA PRO B 96 61.98 17.03 -49.06
C PRO B 96 62.17 16.46 -50.48
N GLU B 97 63.02 17.09 -51.30
CA GLU B 97 63.12 16.65 -52.68
C GLU B 97 63.70 15.25 -52.79
N GLU B 98 64.68 14.92 -51.93
CA GLU B 98 65.26 13.58 -51.92
C GLU B 98 64.23 12.54 -51.49
N CYS B 99 63.38 12.92 -50.53
CA CYS B 99 62.36 12.02 -50.03
C CYS B 99 61.26 11.84 -51.09
N ALA B 100 60.95 12.91 -51.85
CA ALA B 100 59.95 12.86 -52.91
C ALA B 100 60.34 11.92 -54.05
N LYS B 101 61.64 11.61 -54.13
CA LYS B 101 62.15 10.70 -55.14
C LYS B 101 61.83 9.27 -54.78
N VAL B 102 61.88 8.93 -53.48
CA VAL B 102 61.71 7.54 -53.05
C VAL B 102 60.30 7.31 -52.49
N ASN B 103 59.40 8.31 -52.55
CA ASN B 103 58.08 8.21 -51.94
C ASN B 103 57.32 9.51 -52.17
N ASP B 104 56.65 9.64 -53.32
CA ASP B 104 55.90 10.85 -53.64
C ASP B 104 54.62 10.99 -52.78
N ARG B 105 54.39 10.03 -51.87
CA ARG B 105 53.20 10.04 -51.02
C ARG B 105 53.49 10.61 -49.63
N LEU B 106 54.77 10.79 -49.29
CA LEU B 106 55.24 11.23 -47.97
C LEU B 106 54.67 12.59 -47.58
N ILE B 107 54.17 12.68 -46.34
CA ILE B 107 53.91 13.97 -45.71
C ILE B 107 55.19 14.33 -44.97
N TYR B 108 55.82 15.43 -45.43
CA TYR B 108 57.10 15.86 -44.93
C TYR B 108 56.85 17.05 -43.99
N ALA B 109 57.02 16.80 -42.71
CA ALA B 109 56.59 17.77 -41.70
C ALA B 109 57.80 18.39 -41.00
N ARG B 110 57.88 19.69 -41.13
CA ARG B 110 59.00 20.48 -40.64
C ARG B 110 58.56 21.41 -39.50
N MET B 111 59.11 21.15 -38.30
CA MET B 111 58.74 21.80 -37.06
C MET B 111 59.88 22.75 -36.68
N THR B 112 59.65 24.04 -36.83
CA THR B 112 60.60 25.04 -36.39
C THR B 112 59.92 26.10 -35.53
N GLY B 113 60.74 26.99 -34.95
CA GLY B 113 60.21 28.15 -34.26
C GLY B 113 59.96 29.33 -35.20
N TRP B 114 60.95 29.64 -36.04
CA TRP B 114 60.89 30.84 -36.83
C TRP B 114 60.41 30.62 -38.27
N GLY B 115 60.34 29.37 -38.70
CA GLY B 115 59.96 29.07 -40.08
C GLY B 115 61.16 28.67 -40.94
N GLN B 116 60.86 28.50 -42.23
CA GLN B 116 61.79 27.93 -43.17
C GLN B 116 62.71 29.01 -43.76
N THR B 117 62.25 30.24 -43.82
CA THR B 117 63.01 31.33 -44.38
C THR B 117 62.83 32.58 -43.53
N GLY B 118 63.56 33.63 -43.90
CA GLY B 118 63.48 34.92 -43.26
C GLY B 118 64.63 35.15 -42.30
N PRO B 119 64.76 36.40 -41.85
CA PRO B 119 65.98 36.85 -41.19
C PRO B 119 66.30 36.09 -39.90
N ARG B 120 65.29 35.47 -39.26
CA ARG B 120 65.53 34.84 -37.98
C ARG B 120 65.63 33.34 -38.16
N SER B 121 65.60 32.86 -39.41
CA SER B 121 65.37 31.46 -39.69
C SER B 121 66.54 30.59 -39.27
N GLN B 122 67.74 31.18 -39.08
CA GLN B 122 68.85 30.37 -38.60
C GLN B 122 69.22 30.61 -37.15
N GLN B 123 68.42 31.40 -36.44
CA GLN B 123 68.72 31.80 -35.07
C GLN B 123 68.27 30.68 -34.12
N ALA B 124 69.16 30.24 -33.22
CA ALA B 124 68.73 29.37 -32.14
C ALA B 124 67.59 30.05 -31.38
N GLY B 125 66.75 29.24 -30.74
CA GLY B 125 65.65 29.78 -29.94
C GLY B 125 64.97 28.71 -29.07
N HIS B 126 64.16 29.20 -28.14
CA HIS B 126 63.28 28.39 -27.34
C HIS B 126 61.90 29.07 -27.32
N ASP B 127 60.94 28.36 -26.74
CA ASP B 127 59.57 28.82 -26.62
C ASP B 127 59.50 30.31 -26.27
N ILE B 128 60.15 30.71 -25.17
CA ILE B 128 60.07 32.07 -24.68
C ILE B 128 60.46 33.08 -25.79
N ASN B 129 61.36 32.71 -26.72
CA ASN B 129 61.77 33.61 -27.78
C ASN B 129 60.65 33.78 -28.83
N TYR B 130 60.04 32.66 -29.25
CA TYR B 130 59.05 32.67 -30.34
C TYR B 130 57.84 33.50 -29.90
N ILE B 131 57.44 33.37 -28.62
CA ILE B 131 56.26 34.05 -28.10
C ILE B 131 56.58 35.48 -27.69
N SER B 132 57.86 35.83 -27.67
CA SER B 132 58.19 37.21 -27.37
C SER B 132 57.99 38.06 -28.62
N LEU B 133 58.18 37.49 -29.82
CA LEU B 133 58.18 38.33 -31.01
C LEU B 133 56.77 38.66 -31.53
N ASN B 134 55.75 37.89 -31.15
CA ASN B 134 54.45 38.03 -31.76
C ASN B 134 53.40 38.57 -30.77
N GLY B 135 53.87 39.15 -29.66
CA GLY B 135 52.98 39.86 -28.75
C GLY B 135 52.46 39.00 -27.59
N ILE B 136 52.67 37.69 -27.62
CA ILE B 136 52.02 36.82 -26.66
C ILE B 136 52.64 36.99 -25.27
N LEU B 137 53.98 36.95 -25.20
CA LEU B 137 54.62 36.95 -23.89
C LEU B 137 54.36 38.28 -23.19
N HIS B 138 54.32 39.40 -23.92
CA HIS B 138 54.10 40.70 -23.34
C HIS B 138 52.77 40.78 -22.57
N ALA B 139 51.82 39.92 -22.96
CA ALA B 139 50.46 39.98 -22.47
C ALA B 139 50.26 39.13 -21.22
N ILE B 140 51.28 38.39 -20.81
CA ILE B 140 51.13 37.42 -19.73
C ILE B 140 51.83 37.89 -18.46
N GLY B 141 51.08 37.99 -17.36
CA GLY B 141 51.67 38.25 -16.06
C GLY B 141 50.98 39.45 -15.40
N ARG B 142 51.34 39.81 -14.16
CA ARG B 142 50.75 40.99 -13.54
C ARG B 142 51.34 42.26 -14.13
N GLY B 143 50.56 43.34 -14.08
CA GLY B 143 50.86 44.63 -14.67
C GLY B 143 52.04 45.36 -14.05
N ASP B 144 52.33 45.09 -12.77
CA ASP B 144 53.43 45.79 -12.12
C ASP B 144 54.71 44.94 -12.13
N GLU B 145 54.79 43.95 -13.02
CA GLU B 145 55.93 43.06 -13.01
C GLU B 145 56.32 42.72 -14.43
N ARG B 146 57.51 42.17 -14.59
CA ARG B 146 57.91 41.78 -15.93
C ARG B 146 57.10 40.57 -16.38
N PRO B 147 56.91 40.36 -17.69
CA PRO B 147 56.12 39.22 -18.16
C PRO B 147 56.67 37.89 -17.67
N VAL B 148 55.80 36.91 -17.50
CA VAL B 148 56.24 35.64 -16.97
C VAL B 148 55.94 34.57 -18.02
N PRO B 149 56.88 33.64 -18.26
CA PRO B 149 56.65 32.65 -19.27
C PRO B 149 55.59 31.69 -18.76
N PRO B 150 54.63 31.36 -19.62
CA PRO B 150 53.67 30.31 -19.34
C PRO B 150 54.22 28.93 -19.65
N LEU B 151 55.20 28.54 -18.85
CA LEU B 151 56.09 27.42 -19.14
C LEU B 151 56.45 27.46 -20.61
N ASN B 152 56.56 26.29 -21.25
CA ASN B 152 56.72 26.23 -22.69
C ASN B 152 55.47 25.66 -23.35
N LEU B 153 54.31 26.00 -22.81
CA LEU B 153 53.06 25.45 -23.28
C LEU B 153 52.56 26.12 -24.55
N VAL B 154 52.88 27.42 -24.77
CA VAL B 154 52.21 28.18 -25.81
C VAL B 154 52.98 28.11 -27.13
N GLY B 155 54.30 28.19 -27.10
CA GLY B 155 55.05 28.11 -28.36
C GLY B 155 55.34 26.66 -28.77
N ASP B 156 55.91 25.89 -27.85
CA ASP B 156 56.31 24.56 -28.22
C ASP B 156 55.09 23.69 -28.53
N PHE B 157 54.04 23.75 -27.69
CA PHE B 157 53.01 22.70 -27.73
C PHE B 157 51.75 23.24 -28.38
N GLY B 158 51.09 24.22 -27.73
CA GLY B 158 49.87 24.78 -28.25
C GLY B 158 50.02 25.36 -29.66
N GLY B 159 51.07 26.17 -29.89
CA GLY B 159 51.29 26.79 -31.19
C GLY B 159 52.37 26.07 -32.01
N GLY B 160 52.76 24.89 -31.55
CA GLY B 160 53.90 24.17 -32.10
C GLY B 160 53.51 22.77 -32.54
N SER B 161 53.70 21.79 -31.64
CA SER B 161 53.35 20.42 -31.93
C SER B 161 51.92 20.34 -32.49
N MET B 162 50.97 21.11 -31.93
CA MET B 162 49.58 20.83 -32.21
C MET B 162 49.29 21.26 -33.63
N PHE B 163 49.99 22.33 -34.08
CA PHE B 163 49.82 22.79 -35.45
C PHE B 163 50.56 21.86 -36.43
N LEU B 164 51.67 21.24 -36.00
CA LEU B 164 52.32 20.24 -36.83
C LEU B 164 51.34 19.04 -37.04
N LEU B 165 50.67 18.61 -35.97
CA LEU B 165 49.66 17.55 -36.06
C LEU B 165 48.50 17.94 -36.97
N VAL B 166 47.92 19.12 -36.76
CA VAL B 166 46.85 19.53 -37.65
C VAL B 166 47.31 19.51 -39.12
N GLY B 167 48.57 19.89 -39.38
CA GLY B 167 49.05 19.94 -40.74
C GLY B 167 49.30 18.54 -41.30
N ILE B 168 49.89 17.65 -40.52
CA ILE B 168 50.11 16.29 -40.92
C ILE B 168 48.78 15.62 -41.27
N LEU B 169 47.75 15.81 -40.43
CA LEU B 169 46.52 15.07 -40.59
C LEU B 169 45.67 15.71 -41.68
N ALA B 170 45.73 17.05 -41.84
CA ALA B 170 45.07 17.68 -42.96
C ALA B 170 45.70 17.27 -44.29
N ALA B 171 47.02 17.06 -44.30
CA ALA B 171 47.71 16.74 -45.54
C ALA B 171 47.35 15.31 -45.96
N LEU B 172 47.20 14.40 -44.99
CA LEU B 172 46.73 13.05 -45.24
C LEU B 172 45.32 13.02 -45.85
N TRP B 173 44.43 13.92 -45.44
CA TRP B 173 43.13 14.05 -46.03
C TRP B 173 43.24 14.54 -47.48
N GLU B 174 44.14 15.52 -47.73
CA GLU B 174 44.31 16.04 -49.08
C GLU B 174 44.83 14.94 -50.00
N ARG B 175 45.67 14.05 -49.44
CA ARG B 175 46.33 12.99 -50.17
C ARG B 175 45.32 11.99 -50.73
N GLN B 176 44.24 11.73 -49.99
CA GLN B 176 43.22 10.77 -50.40
C GLN B 176 42.57 11.19 -51.73
N SER B 177 42.57 12.49 -51.99
CA SER B 177 41.99 13.06 -53.17
C SER B 177 43.04 13.17 -54.29
N SER B 178 44.31 13.41 -53.94
CA SER B 178 45.32 13.85 -54.89
C SER B 178 46.32 12.74 -55.22
N GLY B 179 46.48 11.76 -54.31
CA GLY B 179 47.43 10.68 -54.44
C GLY B 179 48.86 11.06 -54.05
N LYS B 180 49.06 12.31 -53.61
CA LYS B 180 50.39 12.89 -53.42
C LYS B 180 50.55 13.44 -52.00
N GLY B 181 51.79 13.35 -51.48
CA GLY B 181 52.22 14.09 -50.31
C GLY B 181 52.50 15.56 -50.59
N GLN B 182 53.14 16.20 -49.59
CA GLN B 182 53.55 17.59 -49.66
C GLN B 182 54.27 17.96 -48.34
N VAL B 183 54.77 19.20 -48.28
CA VAL B 183 55.56 19.65 -47.15
C VAL B 183 54.65 20.49 -46.25
N VAL B 184 54.71 20.15 -44.96
CA VAL B 184 54.05 20.93 -43.93
C VAL B 184 55.11 21.71 -43.18
N ASP B 185 54.92 23.02 -43.16
CA ASP B 185 55.84 23.96 -42.54
C ASP B 185 55.11 24.59 -41.36
N ALA B 186 55.40 24.04 -40.17
CA ALA B 186 54.82 24.47 -38.91
C ALA B 186 55.86 25.27 -38.11
N ALA B 187 55.65 26.57 -38.07
CA ALA B 187 56.50 27.48 -37.33
C ALA B 187 55.76 27.93 -36.06
N MET B 188 56.44 27.81 -34.91
CA MET B 188 55.86 28.15 -33.61
C MET B 188 55.42 29.60 -33.59
N VAL B 189 56.13 30.47 -34.32
CA VAL B 189 55.74 31.88 -34.32
C VAL B 189 54.41 32.10 -35.05
N ASP B 190 54.09 31.24 -36.04
CA ASP B 190 52.80 31.30 -36.75
C ASP B 190 51.67 30.64 -35.94
N GLY B 191 51.85 29.36 -35.61
CA GLY B 191 50.89 28.59 -34.85
C GLY B 191 50.47 29.31 -33.57
N SER B 192 51.42 29.86 -32.80
CA SER B 192 51.06 30.49 -31.55
C SER B 192 50.24 31.74 -31.86
N SER B 193 50.50 32.40 -33.00
CA SER B 193 49.68 33.54 -33.38
C SER B 193 48.21 33.16 -33.69
N VAL B 194 48.00 32.06 -34.39
CA VAL B 194 46.65 31.57 -34.64
C VAL B 194 46.07 31.12 -33.31
N LEU B 195 46.92 30.55 -32.43
CA LEU B 195 46.41 30.08 -31.16
C LEU B 195 45.79 31.23 -30.36
N ILE B 196 46.30 32.46 -30.54
CA ILE B 196 45.85 33.62 -29.79
C ILE B 196 44.99 34.51 -30.67
N GLN B 197 44.39 33.95 -31.71
CA GLN B 197 43.56 34.76 -32.57
C GLN B 197 42.45 35.50 -31.80
N MET B 198 41.91 34.91 -30.74
CA MET B 198 40.87 35.60 -30.00
C MET B 198 41.32 36.97 -29.49
N MET B 199 42.57 37.12 -29.04
CA MET B 199 43.06 38.41 -28.61
C MET B 199 43.16 39.39 -29.79
N TRP B 200 43.63 38.94 -30.95
CA TRP B 200 43.70 39.84 -32.09
C TRP B 200 42.28 40.25 -32.51
N ALA B 201 41.30 39.33 -32.43
CA ALA B 201 39.91 39.67 -32.75
C ALA B 201 39.36 40.72 -31.77
N MET B 202 39.54 40.45 -30.47
CA MET B 202 39.15 41.39 -29.44
C MET B 202 39.87 42.73 -29.54
N ARG B 203 41.13 42.73 -29.96
CA ARG B 203 41.90 43.96 -30.06
C ARG B 203 41.30 44.87 -31.14
N ALA B 204 40.89 44.27 -32.25
CA ALA B 204 40.33 45.01 -33.38
C ALA B 204 39.01 45.70 -33.02
N THR B 205 38.28 45.16 -32.04
CA THR B 205 36.98 45.69 -31.65
C THR B 205 37.04 46.48 -30.35
N GLY B 206 38.23 46.90 -29.92
CA GLY B 206 38.36 47.74 -28.74
C GLY B 206 38.10 47.01 -27.41
N MET B 207 38.13 45.67 -27.41
CA MET B 207 37.84 44.87 -26.24
C MET B 207 39.09 44.17 -25.69
N TRP B 208 40.30 44.52 -26.18
CA TRP B 208 41.53 44.02 -25.59
C TRP B 208 42.54 45.15 -25.64
N THR B 209 43.29 45.40 -24.56
CA THR B 209 44.33 46.43 -24.57
C THR B 209 45.73 45.81 -24.46
N ASP B 210 46.74 46.55 -24.93
CA ASP B 210 48.12 46.08 -24.84
C ASP B 210 48.67 46.26 -23.42
N THR B 211 47.94 46.95 -22.55
CA THR B 211 48.33 47.05 -21.15
C THR B 211 48.19 45.70 -20.48
N ARG B 212 49.30 45.19 -19.96
CA ARG B 212 49.33 43.93 -19.24
C ARG B 212 48.54 44.04 -17.93
N GLY B 213 47.80 42.99 -17.59
CA GLY B 213 47.02 42.93 -16.37
C GLY B 213 45.81 43.86 -16.35
N ALA B 214 45.30 44.28 -17.51
CA ALA B 214 44.15 45.17 -17.55
C ALA B 214 43.03 44.65 -18.46
N ASN B 215 42.88 43.32 -18.58
CA ASN B 215 41.96 42.78 -19.57
C ASN B 215 41.06 41.72 -18.90
N MET B 216 40.09 41.24 -19.66
CA MET B 216 39.13 40.30 -19.08
C MET B 216 39.76 38.96 -18.73
N LEU B 217 40.78 38.52 -19.49
CA LEU B 217 41.26 37.15 -19.38
C LEU B 217 42.74 37.05 -18.98
N ASP B 218 43.37 38.16 -18.57
CA ASP B 218 44.79 38.13 -18.28
C ASP B 218 45.05 38.17 -16.78
N GLY B 219 43.97 38.23 -15.97
CA GLY B 219 44.11 38.29 -14.51
C GLY B 219 43.65 39.65 -13.98
N GLY B 220 43.44 40.60 -14.86
CA GLY B 220 43.07 41.93 -14.40
C GLY B 220 41.62 42.01 -13.93
N ALA B 221 40.76 41.12 -14.45
CA ALA B 221 39.38 41.11 -14.01
C ALA B 221 39.26 40.34 -12.68
N PRO B 222 38.61 40.94 -11.67
CA PRO B 222 38.44 40.28 -10.39
C PRO B 222 37.62 39.00 -10.43
N TYR B 223 36.84 38.85 -11.50
CA TYR B 223 36.04 37.64 -11.65
C TYR B 223 36.72 36.64 -12.57
N TYR B 224 37.96 36.91 -13.01
CA TYR B 224 38.74 35.93 -13.77
C TYR B 224 40.21 35.98 -13.31
N ASP B 225 40.47 35.29 -12.20
CA ASP B 225 41.74 35.38 -11.51
C ASP B 225 41.77 34.34 -10.42
N THR B 226 42.95 34.16 -9.82
CA THR B 226 43.09 33.36 -8.63
C THR B 226 42.99 34.26 -7.40
N TYR B 227 42.66 33.63 -6.29
CA TYR B 227 42.51 34.26 -4.98
C TYR B 227 43.15 33.31 -4.00
N GLU B 228 43.91 33.89 -3.06
CA GLU B 228 44.53 33.16 -1.96
C GLU B 228 43.52 33.00 -0.81
N CYS B 229 43.48 31.78 -0.26
CA CYS B 229 42.52 31.34 0.75
C CYS B 229 43.18 31.39 2.14
N ALA B 230 42.41 31.09 3.19
CA ALA B 230 42.90 31.25 4.56
C ALA B 230 44.12 30.38 4.79
N ASP B 231 44.23 29.27 4.05
CA ASP B 231 45.31 28.31 4.29
C ASP B 231 46.53 28.60 3.40
N GLY B 232 46.51 29.65 2.58
CA GLY B 232 47.64 29.95 1.68
C GLY B 232 47.56 29.22 0.33
N ARG B 233 46.52 28.40 0.15
CA ARG B 233 46.26 27.72 -1.10
C ARG B 233 45.32 28.59 -1.89
N TYR B 234 45.02 28.17 -3.13
CA TYR B 234 44.33 29.07 -4.06
C TYR B 234 43.06 28.45 -4.61
N VAL B 235 42.11 29.33 -4.96
CA VAL B 235 41.05 28.99 -5.90
C VAL B 235 41.21 29.84 -7.15
N ALA B 236 40.60 29.33 -8.22
CA ALA B 236 40.40 30.05 -9.45
C ALA B 236 38.91 30.41 -9.58
N VAL B 237 38.72 31.66 -9.96
CA VAL B 237 37.45 32.22 -10.28
C VAL B 237 37.43 32.54 -11.74
N GLY B 238 36.37 32.04 -12.42
CA GLY B 238 36.18 32.26 -13.84
C GLY B 238 34.77 32.69 -14.23
N ALA B 239 34.15 33.51 -13.37
CA ALA B 239 32.72 33.83 -13.45
C ALA B 239 32.46 35.03 -14.34
N ILE B 240 32.63 34.84 -15.65
CA ILE B 240 32.46 35.90 -16.63
C ILE B 240 30.97 36.27 -16.79
N GLU B 241 30.13 35.26 -17.08
CA GLU B 241 28.72 35.48 -17.37
C GLU B 241 28.06 35.96 -16.08
N PRO B 242 27.22 37.01 -16.14
CA PRO B 242 26.72 37.67 -14.94
C PRO B 242 25.94 36.73 -14.02
N GLN B 243 25.31 35.70 -14.60
CA GLN B 243 24.54 34.77 -13.81
C GLN B 243 25.47 33.87 -13.01
N PHE B 244 26.62 33.47 -13.57
CA PHE B 244 27.56 32.68 -12.78
C PHE B 244 28.21 33.56 -11.71
N TYR B 245 28.50 34.81 -12.09
CA TYR B 245 29.06 35.81 -11.18
C TYR B 245 28.12 36.01 -9.98
N ALA B 246 26.84 36.19 -10.26
CA ALA B 246 25.85 36.32 -9.18
C ALA B 246 25.88 35.11 -8.24
N ALA B 247 26.08 33.91 -8.80
CA ALA B 247 26.04 32.71 -8.00
C ALA B 247 27.25 32.66 -7.10
N MET B 248 28.40 33.11 -7.63
CA MET B 248 29.59 33.16 -6.81
C MET B 248 29.40 34.13 -5.63
N LEU B 249 28.89 35.33 -5.91
CA LEU B 249 28.71 36.31 -4.84
C LEU B 249 27.83 35.73 -3.74
N ALA B 250 26.74 35.03 -4.09
CA ALA B 250 25.86 34.50 -3.05
C ALA B 250 26.61 33.52 -2.16
N GLY B 251 27.41 32.68 -2.80
CA GLY B 251 28.16 31.69 -2.05
C GLY B 251 29.26 32.33 -1.20
N LEU B 252 29.75 33.50 -1.60
CA LEU B 252 30.74 34.19 -0.79
C LEU B 252 30.09 34.92 0.37
N GLY B 253 28.78 35.14 0.32
CA GLY B 253 28.12 35.84 1.41
C GLY B 253 28.07 37.34 1.15
N LEU B 254 28.21 37.75 -0.11
CA LEU B 254 28.32 39.13 -0.48
C LEU B 254 27.07 39.58 -1.24
N ASP B 255 26.53 40.67 -0.74
CA ASP B 255 25.33 41.27 -1.28
C ASP B 255 25.75 42.10 -2.49
N ALA B 256 25.21 41.80 -3.66
CA ALA B 256 25.61 42.45 -4.89
C ALA B 256 25.41 43.96 -4.80
N ALA B 257 24.39 44.38 -4.05
CA ALA B 257 24.05 45.78 -3.88
C ALA B 257 25.17 46.60 -3.23
N GLU B 258 26.02 45.98 -2.41
CA GLU B 258 27.12 46.61 -1.69
C GLU B 258 28.37 46.80 -2.57
N LEU B 259 28.40 46.18 -3.76
CA LEU B 259 29.66 45.99 -4.48
C LEU B 259 29.65 46.91 -5.68
N PRO B 260 30.81 47.28 -6.26
CA PRO B 260 30.81 48.00 -7.52
C PRO B 260 30.24 47.06 -8.59
N PRO B 261 29.78 47.60 -9.75
CA PRO B 261 29.39 46.78 -10.90
C PRO B 261 30.51 45.83 -11.36
N GLN B 262 30.11 44.62 -11.79
CA GLN B 262 31.02 43.57 -12.16
C GLN B 262 32.02 44.07 -13.19
N ASN B 263 31.55 44.87 -14.15
CA ASN B 263 32.36 45.27 -15.28
C ASN B 263 32.63 46.78 -15.30
N ASP B 264 32.63 47.45 -14.13
CA ASP B 264 33.12 48.82 -14.09
C ASP B 264 34.62 48.78 -13.83
N ARG B 265 35.41 48.87 -14.89
CA ARG B 265 36.83 48.53 -14.79
C ARG B 265 37.57 49.57 -13.93
N ALA B 266 37.02 50.77 -13.82
CA ALA B 266 37.63 51.81 -13.02
C ALA B 266 37.62 51.40 -11.56
N ARG B 267 36.66 50.54 -11.17
CA ARG B 267 36.50 50.10 -9.79
C ARG B 267 36.95 48.66 -9.57
N TRP B 268 37.53 48.03 -10.57
CA TRP B 268 38.04 46.70 -10.36
C TRP B 268 38.93 46.56 -9.14
N PRO B 269 39.90 47.47 -8.87
CA PRO B 269 40.73 47.33 -7.67
C PRO B 269 39.91 47.22 -6.39
N GLU B 270 38.85 48.02 -6.31
CA GLU B 270 37.96 48.08 -5.17
C GLU B 270 37.18 46.75 -5.07
N LEU B 271 36.67 46.26 -6.20
CA LEU B 271 35.93 44.99 -6.18
C LEU B 271 36.87 43.85 -5.79
N ARG B 272 38.09 43.88 -6.35
CA ARG B 272 39.08 42.85 -6.04
C ARG B 272 39.34 42.78 -4.54
N ALA B 273 39.42 43.94 -3.86
CA ALA B 273 39.76 43.94 -2.44
C ALA B 273 38.65 43.26 -1.64
N LEU B 274 37.41 43.47 -2.03
CA LEU B 274 36.28 42.88 -1.33
C LEU B 274 36.24 41.38 -1.53
N LEU B 275 36.49 40.94 -2.77
CA LEU B 275 36.51 39.51 -3.04
C LEU B 275 37.71 38.86 -2.34
N THR B 276 38.84 39.56 -2.29
CA THR B 276 40.03 39.02 -1.64
C THR B 276 39.76 38.70 -0.17
N GLU B 277 39.14 39.64 0.51
CA GLU B 277 38.83 39.49 1.93
C GLU B 277 37.88 38.32 2.13
N ALA B 278 36.90 38.18 1.24
CA ALA B 278 35.94 37.07 1.34
C ALA B 278 36.62 35.72 1.16
N PHE B 279 37.41 35.56 0.08
CA PHE B 279 38.05 34.28 -0.17
C PHE B 279 39.07 33.97 0.92
N ALA B 280 39.68 35.01 1.48
CA ALA B 280 40.72 34.83 2.50
C ALA B 280 40.18 34.27 3.81
N SER B 281 38.88 34.37 4.05
CA SER B 281 38.30 34.01 5.34
C SER B 281 38.00 32.52 5.50
N HIS B 282 38.12 31.71 4.43
CA HIS B 282 38.12 30.26 4.55
C HIS B 282 39.20 29.62 3.67
N ASP B 283 39.48 28.34 3.94
CA ASP B 283 40.50 27.57 3.25
C ASP B 283 39.98 27.07 1.90
N ARG B 284 40.89 26.54 1.09
CA ARG B 284 40.62 26.22 -0.29
C ARG B 284 39.53 25.16 -0.38
N ASP B 285 39.65 24.14 0.46
CA ASP B 285 38.80 22.96 0.30
C ASP B 285 37.37 23.30 0.71
N HIS B 286 37.24 24.25 1.66
CA HIS B 286 35.97 24.81 2.04
C HIS B 286 35.26 25.38 0.82
N TRP B 287 35.98 26.21 0.04
CA TRP B 287 35.37 26.80 -1.12
C TRP B 287 35.07 25.69 -2.13
N GLY B 288 35.93 24.66 -2.18
CA GLY B 288 35.70 23.57 -3.11
C GLY B 288 34.38 22.84 -2.85
N ALA B 289 34.07 22.64 -1.56
CA ALA B 289 32.83 22.03 -1.12
C ALA B 289 31.64 22.95 -1.40
N VAL B 290 31.68 24.18 -0.87
CA VAL B 290 30.64 25.19 -1.07
C VAL B 290 30.21 25.31 -2.53
N PHE B 291 31.16 25.27 -3.49
CA PHE B 291 30.84 25.55 -4.88
C PHE B 291 30.78 24.28 -5.74
N ALA B 292 30.92 23.10 -5.16
CA ALA B 292 30.70 21.89 -5.93
C ALA B 292 29.25 21.86 -6.42
N ASN B 293 29.08 21.46 -7.68
CA ASN B 293 27.80 21.36 -8.37
C ASN B 293 27.22 22.73 -8.72
N SER B 294 28.01 23.80 -8.47
CA SER B 294 27.62 25.17 -8.77
C SER B 294 28.09 25.62 -10.15
N ASP B 295 27.39 26.60 -10.70
CA ASP B 295 27.82 27.33 -11.88
C ASP B 295 28.59 28.61 -11.53
N ALA B 296 29.09 28.73 -10.31
CA ALA B 296 29.80 29.91 -9.85
C ALA B 296 31.19 30.04 -10.50
N CYS B 297 31.68 28.98 -11.18
CA CYS B 297 33.01 28.95 -11.82
C CYS B 297 34.14 29.23 -10.82
N VAL B 298 34.11 28.51 -9.68
CA VAL B 298 35.11 28.57 -8.63
C VAL B 298 35.64 27.15 -8.46
N THR B 299 36.97 26.95 -8.63
CA THR B 299 37.56 25.64 -8.52
C THR B 299 38.83 25.73 -7.70
N PRO B 300 39.19 24.67 -6.97
CA PRO B 300 40.46 24.65 -6.28
C PRO B 300 41.63 24.57 -7.26
N VAL B 301 42.70 25.32 -6.97
CA VAL B 301 43.93 25.27 -7.75
C VAL B 301 44.82 24.18 -7.20
N LEU B 302 44.85 23.03 -7.86
CA LEU B 302 45.61 21.88 -7.35
C LEU B 302 47.03 21.94 -7.88
N ALA B 303 47.99 21.60 -7.02
CA ALA B 303 49.33 21.29 -7.44
C ALA B 303 49.36 19.92 -8.13
N PHE B 304 50.39 19.68 -8.95
CA PHE B 304 50.50 18.42 -9.67
C PHE B 304 50.31 17.21 -8.74
N GLY B 305 50.99 17.22 -7.59
CA GLY B 305 50.98 16.11 -6.64
C GLY B 305 49.60 15.79 -6.02
N GLU B 306 48.63 16.71 -6.12
CA GLU B 306 47.28 16.55 -5.59
C GLU B 306 46.27 16.03 -6.63
N VAL B 307 46.67 16.03 -7.91
CA VAL B 307 45.73 15.82 -9.01
C VAL B 307 45.15 14.39 -8.94
N HIS B 308 46.00 13.43 -8.57
CA HIS B 308 45.60 12.04 -8.46
C HIS B 308 44.45 11.84 -7.45
N ASN B 309 44.19 12.80 -6.54
CA ASN B 309 43.13 12.62 -5.56
C ASN B 309 41.84 13.36 -5.88
N GLU B 310 41.75 14.06 -7.02
CA GLU B 310 40.54 14.78 -7.38
C GLU B 310 39.54 13.80 -8.01
N PRO B 311 38.30 13.66 -7.47
CA PRO B 311 37.33 12.71 -8.02
C PRO B 311 37.13 12.85 -9.52
N HIS B 312 36.98 14.06 -10.02
CA HIS B 312 36.67 14.19 -11.43
C HIS B 312 37.80 13.63 -12.30
N ILE B 313 39.04 13.78 -11.84
CA ILE B 313 40.21 13.29 -12.56
C ILE B 313 40.24 11.76 -12.53
N ILE B 314 40.08 11.18 -11.33
CA ILE B 314 40.09 9.75 -11.12
C ILE B 314 39.04 9.07 -11.99
N GLU B 315 37.79 9.55 -11.94
CA GLU B 315 36.70 8.79 -12.54
C GLU B 315 36.69 8.83 -14.05
N ARG B 316 37.35 9.84 -14.67
CA ARG B 316 37.41 9.91 -16.11
C ARG B 316 38.72 9.29 -16.64
N ASN B 317 39.58 8.80 -15.74
CA ASN B 317 40.88 8.24 -16.04
C ASN B 317 41.70 9.15 -16.95
N THR B 318 41.80 10.44 -16.60
CA THR B 318 42.58 11.41 -17.33
C THR B 318 44.05 11.03 -17.28
N PHE B 319 44.45 10.31 -16.21
CA PHE B 319 45.82 9.87 -16.00
C PHE B 319 45.89 8.34 -15.88
N TYR B 320 47.10 7.78 -16.02
CA TYR B 320 47.42 6.41 -15.69
C TYR B 320 48.74 6.41 -14.93
N GLU B 321 48.94 5.41 -14.07
CA GLU B 321 50.21 5.21 -13.37
C GLU B 321 51.25 4.62 -14.34
N ALA B 322 52.45 5.22 -14.40
CA ALA B 322 53.55 4.59 -15.11
C ALA B 322 54.66 4.24 -14.13
N ASN B 323 55.72 3.69 -14.71
CA ASN B 323 57.11 3.92 -14.34
C ASN B 323 57.26 4.90 -13.15
N GLY B 324 57.60 6.16 -13.43
CA GLY B 324 58.06 7.06 -12.39
C GLY B 324 56.91 7.77 -11.66
N GLY B 325 55.71 7.76 -12.28
CA GLY B 325 54.55 8.44 -11.73
C GLY B 325 53.42 8.54 -12.76
N TRP B 326 52.47 9.43 -12.47
CA TRP B 326 51.26 9.57 -13.28
C TRP B 326 51.57 10.26 -14.59
N GLN B 327 50.87 9.85 -15.65
CA GLN B 327 51.03 10.45 -16.96
C GLN B 327 49.64 10.63 -17.55
N PRO B 328 49.46 11.66 -18.40
CA PRO B 328 48.19 11.88 -19.08
C PRO B 328 47.89 10.73 -20.05
N MET B 329 46.65 10.24 -20.00
CA MET B 329 46.18 9.31 -20.98
C MET B 329 46.00 10.07 -22.28
N PRO B 330 46.00 9.37 -23.44
CA PRO B 330 45.81 10.01 -24.72
C PRO B 330 44.58 10.90 -24.77
N ALA B 331 44.66 11.93 -25.61
CA ALA B 331 43.53 12.78 -25.85
C ALA B 331 43.55 13.12 -27.32
N PRO B 332 42.41 13.45 -27.97
CA PRO B 332 41.10 13.38 -27.31
C PRO B 332 40.64 11.92 -27.36
N ARG B 333 39.34 11.66 -27.16
CA ARG B 333 38.85 10.29 -27.02
C ARG B 333 37.87 9.95 -28.15
N PHE B 334 37.79 8.64 -28.48
CA PHE B 334 37.13 8.16 -29.67
C PHE B 334 36.14 7.04 -29.28
N SER B 335 34.88 7.14 -29.69
CA SER B 335 33.86 6.17 -29.25
C SER B 335 34.12 4.77 -29.79
N ARG B 336 34.40 4.65 -31.10
CA ARG B 336 34.54 3.35 -31.78
C ARG B 336 35.99 2.83 -31.77
N THR B 337 36.96 3.63 -32.26
CA THR B 337 38.36 3.19 -32.24
C THR B 337 39.14 3.88 -31.14
N ALA B 338 39.05 3.36 -29.92
CA ALA B 338 39.60 4.01 -28.75
C ALA B 338 41.09 3.72 -28.66
N SER B 339 41.84 4.70 -28.15
CA SER B 339 43.25 4.53 -27.87
C SER B 339 43.38 3.59 -26.70
N SER B 340 44.53 2.92 -26.64
CA SER B 340 44.89 2.12 -25.49
C SER B 340 45.85 2.93 -24.65
N GLN B 341 46.10 2.40 -23.46
CA GLN B 341 47.09 2.89 -22.57
C GLN B 341 48.41 2.91 -23.32
N PRO B 342 49.21 3.98 -23.19
CA PRO B 342 50.51 4.06 -23.88
C PRO B 342 51.46 2.95 -23.53
N ARG B 343 52.21 2.49 -24.54
CA ARG B 343 53.29 1.54 -24.33
C ARG B 343 54.49 2.32 -23.82
N PRO B 344 55.15 1.88 -22.73
CA PRO B 344 56.30 2.61 -22.20
C PRO B 344 57.44 2.56 -23.20
N PRO B 345 58.41 3.49 -23.08
CA PRO B 345 59.56 3.50 -23.98
C PRO B 345 60.32 2.17 -23.83
N ALA B 346 60.51 1.45 -24.94
CA ALA B 346 61.17 0.15 -24.92
C ALA B 346 62.52 0.27 -25.62
N ALA B 347 63.44 -0.66 -25.31
CA ALA B 347 64.84 -0.51 -25.70
C ALA B 347 64.99 -0.41 -27.23
N THR B 348 66.18 0.10 -27.60
CA THR B 348 66.62 0.26 -28.97
C THR B 348 66.41 -1.03 -29.75
N ILE B 349 65.86 -0.93 -30.95
CA ILE B 349 65.74 -2.09 -31.81
C ILE B 349 66.56 -1.83 -33.08
N ASP B 350 66.68 -2.86 -33.92
CA ASP B 350 67.56 -2.80 -35.05
C ASP B 350 66.77 -2.40 -36.30
N ILE B 351 67.31 -1.41 -37.01
CA ILE B 351 66.61 -0.78 -38.10
C ILE B 351 66.14 -1.77 -39.16
N GLU B 352 66.92 -2.85 -39.38
CA GLU B 352 66.60 -3.88 -40.36
C GLU B 352 65.33 -4.63 -39.95
N ALA B 353 65.23 -4.98 -38.65
CA ALA B 353 64.01 -5.52 -38.06
C ALA B 353 62.78 -4.74 -38.51
N VAL B 354 62.83 -3.41 -38.38
CA VAL B 354 61.68 -2.59 -38.71
C VAL B 354 61.39 -2.71 -40.20
N LEU B 355 62.45 -2.74 -41.00
CA LEU B 355 62.28 -2.85 -42.45
C LEU B 355 61.64 -4.20 -42.80
N THR B 356 62.07 -5.29 -42.14
CA THR B 356 61.43 -6.59 -42.34
C THR B 356 59.92 -6.44 -42.07
N ASP B 357 59.60 -6.14 -40.81
CA ASP B 357 58.27 -5.84 -40.31
C ASP B 357 57.43 -5.03 -41.30
N TRP B 358 58.00 -3.96 -41.89
CA TRP B 358 57.25 -3.07 -42.78
C TRP B 358 57.28 -3.54 -44.25
N ASP B 359 58.40 -4.17 -44.65
CA ASP B 359 58.92 -4.16 -46.02
C ASP B 359 59.64 -2.82 -46.29
N MET C 1 -27.24 -28.50 60.33
CA MET C 1 -25.76 -28.35 60.13
C MET C 1 -25.19 -27.43 61.22
N ALA C 2 -24.20 -27.94 61.96
CA ALA C 2 -23.65 -27.26 63.11
C ALA C 2 -22.65 -26.18 62.67
N GLY C 3 -22.73 -24.99 63.29
CA GLY C 3 -21.61 -24.08 63.30
C GLY C 3 -22.07 -22.68 62.95
N PRO C 4 -21.20 -21.67 62.99
CA PRO C 4 -21.64 -20.30 62.79
C PRO C 4 -22.06 -19.97 61.36
N LEU C 5 -21.68 -20.82 60.39
CA LEU C 5 -22.01 -20.57 58.99
C LEU C 5 -23.16 -21.48 58.52
N SER C 6 -23.87 -22.13 59.46
CA SER C 6 -25.15 -22.75 59.17
C SER C 6 -26.00 -21.78 58.36
N GLY C 7 -26.51 -22.26 57.23
CA GLY C 7 -27.33 -21.43 56.37
C GLY C 7 -26.60 -20.92 55.12
N LEU C 8 -25.27 -20.80 55.15
CA LEU C 8 -24.53 -20.25 54.01
C LEU C 8 -24.36 -21.33 52.94
N ARG C 9 -24.63 -20.97 51.68
CA ARG C 9 -24.56 -21.93 50.59
C ARG C 9 -23.39 -21.59 49.67
N VAL C 10 -22.61 -22.61 49.32
CA VAL C 10 -21.35 -22.36 48.61
C VAL C 10 -21.27 -23.29 47.42
N VAL C 11 -20.99 -22.69 46.25
CA VAL C 11 -20.64 -23.52 45.11
C VAL C 11 -19.15 -23.38 44.81
N GLU C 12 -18.51 -24.55 44.76
CA GLU C 12 -17.08 -24.70 44.56
C GLU C 12 -16.85 -25.40 43.23
N LEU C 13 -16.22 -24.70 42.29
CA LEU C 13 -15.69 -25.34 41.09
C LEU C 13 -14.36 -26.04 41.40
N ALA C 14 -14.35 -27.37 41.30
CA ALA C 14 -13.26 -28.18 41.81
C ALA C 14 -11.93 -27.73 41.20
N GLY C 15 -10.94 -27.47 42.06
CA GLY C 15 -9.58 -27.14 41.67
C GLY C 15 -8.63 -27.80 42.67
N ILE C 16 -7.41 -27.25 42.83
CA ILE C 16 -6.42 -27.87 43.71
C ILE C 16 -5.81 -26.79 44.62
N GLY C 17 -5.44 -27.19 45.84
CA GLY C 17 -4.71 -26.31 46.73
C GLY C 17 -5.63 -25.38 47.51
N PRO C 18 -5.53 -24.06 47.31
CA PRO C 18 -6.22 -23.11 48.18
C PRO C 18 -7.74 -23.09 48.09
N GLY C 19 -8.31 -23.31 46.89
CA GLY C 19 -9.74 -23.19 46.71
C GLY C 19 -10.45 -24.26 47.53
N PRO C 20 -10.04 -25.52 47.39
CA PRO C 20 -10.63 -26.58 48.20
C PRO C 20 -10.38 -26.48 49.70
N HIS C 21 -9.30 -25.80 50.11
CA HIS C 21 -9.01 -25.60 51.52
C HIS C 21 -9.98 -24.57 52.09
N ALA C 22 -10.17 -23.48 51.35
CA ALA C 22 -11.14 -22.48 51.75
C ALA C 22 -12.54 -23.09 51.83
N ALA C 23 -12.90 -23.93 50.84
CA ALA C 23 -14.22 -24.53 50.81
C ALA C 23 -14.35 -25.48 51.99
N MET C 24 -13.30 -26.28 52.25
CA MET C 24 -13.26 -27.18 53.40
C MET C 24 -13.56 -26.40 54.69
N ILE C 25 -12.94 -25.23 54.85
CA ILE C 25 -13.08 -24.49 56.10
C ILE C 25 -14.49 -23.90 56.23
N LEU C 26 -15.08 -23.45 55.12
CA LEU C 26 -16.43 -22.91 55.17
C LEU C 26 -17.34 -24.03 55.61
N GLY C 27 -17.13 -25.22 55.03
CA GLY C 27 -17.93 -26.39 55.33
C GLY C 27 -17.72 -26.86 56.76
N ASP C 28 -16.50 -26.66 57.29
CA ASP C 28 -16.15 -27.18 58.60
C ASP C 28 -16.97 -26.44 59.63
N LEU C 29 -17.20 -25.15 59.36
CA LEU C 29 -17.91 -24.23 60.23
C LEU C 29 -19.43 -24.17 59.93
N GLY C 30 -19.91 -25.13 59.14
CA GLY C 30 -21.35 -25.40 58.97
C GLY C 30 -21.94 -24.96 57.63
N ALA C 31 -21.12 -24.49 56.68
CA ALA C 31 -21.64 -24.09 55.38
C ALA C 31 -22.00 -25.31 54.56
N ASP C 32 -22.97 -25.07 53.67
CA ASP C 32 -23.50 -26.09 52.78
C ASP C 32 -22.71 -25.98 51.48
N VAL C 33 -21.84 -26.96 51.23
CA VAL C 33 -20.83 -26.79 50.20
C VAL C 33 -21.07 -27.83 49.12
N VAL C 34 -21.33 -27.30 47.91
CA VAL C 34 -21.47 -28.19 46.78
C VAL C 34 -20.31 -27.97 45.81
N ARG C 35 -19.59 -29.07 45.58
CA ARG C 35 -18.41 -29.06 44.75
C ARG C 35 -18.75 -29.76 43.45
N ILE C 36 -18.57 -29.02 42.36
CA ILE C 36 -18.77 -29.53 41.00
C ILE C 36 -17.44 -29.98 40.43
N ASP C 37 -17.30 -31.28 40.16
CA ASP C 37 -16.12 -31.84 39.51
C ASP C 37 -16.44 -32.41 38.12
N ARG C 38 -15.40 -32.73 37.35
CA ARG C 38 -15.52 -33.40 36.06
C ARG C 38 -15.94 -34.86 36.25
N PRO C 39 -16.85 -35.39 35.39
CA PRO C 39 -17.20 -36.82 35.43
C PRO C 39 -15.95 -37.69 35.33
N SER C 40 -14.98 -37.26 34.51
CA SER C 40 -13.77 -38.01 34.24
C SER C 40 -12.93 -38.21 35.50
N SER C 41 -13.09 -37.34 36.50
CA SER C 41 -12.20 -37.33 37.67
C SER C 41 -12.67 -38.30 38.76
N VAL C 42 -13.95 -38.28 39.17
CA VAL C 42 -14.44 -39.15 40.24
C VAL C 42 -14.66 -40.56 39.69
N ASP C 43 -14.67 -41.56 40.59
CA ASP C 43 -14.86 -42.97 40.22
C ASP C 43 -15.22 -43.81 41.46
N GLY C 44 -14.66 -43.46 42.63
CA GLY C 44 -15.13 -43.92 43.92
C GLY C 44 -15.48 -42.75 44.84
N ILE C 45 -15.49 -42.99 46.16
CA ILE C 45 -15.54 -41.90 47.14
C ILE C 45 -14.11 -41.39 47.32
N SER C 46 -13.93 -40.07 47.38
CA SER C 46 -12.59 -39.50 47.42
C SER C 46 -11.90 -39.95 48.71
N ARG C 47 -10.61 -40.28 48.62
CA ARG C 47 -9.88 -40.56 49.84
C ARG C 47 -9.14 -39.31 50.31
N ASP C 48 -9.41 -38.15 49.70
CA ASP C 48 -8.81 -36.89 50.14
C ASP C 48 -9.63 -36.31 51.29
N ALA C 49 -9.10 -36.41 52.53
CA ALA C 49 -9.77 -35.84 53.70
C ALA C 49 -10.00 -34.34 53.54
N MET C 50 -9.28 -33.68 52.62
CA MET C 50 -9.57 -32.26 52.39
C MET C 50 -10.98 -32.05 51.83
N LEU C 51 -11.57 -33.11 51.26
CA LEU C 51 -12.90 -33.00 50.65
C LEU C 51 -14.01 -33.36 51.64
N ARG C 52 -13.72 -33.24 52.94
CA ARG C 52 -14.72 -33.48 53.96
C ARG C 52 -15.74 -32.35 53.90
N ASN C 53 -16.92 -32.58 54.49
CA ASN C 53 -17.95 -31.56 54.65
C ASN C 53 -18.41 -30.99 53.30
N ARG C 54 -18.57 -31.88 52.30
CA ARG C 54 -19.00 -31.53 50.95
C ARG C 54 -20.13 -32.45 50.47
N ARG C 55 -20.90 -31.91 49.51
CA ARG C 55 -21.57 -32.73 48.50
C ARG C 55 -20.83 -32.58 47.16
N ILE C 56 -20.39 -33.71 46.60
CA ILE C 56 -19.66 -33.77 45.34
C ILE C 56 -20.66 -34.06 44.23
N VAL C 57 -20.80 -33.12 43.27
CA VAL C 57 -21.58 -33.36 42.07
C VAL C 57 -20.68 -33.29 40.84
N THR C 58 -21.00 -34.15 39.87
CA THR C 58 -20.32 -34.27 38.58
C THR C 58 -21.06 -33.44 37.53
N ALA C 59 -20.32 -32.91 36.55
CA ALA C 59 -20.89 -32.14 35.46
C ALA C 59 -19.78 -31.69 34.51
N ASP C 60 -19.99 -31.95 33.22
CA ASP C 60 -19.20 -31.33 32.16
C ASP C 60 -19.71 -29.91 31.97
N LEU C 61 -18.90 -28.93 32.39
CA LEU C 61 -19.23 -27.52 32.30
C LEU C 61 -19.02 -26.99 30.89
N LYS C 62 -18.54 -27.84 30.00
CA LYS C 62 -18.40 -27.44 28.61
C LYS C 62 -19.67 -27.81 27.84
N SER C 63 -20.45 -28.80 28.31
CA SER C 63 -21.72 -29.12 27.68
C SER C 63 -22.76 -28.07 28.06
N ASP C 64 -23.81 -27.93 27.24
CA ASP C 64 -24.81 -26.88 27.44
C ASP C 64 -25.66 -27.20 28.67
N GLN C 65 -25.83 -28.50 28.93
CA GLN C 65 -26.59 -28.99 30.06
C GLN C 65 -25.83 -28.77 31.37
N GLY C 66 -24.60 -29.32 31.44
CA GLY C 66 -23.62 -29.01 32.47
C GLY C 66 -23.62 -27.52 32.85
N LEU C 67 -23.48 -26.62 31.87
CA LEU C 67 -23.46 -25.19 32.16
C LEU C 67 -24.77 -24.76 32.83
N GLU C 68 -25.87 -25.41 32.44
CA GLU C 68 -27.19 -24.95 32.85
C GLU C 68 -27.47 -25.41 34.27
N LEU C 69 -27.20 -26.69 34.57
CA LEU C 69 -27.28 -27.20 35.93
C LEU C 69 -26.41 -26.34 36.86
N ALA C 70 -25.21 -25.94 36.42
CA ALA C 70 -24.32 -25.14 37.24
C ALA C 70 -24.91 -23.77 37.51
N LEU C 71 -25.51 -23.13 36.50
CA LEU C 71 -26.08 -21.79 36.71
C LEU C 71 -27.28 -21.82 37.65
N LYS C 72 -28.03 -22.94 37.72
CA LYS C 72 -29.18 -23.01 38.62
C LYS C 72 -28.72 -23.20 40.06
N LEU C 73 -27.68 -24.03 40.29
CA LEU C 73 -27.02 -24.11 41.59
C LEU C 73 -26.58 -22.71 42.00
N ILE C 74 -25.89 -21.99 41.12
CA ILE C 74 -25.28 -20.74 41.49
C ILE C 74 -26.35 -19.69 41.83
N ALA C 75 -27.53 -19.80 41.19
CA ALA C 75 -28.60 -18.82 41.34
C ALA C 75 -29.15 -18.87 42.78
N LYS C 76 -29.18 -20.08 43.32
CA LYS C 76 -29.68 -20.43 44.64
C LYS C 76 -28.61 -20.31 45.75
N ALA C 77 -27.44 -19.68 45.50
CA ALA C 77 -26.30 -19.82 46.41
C ALA C 77 -25.75 -18.46 46.81
N ASP C 78 -24.98 -18.41 47.90
CA ASP C 78 -24.42 -17.16 48.38
C ASP C 78 -23.00 -16.93 47.87
N VAL C 79 -22.26 -18.02 47.61
CA VAL C 79 -20.85 -17.87 47.28
C VAL C 79 -20.43 -18.84 46.17
N LEU C 80 -19.62 -18.28 45.26
CA LEU C 80 -18.96 -19.08 44.22
C LEU C 80 -17.46 -19.01 44.47
N ILE C 81 -16.84 -20.20 44.54
CA ILE C 81 -15.39 -20.35 44.61
C ILE C 81 -14.88 -20.98 43.32
N GLU C 82 -13.95 -20.28 42.65
CA GLU C 82 -13.17 -20.87 41.57
C GLU C 82 -11.69 -20.51 41.69
N GLY C 83 -10.85 -21.48 41.31
CA GLY C 83 -9.41 -21.29 41.35
C GLY C 83 -8.70 -21.63 40.04
N TYR C 84 -9.30 -21.26 38.92
CA TYR C 84 -8.69 -21.50 37.63
C TYR C 84 -7.96 -20.22 37.22
N ARG C 85 -7.20 -20.32 36.10
CA ARG C 85 -6.53 -19.16 35.53
C ARG C 85 -7.59 -18.13 35.12
N PRO C 86 -7.30 -16.83 35.17
CA PRO C 86 -8.24 -15.80 34.74
C PRO C 86 -8.68 -16.07 33.30
N GLY C 87 -9.97 -15.85 33.01
CA GLY C 87 -10.55 -16.08 31.71
C GLY C 87 -11.27 -17.42 31.66
N VAL C 88 -10.94 -18.34 32.55
CA VAL C 88 -11.44 -19.70 32.38
C VAL C 88 -12.94 -19.77 32.66
N THR C 89 -13.40 -19.10 33.71
CA THR C 89 -14.82 -19.21 34.01
C THR C 89 -15.61 -18.35 33.02
N GLU C 90 -15.05 -17.19 32.63
CA GLU C 90 -15.65 -16.39 31.58
C GLU C 90 -15.98 -17.27 30.36
N ARG C 91 -14.96 -18.01 29.90
CA ARG C 91 -15.05 -18.85 28.72
C ARG C 91 -16.13 -19.89 28.92
N LEU C 92 -16.24 -20.48 30.12
CA LEU C 92 -17.19 -21.56 30.32
C LEU C 92 -18.63 -21.04 30.25
N GLY C 93 -18.82 -19.73 30.38
CA GLY C 93 -20.16 -19.18 30.62
C GLY C 93 -20.48 -19.01 32.11
N LEU C 94 -19.45 -18.97 32.99
CA LEU C 94 -19.63 -18.93 34.44
C LEU C 94 -18.83 -17.79 35.05
N GLY C 95 -18.58 -16.75 34.28
CA GLY C 95 -17.82 -15.61 34.75
C GLY C 95 -18.68 -14.74 35.66
N PRO C 96 -18.11 -13.71 36.32
CA PRO C 96 -18.87 -12.88 37.25
C PRO C 96 -20.12 -12.30 36.61
N GLU C 97 -19.96 -11.71 35.41
CA GLU C 97 -21.03 -10.94 34.77
C GLU C 97 -22.21 -11.86 34.46
N GLU C 98 -21.92 -13.06 33.98
CA GLU C 98 -22.99 -14.01 33.75
C GLU C 98 -23.63 -14.48 35.06
N CYS C 99 -22.83 -14.70 36.10
CA CYS C 99 -23.32 -15.18 37.38
C CYS C 99 -24.18 -14.07 38.02
N ALA C 100 -23.75 -12.82 37.86
CA ALA C 100 -24.49 -11.67 38.34
C ALA C 100 -25.90 -11.63 37.75
N LYS C 101 -26.03 -12.01 36.47
CA LYS C 101 -27.31 -12.02 35.79
C LYS C 101 -28.31 -12.93 36.50
N VAL C 102 -27.89 -14.10 37.03
CA VAL C 102 -28.83 -15.00 37.68
C VAL C 102 -28.88 -14.82 39.19
N ASN C 103 -28.14 -13.86 39.76
CA ASN C 103 -27.94 -13.78 41.22
C ASN C 103 -27.04 -12.60 41.53
N ASP C 104 -27.65 -11.42 41.71
CA ASP C 104 -26.87 -10.19 41.90
C ASP C 104 -26.38 -10.12 43.36
N ARG C 105 -26.67 -11.16 44.14
CA ARG C 105 -26.27 -11.14 45.53
C ARG C 105 -24.96 -11.89 45.71
N LEU C 106 -24.48 -12.57 44.64
CA LEU C 106 -23.44 -13.58 44.76
C LEU C 106 -22.12 -12.96 45.23
N ILE C 107 -21.43 -13.67 46.14
CA ILE C 107 -20.01 -13.43 46.40
C ILE C 107 -19.20 -14.34 45.47
N TYR C 108 -18.50 -13.68 44.54
CA TYR C 108 -17.78 -14.36 43.47
C TYR C 108 -16.31 -14.31 43.83
N ALA C 109 -15.81 -15.46 44.30
CA ALA C 109 -14.47 -15.53 44.87
C ALA C 109 -13.51 -16.25 43.92
N ARG C 110 -12.47 -15.51 43.53
CA ARG C 110 -11.45 -15.94 42.57
C ARG C 110 -10.08 -16.14 43.23
N MET C 111 -9.64 -17.39 43.25
CA MET C 111 -8.44 -17.81 43.98
C MET C 111 -7.34 -18.09 42.96
N THR C 112 -6.36 -17.20 42.88
CA THR C 112 -5.23 -17.38 41.98
C THR C 112 -3.93 -17.13 42.74
N GLY C 113 -2.82 -17.39 42.06
CA GLY C 113 -1.51 -17.09 42.58
C GLY C 113 -1.07 -15.68 42.21
N TRP C 114 -1.19 -15.36 40.91
CA TRP C 114 -0.61 -14.13 40.41
C TRP C 114 -1.62 -13.00 40.32
N GLY C 115 -2.90 -13.32 40.47
CA GLY C 115 -3.95 -12.32 40.38
C GLY C 115 -4.66 -12.33 39.02
N GLN C 116 -5.58 -11.38 38.83
CA GLN C 116 -6.52 -11.45 37.72
C GLN C 116 -5.93 -10.81 36.48
N THR C 117 -4.98 -9.88 36.64
CA THR C 117 -4.33 -9.24 35.52
C THR C 117 -2.83 -9.15 35.76
N GLY C 118 -2.11 -8.69 34.74
CA GLY C 118 -0.70 -8.34 34.80
C GLY C 118 0.12 -9.41 34.09
N PRO C 119 1.43 -9.18 33.98
CA PRO C 119 2.29 -10.00 33.10
C PRO C 119 2.43 -11.49 33.41
N ARG C 120 2.22 -11.88 34.70
CA ARG C 120 2.38 -13.27 35.11
C ARG C 120 1.03 -13.95 35.21
N SER C 121 -0.05 -13.26 34.82
CA SER C 121 -1.38 -13.69 35.21
C SER C 121 -1.83 -14.96 34.51
N GLN C 122 -1.14 -15.36 33.42
CA GLN C 122 -1.46 -16.64 32.81
C GLN C 122 -0.36 -17.69 33.00
N GLN C 123 0.71 -17.36 33.71
CA GLN C 123 1.76 -18.32 34.00
C GLN C 123 1.26 -19.38 35.00
N ALA C 124 1.42 -20.66 34.65
CA ALA C 124 1.28 -21.72 35.64
C ALA C 124 2.22 -21.42 36.82
N GLY C 125 1.82 -21.92 37.98
CA GLY C 125 2.69 -21.82 39.14
C GLY C 125 2.20 -22.67 40.30
N HIS C 126 3.05 -22.70 41.32
CA HIS C 126 2.73 -23.31 42.59
C HIS C 126 3.24 -22.38 43.70
N ASP C 127 2.94 -22.78 44.93
CA ASP C 127 3.28 -22.05 46.15
C ASP C 127 4.68 -21.45 46.06
N ILE C 128 5.67 -22.30 45.75
CA ILE C 128 7.05 -21.88 45.81
C ILE C 128 7.31 -20.72 44.85
N ASN C 129 6.58 -20.65 43.72
CA ASN C 129 6.74 -19.58 42.75
C ASN C 129 6.23 -18.27 43.33
N TYR C 130 5.02 -18.30 43.91
CA TYR C 130 4.37 -17.07 44.37
C TYR C 130 5.20 -16.43 45.48
N ILE C 131 5.72 -17.25 46.40
CA ILE C 131 6.51 -16.73 47.51
C ILE C 131 7.94 -16.39 47.09
N SER C 132 8.38 -16.78 45.88
CA SER C 132 9.72 -16.43 45.46
C SER C 132 9.80 -14.96 45.04
N LEU C 133 8.68 -14.43 44.54
CA LEU C 133 8.70 -13.14 43.85
C LEU C 133 8.53 -11.98 44.83
N ASN C 134 8.07 -12.25 46.06
CA ASN C 134 7.67 -11.17 46.95
C ASN C 134 8.58 -11.12 48.17
N GLY C 135 9.69 -11.88 48.15
CA GLY C 135 10.76 -11.78 49.13
C GLY C 135 10.68 -12.84 50.22
N ILE C 136 9.58 -13.57 50.27
CA ILE C 136 9.37 -14.50 51.36
C ILE C 136 10.34 -15.67 51.33
N LEU C 137 10.36 -16.38 50.20
CA LEU C 137 11.17 -17.58 50.09
C LEU C 137 12.62 -17.25 50.37
N HIS C 138 13.08 -16.10 49.93
CA HIS C 138 14.48 -15.77 50.11
C HIS C 138 14.87 -15.70 51.57
N ALA C 139 13.91 -15.39 52.44
CA ALA C 139 14.13 -15.17 53.86
C ALA C 139 14.16 -16.47 54.67
N ILE C 140 13.79 -17.62 54.06
CA ILE C 140 13.58 -18.87 54.80
C ILE C 140 14.73 -19.86 54.58
N GLY C 141 15.31 -20.32 55.70
CA GLY C 141 16.38 -21.30 55.67
C GLY C 141 17.66 -20.79 56.34
N ARG C 142 18.65 -21.67 56.41
CA ARG C 142 19.94 -21.29 56.99
C ARG C 142 20.71 -20.42 56.01
N GLY C 143 21.63 -19.61 56.56
CA GLY C 143 22.31 -18.60 55.79
C GLY C 143 23.31 -19.19 54.80
N ASP C 144 23.79 -20.39 55.05
CA ASP C 144 24.88 -20.88 54.22
C ASP C 144 24.31 -21.88 53.22
N GLU C 145 23.02 -21.75 52.92
CA GLU C 145 22.36 -22.73 52.08
C GLU C 145 21.29 -22.06 51.26
N ARG C 146 20.86 -22.77 50.22
CA ARG C 146 19.83 -22.21 49.38
C ARG C 146 18.49 -22.23 50.12
N PRO C 147 17.56 -21.33 49.77
CA PRO C 147 16.32 -21.21 50.52
C PRO C 147 15.52 -22.50 50.45
N VAL C 148 14.80 -22.77 51.53
CA VAL C 148 14.04 -24.01 51.61
C VAL C 148 12.56 -23.67 51.63
N PRO C 149 11.73 -24.43 50.91
CA PRO C 149 10.31 -24.08 50.88
C PRO C 149 9.69 -24.49 52.22
N PRO C 150 8.88 -23.60 52.81
CA PRO C 150 8.11 -23.92 54.00
C PRO C 150 6.85 -24.71 53.66
N LEU C 151 7.08 -25.93 53.18
CA LEU C 151 6.08 -26.69 52.47
C LEU C 151 5.30 -25.71 51.58
N ASN C 152 3.99 -25.92 51.42
CA ASN C 152 3.13 -25.02 50.67
C ASN C 152 2.17 -24.29 51.61
N LEU C 153 2.66 -23.94 52.81
CA LEU C 153 1.85 -23.34 53.87
C LEU C 153 1.64 -21.85 53.70
N VAL C 154 2.64 -21.14 53.14
CA VAL C 154 2.64 -19.70 53.15
C VAL C 154 1.91 -19.13 51.93
N GLY C 155 2.08 -19.72 50.74
CA GLY C 155 1.40 -19.18 49.57
C GLY C 155 -0.02 -19.70 49.44
N ASP C 156 -0.15 -21.02 49.41
CA ASP C 156 -1.43 -21.68 49.24
C ASP C 156 -2.40 -21.36 50.38
N PHE C 157 -1.93 -21.52 51.63
CA PHE C 157 -2.90 -21.59 52.73
C PHE C 157 -2.88 -20.28 53.50
N GLY C 158 -1.76 -19.94 54.13
CA GLY C 158 -1.68 -18.74 54.92
C GLY C 158 -2.02 -17.49 54.12
N GLY C 159 -1.42 -17.37 52.94
CA GLY C 159 -1.55 -16.17 52.15
C GLY C 159 -2.52 -16.38 50.98
N GLY C 160 -3.20 -17.51 50.97
CA GLY C 160 -4.04 -17.92 49.84
C GLY C 160 -5.48 -18.16 50.26
N SER C 161 -5.80 -19.41 50.62
CA SER C 161 -7.13 -19.79 51.08
C SER C 161 -7.59 -18.89 52.22
N MET C 162 -6.69 -18.52 53.14
CA MET C 162 -7.15 -17.78 54.31
C MET C 162 -7.55 -16.38 53.90
N PHE C 163 -6.87 -15.78 52.91
CA PHE C 163 -7.29 -14.48 52.42
C PHE C 163 -8.56 -14.60 51.57
N LEU C 164 -8.76 -15.72 50.88
CA LEU C 164 -10.00 -15.93 50.15
C LEU C 164 -11.16 -15.90 51.13
N LEU C 165 -11.00 -16.66 52.23
CA LEU C 165 -11.97 -16.73 53.32
C LEU C 165 -12.24 -15.36 53.91
N VAL C 166 -11.22 -14.59 54.24
CA VAL C 166 -11.49 -13.28 54.80
C VAL C 166 -12.25 -12.39 53.82
N GLY C 167 -11.97 -12.51 52.52
CA GLY C 167 -12.72 -11.74 51.52
C GLY C 167 -14.17 -12.21 51.40
N ILE C 168 -14.39 -13.51 51.34
CA ILE C 168 -15.75 -13.97 51.30
C ILE C 168 -16.56 -13.40 52.47
N LEU C 169 -16.02 -13.56 53.68
CA LEU C 169 -16.80 -13.28 54.88
C LEU C 169 -16.95 -11.78 55.04
N ALA C 170 -15.95 -11.00 54.61
CA ALA C 170 -16.01 -9.56 54.74
C ALA C 170 -16.99 -8.98 53.70
N ALA C 171 -17.05 -9.59 52.51
CA ALA C 171 -18.01 -9.19 51.51
C ALA C 171 -19.42 -9.61 51.93
N LEU C 172 -19.59 -10.74 52.62
CA LEU C 172 -20.88 -11.12 53.19
C LEU C 172 -21.37 -10.09 54.21
N TRP C 173 -20.49 -9.59 55.06
CA TRP C 173 -20.84 -8.49 55.95
C TRP C 173 -21.33 -7.28 55.13
N GLU C 174 -20.52 -6.82 54.18
CA GLU C 174 -20.85 -5.67 53.34
C GLU C 174 -22.23 -5.85 52.72
N ARG C 175 -22.56 -7.07 52.32
CA ARG C 175 -23.81 -7.39 51.65
C ARG C 175 -25.02 -7.16 52.55
N GLN C 176 -24.82 -7.25 53.88
CA GLN C 176 -25.87 -7.00 54.85
C GLN C 176 -26.39 -5.57 54.66
N SER C 177 -25.51 -4.56 54.62
CA SER C 177 -25.89 -3.21 54.23
C SER C 177 -26.52 -3.20 52.85
N SER C 178 -25.71 -3.49 51.81
CA SER C 178 -25.96 -3.03 50.45
C SER C 178 -26.92 -3.91 49.65
N GLY C 179 -27.23 -5.12 50.11
CA GLY C 179 -28.03 -6.08 49.37
C GLY C 179 -27.35 -6.67 48.12
N LYS C 180 -26.10 -6.26 47.86
CA LYS C 180 -25.33 -6.55 46.64
C LYS C 180 -24.11 -7.47 46.90
N GLY C 181 -23.88 -8.41 45.99
CA GLY C 181 -22.61 -9.13 45.92
C GLY C 181 -21.45 -8.31 45.36
N GLN C 182 -20.32 -8.99 45.15
CA GLN C 182 -19.20 -8.44 44.41
C GLN C 182 -18.16 -9.56 44.19
N VAL C 183 -17.05 -9.18 43.56
CA VAL C 183 -15.99 -10.12 43.24
C VAL C 183 -14.87 -9.95 44.27
N VAL C 184 -14.41 -11.09 44.80
CA VAL C 184 -13.22 -11.13 45.63
C VAL C 184 -12.04 -11.71 44.84
N ASP C 185 -11.00 -10.91 44.74
CA ASP C 185 -9.78 -11.21 44.02
C ASP C 185 -8.67 -11.49 45.05
N ALA C 186 -8.51 -12.77 45.36
CA ALA C 186 -7.46 -13.25 46.26
C ALA C 186 -6.31 -13.87 45.48
N ALA C 187 -5.22 -13.12 45.37
CA ALA C 187 -3.98 -13.60 44.80
C ALA C 187 -2.98 -14.00 45.91
N MET C 188 -2.42 -15.21 45.84
CA MET C 188 -1.42 -15.65 46.82
C MET C 188 -0.26 -14.66 46.96
N VAL C 189 0.15 -14.04 45.85
CA VAL C 189 1.25 -13.09 45.89
C VAL C 189 0.90 -11.89 46.76
N ASP C 190 -0.39 -11.54 46.86
CA ASP C 190 -0.81 -10.39 47.68
C ASP C 190 -0.99 -10.83 49.14
N GLY C 191 -1.76 -11.92 49.34
CA GLY C 191 -2.10 -12.43 50.65
C GLY C 191 -0.84 -12.77 51.45
N SER C 192 0.10 -13.48 50.79
CA SER C 192 1.32 -13.91 51.46
C SER C 192 2.10 -12.66 51.85
N SER C 193 2.00 -11.59 51.06
CA SER C 193 2.73 -10.36 51.35
C SER C 193 2.19 -9.65 52.60
N VAL C 194 0.87 -9.66 52.77
CA VAL C 194 0.25 -9.14 53.98
C VAL C 194 0.52 -10.07 55.16
N LEU C 195 0.55 -11.38 54.90
CA LEU C 195 0.87 -12.33 55.94
C LEU C 195 2.24 -12.02 56.56
N ILE C 196 3.18 -11.51 55.73
CA ILE C 196 4.52 -11.23 56.19
C ILE C 196 4.72 -9.75 56.46
N GLN C 197 3.65 -8.98 56.64
CA GLN C 197 3.77 -7.55 56.97
C GLN C 197 4.72 -7.26 58.14
N MET C 198 4.76 -8.11 59.17
CA MET C 198 5.65 -7.83 60.29
C MET C 198 7.07 -7.60 59.81
N MET C 199 7.47 -8.39 58.78
CA MET C 199 8.85 -8.34 58.36
C MET C 199 9.11 -7.03 57.62
N TRP C 200 8.15 -6.60 56.80
CA TRP C 200 8.26 -5.33 56.12
C TRP C 200 8.28 -4.18 57.14
N ALA C 201 7.52 -4.31 58.22
CA ALA C 201 7.52 -3.29 59.28
C ALA C 201 8.88 -3.25 59.98
N MET C 202 9.42 -4.43 60.30
CA MET C 202 10.69 -4.51 61.00
C MET C 202 11.84 -4.04 60.11
N ARG C 203 11.66 -4.19 58.80
CA ARG C 203 12.70 -3.84 57.85
C ARG C 203 12.80 -2.32 57.73
N ALA C 204 11.68 -1.62 57.80
CA ALA C 204 11.66 -0.16 57.72
C ALA C 204 12.29 0.49 58.96
N THR C 205 12.26 -0.20 60.10
CA THR C 205 12.84 0.34 61.32
C THR C 205 14.23 -0.25 61.57
N GLY C 206 14.88 -0.84 60.56
CA GLY C 206 16.21 -1.42 60.76
C GLY C 206 16.24 -2.65 61.68
N MET C 207 15.11 -3.32 61.95
CA MET C 207 15.17 -4.51 62.79
C MET C 207 15.02 -5.82 61.98
N TRP C 208 15.20 -5.77 60.66
CA TRP C 208 15.14 -6.97 59.84
C TRP C 208 16.04 -6.75 58.63
N THR C 209 16.97 -7.68 58.34
CA THR C 209 17.88 -7.55 57.20
C THR C 209 17.60 -8.63 56.16
N ASP C 210 17.98 -8.35 54.91
CA ASP C 210 17.68 -9.23 53.79
C ASP C 210 18.64 -10.42 53.85
N THR C 211 19.59 -10.39 54.78
CA THR C 211 20.48 -11.51 54.98
C THR C 211 19.76 -12.69 55.64
N ARG C 212 19.88 -13.85 55.02
CA ARG C 212 19.21 -15.04 55.47
C ARG C 212 19.94 -15.63 56.67
N GLY C 213 19.18 -16.09 57.66
CA GLY C 213 19.75 -16.72 58.85
C GLY C 213 20.40 -15.72 59.79
N ALA C 214 20.07 -14.43 59.68
CA ALA C 214 20.68 -13.42 60.53
C ALA C 214 19.65 -12.53 61.22
N ASN C 215 18.47 -13.03 61.55
CA ASN C 215 17.43 -12.19 62.14
C ASN C 215 16.87 -12.84 63.41
N MET C 216 15.97 -12.12 64.08
CA MET C 216 15.47 -12.61 65.35
C MET C 216 14.58 -13.83 65.15
N LEU C 217 13.88 -13.90 64.01
CA LEU C 217 12.85 -14.92 63.86
C LEU C 217 13.11 -15.90 62.71
N ASP C 218 14.31 -15.92 62.10
CA ASP C 218 14.55 -16.79 60.96
C ASP C 218 15.40 -17.99 61.32
N GLY C 219 15.78 -18.08 62.60
CA GLY C 219 16.64 -19.11 63.10
C GLY C 219 18.04 -18.59 63.40
N GLY C 220 18.31 -17.32 63.06
CA GLY C 220 19.58 -16.66 63.36
C GLY C 220 19.85 -16.46 64.87
N ALA C 221 18.78 -16.22 65.64
CA ALA C 221 18.89 -15.94 67.06
C ALA C 221 19.02 -17.26 67.82
N PRO C 222 20.06 -17.42 68.66
CA PRO C 222 20.20 -18.66 69.41
C PRO C 222 19.03 -18.98 70.34
N TYR C 223 18.26 -17.94 70.71
CA TYR C 223 17.12 -18.11 71.60
C TYR C 223 15.80 -18.29 70.84
N TYR C 224 15.88 -18.38 69.50
CA TYR C 224 14.72 -18.66 68.66
C TYR C 224 15.16 -19.60 67.54
N ASP C 225 15.17 -20.90 67.84
CA ASP C 225 15.72 -21.92 66.96
C ASP C 225 15.47 -23.30 67.55
N THR C 226 15.82 -24.34 66.78
CA THR C 226 15.76 -25.69 67.28
C THR C 226 17.14 -26.10 67.76
N TYR C 227 17.18 -27.09 68.64
CA TYR C 227 18.42 -27.67 69.11
C TYR C 227 18.27 -29.17 69.10
N GLU C 228 19.36 -29.83 68.70
CA GLU C 228 19.42 -31.27 68.75
C GLU C 228 19.75 -31.71 70.17
N CYS C 229 19.02 -32.74 70.63
CA CYS C 229 19.16 -33.34 71.95
C CYS C 229 19.98 -34.62 71.90
N ALA C 230 20.24 -35.21 73.08
CA ALA C 230 21.19 -36.31 73.20
C ALA C 230 20.70 -37.49 72.38
N ASP C 231 19.37 -37.58 72.21
CA ASP C 231 18.76 -38.70 71.52
C ASP C 231 18.64 -38.45 70.02
N GLY C 232 19.16 -37.35 69.48
CA GLY C 232 18.92 -37.07 68.07
C GLY C 232 17.57 -36.40 67.76
N ARG C 233 16.67 -36.24 68.74
CA ARG C 233 15.42 -35.52 68.60
C ARG C 233 15.65 -34.04 68.90
N TYR C 234 14.61 -33.21 68.70
CA TYR C 234 14.82 -31.78 68.79
C TYR C 234 13.87 -31.12 69.79
N VAL C 235 14.33 -30.01 70.35
CA VAL C 235 13.45 -29.05 71.00
C VAL C 235 13.47 -27.75 70.24
N ALA C 236 12.39 -26.99 70.44
CA ALA C 236 12.33 -25.63 69.99
C ALA C 236 12.44 -24.69 71.18
N VAL C 237 13.20 -23.63 70.95
CA VAL C 237 13.41 -22.57 71.91
C VAL C 237 12.88 -21.29 71.30
N GLY C 238 11.95 -20.63 72.01
CA GLY C 238 11.37 -19.38 71.54
C GLY C 238 11.43 -18.24 72.56
N ALA C 239 12.51 -18.21 73.35
CA ALA C 239 12.61 -17.35 74.54
C ALA C 239 13.08 -15.96 74.18
N ILE C 240 12.21 -15.19 73.53
CA ILE C 240 12.58 -13.85 73.10
C ILE C 240 12.66 -12.88 74.28
N GLU C 241 11.64 -12.91 75.14
CA GLU C 241 11.56 -11.97 76.26
C GLU C 241 12.67 -12.27 77.25
N PRO C 242 13.39 -11.26 77.77
CA PRO C 242 14.53 -11.56 78.63
C PRO C 242 14.23 -12.38 79.89
N GLN C 243 13.02 -12.27 80.46
CA GLN C 243 12.68 -13.07 81.64
C GLN C 243 12.55 -14.53 81.24
N PHE C 244 11.94 -14.78 80.08
CA PHE C 244 11.76 -16.15 79.62
C PHE C 244 13.13 -16.78 79.31
N TYR C 245 14.00 -15.98 78.69
CA TYR C 245 15.33 -16.40 78.30
C TYR C 245 16.14 -16.79 79.56
N ALA C 246 16.07 -15.93 80.59
CA ALA C 246 16.74 -16.20 81.86
C ALA C 246 16.26 -17.52 82.45
N ALA C 247 14.95 -17.78 82.40
CA ALA C 247 14.43 -19.02 82.97
C ALA C 247 14.96 -20.21 82.19
N MET C 248 15.06 -20.03 80.86
CA MET C 248 15.63 -21.08 80.01
C MET C 248 17.07 -21.43 80.42
N LEU C 249 17.95 -20.43 80.55
CA LEU C 249 19.34 -20.62 80.94
C LEU C 249 19.43 -21.38 82.28
N ALA C 250 18.65 -20.94 83.28
CA ALA C 250 18.67 -21.60 84.58
C ALA C 250 18.26 -23.06 84.46
N GLY C 251 17.24 -23.35 83.65
CA GLY C 251 16.83 -24.72 83.41
C GLY C 251 17.91 -25.59 82.78
N LEU C 252 18.76 -24.97 81.97
CA LEU C 252 19.86 -25.69 81.32
C LEU C 252 21.05 -25.89 82.26
N GLY C 253 21.05 -25.22 83.41
CA GLY C 253 22.18 -25.25 84.34
C GLY C 253 23.26 -24.25 83.96
N LEU C 254 22.94 -23.23 83.16
CA LEU C 254 23.90 -22.24 82.72
C LEU C 254 23.72 -20.97 83.53
N ASP C 255 24.88 -20.43 83.89
CA ASP C 255 24.91 -19.21 84.67
C ASP C 255 25.02 -18.02 83.72
N ALA C 256 23.98 -17.18 83.68
CA ALA C 256 23.91 -16.05 82.77
C ALA C 256 25.15 -15.20 82.85
N ALA C 257 25.75 -15.09 84.05
CA ALA C 257 26.92 -14.24 84.24
C ALA C 257 28.13 -14.72 83.42
N GLU C 258 28.14 -15.97 82.94
CA GLU C 258 29.24 -16.53 82.17
C GLU C 258 28.95 -16.56 80.67
N LEU C 259 27.89 -15.91 80.21
CA LEU C 259 27.49 -16.05 78.83
C LEU C 259 27.55 -14.69 78.16
N PRO C 260 27.61 -14.62 76.83
CA PRO C 260 27.46 -13.34 76.17
C PRO C 260 26.06 -12.82 76.39
N PRO C 261 25.84 -11.51 76.20
CA PRO C 261 24.49 -10.96 76.26
C PRO C 261 23.54 -11.60 75.23
N GLN C 262 22.28 -11.78 75.62
CA GLN C 262 21.25 -12.38 74.77
C GLN C 262 21.22 -11.76 73.38
N ASN C 263 21.32 -10.42 73.31
CA ASN C 263 21.15 -9.73 72.06
C ASN C 263 22.41 -9.02 71.58
N ASP C 264 23.58 -9.51 71.95
CA ASP C 264 24.81 -9.14 71.24
C ASP C 264 24.99 -10.08 70.03
N ARG C 265 24.56 -9.59 68.86
CA ARG C 265 24.46 -10.39 67.65
C ARG C 265 25.86 -10.84 67.22
N ALA C 266 26.86 -10.01 67.53
CA ALA C 266 28.23 -10.39 67.16
C ALA C 266 28.66 -11.68 67.87
N ARG C 267 28.09 -12.02 69.03
CA ARG C 267 28.51 -13.20 69.76
C ARG C 267 27.45 -14.31 69.74
N TRP C 268 26.49 -14.19 68.83
CA TRP C 268 25.51 -15.24 68.68
C TRP C 268 26.14 -16.62 68.43
N PRO C 269 27.15 -16.74 67.55
CA PRO C 269 27.79 -18.05 67.31
C PRO C 269 28.37 -18.63 68.59
N GLU C 270 29.02 -17.79 69.36
CA GLU C 270 29.55 -18.19 70.65
C GLU C 270 28.43 -18.65 71.58
N LEU C 271 27.36 -17.86 71.66
CA LEU C 271 26.24 -18.20 72.54
C LEU C 271 25.56 -19.48 72.07
N ARG C 272 25.28 -19.60 70.78
CA ARG C 272 24.71 -20.81 70.21
C ARG C 272 25.55 -22.04 70.58
N ALA C 273 26.87 -21.92 70.59
CA ALA C 273 27.70 -23.09 70.86
C ALA C 273 27.48 -23.56 72.30
N LEU C 274 27.34 -22.63 73.24
CA LEU C 274 27.10 -22.99 74.63
C LEU C 274 25.72 -23.64 74.79
N LEU C 275 24.70 -23.08 74.13
CA LEU C 275 23.37 -23.64 74.25
C LEU C 275 23.35 -25.01 73.57
N THR C 276 24.09 -25.15 72.46
CA THR C 276 24.11 -26.43 71.75
C THR C 276 24.61 -27.54 72.66
N GLU C 277 25.71 -27.25 73.35
CA GLU C 277 26.32 -28.21 74.24
C GLU C 277 25.37 -28.53 75.39
N ALA C 278 24.68 -27.54 75.96
CA ALA C 278 23.78 -27.87 77.07
C ALA C 278 22.61 -28.73 76.60
N PHE C 279 21.93 -28.32 75.48
CA PHE C 279 20.78 -29.11 75.02
C PHE C 279 21.21 -30.52 74.62
N ALA C 280 22.42 -30.66 74.07
CA ALA C 280 22.83 -31.99 73.61
C ALA C 280 23.08 -32.95 74.78
N SER C 281 23.18 -32.43 76.01
CA SER C 281 23.55 -33.26 77.17
C SER C 281 22.40 -34.14 77.69
N HIS C 282 21.16 -33.91 77.26
CA HIS C 282 20.03 -34.74 77.66
C HIS C 282 19.07 -34.92 76.48
N ASP C 283 18.15 -35.89 76.61
CA ASP C 283 17.20 -36.18 75.54
C ASP C 283 16.01 -35.23 75.57
N ARG C 284 15.20 -35.29 74.50
CA ARG C 284 14.09 -34.35 74.32
C ARG C 284 13.09 -34.49 75.46
N ASP C 285 12.76 -35.74 75.84
CA ASP C 285 11.85 -36.04 76.93
C ASP C 285 12.27 -35.33 78.22
N HIS C 286 13.55 -35.34 78.52
CA HIS C 286 14.10 -34.67 79.69
C HIS C 286 13.79 -33.18 79.67
N TRP C 287 14.07 -32.53 78.53
CA TRP C 287 13.80 -31.10 78.44
C TRP C 287 12.30 -30.84 78.54
N GLY C 288 11.49 -31.73 77.98
CA GLY C 288 10.03 -31.68 78.12
C GLY C 288 9.59 -31.63 79.59
N ALA C 289 10.10 -32.53 80.42
CA ALA C 289 9.77 -32.59 81.83
C ALA C 289 10.31 -31.38 82.60
N VAL C 290 11.61 -31.10 82.46
CA VAL C 290 12.29 -29.99 83.10
C VAL C 290 11.53 -28.68 82.85
N PHE C 291 11.01 -28.45 81.63
CA PHE C 291 10.40 -27.16 81.34
C PHE C 291 8.86 -27.19 81.35
N ALA C 292 8.24 -28.30 81.73
CA ALA C 292 6.77 -28.26 81.87
C ALA C 292 6.41 -27.24 82.95
N ASN C 293 5.40 -26.41 82.64
CA ASN C 293 4.82 -25.41 83.53
C ASN C 293 5.70 -24.18 83.63
N SER C 294 6.80 -24.20 82.88
CA SER C 294 7.74 -23.09 82.79
C SER C 294 7.36 -22.10 81.68
N ASP C 295 7.85 -20.88 81.86
CA ASP C 295 7.85 -19.83 80.85
C ASP C 295 9.14 -19.78 80.01
N ALA C 296 9.95 -20.83 80.02
CA ALA C 296 11.23 -20.82 79.32
C ALA C 296 11.06 -20.90 77.80
N CYS C 297 9.83 -21.16 77.31
CA CYS C 297 9.52 -21.27 75.89
C CYS C 297 10.38 -22.34 75.22
N VAL C 298 10.41 -23.52 75.84
CA VAL C 298 11.07 -24.69 75.32
C VAL C 298 10.00 -25.77 75.16
N THR C 299 9.92 -26.36 73.96
CA THR C 299 8.93 -27.38 73.68
C THR C 299 9.57 -28.50 72.86
N PRO C 300 9.06 -29.73 72.97
CA PRO C 300 9.52 -30.84 72.16
C PRO C 300 9.08 -30.63 70.71
N VAL C 301 9.98 -30.89 69.75
CA VAL C 301 9.60 -30.83 68.34
C VAL C 301 9.10 -32.23 67.99
N LEU C 302 7.77 -32.40 67.96
CA LEU C 302 7.15 -33.69 67.67
C LEU C 302 6.95 -33.89 66.17
N ALA C 303 7.23 -35.09 65.70
CA ALA C 303 6.85 -35.48 64.36
C ALA C 303 5.35 -35.77 64.30
N PHE C 304 4.77 -35.70 63.10
CA PHE C 304 3.35 -35.92 62.93
C PHE C 304 2.92 -37.18 63.68
N GLY C 305 3.64 -38.30 63.51
CA GLY C 305 3.25 -39.59 64.06
C GLY C 305 3.17 -39.63 65.59
N GLU C 306 3.74 -38.63 66.27
CA GLU C 306 3.81 -38.58 67.73
C GLU C 306 2.76 -37.66 68.33
N VAL C 307 2.08 -36.86 67.51
CA VAL C 307 1.29 -35.74 68.00
C VAL C 307 0.10 -36.25 68.83
N HIS C 308 -0.48 -37.38 68.41
CA HIS C 308 -1.64 -38.01 69.03
C HIS C 308 -1.33 -38.52 70.46
N ASN C 309 -0.04 -38.59 70.84
CA ASN C 309 0.36 -38.97 72.18
C ASN C 309 0.61 -37.76 73.08
N GLU C 310 0.47 -36.53 72.59
CA GLU C 310 0.81 -35.40 73.42
C GLU C 310 -0.41 -34.98 74.24
N PRO C 311 -0.31 -34.87 75.59
CA PRO C 311 -1.46 -34.51 76.43
C PRO C 311 -2.21 -33.24 76.06
N HIS C 312 -1.49 -32.15 75.75
CA HIS C 312 -2.17 -30.91 75.44
C HIS C 312 -2.98 -31.02 74.12
N ILE C 313 -2.54 -31.89 73.20
CA ILE C 313 -3.25 -32.14 71.95
C ILE C 313 -4.47 -33.05 72.22
N ILE C 314 -4.26 -34.16 72.96
CA ILE C 314 -5.34 -35.08 73.33
C ILE C 314 -6.43 -34.30 74.07
N GLU C 315 -6.03 -33.49 75.05
CA GLU C 315 -6.97 -33.01 76.03
C GLU C 315 -7.86 -31.95 75.40
N ARG C 316 -7.37 -31.22 74.38
CA ARG C 316 -8.21 -30.20 73.75
C ARG C 316 -8.93 -30.68 72.49
N ASN C 317 -8.79 -31.95 72.13
CA ASN C 317 -9.42 -32.49 70.94
C ASN C 317 -9.08 -31.66 69.69
N THR C 318 -7.80 -31.34 69.53
CA THR C 318 -7.33 -30.62 68.33
C THR C 318 -7.50 -31.51 67.09
N PHE C 319 -7.44 -32.84 67.28
CA PHE C 319 -7.60 -33.84 66.22
C PHE C 319 -8.72 -34.84 66.54
N TYR C 320 -9.18 -35.56 65.50
CA TYR C 320 -10.15 -36.65 65.58
C TYR C 320 -9.69 -37.77 64.64
N GLU C 321 -10.06 -39.02 64.91
CA GLU C 321 -9.73 -40.13 64.01
C GLU C 321 -10.67 -40.16 62.82
N ALA C 322 -10.16 -40.58 61.65
CA ALA C 322 -10.97 -40.69 60.45
C ALA C 322 -10.34 -41.64 59.46
N ASN C 323 -10.75 -42.92 59.49
CA ASN C 323 -10.36 -43.88 58.45
C ASN C 323 -8.85 -43.83 58.21
N GLY C 324 -8.09 -44.61 58.99
CA GLY C 324 -6.65 -44.69 58.87
C GLY C 324 -5.95 -43.33 58.88
N GLY C 325 -6.30 -42.45 59.83
CA GLY C 325 -5.50 -41.27 60.13
C GLY C 325 -6.23 -40.18 60.92
N TRP C 326 -5.47 -39.55 61.83
CA TRP C 326 -5.92 -38.34 62.49
C TRP C 326 -5.93 -37.16 61.52
N GLN C 327 -6.88 -36.25 61.78
CA GLN C 327 -7.23 -35.12 60.95
C GLN C 327 -7.56 -34.02 61.95
N PRO C 328 -7.18 -32.76 61.69
CA PRO C 328 -7.49 -31.68 62.61
C PRO C 328 -8.96 -31.34 62.63
N MET C 329 -9.46 -31.09 63.85
CA MET C 329 -10.82 -30.61 64.05
C MET C 329 -10.88 -29.19 63.52
N PRO C 330 -12.09 -28.69 63.20
CA PRO C 330 -12.29 -27.31 62.76
C PRO C 330 -11.71 -26.27 63.69
N ALA C 331 -11.26 -25.17 63.09
CA ALA C 331 -10.73 -24.06 63.81
C ALA C 331 -11.26 -22.83 63.14
N PRO C 332 -11.45 -21.69 63.85
CA PRO C 332 -11.28 -21.63 65.30
C PRO C 332 -12.52 -22.23 65.96
N ARG C 333 -12.67 -21.94 67.26
CA ARG C 333 -13.77 -22.54 68.02
C ARG C 333 -14.73 -21.44 68.47
N PHE C 334 -16.00 -21.84 68.67
CA PHE C 334 -17.14 -20.95 68.92
C PHE C 334 -17.89 -21.36 70.20
N SER C 335 -18.16 -20.42 71.10
CA SER C 335 -18.81 -20.77 72.37
C SER C 335 -20.26 -21.24 72.20
N ARG C 336 -21.05 -20.57 71.34
CA ARG C 336 -22.47 -20.88 71.22
C ARG C 336 -22.78 -21.76 70.00
N THR C 337 -22.35 -21.37 68.78
CA THR C 337 -22.62 -22.20 67.62
C THR C 337 -21.38 -23.03 67.26
N ALA C 338 -21.22 -24.15 67.95
CA ALA C 338 -20.00 -24.92 67.82
C ALA C 338 -20.08 -25.77 66.56
N SER C 339 -18.91 -25.99 65.94
CA SER C 339 -18.77 -26.92 64.84
C SER C 339 -18.93 -28.33 65.36
N SER C 340 -19.26 -29.24 64.45
CA SER C 340 -19.29 -30.66 64.73
C SER C 340 -18.11 -31.32 64.04
N GLN C 341 -17.91 -32.59 64.37
CA GLN C 341 -16.91 -33.38 63.70
C GLN C 341 -17.18 -33.37 62.19
N PRO C 342 -16.15 -33.17 61.33
CA PRO C 342 -16.37 -33.16 59.89
C PRO C 342 -17.00 -34.44 59.37
N ARG C 343 -17.88 -34.33 58.35
CA ARG C 343 -18.44 -35.48 57.65
C ARG C 343 -17.42 -35.95 56.62
N PRO C 344 -17.09 -37.25 56.60
CA PRO C 344 -16.10 -37.76 55.64
C PRO C 344 -16.56 -37.56 54.20
N PRO C 345 -15.62 -37.59 53.23
CA PRO C 345 -15.97 -37.58 51.81
C PRO C 345 -17.12 -38.55 51.54
N ALA C 346 -18.16 -38.05 50.84
CA ALA C 346 -19.38 -38.80 50.59
C ALA C 346 -19.53 -39.07 49.09
N ALA C 347 -20.20 -40.19 48.75
CA ALA C 347 -20.38 -40.63 47.37
C ALA C 347 -21.02 -39.54 46.51
N THR C 348 -20.69 -39.58 45.21
CA THR C 348 -21.14 -38.56 44.26
C THR C 348 -22.66 -38.41 44.39
N ILE C 349 -23.13 -37.18 44.29
CA ILE C 349 -24.55 -36.88 44.44
C ILE C 349 -25.07 -36.39 43.10
N ASP C 350 -26.34 -36.64 42.85
CA ASP C 350 -26.96 -36.22 41.60
C ASP C 350 -27.28 -34.74 41.71
N ILE C 351 -26.90 -33.97 40.67
CA ILE C 351 -26.93 -32.52 40.78
C ILE C 351 -28.37 -32.00 40.82
N GLU C 352 -29.27 -32.75 40.19
CA GLU C 352 -30.70 -32.45 40.21
C GLU C 352 -31.24 -32.59 41.63
N ALA C 353 -30.84 -33.68 42.33
CA ALA C 353 -31.23 -33.90 43.71
C ALA C 353 -30.84 -32.72 44.62
N VAL C 354 -29.72 -32.04 44.33
CA VAL C 354 -29.30 -30.89 45.13
C VAL C 354 -30.28 -29.73 44.92
N LEU C 355 -30.76 -29.56 43.69
CA LEU C 355 -31.64 -28.44 43.37
C LEU C 355 -33.02 -28.65 43.99
N THR C 356 -33.46 -29.91 44.06
CA THR C 356 -34.62 -30.29 44.84
C THR C 356 -34.50 -29.66 46.24
N ASP C 357 -33.39 -30.00 46.91
CA ASP C 357 -33.09 -29.59 48.27
C ASP C 357 -33.02 -28.06 48.38
N TRP C 358 -32.29 -27.38 47.49
CA TRP C 358 -32.28 -25.93 47.54
C TRP C 358 -33.57 -25.40 46.93
N ASP C 359 -34.62 -25.38 47.75
CA ASP C 359 -36.00 -25.53 47.30
C ASP C 359 -36.30 -24.54 46.17
N MET D 1 -14.98 5.49 55.55
CA MET D 1 -13.79 4.62 55.40
C MET D 1 -14.00 3.60 54.27
N ALA D 2 -13.05 3.53 53.32
CA ALA D 2 -13.18 2.64 52.17
C ALA D 2 -13.15 1.17 52.60
N GLY D 3 -13.98 0.33 51.99
CA GLY D 3 -13.76 -1.10 51.99
C GLY D 3 -14.97 -1.85 52.52
N PRO D 4 -14.98 -3.19 52.44
CA PRO D 4 -16.19 -3.93 52.72
C PRO D 4 -16.56 -4.02 54.20
N LEU D 5 -15.62 -3.64 55.08
CA LEU D 5 -15.88 -3.66 56.53
C LEU D 5 -16.13 -2.24 57.06
N SER D 6 -16.46 -1.29 56.18
CA SER D 6 -17.02 -0.02 56.62
C SER D 6 -18.12 -0.26 57.63
N GLY D 7 -18.04 0.45 58.77
CA GLY D 7 -19.08 0.40 59.79
C GLY D 7 -18.86 -0.67 60.86
N LEU D 8 -17.91 -1.59 60.66
CA LEU D 8 -17.52 -2.50 61.71
C LEU D 8 -16.64 -1.75 62.70
N ARG D 9 -16.99 -1.90 63.99
CA ARG D 9 -16.30 -1.26 65.10
C ARG D 9 -15.55 -2.28 65.94
N VAL D 10 -14.26 -1.98 66.12
CA VAL D 10 -13.41 -2.99 66.73
C VAL D 10 -12.60 -2.36 67.86
N VAL D 11 -12.68 -3.03 69.01
CA VAL D 11 -11.83 -2.70 70.15
C VAL D 11 -10.75 -3.78 70.31
N GLU D 12 -9.51 -3.31 70.30
CA GLU D 12 -8.37 -4.21 70.34
C GLU D 12 -7.61 -4.00 71.65
N LEU D 13 -7.46 -5.05 72.48
CA LEU D 13 -6.54 -4.91 73.61
C LEU D 13 -5.10 -5.25 73.20
N ALA D 14 -4.21 -4.26 73.32
CA ALA D 14 -2.90 -4.29 72.73
C ALA D 14 -2.10 -5.50 73.22
N GLY D 15 -1.59 -6.26 72.26
CA GLY D 15 -0.67 -7.35 72.54
C GLY D 15 0.40 -7.42 71.46
N ILE D 16 0.89 -8.63 71.20
CA ILE D 16 1.95 -8.80 70.21
C ILE D 16 1.54 -9.95 69.27
N GLY D 17 1.97 -9.87 67.99
CA GLY D 17 1.83 -10.98 67.05
C GLY D 17 0.46 -11.04 66.40
N PRO D 18 -0.29 -12.13 66.60
CA PRO D 18 -1.51 -12.36 65.83
C PRO D 18 -2.59 -11.33 66.07
N GLY D 19 -2.77 -10.93 67.33
CA GLY D 19 -3.84 -10.01 67.68
C GLY D 19 -3.75 -8.71 66.88
N PRO D 20 -2.60 -8.01 66.87
CA PRO D 20 -2.45 -6.80 66.08
C PRO D 20 -2.47 -7.00 64.56
N HIS D 21 -2.13 -8.21 64.09
CA HIS D 21 -2.17 -8.48 62.67
C HIS D 21 -3.64 -8.56 62.25
N ALA D 22 -4.43 -9.35 62.98
CA ALA D 22 -5.86 -9.46 62.75
C ALA D 22 -6.52 -8.08 62.77
N ALA D 23 -6.15 -7.28 63.77
CA ALA D 23 -6.70 -5.93 63.90
C ALA D 23 -6.32 -5.12 62.68
N MET D 24 -5.07 -5.27 62.24
CA MET D 24 -4.53 -4.53 61.11
C MET D 24 -5.38 -4.79 59.87
N ILE D 25 -5.66 -6.06 59.60
CA ILE D 25 -6.37 -6.43 58.39
C ILE D 25 -7.82 -5.92 58.47
N LEU D 26 -8.49 -6.08 59.63
CA LEU D 26 -9.84 -5.53 59.78
C LEU D 26 -9.84 -4.05 59.42
N GLY D 27 -8.92 -3.30 60.00
CA GLY D 27 -8.69 -1.91 59.66
C GLY D 27 -8.43 -1.67 58.17
N ASP D 28 -7.58 -2.52 57.58
CA ASP D 28 -7.20 -2.41 56.17
C ASP D 28 -8.44 -2.40 55.29
N LEU D 29 -9.40 -3.30 55.59
CA LEU D 29 -10.63 -3.53 54.85
C LEU D 29 -11.80 -2.61 55.26
N GLY D 30 -11.49 -1.55 56.00
CA GLY D 30 -12.46 -0.50 56.25
C GLY D 30 -12.88 -0.34 57.72
N ALA D 31 -12.57 -1.33 58.57
CA ALA D 31 -13.12 -1.37 59.93
C ALA D 31 -12.55 -0.22 60.75
N ASP D 32 -13.37 0.24 61.70
CA ASP D 32 -12.97 1.29 62.64
C ASP D 32 -12.40 0.61 63.89
N VAL D 33 -11.08 0.74 64.02
CA VAL D 33 -10.34 -0.04 65.00
C VAL D 33 -9.74 0.92 66.01
N VAL D 34 -10.12 0.66 67.27
CA VAL D 34 -9.60 1.41 68.39
C VAL D 34 -8.80 0.45 69.25
N ARG D 35 -7.55 0.81 69.44
CA ARG D 35 -6.57 -0.05 70.10
C ARG D 35 -6.31 0.50 71.49
N ILE D 36 -6.64 -0.26 72.54
CA ILE D 36 -6.35 0.21 73.88
C ILE D 36 -4.99 -0.34 74.35
N ASP D 37 -4.02 0.57 74.49
CA ASP D 37 -2.71 0.24 75.02
C ASP D 37 -2.54 0.84 76.43
N ARG D 38 -1.57 0.31 77.19
CA ARG D 38 -1.25 0.83 78.51
C ARG D 38 -0.38 2.10 78.35
N PRO D 39 -0.61 3.16 79.16
CA PRO D 39 0.14 4.42 79.02
C PRO D 39 1.66 4.37 79.03
N SER D 40 2.20 3.45 79.86
CA SER D 40 3.63 3.23 79.90
C SER D 40 4.17 2.84 78.51
N SER D 41 3.41 2.05 77.72
CA SER D 41 3.90 1.50 76.47
C SER D 41 4.09 2.58 75.40
N VAL D 42 3.21 3.59 75.38
CA VAL D 42 3.23 4.58 74.32
C VAL D 42 4.03 5.78 74.76
N ASP D 43 4.76 6.36 73.80
CA ASP D 43 5.45 7.63 73.97
C ASP D 43 5.85 8.11 72.58
N GLY D 44 4.92 8.82 71.90
CA GLY D 44 5.12 9.33 70.55
C GLY D 44 4.21 8.65 69.53
N ILE D 45 4.44 8.90 68.22
CA ILE D 45 3.75 8.16 67.17
C ILE D 45 4.47 6.82 66.96
N SER D 46 3.71 5.75 66.70
CA SER D 46 4.32 4.43 66.52
C SER D 46 5.12 4.39 65.23
N ARG D 47 6.26 3.66 65.27
CA ARG D 47 7.06 3.40 64.08
C ARG D 47 6.75 2.00 63.52
N ASP D 48 5.73 1.31 64.07
CA ASP D 48 5.34 -0.03 63.65
C ASP D 48 4.22 0.08 62.61
N ALA D 49 4.57 -0.20 61.34
CA ALA D 49 3.61 -0.11 60.26
C ALA D 49 2.46 -1.10 60.43
N MET D 50 2.59 -2.10 61.31
CA MET D 50 1.48 -2.99 61.60
C MET D 50 0.36 -2.26 62.33
N LEU D 51 0.68 -1.12 62.95
CA LEU D 51 -0.32 -0.35 63.68
C LEU D 51 -1.04 0.66 62.80
N ARG D 52 -0.89 0.55 61.47
CA ARG D 52 -1.65 1.35 60.51
C ARG D 52 -3.14 1.08 60.68
N ASN D 53 -3.95 2.00 60.12
CA ASN D 53 -5.41 1.94 60.19
C ASN D 53 -5.96 1.81 61.61
N ARG D 54 -5.46 2.62 62.55
CA ARG D 54 -5.91 2.58 63.94
C ARG D 54 -6.17 3.99 64.47
N ARG D 55 -6.97 4.04 65.54
CA ARG D 55 -6.80 5.12 66.52
C ARG D 55 -6.28 4.48 67.81
N ILE D 56 -5.18 5.02 68.35
CA ILE D 56 -4.64 4.48 69.58
C ILE D 56 -5.16 5.26 70.79
N VAL D 57 -5.66 4.56 71.82
CA VAL D 57 -5.91 5.17 73.12
C VAL D 57 -5.14 4.42 74.23
N THR D 58 -4.91 5.13 75.36
CA THR D 58 -4.31 4.54 76.54
C THR D 58 -5.31 4.47 77.71
N ALA D 59 -5.09 3.50 78.60
CA ALA D 59 -5.92 3.24 79.75
C ALA D 59 -5.23 2.22 80.65
N ASP D 60 -5.17 2.53 81.94
CA ASP D 60 -4.71 1.59 82.94
C ASP D 60 -5.93 0.74 83.30
N LEU D 61 -5.99 -0.46 82.73
CA LEU D 61 -7.15 -1.32 82.89
C LEU D 61 -7.18 -1.90 84.31
N LYS D 62 -6.09 -1.71 85.06
CA LYS D 62 -6.03 -2.09 86.46
C LYS D 62 -6.78 -1.06 87.32
N SER D 63 -6.82 0.20 86.86
CA SER D 63 -7.53 1.28 87.53
C SER D 63 -9.05 1.15 87.34
N ASP D 64 -9.81 1.83 88.21
CA ASP D 64 -11.27 1.76 88.23
C ASP D 64 -11.83 2.49 87.02
N GLN D 65 -11.18 3.61 86.68
CA GLN D 65 -11.61 4.48 85.60
C GLN D 65 -11.30 3.85 84.24
N GLY D 66 -10.03 3.42 84.07
CA GLY D 66 -9.62 2.67 82.90
C GLY D 66 -10.61 1.56 82.55
N LEU D 67 -10.96 0.71 83.54
CA LEU D 67 -11.93 -0.37 83.33
C LEU D 67 -13.28 0.19 82.87
N GLU D 68 -13.68 1.36 83.35
CA GLU D 68 -15.01 1.87 83.04
C GLU D 68 -15.04 2.37 81.59
N LEU D 69 -14.08 3.24 81.24
CA LEU D 69 -13.92 3.76 79.89
C LEU D 69 -13.81 2.63 78.86
N ALA D 70 -13.13 1.54 79.23
CA ALA D 70 -12.95 0.40 78.36
C ALA D 70 -14.27 -0.34 78.18
N LEU D 71 -15.05 -0.52 79.26
CA LEU D 71 -16.31 -1.24 79.14
C LEU D 71 -17.34 -0.39 78.35
N LYS D 72 -17.13 0.92 78.32
CA LYS D 72 -18.02 1.79 77.55
C LYS D 72 -17.79 1.61 76.04
N LEU D 73 -16.51 1.62 75.63
CA LEU D 73 -16.11 1.35 74.25
C LEU D 73 -16.65 0.00 73.81
N ILE D 74 -16.40 -1.03 74.60
CA ILE D 74 -16.87 -2.36 74.26
C ILE D 74 -18.38 -2.38 74.02
N ALA D 75 -19.15 -1.53 74.73
CA ALA D 75 -20.61 -1.54 74.63
C ALA D 75 -21.07 -0.99 73.27
N LYS D 76 -20.30 -0.06 72.71
CA LYS D 76 -20.57 0.56 71.42
C LYS D 76 -19.94 -0.20 70.24
N ALA D 77 -19.33 -1.38 70.46
CA ALA D 77 -18.47 -1.94 69.43
C ALA D 77 -19.03 -3.28 68.98
N ASP D 78 -18.55 -3.76 67.82
CA ASP D 78 -19.00 -5.04 67.32
C ASP D 78 -18.05 -6.16 67.76
N VAL D 79 -16.76 -5.80 67.89
CA VAL D 79 -15.74 -6.81 68.11
C VAL D 79 -14.75 -6.37 69.17
N LEU D 80 -14.40 -7.34 70.01
CA LEU D 80 -13.26 -7.22 70.89
C LEU D 80 -12.19 -8.26 70.54
N ILE D 81 -10.95 -7.78 70.44
CA ILE D 81 -9.81 -8.69 70.29
C ILE D 81 -8.91 -8.62 71.52
N GLU D 82 -8.61 -9.79 72.08
CA GLU D 82 -7.56 -9.86 73.09
C GLU D 82 -6.66 -11.07 72.84
N GLY D 83 -5.36 -10.86 73.16
CA GLY D 83 -4.33 -11.86 73.02
C GLY D 83 -3.45 -12.10 74.25
N TYR D 84 -4.09 -12.21 75.44
CA TYR D 84 -3.41 -12.43 76.70
C TYR D 84 -3.58 -13.89 77.10
N ARG D 85 -2.82 -14.33 78.12
CA ARG D 85 -3.05 -15.67 78.63
C ARG D 85 -4.51 -15.77 79.06
N PRO D 86 -5.12 -16.96 78.96
CA PRO D 86 -6.42 -17.23 79.55
C PRO D 86 -6.48 -16.80 81.03
N GLY D 87 -7.65 -16.30 81.44
CA GLY D 87 -7.87 -15.84 82.79
C GLY D 87 -7.53 -14.37 82.95
N VAL D 88 -6.78 -13.77 82.02
CA VAL D 88 -6.29 -12.43 82.23
C VAL D 88 -7.44 -11.42 82.11
N THR D 89 -8.20 -11.42 81.00
CA THR D 89 -9.26 -10.43 80.86
C THR D 89 -10.30 -10.62 81.98
N GLU D 90 -10.63 -11.88 82.28
CA GLU D 90 -11.53 -12.20 83.37
C GLU D 90 -11.12 -11.51 84.67
N ARG D 91 -9.86 -11.62 85.09
CA ARG D 91 -9.50 -11.03 86.39
C ARG D 91 -9.36 -9.51 86.26
N LEU D 92 -9.28 -8.98 85.04
CA LEU D 92 -9.37 -7.53 84.85
C LEU D 92 -10.82 -7.05 84.88
N GLY D 93 -11.79 -7.99 84.86
CA GLY D 93 -13.20 -7.67 84.67
C GLY D 93 -13.54 -7.21 83.24
N LEU D 94 -12.80 -7.76 82.24
CA LEU D 94 -13.11 -7.61 80.82
C LEU D 94 -13.36 -8.97 80.18
N GLY D 95 -13.66 -9.97 81.01
CA GLY D 95 -13.98 -11.29 80.54
C GLY D 95 -15.20 -11.28 79.61
N PRO D 96 -15.46 -12.40 78.90
CA PRO D 96 -16.64 -12.52 78.06
C PRO D 96 -17.95 -12.37 78.84
N GLU D 97 -18.02 -12.85 80.09
CA GLU D 97 -19.28 -12.75 80.83
C GLU D 97 -19.56 -11.31 81.24
N GLU D 98 -18.52 -10.61 81.73
CA GLU D 98 -18.64 -9.20 82.03
C GLU D 98 -19.08 -8.43 80.78
N CYS D 99 -18.39 -8.66 79.67
CA CYS D 99 -18.66 -7.95 78.42
C CYS D 99 -20.07 -8.23 77.89
N ALA D 100 -20.58 -9.45 78.10
CA ALA D 100 -21.90 -9.85 77.64
C ALA D 100 -23.01 -9.07 78.36
N LYS D 101 -22.68 -8.52 79.53
CA LYS D 101 -23.63 -7.75 80.33
C LYS D 101 -23.75 -6.34 79.76
N VAL D 102 -22.73 -5.82 79.08
CA VAL D 102 -22.89 -4.48 78.53
C VAL D 102 -23.11 -4.52 77.01
N ASN D 103 -23.19 -5.71 76.38
CA ASN D 103 -23.25 -5.78 74.92
C ASN D 103 -23.34 -7.23 74.49
N ASP D 104 -24.57 -7.72 74.35
CA ASP D 104 -24.75 -9.12 74.02
C ASP D 104 -24.60 -9.35 72.51
N ARG D 105 -24.28 -8.29 71.75
CA ARG D 105 -24.04 -8.44 70.32
C ARG D 105 -22.55 -8.62 70.02
N LEU D 106 -21.70 -8.58 71.08
CA LEU D 106 -20.26 -8.42 70.91
C LEU D 106 -19.63 -9.71 70.37
N ILE D 107 -18.68 -9.57 69.43
CA ILE D 107 -17.87 -10.72 69.08
C ILE D 107 -16.60 -10.69 69.92
N TYR D 108 -16.46 -11.74 70.76
CA TYR D 108 -15.39 -11.76 71.76
C TYR D 108 -14.28 -12.67 71.22
N ALA D 109 -13.25 -12.06 70.63
CA ALA D 109 -12.22 -12.82 69.91
C ALA D 109 -10.98 -13.01 70.81
N ARG D 110 -10.69 -14.26 71.18
CA ARG D 110 -9.54 -14.61 72.01
C ARG D 110 -8.41 -15.29 71.20
N MET D 111 -7.30 -14.58 71.08
CA MET D 111 -6.12 -15.00 70.33
C MET D 111 -5.05 -15.55 71.26
N THR D 112 -4.91 -16.89 71.34
CA THR D 112 -3.81 -17.53 72.07
C THR D 112 -3.04 -18.52 71.18
N GLY D 113 -1.94 -19.03 71.75
CA GLY D 113 -1.18 -20.13 71.15
C GLY D 113 -1.73 -21.49 71.51
N TRP D 114 -1.94 -21.72 72.81
CA TRP D 114 -2.21 -23.05 73.35
C TRP D 114 -3.70 -23.32 73.58
N GLY D 115 -4.50 -22.27 73.58
CA GLY D 115 -5.92 -22.49 73.85
C GLY D 115 -6.30 -21.95 75.22
N GLN D 116 -7.59 -22.09 75.53
CA GLN D 116 -8.14 -21.53 76.73
C GLN D 116 -7.94 -22.52 77.89
N THR D 117 -7.91 -23.82 77.59
CA THR D 117 -7.73 -24.84 78.61
C THR D 117 -6.57 -25.74 78.23
N GLY D 118 -6.18 -26.60 79.18
CA GLY D 118 -5.26 -27.70 78.95
C GLY D 118 -3.92 -27.46 79.66
N PRO D 119 -3.10 -28.51 79.72
CA PRO D 119 -1.88 -28.50 80.53
C PRO D 119 -0.89 -27.40 80.15
N ARG D 120 -0.85 -26.96 78.87
CA ARG D 120 0.13 -25.96 78.47
C ARG D 120 -0.50 -24.58 78.48
N SER D 121 -1.78 -24.49 78.86
CA SER D 121 -2.55 -23.30 78.54
C SER D 121 -2.05 -22.05 79.24
N GLN D 122 -1.22 -22.17 80.30
CA GLN D 122 -0.67 -20.97 80.92
C GLN D 122 0.81 -20.70 80.60
N GLN D 123 1.46 -21.61 79.87
CA GLN D 123 2.86 -21.42 79.48
C GLN D 123 3.02 -20.25 78.50
N ALA D 124 4.02 -19.41 78.72
CA ALA D 124 4.40 -18.45 77.69
C ALA D 124 4.91 -19.20 76.46
N GLY D 125 4.86 -18.56 75.33
CA GLY D 125 5.26 -19.18 74.09
C GLY D 125 5.32 -18.19 72.94
N HIS D 126 5.95 -18.67 71.86
CA HIS D 126 6.02 -18.00 70.58
C HIS D 126 5.71 -18.99 69.45
N ASP D 127 5.55 -18.41 68.25
CA ASP D 127 5.19 -19.17 67.06
C ASP D 127 5.89 -20.54 67.04
N ILE D 128 7.21 -20.53 67.18
CA ILE D 128 8.03 -21.72 67.07
C ILE D 128 7.58 -22.82 68.03
N ASN D 129 7.14 -22.45 69.24
CA ASN D 129 6.63 -23.41 70.21
C ASN D 129 5.32 -24.04 69.75
N TYR D 130 4.39 -23.23 69.26
CA TYR D 130 3.08 -23.79 68.90
C TYR D 130 3.21 -24.74 67.71
N ILE D 131 4.05 -24.42 66.72
CA ILE D 131 4.23 -25.30 65.57
C ILE D 131 5.15 -26.48 65.88
N SER D 132 5.89 -26.45 67.00
CA SER D 132 6.66 -27.61 67.38
C SER D 132 5.78 -28.77 67.87
N LEU D 133 4.64 -28.47 68.46
CA LEU D 133 3.87 -29.50 69.14
C LEU D 133 2.89 -30.24 68.23
N ASN D 134 2.59 -29.70 67.02
CA ASN D 134 1.60 -30.34 66.15
C ASN D 134 2.19 -30.91 64.86
N GLY D 135 3.51 -31.12 64.82
CA GLY D 135 4.17 -31.81 63.73
C GLY D 135 4.70 -30.89 62.62
N ILE D 136 4.34 -29.60 62.65
CA ILE D 136 4.66 -28.68 61.56
C ILE D 136 6.16 -28.41 61.51
N LEU D 137 6.76 -27.98 62.64
CA LEU D 137 8.15 -27.55 62.64
C LEU D 137 9.08 -28.70 62.21
N HIS D 138 8.77 -29.91 62.68
CA HIS D 138 9.55 -31.10 62.40
C HIS D 138 9.65 -31.33 60.89
N ALA D 139 8.65 -30.88 60.12
CA ALA D 139 8.57 -31.14 58.69
C ALA D 139 9.27 -30.08 57.83
N ILE D 140 9.80 -29.03 58.47
CA ILE D 140 10.38 -27.93 57.72
C ILE D 140 11.91 -27.95 57.78
N GLY D 141 12.55 -28.00 56.59
CA GLY D 141 13.98 -27.83 56.42
C GLY D 141 14.62 -29.04 55.70
N ARG D 142 15.94 -29.01 55.57
CA ARG D 142 16.65 -30.07 54.90
C ARG D 142 16.70 -31.31 55.80
N GLY D 143 16.82 -32.48 55.16
CA GLY D 143 16.83 -33.77 55.81
C GLY D 143 18.08 -33.96 56.64
N ASP D 144 19.17 -33.31 56.24
CA ASP D 144 20.47 -33.48 56.85
C ASP D 144 20.71 -32.44 57.96
N GLU D 145 19.68 -31.69 58.36
CA GLU D 145 19.89 -30.67 59.37
C GLU D 145 18.72 -30.63 60.33
N ARG D 146 18.85 -29.87 61.42
CA ARG D 146 17.72 -29.71 62.33
C ARG D 146 16.66 -28.80 61.70
N PRO D 147 15.41 -28.89 62.18
CA PRO D 147 14.30 -28.10 61.64
C PRO D 147 14.58 -26.61 61.66
N VAL D 148 14.09 -25.91 60.63
CA VAL D 148 14.28 -24.50 60.56
C VAL D 148 12.93 -23.82 60.70
N PRO D 149 12.83 -22.75 61.51
CA PRO D 149 11.55 -22.05 61.64
C PRO D 149 11.22 -21.30 60.36
N PRO D 150 9.98 -21.44 59.88
CA PRO D 150 9.54 -20.69 58.70
C PRO D 150 9.11 -19.30 59.10
N LEU D 151 10.09 -18.53 59.56
CA LEU D 151 9.85 -17.30 60.28
C LEU D 151 8.73 -17.56 61.29
N ASN D 152 7.91 -16.54 61.55
CA ASN D 152 6.70 -16.71 62.35
C ASN D 152 5.44 -16.64 61.47
N LEU D 153 5.49 -17.25 60.27
CA LEU D 153 4.39 -17.16 59.31
C LEU D 153 3.29 -18.15 59.57
N VAL D 154 3.62 -19.28 60.20
CA VAL D 154 2.71 -20.39 60.16
C VAL D 154 1.86 -20.41 61.42
N GLY D 155 2.47 -20.12 62.57
CA GLY D 155 1.76 -20.08 63.83
C GLY D 155 1.07 -18.74 64.09
N ASP D 156 1.86 -17.66 64.11
CA ASP D 156 1.30 -16.36 64.42
C ASP D 156 0.24 -15.99 63.38
N PHE D 157 0.55 -16.12 62.07
CA PHE D 157 -0.25 -15.39 61.08
C PHE D 157 -1.16 -16.37 60.38
N GLY D 158 -0.58 -17.27 59.56
CA GLY D 158 -1.41 -18.20 58.82
C GLY D 158 -2.37 -19.00 59.69
N GLY D 159 -1.85 -19.57 60.81
CA GLY D 159 -2.66 -20.42 61.67
C GLY D 159 -3.16 -19.67 62.91
N GLY D 160 -2.88 -18.38 62.97
CA GLY D 160 -3.10 -17.56 64.14
C GLY D 160 -4.10 -16.44 63.84
N SER D 161 -3.61 -15.26 63.46
CA SER D 161 -4.44 -14.12 63.14
C SER D 161 -5.50 -14.47 62.09
N MET D 162 -5.13 -15.32 61.11
CA MET D 162 -6.01 -15.49 59.96
C MET D 162 -7.22 -16.26 60.44
N PHE D 163 -7.04 -17.19 61.39
CA PHE D 163 -8.17 -17.97 61.88
C PHE D 163 -9.00 -17.11 62.83
N LEU D 164 -8.37 -16.25 63.61
CA LEU D 164 -9.14 -15.25 64.37
C LEU D 164 -10.04 -14.44 63.43
N LEU D 165 -9.49 -13.93 62.29
CA LEU D 165 -10.27 -13.16 61.32
C LEU D 165 -11.44 -13.96 60.77
N VAL D 166 -11.23 -15.25 60.47
CA VAL D 166 -12.29 -16.07 59.94
C VAL D 166 -13.36 -16.31 61.01
N GLY D 167 -12.94 -16.53 62.26
CA GLY D 167 -13.85 -16.70 63.38
C GLY D 167 -14.71 -15.45 63.60
N ILE D 168 -14.06 -14.28 63.63
CA ILE D 168 -14.73 -13.02 63.86
C ILE D 168 -15.78 -12.82 62.80
N LEU D 169 -15.39 -12.96 61.51
CA LEU D 169 -16.30 -12.64 60.43
C LEU D 169 -17.34 -13.75 60.29
N ALA D 170 -17.02 -14.99 60.63
CA ALA D 170 -18.06 -15.99 60.60
C ALA D 170 -19.10 -15.73 61.71
N ALA D 171 -18.64 -15.15 62.83
CA ALA D 171 -19.52 -14.92 63.96
C ALA D 171 -20.49 -13.78 63.64
N LEU D 172 -20.02 -12.77 62.88
CA LEU D 172 -20.83 -11.67 62.35
C LEU D 172 -21.90 -12.17 61.38
N TRP D 173 -21.54 -13.12 60.52
CA TRP D 173 -22.57 -13.80 59.74
C TRP D 173 -23.63 -14.37 60.67
N GLU D 174 -23.21 -15.18 61.65
CA GLU D 174 -24.15 -15.83 62.54
C GLU D 174 -25.01 -14.78 63.26
N ARG D 175 -24.39 -13.69 63.72
CA ARG D 175 -25.06 -12.63 64.47
C ARG D 175 -26.25 -12.05 63.69
N GLN D 176 -26.25 -12.24 62.37
CA GLN D 176 -27.22 -11.59 61.52
C GLN D 176 -28.57 -12.29 61.66
N SER D 177 -28.61 -13.61 61.88
CA SER D 177 -29.89 -14.23 62.16
C SER D 177 -30.15 -14.42 63.67
N SER D 178 -29.13 -14.45 64.54
CA SER D 178 -29.35 -14.73 65.96
C SER D 178 -29.56 -13.46 66.80
N GLY D 179 -29.09 -12.29 66.36
CA GLY D 179 -29.11 -11.08 67.18
C GLY D 179 -28.02 -11.03 68.26
N LYS D 180 -27.18 -12.08 68.37
CA LYS D 180 -26.25 -12.28 69.47
C LYS D 180 -24.79 -12.42 68.99
N GLY D 181 -23.87 -11.93 69.82
CA GLY D 181 -22.45 -12.27 69.75
C GLY D 181 -22.13 -13.65 70.30
N GLN D 182 -20.81 -13.90 70.46
CA GLN D 182 -20.29 -15.09 71.11
C GLN D 182 -18.76 -14.96 71.19
N VAL D 183 -18.17 -16.00 71.78
CA VAL D 183 -16.73 -16.08 71.98
C VAL D 183 -16.10 -16.93 70.87
N VAL D 184 -15.08 -16.31 70.27
CA VAL D 184 -14.20 -16.93 69.29
C VAL D 184 -12.89 -17.33 69.99
N ASP D 185 -12.63 -18.63 70.03
CA ASP D 185 -11.44 -19.21 70.64
C ASP D 185 -10.46 -19.70 69.56
N ALA D 186 -9.54 -18.82 69.16
CA ALA D 186 -8.52 -19.10 68.14
C ALA D 186 -7.16 -19.38 68.80
N ALA D 187 -6.80 -20.66 68.75
CA ALA D 187 -5.50 -21.13 69.21
C ALA D 187 -4.62 -21.45 68.02
N MET D 188 -3.39 -20.92 68.02
CA MET D 188 -2.41 -21.12 66.97
C MET D 188 -2.14 -22.60 66.79
N VAL D 189 -2.25 -23.42 67.86
CA VAL D 189 -1.92 -24.83 67.71
C VAL D 189 -2.99 -25.53 66.88
N ASP D 190 -4.22 -25.01 66.96
CA ASP D 190 -5.36 -25.56 66.23
C ASP D 190 -5.36 -25.02 64.79
N GLY D 191 -5.30 -23.69 64.69
CA GLY D 191 -5.37 -22.99 63.42
C GLY D 191 -4.28 -23.48 62.49
N SER D 192 -3.06 -23.63 63.02
CA SER D 192 -1.96 -24.06 62.20
C SER D 192 -2.16 -25.51 61.81
N SER D 193 -2.82 -26.36 62.64
CA SER D 193 -3.10 -27.73 62.23
C SER D 193 -4.08 -27.84 61.06
N VAL D 194 -5.07 -26.93 61.02
CA VAL D 194 -6.00 -26.88 59.91
C VAL D 194 -5.31 -26.32 58.66
N LEU D 195 -4.40 -25.37 58.88
CA LEU D 195 -3.62 -24.80 57.80
C LEU D 195 -2.85 -25.88 57.06
N ILE D 196 -2.37 -26.89 57.80
CA ILE D 196 -1.55 -27.95 57.24
C ILE D 196 -2.40 -29.20 56.99
N GLN D 197 -3.73 -29.07 56.84
CA GLN D 197 -4.60 -30.21 56.66
C GLN D 197 -4.19 -31.05 55.45
N MET D 198 -3.59 -30.42 54.41
CA MET D 198 -3.20 -31.18 53.23
C MET D 198 -2.21 -32.28 53.59
N MET D 199 -1.25 -31.98 54.48
CA MET D 199 -0.25 -32.96 54.88
C MET D 199 -0.90 -34.10 55.66
N TRP D 200 -1.83 -33.78 56.55
CA TRP D 200 -2.53 -34.82 57.28
C TRP D 200 -3.31 -35.75 56.32
N ALA D 201 -3.89 -35.17 55.25
CA ALA D 201 -4.62 -35.94 54.23
C ALA D 201 -3.65 -36.84 53.48
N MET D 202 -2.53 -36.27 53.06
CA MET D 202 -1.59 -37.00 52.26
C MET D 202 -0.96 -38.12 53.09
N ARG D 203 -0.73 -37.85 54.38
CA ARG D 203 -0.08 -38.78 55.27
C ARG D 203 -0.95 -40.02 55.40
N ALA D 204 -2.27 -39.80 55.46
CA ALA D 204 -3.28 -40.85 55.60
C ALA D 204 -3.37 -41.72 54.35
N THR D 205 -2.93 -41.23 53.19
CA THR D 205 -3.01 -41.98 51.96
C THR D 205 -1.64 -42.52 51.55
N GLY D 206 -0.61 -42.38 52.40
CA GLY D 206 0.72 -42.83 52.03
C GLY D 206 1.49 -41.90 51.08
N MET D 207 1.03 -40.65 50.85
CA MET D 207 1.68 -39.69 49.95
C MET D 207 2.54 -38.65 50.71
N TRP D 208 2.66 -38.79 52.03
CA TRP D 208 3.51 -37.92 52.83
C TRP D 208 4.17 -38.75 53.92
N THR D 209 5.46 -38.57 54.17
CA THR D 209 6.08 -39.28 55.29
C THR D 209 6.68 -38.29 56.28
N ASP D 210 6.97 -38.79 57.48
CA ASP D 210 7.46 -37.97 58.56
C ASP D 210 8.95 -37.68 58.42
N THR D 211 9.61 -38.26 57.43
CA THR D 211 11.01 -37.94 57.21
C THR D 211 11.13 -36.54 56.60
N ARG D 212 11.93 -35.70 57.22
CA ARG D 212 12.11 -34.33 56.82
C ARG D 212 12.94 -34.29 55.53
N GLY D 213 12.51 -33.47 54.59
CA GLY D 213 13.24 -33.27 53.34
C GLY D 213 13.12 -34.43 52.37
N ALA D 214 12.08 -35.26 52.44
CA ALA D 214 11.95 -36.44 51.60
C ALA D 214 10.54 -36.53 51.01
N ASN D 215 9.90 -35.39 50.78
CA ASN D 215 8.54 -35.39 50.27
C ASN D 215 8.46 -34.49 49.04
N MET D 216 7.30 -34.45 48.38
CA MET D 216 7.21 -33.70 47.13
C MET D 216 7.28 -32.19 47.35
N LEU D 217 6.83 -31.71 48.52
CA LEU D 217 6.69 -30.28 48.71
C LEU D 217 7.59 -29.71 49.81
N ASP D 218 8.57 -30.47 50.31
CA ASP D 218 9.39 -29.97 51.41
C ASP D 218 10.83 -29.71 50.97
N GLY D 219 11.11 -29.83 49.67
CA GLY D 219 12.46 -29.66 49.17
C GLY D 219 13.10 -30.97 48.71
N GLY D 220 12.50 -32.10 49.08
CA GLY D 220 12.93 -33.41 48.66
C GLY D 220 12.83 -33.69 47.16
N ALA D 221 11.85 -33.10 46.43
CA ALA D 221 11.72 -33.34 44.99
C ALA D 221 12.60 -32.36 44.20
N PRO D 222 13.39 -32.83 43.21
CA PRO D 222 14.26 -31.94 42.44
C PRO D 222 13.51 -30.94 41.59
N TYR D 223 12.21 -31.23 41.37
CA TYR D 223 11.37 -30.35 40.60
C TYR D 223 10.58 -29.40 41.51
N TYR D 224 10.80 -29.42 42.84
CA TYR D 224 10.10 -28.49 43.75
C TYR D 224 11.10 -28.03 44.81
N ASP D 225 11.88 -27.04 44.44
CA ASP D 225 13.05 -26.64 45.22
C ASP D 225 13.65 -25.39 44.62
N THR D 226 14.63 -24.82 45.35
CA THR D 226 15.44 -23.75 44.84
C THR D 226 16.74 -24.31 44.28
N TYR D 227 17.36 -23.51 43.40
CA TYR D 227 18.61 -23.84 42.77
C TYR D 227 19.46 -22.59 42.71
N GLU D 228 20.75 -22.80 42.99
CA GLU D 228 21.73 -21.76 42.91
C GLU D 228 22.17 -21.58 41.45
N CYS D 229 22.21 -20.31 41.04
CA CYS D 229 22.59 -19.89 39.71
C CYS D 229 24.05 -19.41 39.65
N ALA D 230 24.53 -19.02 38.45
CA ALA D 230 25.94 -18.76 38.20
C ALA D 230 26.43 -17.58 39.05
N ASP D 231 25.51 -16.66 39.38
CA ASP D 231 25.80 -15.47 40.15
C ASP D 231 25.58 -15.68 41.66
N GLY D 232 25.23 -16.88 42.14
CA GLY D 232 25.05 -17.07 43.58
C GLY D 232 23.66 -16.69 44.09
N ARG D 233 22.75 -16.27 43.18
CA ARG D 233 21.35 -16.02 43.50
C ARG D 233 20.54 -17.26 43.13
N TYR D 234 19.23 -17.25 43.42
CA TYR D 234 18.43 -18.46 43.35
C TYR D 234 17.24 -18.29 42.41
N VAL D 235 16.83 -19.42 41.82
CA VAL D 235 15.52 -19.54 41.22
C VAL D 235 14.77 -20.59 42.01
N ALA D 236 13.46 -20.48 41.90
CA ALA D 236 12.53 -21.46 42.41
C ALA D 236 11.96 -22.23 41.25
N VAL D 237 11.90 -23.55 41.44
CA VAL D 237 11.33 -24.50 40.51
C VAL D 237 10.16 -25.18 41.20
N GLY D 238 8.99 -25.13 40.55
CA GLY D 238 7.77 -25.71 41.06
C GLY D 238 7.01 -26.57 40.05
N ALA D 239 7.76 -27.27 39.18
CA ALA D 239 7.20 -27.93 38.02
C ALA D 239 6.72 -29.34 38.39
N ILE D 240 5.60 -29.38 39.11
CA ILE D 240 5.00 -30.62 39.54
C ILE D 240 4.37 -31.36 38.34
N GLU D 241 3.52 -30.67 37.58
CA GLU D 241 2.78 -31.34 36.51
C GLU D 241 3.75 -31.74 35.39
N PRO D 242 3.61 -32.94 34.80
CA PRO D 242 4.58 -33.38 33.79
C PRO D 242 4.73 -32.42 32.61
N GLN D 243 3.65 -31.75 32.21
CA GLN D 243 3.72 -30.84 31.07
C GLN D 243 4.54 -29.60 31.43
N PHE D 244 4.46 -29.13 32.70
CA PHE D 244 5.24 -27.98 33.12
C PHE D 244 6.72 -28.36 33.24
N TYR D 245 6.93 -29.54 33.81
CA TYR D 245 8.26 -30.13 33.92
C TYR D 245 8.90 -30.30 32.55
N ALA D 246 8.12 -30.67 31.51
CA ALA D 246 8.73 -30.87 30.19
C ALA D 246 9.16 -29.53 29.62
N ALA D 247 8.38 -28.45 29.92
CA ALA D 247 8.69 -27.14 29.39
C ALA D 247 9.95 -26.66 30.08
N MET D 248 10.10 -27.07 31.32
CA MET D 248 11.25 -26.63 32.06
C MET D 248 12.53 -27.22 31.46
N LEU D 249 12.53 -28.53 31.25
CA LEU D 249 13.71 -29.21 30.72
C LEU D 249 14.14 -28.61 29.38
N ALA D 250 13.14 -28.32 28.54
CA ALA D 250 13.41 -27.78 27.21
C ALA D 250 14.15 -26.46 27.34
N GLY D 251 13.66 -25.60 28.25
CA GLY D 251 14.28 -24.31 28.53
C GLY D 251 15.69 -24.43 29.11
N LEU D 252 15.96 -25.50 29.86
CA LEU D 252 17.29 -25.71 30.41
C LEU D 252 18.20 -26.30 29.35
N GLY D 253 17.66 -26.79 28.22
CA GLY D 253 18.50 -27.46 27.24
C GLY D 253 18.83 -28.92 27.57
N LEU D 254 18.03 -29.58 28.41
CA LEU D 254 18.21 -30.98 28.77
C LEU D 254 17.20 -31.84 28.02
N ASP D 255 17.68 -32.88 27.33
CA ASP D 255 16.75 -33.78 26.65
C ASP D 255 16.24 -34.76 27.69
N ALA D 256 14.92 -34.97 27.69
CA ALA D 256 14.28 -35.91 28.57
C ALA D 256 14.97 -37.27 28.48
N ALA D 257 15.51 -37.63 27.30
CA ALA D 257 16.07 -38.95 27.08
C ALA D 257 17.34 -39.16 27.91
N GLU D 258 18.06 -38.10 28.30
CA GLU D 258 19.30 -38.30 29.03
C GLU D 258 19.07 -38.23 30.54
N LEU D 259 17.82 -38.12 30.99
CA LEU D 259 17.50 -37.84 32.39
C LEU D 259 16.74 -39.02 32.98
N PRO D 260 16.87 -39.30 34.29
CA PRO D 260 15.98 -40.25 34.95
C PRO D 260 14.53 -39.74 34.89
N PRO D 261 13.53 -40.62 35.03
CA PRO D 261 12.13 -40.21 35.11
C PRO D 261 11.90 -39.22 36.27
N GLN D 262 11.01 -38.26 36.01
CA GLN D 262 10.75 -37.16 36.94
C GLN D 262 10.44 -37.67 38.34
N ASN D 263 9.68 -38.78 38.42
CA ASN D 263 9.15 -39.26 39.68
C ASN D 263 9.75 -40.62 40.04
N ASP D 264 10.93 -40.93 39.52
CA ASP D 264 11.68 -42.09 40.01
C ASP D 264 12.55 -41.60 41.18
N ARG D 265 12.00 -41.74 42.41
CA ARG D 265 12.58 -41.21 43.63
C ARG D 265 13.96 -41.83 43.90
N ALA D 266 14.17 -43.06 43.47
CA ALA D 266 15.46 -43.72 43.65
C ALA D 266 16.54 -43.01 42.86
N ARG D 267 16.17 -42.30 41.76
CA ARG D 267 17.18 -41.62 40.97
C ARG D 267 17.14 -40.10 41.14
N TRP D 268 16.45 -39.60 42.16
CA TRP D 268 16.38 -38.17 42.39
C TRP D 268 17.77 -37.57 42.64
N PRO D 269 18.71 -38.28 43.31
CA PRO D 269 20.07 -37.75 43.39
C PRO D 269 20.67 -37.44 42.04
N GLU D 270 20.58 -38.34 41.08
CA GLU D 270 21.13 -38.07 39.76
C GLU D 270 20.37 -36.91 39.12
N LEU D 271 19.05 -36.93 39.22
CA LEU D 271 18.26 -35.88 38.57
C LEU D 271 18.62 -34.54 39.19
N ARG D 272 18.79 -34.50 40.52
CA ARG D 272 19.12 -33.21 41.13
C ARG D 272 20.48 -32.70 40.67
N ALA D 273 21.46 -33.60 40.50
CA ALA D 273 22.78 -33.20 40.05
C ALA D 273 22.70 -32.64 38.63
N LEU D 274 21.88 -33.24 37.77
CA LEU D 274 21.77 -32.72 36.40
C LEU D 274 21.08 -31.36 36.39
N LEU D 275 20.00 -31.21 37.17
CA LEU D 275 19.33 -29.91 37.22
C LEU D 275 20.24 -28.85 37.85
N THR D 276 21.04 -29.25 38.83
CA THR D 276 21.92 -28.33 39.55
C THR D 276 22.94 -27.74 38.60
N GLU D 277 23.58 -28.60 37.79
CA GLU D 277 24.57 -28.16 36.82
C GLU D 277 23.93 -27.25 35.78
N ALA D 278 22.71 -27.56 35.33
CA ALA D 278 22.08 -26.72 34.34
C ALA D 278 21.83 -25.32 34.90
N PHE D 279 21.18 -25.22 36.07
CA PHE D 279 20.83 -23.88 36.59
C PHE D 279 22.09 -23.10 36.92
N ALA D 280 23.15 -23.79 37.35
CA ALA D 280 24.39 -23.09 37.73
C ALA D 280 25.12 -22.48 36.52
N SER D 281 24.70 -22.77 35.28
CA SER D 281 25.44 -22.32 34.11
C SER D 281 25.06 -20.91 33.68
N HIS D 282 23.98 -20.35 34.22
CA HIS D 282 23.59 -19.00 33.90
C HIS D 282 23.10 -18.34 35.20
N ASP D 283 23.01 -17.02 35.16
CA ASP D 283 22.61 -16.23 36.31
C ASP D 283 21.09 -16.21 36.43
N ARG D 284 20.61 -15.79 37.60
CA ARG D 284 19.19 -15.81 37.92
C ARG D 284 18.40 -14.99 36.88
N ASP D 285 18.85 -13.81 36.53
CA ASP D 285 18.06 -12.94 35.67
C ASP D 285 17.95 -13.51 34.25
N HIS D 286 18.92 -14.33 33.85
CA HIS D 286 18.84 -15.05 32.60
C HIS D 286 17.65 -16.02 32.63
N TRP D 287 17.58 -16.83 33.70
CA TRP D 287 16.51 -17.80 33.80
C TRP D 287 15.16 -17.09 33.88
N GLY D 288 15.11 -15.96 34.56
CA GLY D 288 13.84 -15.26 34.70
C GLY D 288 13.31 -14.77 33.35
N ALA D 289 14.23 -14.38 32.47
CA ALA D 289 13.90 -13.92 31.15
C ALA D 289 13.48 -15.11 30.29
N VAL D 290 14.34 -16.14 30.22
CA VAL D 290 14.06 -17.36 29.51
C VAL D 290 12.66 -17.86 29.87
N PHE D 291 12.28 -17.83 31.17
CA PHE D 291 11.05 -18.52 31.54
C PHE D 291 9.86 -17.58 31.65
N ALA D 292 10.06 -16.27 31.42
CA ALA D 292 8.96 -15.33 31.34
C ALA D 292 7.89 -15.82 30.36
N ASN D 293 6.62 -15.75 30.76
CA ASN D 293 5.47 -16.16 29.97
C ASN D 293 5.42 -17.65 29.71
N SER D 294 6.23 -18.44 30.44
CA SER D 294 6.22 -19.86 30.26
C SER D 294 5.51 -20.55 31.43
N ASP D 295 5.08 -21.78 31.21
CA ASP D 295 4.45 -22.59 32.22
C ASP D 295 5.48 -23.51 32.88
N ALA D 296 6.77 -23.22 32.74
CA ALA D 296 7.80 -24.08 33.34
C ALA D 296 7.87 -23.99 34.88
N CYS D 297 7.21 -23.01 35.48
CA CYS D 297 7.17 -22.87 36.94
C CYS D 297 8.58 -22.63 37.50
N VAL D 298 9.29 -21.71 36.84
CA VAL D 298 10.59 -21.26 37.25
C VAL D 298 10.51 -19.75 37.44
N THR D 299 10.89 -19.28 38.62
CA THR D 299 10.81 -17.87 38.97
C THR D 299 12.06 -17.47 39.74
N PRO D 300 12.46 -16.19 39.63
CA PRO D 300 13.59 -15.71 40.39
C PRO D 300 13.18 -15.56 41.85
N VAL D 301 14.11 -15.91 42.74
CA VAL D 301 13.96 -15.75 44.17
C VAL D 301 14.50 -14.39 44.54
N LEU D 302 13.55 -13.45 44.73
CA LEU D 302 13.88 -12.07 44.97
C LEU D 302 14.00 -11.84 46.48
N ALA D 303 15.04 -11.09 46.82
CA ALA D 303 15.19 -10.55 48.16
C ALA D 303 14.21 -9.39 48.38
N PHE D 304 13.79 -9.18 49.65
CA PHE D 304 12.88 -8.08 49.99
C PHE D 304 13.19 -6.81 49.23
N GLY D 305 14.46 -6.42 49.27
CA GLY D 305 14.93 -5.17 48.68
C GLY D 305 14.82 -5.09 47.16
N GLU D 306 14.64 -6.22 46.46
CA GLU D 306 14.51 -6.23 45.00
C GLU D 306 13.05 -6.27 44.58
N VAL D 307 12.15 -6.56 45.50
CA VAL D 307 10.76 -6.81 45.15
C VAL D 307 10.15 -5.63 44.39
N HIS D 308 10.54 -4.41 44.78
CA HIS D 308 9.91 -3.19 44.27
C HIS D 308 10.18 -3.02 42.77
N ASN D 309 11.13 -3.77 42.23
CA ASN D 309 11.57 -3.63 40.85
C ASN D 309 10.95 -4.70 39.97
N GLU D 310 10.20 -5.63 40.55
CA GLU D 310 9.59 -6.67 39.74
C GLU D 310 8.36 -6.12 39.04
N PRO D 311 8.27 -6.22 37.70
CA PRO D 311 7.12 -5.71 36.96
C PRO D 311 5.75 -6.13 37.45
N HIS D 312 5.56 -7.43 37.70
CA HIS D 312 4.24 -7.91 38.07
C HIS D 312 3.82 -7.33 39.40
N ILE D 313 4.79 -7.09 40.29
CA ILE D 313 4.56 -6.45 41.58
C ILE D 313 4.17 -4.98 41.38
N ILE D 314 4.99 -4.23 40.64
CA ILE D 314 4.73 -2.82 40.35
C ILE D 314 3.33 -2.67 39.72
N GLU D 315 3.03 -3.43 38.66
CA GLU D 315 1.84 -3.17 37.90
C GLU D 315 0.56 -3.49 38.67
N ARG D 316 0.54 -4.46 39.60
CA ARG D 316 -0.68 -4.76 40.33
C ARG D 316 -0.80 -3.96 41.64
N ASN D 317 0.19 -3.14 41.93
CA ASN D 317 0.22 -2.35 43.14
C ASN D 317 0.03 -3.24 44.35
N THR D 318 0.84 -4.28 44.43
CA THR D 318 0.86 -5.14 45.59
C THR D 318 1.36 -4.36 46.81
N PHE D 319 2.28 -3.41 46.58
CA PHE D 319 2.89 -2.61 47.64
C PHE D 319 2.62 -1.11 47.44
N TYR D 320 2.76 -0.32 48.52
CA TYR D 320 2.71 1.14 48.48
C TYR D 320 3.90 1.63 49.30
N GLU D 321 4.46 2.78 48.97
CA GLU D 321 5.52 3.36 49.76
C GLU D 321 4.93 4.26 50.84
N ALA D 322 5.28 3.96 52.11
CA ALA D 322 4.90 4.77 53.26
C ALA D 322 6.17 5.28 53.91
N ASN D 323 6.11 5.54 55.23
CA ASN D 323 7.12 4.99 56.13
C ASN D 323 8.47 5.64 55.81
N GLY D 324 9.53 4.86 56.01
CA GLY D 324 10.69 4.87 55.12
C GLY D 324 10.87 3.46 54.53
N GLY D 325 9.90 3.04 53.68
CA GLY D 325 9.93 1.74 53.03
C GLY D 325 8.56 1.25 52.56
N TRP D 326 8.56 0.21 51.73
CA TRP D 326 7.34 -0.32 51.14
C TRP D 326 6.63 -1.23 52.14
N GLN D 327 5.32 -1.32 51.96
CA GLN D 327 4.44 -2.12 52.78
C GLN D 327 3.39 -2.71 51.86
N PRO D 328 2.90 -3.90 52.17
CA PRO D 328 1.89 -4.52 51.32
C PRO D 328 0.56 -3.76 51.42
N MET D 329 -0.09 -3.61 50.26
CA MET D 329 -1.43 -3.08 50.20
C MET D 329 -2.34 -4.13 50.79
N PRO D 330 -3.56 -3.72 51.22
CA PRO D 330 -4.56 -4.64 51.72
C PRO D 330 -4.82 -5.79 50.76
N ALA D 331 -5.17 -6.92 51.35
CA ALA D 331 -5.51 -8.08 50.57
C ALA D 331 -6.65 -8.73 51.32
N PRO D 332 -7.58 -9.46 50.67
CA PRO D 332 -7.65 -9.56 49.21
C PRO D 332 -8.27 -8.27 48.66
N ARG D 333 -8.73 -8.31 47.39
CA ARG D 333 -9.24 -7.13 46.69
C ARG D 333 -10.73 -7.32 46.39
N PHE D 334 -11.46 -6.19 46.39
CA PHE D 334 -12.91 -6.25 46.21
C PHE D 334 -13.30 -5.39 44.98
N SER D 335 -14.16 -5.93 44.11
CA SER D 335 -14.56 -5.24 42.87
C SER D 335 -15.27 -3.89 43.12
N ARG D 336 -16.22 -3.82 44.07
CA ARG D 336 -17.08 -2.64 44.26
C ARG D 336 -16.66 -1.80 45.48
N THR D 337 -16.54 -2.44 46.66
CA THR D 337 -16.12 -1.78 47.88
C THR D 337 -14.62 -1.96 48.13
N ALA D 338 -13.82 -1.18 47.42
CA ALA D 338 -12.39 -1.38 47.31
C ALA D 338 -11.67 -0.70 48.46
N SER D 339 -10.68 -1.39 49.05
CA SER D 339 -9.90 -0.84 50.14
C SER D 339 -9.10 0.33 49.60
N SER D 340 -8.77 1.25 50.48
CA SER D 340 -7.88 2.33 50.10
C SER D 340 -6.53 2.11 50.75
N GLN D 341 -5.59 2.95 50.37
CA GLN D 341 -4.28 2.92 50.97
C GLN D 341 -4.40 3.09 52.48
N PRO D 342 -3.68 2.27 53.28
CA PRO D 342 -3.66 2.42 54.73
C PRO D 342 -3.23 3.79 55.23
N ARG D 343 -3.91 4.24 56.30
CA ARG D 343 -3.54 5.45 57.00
C ARG D 343 -2.36 5.10 57.90
N PRO D 344 -1.30 5.91 57.90
CA PRO D 344 -0.18 5.67 58.81
C PRO D 344 -0.62 5.68 60.27
N PRO D 345 0.22 5.12 61.18
CA PRO D 345 -0.04 5.26 62.62
C PRO D 345 -0.17 6.74 63.00
N ALA D 346 -1.27 7.09 63.70
CA ALA D 346 -1.52 8.46 64.11
C ALA D 346 -1.13 8.68 65.58
N ALA D 347 -1.13 9.94 66.03
CA ALA D 347 -0.91 10.27 67.44
C ALA D 347 -2.04 9.68 68.30
N THR D 348 -1.71 9.41 69.57
CA THR D 348 -2.68 9.01 70.59
C THR D 348 -3.81 10.02 70.62
N ILE D 349 -5.02 9.54 70.88
CA ILE D 349 -6.13 10.44 71.01
C ILE D 349 -6.89 10.08 72.28
N ASP D 350 -7.76 11.03 72.66
CA ASP D 350 -8.42 11.00 73.95
C ASP D 350 -9.55 9.97 73.90
N ILE D 351 -9.58 9.04 74.85
CA ILE D 351 -10.56 7.96 74.86
C ILE D 351 -12.00 8.52 74.93
N GLU D 352 -12.13 9.74 75.49
CA GLU D 352 -13.41 10.45 75.54
C GLU D 352 -13.85 10.85 74.13
N ALA D 353 -12.95 11.48 73.35
CA ALA D 353 -13.23 11.87 71.97
C ALA D 353 -13.74 10.69 71.16
N VAL D 354 -13.27 9.48 71.46
CA VAL D 354 -13.72 8.33 70.68
C VAL D 354 -15.15 7.99 71.08
N LEU D 355 -15.45 7.95 72.40
CA LEU D 355 -16.80 7.61 72.86
C LEU D 355 -17.82 8.65 72.33
N THR D 356 -17.34 9.89 72.16
CA THR D 356 -18.15 10.96 71.61
C THR D 356 -18.53 10.62 70.16
N ASP D 357 -17.49 10.45 69.34
CA ASP D 357 -17.60 10.06 67.94
C ASP D 357 -18.56 8.88 67.79
N TRP D 358 -18.45 7.85 68.64
CA TRP D 358 -19.27 6.65 68.49
C TRP D 358 -20.67 6.81 69.12
N ASP D 359 -21.11 8.05 69.37
CA ASP D 359 -22.40 8.30 70.03
C ASP D 359 -22.66 7.25 71.12
N MET E 1 2.64 53.70 13.70
CA MET E 1 2.47 52.27 13.29
C MET E 1 3.15 52.05 11.94
N ALA E 2 4.09 51.09 11.89
CA ALA E 2 4.90 50.88 10.70
C ALA E 2 4.19 50.02 9.65
N GLY E 3 4.38 50.39 8.39
CA GLY E 3 4.07 49.52 7.27
C GLY E 3 3.23 50.26 6.25
N PRO E 4 2.97 49.66 5.07
CA PRO E 4 2.22 50.36 4.05
C PRO E 4 0.74 50.63 4.38
N LEU E 5 0.20 49.91 5.39
CA LEU E 5 -1.22 50.03 5.73
C LEU E 5 -1.41 50.93 6.94
N SER E 6 -0.35 51.61 7.42
CA SER E 6 -0.48 52.63 8.44
C SER E 6 -1.67 53.53 8.10
N GLY E 7 -2.51 53.79 9.10
CA GLY E 7 -3.68 54.62 8.87
C GLY E 7 -4.97 53.81 8.63
N LEU E 8 -4.87 52.62 8.02
CA LEU E 8 -6.09 51.86 7.73
C LEU E 8 -6.72 51.33 9.03
N ARG E 9 -8.05 51.49 9.16
CA ARG E 9 -8.74 51.13 10.39
C ARG E 9 -9.66 49.94 10.13
N VAL E 10 -9.54 48.94 10.99
CA VAL E 10 -10.16 47.65 10.71
C VAL E 10 -10.85 47.21 11.98
N VAL E 11 -12.15 46.87 11.84
CA VAL E 11 -12.92 46.19 12.88
C VAL E 11 -13.14 44.71 12.50
N GLU E 12 -12.70 43.84 13.40
CA GLU E 12 -12.69 42.40 13.26
C GLU E 12 -13.70 41.82 14.25
N LEU E 13 -14.75 41.17 13.72
CA LEU E 13 -15.62 40.44 14.64
C LEU E 13 -15.05 39.05 14.87
N ALA E 14 -14.71 38.77 16.13
CA ALA E 14 -13.85 37.66 16.44
C ALA E 14 -14.43 36.36 15.92
N GLY E 15 -13.61 35.62 15.15
CA GLY E 15 -13.90 34.25 14.78
C GLY E 15 -12.63 33.40 14.81
N ILE E 16 -12.65 32.27 14.09
CA ILE E 16 -11.52 31.35 14.01
C ILE E 16 -11.14 31.08 12.55
N GLY E 17 -9.85 30.85 12.34
CA GLY E 17 -9.35 30.46 11.03
C GLY E 17 -9.08 31.66 10.12
N PRO E 18 -9.75 31.76 8.97
CA PRO E 18 -9.35 32.73 7.95
C PRO E 18 -9.57 34.18 8.38
N GLY E 19 -10.66 34.44 9.11
CA GLY E 19 -10.97 35.80 9.51
C GLY E 19 -9.81 36.39 10.31
N PRO E 20 -9.42 35.78 11.43
CA PRO E 20 -8.32 36.31 12.21
C PRO E 20 -6.95 36.25 11.52
N HIS E 21 -6.85 35.46 10.44
CA HIS E 21 -5.57 35.38 9.75
C HIS E 21 -5.47 36.59 8.82
N ALA E 22 -6.55 36.93 8.14
CA ALA E 22 -6.58 38.13 7.32
C ALA E 22 -6.36 39.35 8.22
N ALA E 23 -7.00 39.37 9.38
CA ALA E 23 -6.88 40.53 10.24
C ALA E 23 -5.43 40.64 10.76
N MET E 24 -4.79 39.49 11.00
CA MET E 24 -3.39 39.48 11.42
C MET E 24 -2.49 40.14 10.36
N ILE E 25 -2.64 39.73 9.11
CA ILE E 25 -1.80 40.27 8.05
C ILE E 25 -2.04 41.78 7.87
N LEU E 26 -3.29 42.27 7.95
CA LEU E 26 -3.51 43.70 7.82
C LEU E 26 -2.76 44.42 8.94
N GLY E 27 -2.86 43.88 10.14
CA GLY E 27 -2.16 44.40 11.29
C GLY E 27 -0.63 44.36 11.16
N ASP E 28 -0.15 43.23 10.63
CA ASP E 28 1.27 43.03 10.42
C ASP E 28 1.79 44.19 9.57
N LEU E 29 1.03 44.59 8.54
CA LEU E 29 1.46 45.57 7.56
C LEU E 29 1.06 47.00 7.98
N GLY E 30 0.68 47.17 9.24
CA GLY E 30 0.56 48.48 9.84
C GLY E 30 -0.87 48.93 10.14
N ALA E 31 -1.89 48.19 9.64
CA ALA E 31 -3.30 48.52 9.84
C ALA E 31 -3.62 48.61 11.33
N ASP E 32 -4.60 49.46 11.64
CA ASP E 32 -5.09 49.63 13.01
C ASP E 32 -6.29 48.71 13.22
N VAL E 33 -6.08 47.63 13.96
CA VAL E 33 -7.00 46.50 13.92
C VAL E 33 -7.60 46.33 15.31
N VAL E 34 -8.94 46.47 15.37
CA VAL E 34 -9.61 46.35 16.65
C VAL E 34 -10.56 45.16 16.56
N ARG E 35 -10.35 44.23 17.49
CA ARG E 35 -10.98 42.93 17.47
C ARG E 35 -12.02 42.88 18.58
N ILE E 36 -13.28 42.66 18.19
CA ILE E 36 -14.36 42.58 19.16
C ILE E 36 -14.67 41.12 19.48
N ASP E 37 -14.38 40.74 20.73
CA ASP E 37 -14.66 39.40 21.21
C ASP E 37 -15.81 39.46 22.24
N ARG E 38 -16.35 38.28 22.57
CA ARG E 38 -17.33 38.10 23.63
C ARG E 38 -16.63 38.31 24.97
N PRO E 39 -17.29 38.97 25.96
CA PRO E 39 -16.75 38.98 27.33
C PRO E 39 -16.48 37.57 27.88
N SER E 40 -17.32 36.58 27.55
CA SER E 40 -17.18 35.23 28.04
C SER E 40 -15.91 34.55 27.54
N SER E 41 -15.38 34.97 26.37
CA SER E 41 -14.32 34.23 25.69
C SER E 41 -12.94 34.78 26.05
N VAL E 42 -12.87 35.82 26.88
CA VAL E 42 -11.60 36.45 27.24
C VAL E 42 -11.25 36.08 28.68
N ASP E 43 -10.05 35.51 28.89
CA ASP E 43 -9.44 35.30 30.20
C ASP E 43 -8.64 36.55 30.57
N GLY E 44 -7.33 36.50 30.28
CA GLY E 44 -6.49 37.68 30.27
C GLY E 44 -5.86 37.84 28.89
N ILE E 45 -4.53 37.72 28.82
CA ILE E 45 -3.80 37.96 27.59
C ILE E 45 -3.78 36.68 26.75
N SER E 46 -4.13 36.81 25.46
CA SER E 46 -4.18 35.65 24.56
C SER E 46 -2.79 35.02 24.39
N ARG E 47 -2.79 33.68 24.40
CA ARG E 47 -1.61 32.87 24.18
C ARG E 47 -1.48 32.53 22.69
N ASP E 48 -2.36 33.10 21.84
CA ASP E 48 -2.43 32.81 20.42
C ASP E 48 -1.72 33.88 19.59
N ALA E 49 -0.55 33.52 19.02
CA ALA E 49 0.27 34.44 18.25
C ALA E 49 -0.48 34.99 17.04
N MET E 50 -1.58 34.33 16.61
CA MET E 50 -2.33 34.85 15.48
C MET E 50 -3.04 36.16 15.83
N LEU E 51 -3.20 36.44 17.13
CA LEU E 51 -3.81 37.67 17.63
C LEU E 51 -2.77 38.75 17.97
N ARG E 52 -1.59 38.66 17.36
CA ARG E 52 -0.63 39.77 17.38
C ARG E 52 -1.17 40.95 16.56
N ASN E 53 -0.59 42.13 16.80
CA ASN E 53 -0.92 43.35 16.07
C ASN E 53 -2.41 43.70 16.15
N ARG E 54 -2.98 43.60 17.36
CA ARG E 54 -4.40 43.85 17.63
C ARG E 54 -4.59 44.81 18.81
N ARG E 55 -5.76 45.48 18.86
CA ARG E 55 -6.38 45.84 20.15
C ARG E 55 -7.64 44.97 20.36
N ILE E 56 -7.65 44.24 21.50
CA ILE E 56 -8.76 43.38 21.89
C ILE E 56 -9.74 44.21 22.73
N VAL E 57 -10.99 44.32 22.25
CA VAL E 57 -12.10 44.81 23.07
C VAL E 57 -13.13 43.70 23.21
N THR E 58 -13.99 43.87 24.21
CA THR E 58 -14.97 42.88 24.63
C THR E 58 -16.35 43.55 24.60
N ALA E 59 -17.35 42.85 24.06
CA ALA E 59 -18.72 43.35 24.03
C ALA E 59 -19.69 42.23 23.67
N ASP E 60 -20.80 42.20 24.41
CA ASP E 60 -21.92 41.32 24.11
C ASP E 60 -22.71 41.94 22.98
N LEU E 61 -22.50 41.47 21.74
CA LEU E 61 -23.11 42.11 20.60
C LEU E 61 -24.63 41.88 20.56
N LYS E 62 -25.15 41.02 21.45
CA LYS E 62 -26.58 40.79 21.52
C LYS E 62 -27.23 41.79 22.47
N SER E 63 -26.44 42.40 23.37
CA SER E 63 -26.94 43.45 24.24
C SER E 63 -27.10 44.75 23.44
N ASP E 64 -27.99 45.64 23.90
CA ASP E 64 -28.28 46.88 23.20
C ASP E 64 -27.06 47.81 23.23
N GLN E 65 -26.33 47.86 24.35
CA GLN E 65 -25.19 48.73 24.49
C GLN E 65 -24.00 48.22 23.66
N GLY E 66 -23.76 46.90 23.73
CA GLY E 66 -22.80 46.22 22.87
C GLY E 66 -22.96 46.60 21.41
N LEU E 67 -24.19 46.50 20.88
CA LEU E 67 -24.43 46.76 19.47
C LEU E 67 -24.13 48.23 19.13
N GLU E 68 -24.40 49.12 20.08
CA GLU E 68 -24.32 50.53 19.78
C GLU E 68 -22.84 50.91 19.73
N LEU E 69 -22.09 50.45 20.72
CA LEU E 69 -20.64 50.60 20.76
C LEU E 69 -19.99 50.08 19.48
N ALA E 70 -20.39 48.87 19.06
CA ALA E 70 -19.84 48.25 17.86
C ALA E 70 -20.15 49.12 16.65
N LEU E 71 -21.36 49.70 16.57
CA LEU E 71 -21.68 50.49 15.39
C LEU E 71 -20.89 51.81 15.36
N LYS E 72 -20.48 52.29 16.54
CA LYS E 72 -19.71 53.52 16.61
C LYS E 72 -18.28 53.24 16.12
N LEU E 73 -17.66 52.16 16.61
CA LEU E 73 -16.37 51.68 16.09
C LEU E 73 -16.45 51.59 14.58
N ILE E 74 -17.47 50.88 14.08
CA ILE E 74 -17.60 50.62 12.66
C ILE E 74 -17.74 51.94 11.89
N ALA E 75 -18.41 52.94 12.48
CA ALA E 75 -18.62 54.23 11.81
C ALA E 75 -17.28 54.95 11.56
N LYS E 76 -16.28 54.73 12.43
CA LYS E 76 -14.98 55.37 12.33
C LYS E 76 -13.95 54.52 11.56
N ALA E 77 -14.37 53.47 10.86
CA ALA E 77 -13.44 52.46 10.35
C ALA E 77 -13.53 52.35 8.84
N ASP E 78 -12.49 51.77 8.23
CA ASP E 78 -12.45 51.58 6.79
C ASP E 78 -12.97 50.19 6.40
N VAL E 79 -12.76 49.23 7.31
CA VAL E 79 -12.95 47.82 6.95
C VAL E 79 -13.58 47.10 8.11
N LEU E 80 -14.58 46.27 7.80
CA LEU E 80 -15.05 45.33 8.79
C LEU E 80 -14.89 43.90 8.26
N ILE E 81 -14.48 43.01 9.17
CA ILE E 81 -14.26 41.60 8.85
C ILE E 81 -15.16 40.77 9.74
N GLU E 82 -15.90 39.86 9.10
CA GLU E 82 -16.70 38.93 9.87
C GLU E 82 -16.69 37.60 9.14
N GLY E 83 -16.64 36.52 9.91
CA GLY E 83 -16.64 35.17 9.39
C GLY E 83 -17.65 34.24 10.09
N TYR E 84 -18.83 34.77 10.39
CA TYR E 84 -19.95 33.95 10.87
C TYR E 84 -20.71 33.38 9.68
N ARG E 85 -21.68 32.49 9.96
CA ARG E 85 -22.59 32.04 8.93
C ARG E 85 -23.36 33.24 8.38
N PRO E 86 -23.77 33.20 7.11
CA PRO E 86 -24.59 34.26 6.55
C PRO E 86 -25.86 34.43 7.39
N GLY E 87 -26.30 35.68 7.52
CA GLY E 87 -27.46 36.05 8.34
C GLY E 87 -27.08 36.41 9.77
N VAL E 88 -25.93 35.93 10.27
CA VAL E 88 -25.63 36.13 11.68
C VAL E 88 -25.42 37.60 12.01
N THR E 89 -24.64 38.33 11.18
CA THR E 89 -24.48 39.75 11.43
C THR E 89 -25.82 40.44 11.16
N GLU E 90 -26.54 40.02 10.11
CA GLU E 90 -27.83 40.63 9.81
C GLU E 90 -28.67 40.64 11.08
N ARG E 91 -28.72 39.49 11.80
CA ARG E 91 -29.56 39.36 12.98
C ARG E 91 -29.03 40.17 14.16
N LEU E 92 -27.72 40.31 14.31
CA LEU E 92 -27.23 41.13 15.41
C LEU E 92 -27.55 42.62 15.16
N GLY E 93 -27.89 42.98 13.90
CA GLY E 93 -28.01 44.36 13.45
C GLY E 93 -26.65 44.98 13.06
N LEU E 94 -25.73 44.12 12.61
CA LEU E 94 -24.40 44.50 12.14
C LEU E 94 -24.25 44.10 10.68
N GLY E 95 -25.37 43.83 10.01
CA GLY E 95 -25.43 43.50 8.60
C GLY E 95 -24.84 44.60 7.72
N PRO E 96 -24.54 44.34 6.43
CA PRO E 96 -23.98 45.38 5.57
C PRO E 96 -24.89 46.61 5.54
N GLU E 97 -26.21 46.40 5.45
CA GLU E 97 -27.16 47.50 5.29
C GLU E 97 -27.19 48.44 6.48
N GLU E 98 -27.25 47.86 7.68
CA GLU E 98 -27.15 48.58 8.93
C GLU E 98 -25.82 49.32 9.08
N CYS E 99 -24.72 48.70 8.66
CA CYS E 99 -23.41 49.33 8.73
C CYS E 99 -23.34 50.47 7.71
N ALA E 100 -23.94 50.28 6.52
CA ALA E 100 -23.93 51.29 5.47
C ALA E 100 -24.67 52.56 5.92
N LYS E 101 -25.58 52.42 6.89
CA LYS E 101 -26.27 53.57 7.44
C LYS E 101 -25.32 54.46 8.20
N VAL E 102 -24.35 53.91 8.96
CA VAL E 102 -23.49 54.74 9.79
C VAL E 102 -22.13 54.94 9.12
N ASN E 103 -21.92 54.41 7.89
CA ASN E 103 -20.64 54.50 7.19
C ASN E 103 -20.76 54.00 5.75
N ASP E 104 -21.04 54.90 4.80
CA ASP E 104 -21.22 54.50 3.40
C ASP E 104 -19.87 54.19 2.71
N ARG E 105 -18.76 54.32 3.43
CA ARG E 105 -17.47 54.11 2.80
C ARG E 105 -16.84 52.80 3.29
N LEU E 106 -17.65 51.98 3.99
CA LEU E 106 -17.14 50.80 4.68
C LEU E 106 -16.93 49.67 3.67
N ILE E 107 -15.76 49.03 3.79
CA ILE E 107 -15.54 47.76 3.14
C ILE E 107 -16.00 46.66 4.10
N TYR E 108 -17.03 45.94 3.63
CA TYR E 108 -17.68 44.89 4.43
C TYR E 108 -17.23 43.53 3.91
N ALA E 109 -16.36 42.89 4.70
CA ALA E 109 -15.69 41.69 4.23
C ALA E 109 -16.23 40.46 4.98
N ARG E 110 -16.77 39.56 4.17
CA ARG E 110 -17.48 38.37 4.65
C ARG E 110 -16.72 37.10 4.27
N MET E 111 -16.19 36.45 5.32
CA MET E 111 -15.35 35.26 5.19
C MET E 111 -16.17 34.00 5.52
N THR E 112 -16.47 33.22 4.50
CA THR E 112 -17.17 31.96 4.71
C THR E 112 -16.46 30.86 3.92
N GLY E 113 -16.90 29.61 4.15
CA GLY E 113 -16.47 28.48 3.35
C GLY E 113 -17.28 28.32 2.08
N TRP E 114 -18.62 28.32 2.25
CA TRP E 114 -19.49 27.94 1.16
C TRP E 114 -20.03 29.17 0.40
N GLY E 115 -19.86 30.38 0.94
CA GLY E 115 -20.44 31.55 0.29
C GLY E 115 -21.70 32.04 1.01
N GLN E 116 -22.24 33.14 0.46
CA GLN E 116 -23.30 33.88 1.12
C GLN E 116 -24.64 33.26 0.74
N THR E 117 -24.68 32.53 -0.36
CA THR E 117 -25.93 31.91 -0.76
C THR E 117 -25.69 30.51 -1.32
N GLY E 118 -26.79 29.80 -1.58
CA GLY E 118 -26.79 28.51 -2.20
C GLY E 118 -27.08 27.43 -1.17
N PRO E 119 -27.23 26.20 -1.65
CA PRO E 119 -27.73 25.10 -0.82
C PRO E 119 -26.86 24.78 0.40
N ARG E 120 -25.54 25.05 0.34
CA ARG E 120 -24.67 24.68 1.44
C ARG E 120 -24.36 25.88 2.32
N SER E 121 -25.01 27.03 2.06
CA SER E 121 -24.59 28.28 2.68
C SER E 121 -24.77 28.27 4.17
N GLN E 122 -25.65 27.40 4.71
CA GLN E 122 -25.81 27.35 6.17
C GLN E 122 -25.17 26.10 6.80
N GLN E 123 -24.59 25.21 5.99
CA GLN E 123 -23.95 24.00 6.48
C GLN E 123 -22.64 24.30 7.18
N ALA E 124 -22.45 23.67 8.36
CA ALA E 124 -21.18 23.71 9.06
C ALA E 124 -20.13 23.07 8.15
N GLY E 125 -18.89 23.50 8.34
CA GLY E 125 -17.80 22.97 7.55
C GLY E 125 -16.45 23.38 8.11
N HIS E 126 -15.44 22.67 7.62
CA HIS E 126 -14.05 23.02 7.84
C HIS E 126 -13.31 22.90 6.52
N ASP E 127 -12.01 23.27 6.53
CA ASP E 127 -11.16 23.35 5.34
C ASP E 127 -11.33 22.11 4.48
N ILE E 128 -11.24 20.93 5.11
CA ILE E 128 -11.21 19.67 4.37
C ILE E 128 -12.47 19.47 3.52
N ASN E 129 -13.60 20.02 3.99
CA ASN E 129 -14.88 19.91 3.31
C ASN E 129 -14.92 20.83 2.09
N TYR E 130 -14.43 22.07 2.24
CA TYR E 130 -14.49 23.01 1.12
C TYR E 130 -13.64 22.49 -0.06
N ILE E 131 -12.47 21.92 0.26
CA ILE E 131 -11.56 21.42 -0.76
C ILE E 131 -11.97 20.05 -1.24
N SER E 132 -12.89 19.37 -0.55
CA SER E 132 -13.35 18.09 -1.09
C SER E 132 -14.28 18.32 -2.28
N LEU E 133 -14.99 19.45 -2.30
CA LEU E 133 -16.10 19.63 -3.21
C LEU E 133 -15.67 20.18 -4.55
N ASN E 134 -14.47 20.80 -4.60
CA ASN E 134 -14.05 21.49 -5.80
C ASN E 134 -12.89 20.78 -6.48
N GLY E 135 -12.59 19.55 -6.06
CA GLY E 135 -11.61 18.72 -6.76
C GLY E 135 -10.18 18.76 -6.20
N ILE E 136 -9.91 19.67 -5.26
CA ILE E 136 -8.56 19.85 -4.74
C ILE E 136 -8.11 18.64 -3.89
N LEU E 137 -8.92 18.23 -2.92
CA LEU E 137 -8.49 17.20 -2.00
C LEU E 137 -8.21 15.89 -2.73
N HIS E 138 -9.03 15.62 -3.74
CA HIS E 138 -8.94 14.40 -4.50
C HIS E 138 -7.54 14.31 -5.12
N ALA E 139 -6.93 15.46 -5.39
CA ALA E 139 -5.71 15.44 -6.18
C ALA E 139 -4.45 15.31 -5.31
N ILE E 140 -4.59 15.35 -3.98
CA ILE E 140 -3.46 15.40 -3.07
C ILE E 140 -3.18 14.06 -2.38
N GLY E 141 -1.94 13.55 -2.55
CA GLY E 141 -1.49 12.33 -1.88
C GLY E 141 -1.03 11.26 -2.86
N ARG E 142 -0.55 10.15 -2.34
CA ARG E 142 -0.09 9.04 -3.16
C ARG E 142 -1.26 8.32 -3.84
N GLY E 143 -0.99 7.80 -5.03
CA GLY E 143 -1.97 7.14 -5.87
C GLY E 143 -2.53 5.88 -5.23
N ASP E 144 -1.76 5.22 -4.38
CA ASP E 144 -2.24 3.96 -3.83
C ASP E 144 -2.97 4.17 -2.51
N GLU E 145 -3.43 5.39 -2.20
CA GLU E 145 -3.90 5.70 -0.85
C GLU E 145 -5.04 6.69 -0.90
N ARG E 146 -5.72 6.81 0.22
CA ARG E 146 -6.76 7.80 0.28
C ARG E 146 -6.14 9.20 0.32
N PRO E 147 -6.85 10.22 -0.21
CA PRO E 147 -6.31 11.58 -0.24
C PRO E 147 -5.89 12.03 1.16
N VAL E 148 -4.92 12.93 1.21
CA VAL E 148 -4.42 13.43 2.47
C VAL E 148 -4.65 14.94 2.51
N PRO E 149 -5.16 15.45 3.63
CA PRO E 149 -5.39 16.86 3.78
C PRO E 149 -4.05 17.58 3.85
N PRO E 150 -3.88 18.66 3.08
CA PRO E 150 -2.71 19.53 3.18
C PRO E 150 -2.90 20.54 4.30
N LEU E 151 -2.86 20.03 5.53
CA LEU E 151 -3.29 20.74 6.71
C LEU E 151 -4.57 21.50 6.33
N ASN E 152 -4.74 22.68 6.92
CA ASN E 152 -5.79 23.60 6.55
C ASN E 152 -5.19 24.78 5.78
N LEU E 153 -4.18 24.52 4.92
CA LEU E 153 -3.48 25.60 4.26
C LEU E 153 -4.24 26.12 3.06
N VAL E 154 -4.96 25.25 2.35
CA VAL E 154 -5.43 25.56 1.02
C VAL E 154 -6.81 26.20 1.09
N GLY E 155 -7.70 25.75 1.97
CA GLY E 155 -9.02 26.38 2.06
C GLY E 155 -9.03 27.60 2.98
N ASP E 156 -8.63 27.41 4.24
CA ASP E 156 -8.66 28.50 5.20
C ASP E 156 -7.73 29.63 4.75
N PHE E 157 -6.50 29.31 4.30
CA PHE E 157 -5.52 30.39 4.19
C PHE E 157 -5.31 30.74 2.74
N GLY E 158 -4.70 29.84 1.95
CA GLY E 158 -4.46 30.10 0.55
C GLY E 158 -5.68 30.58 -0.21
N GLY E 159 -6.81 29.87 -0.04
CA GLY E 159 -8.00 30.13 -0.81
C GLY E 159 -9.04 30.86 0.02
N GLY E 160 -8.65 31.29 1.21
CA GLY E 160 -9.56 31.83 2.20
C GLY E 160 -9.18 33.27 2.58
N SER E 161 -8.41 33.39 3.66
CA SER E 161 -7.93 34.65 4.18
C SER E 161 -7.27 35.48 3.07
N MET E 162 -6.48 34.82 2.19
CA MET E 162 -5.66 35.59 1.25
C MET E 162 -6.59 36.23 0.24
N PHE E 163 -7.69 35.53 -0.10
CA PHE E 163 -8.62 36.07 -1.08
C PHE E 163 -9.46 37.18 -0.44
N LEU E 164 -9.73 37.07 0.87
CA LEU E 164 -10.40 38.10 1.63
C LEU E 164 -9.53 39.37 1.55
N LEU E 165 -8.22 39.23 1.78
CA LEU E 165 -7.29 40.35 1.73
C LEU E 165 -7.30 41.02 0.37
N VAL E 166 -7.17 40.24 -0.70
CA VAL E 166 -7.17 40.77 -2.05
C VAL E 166 -8.48 41.54 -2.28
N GLY E 167 -9.58 41.02 -1.76
CA GLY E 167 -10.86 41.67 -1.95
C GLY E 167 -10.91 43.00 -1.19
N ILE E 168 -10.52 42.99 0.07
CA ILE E 168 -10.48 44.20 0.87
C ILE E 168 -9.64 45.27 0.18
N LEU E 169 -8.42 44.91 -0.22
CA LEU E 169 -7.47 45.90 -0.72
C LEU E 169 -7.86 46.34 -2.13
N ALA E 170 -8.43 45.44 -2.96
CA ALA E 170 -8.96 45.85 -4.25
C ALA E 170 -10.14 46.80 -4.09
N ALA E 171 -10.91 46.60 -3.01
CA ALA E 171 -12.09 47.42 -2.77
C ALA E 171 -11.64 48.81 -2.32
N LEU E 172 -10.58 48.89 -1.50
CA LEU E 172 -10.06 50.18 -1.08
C LEU E 172 -9.55 50.97 -2.28
N TRP E 173 -8.92 50.28 -3.24
CA TRP E 173 -8.52 50.93 -4.47
C TRP E 173 -9.75 51.53 -5.17
N GLU E 174 -10.73 50.69 -5.44
CA GLU E 174 -11.97 51.11 -6.09
C GLU E 174 -12.57 52.34 -5.41
N ARG E 175 -12.49 52.39 -4.07
CA ARG E 175 -13.12 53.42 -3.29
C ARG E 175 -12.42 54.78 -3.47
N GLN E 176 -11.14 54.77 -3.86
CA GLN E 176 -10.40 56.01 -4.04
C GLN E 176 -11.06 56.77 -5.18
N SER E 177 -11.59 56.07 -6.20
CA SER E 177 -12.21 56.72 -7.34
C SER E 177 -13.76 56.79 -7.25
N SER E 178 -14.41 55.98 -6.41
CA SER E 178 -15.87 55.94 -6.39
C SER E 178 -16.44 56.68 -5.17
N GLY E 179 -15.65 56.83 -4.11
CA GLY E 179 -16.09 57.34 -2.83
C GLY E 179 -16.92 56.34 -1.99
N LYS E 180 -17.33 55.18 -2.56
CA LYS E 180 -18.22 54.24 -1.87
C LYS E 180 -17.49 52.96 -1.42
N GLY E 181 -17.96 52.35 -0.31
CA GLY E 181 -17.61 50.99 0.06
C GLY E 181 -18.43 49.95 -0.73
N GLN E 182 -18.38 48.68 -0.28
CA GLN E 182 -19.14 47.61 -0.91
C GLN E 182 -18.85 46.35 -0.12
N VAL E 183 -19.47 45.26 -0.54
CA VAL E 183 -19.39 44.02 0.23
C VAL E 183 -18.44 43.08 -0.47
N VAL E 184 -17.53 42.51 0.31
CA VAL E 184 -16.65 41.46 -0.22
C VAL E 184 -17.11 40.09 0.31
N ASP E 185 -17.50 39.24 -0.65
CA ASP E 185 -17.90 37.86 -0.46
C ASP E 185 -16.75 36.92 -0.90
N ALA E 186 -15.97 36.51 0.10
CA ALA E 186 -14.83 35.59 -0.03
C ALA E 186 -15.23 34.22 0.53
N ALA E 187 -15.53 33.31 -0.39
CA ALA E 187 -15.85 31.94 -0.04
C ALA E 187 -14.62 31.04 -0.32
N MET E 188 -14.24 30.21 0.66
CA MET E 188 -13.08 29.33 0.56
C MET E 188 -13.22 28.39 -0.64
N VAL E 189 -14.45 27.97 -0.95
CA VAL E 189 -14.67 27.11 -2.10
C VAL E 189 -14.32 27.81 -3.42
N ASP E 190 -14.48 29.14 -3.46
CA ASP E 190 -14.19 29.91 -4.67
C ASP E 190 -12.69 30.21 -4.74
N GLY E 191 -12.17 30.83 -3.70
CA GLY E 191 -10.79 31.25 -3.63
C GLY E 191 -9.84 30.07 -3.88
N SER E 192 -10.13 28.90 -3.26
CA SER E 192 -9.27 27.74 -3.39
C SER E 192 -9.29 27.28 -4.84
N SER E 193 -10.44 27.47 -5.54
CA SER E 193 -10.55 27.12 -6.94
C SER E 193 -9.66 28.00 -7.84
N VAL E 194 -9.60 29.29 -7.56
CA VAL E 194 -8.71 30.16 -8.30
C VAL E 194 -7.28 29.85 -7.89
N LEU E 195 -7.05 29.46 -6.63
CA LEU E 195 -5.71 29.11 -6.19
C LEU E 195 -5.15 27.98 -7.06
N ILE E 196 -6.02 27.06 -7.48
CA ILE E 196 -5.62 25.88 -8.22
C ILE E 196 -5.89 26.05 -9.73
N GLN E 197 -6.00 27.30 -10.19
CA GLN E 197 -6.32 27.52 -11.59
C GLN E 197 -5.32 26.83 -12.52
N MET E 198 -4.05 26.69 -12.12
CA MET E 198 -3.08 26.06 -13.00
C MET E 198 -3.47 24.63 -13.31
N MET E 199 -3.92 23.88 -12.29
CA MET E 199 -4.38 22.52 -12.58
C MET E 199 -5.54 22.56 -13.56
N TRP E 200 -6.50 23.50 -13.40
CA TRP E 200 -7.60 23.54 -14.34
C TRP E 200 -7.09 23.88 -15.74
N ALA E 201 -6.10 24.78 -15.86
CA ALA E 201 -5.51 25.09 -17.17
C ALA E 201 -4.84 23.87 -17.78
N MET E 202 -3.97 23.20 -17.01
CA MET E 202 -3.28 22.03 -17.51
C MET E 202 -4.27 20.93 -17.89
N ARG E 203 -5.41 20.89 -17.18
CA ARG E 203 -6.37 19.81 -17.40
C ARG E 203 -6.99 19.97 -18.79
N ALA E 204 -7.33 21.20 -19.16
CA ALA E 204 -7.89 21.51 -20.47
C ALA E 204 -6.95 21.15 -21.62
N THR E 205 -5.62 21.15 -21.40
CA THR E 205 -4.66 20.92 -22.46
C THR E 205 -4.08 19.51 -22.39
N GLY E 206 -4.72 18.61 -21.61
CA GLY E 206 -4.25 17.24 -21.44
C GLY E 206 -2.91 17.12 -20.70
N MET E 207 -2.50 18.13 -19.94
CA MET E 207 -1.24 18.08 -19.20
C MET E 207 -1.47 17.71 -17.73
N TRP E 208 -2.71 17.47 -17.31
CA TRP E 208 -3.01 17.09 -15.93
C TRP E 208 -4.17 16.09 -15.97
N THR E 209 -4.03 14.93 -15.31
CA THR E 209 -5.12 13.95 -15.17
C THR E 209 -5.64 13.89 -13.74
N ASP E 210 -6.87 13.38 -13.62
CA ASP E 210 -7.57 13.28 -12.35
C ASP E 210 -7.07 12.07 -11.57
N THR E 211 -6.21 11.26 -12.19
CA THR E 211 -5.54 10.20 -11.45
C THR E 211 -4.60 10.81 -10.43
N ARG E 212 -4.79 10.49 -9.16
CA ARG E 212 -3.97 10.99 -8.08
C ARG E 212 -2.59 10.34 -8.17
N GLY E 213 -1.52 11.10 -7.96
CA GLY E 213 -0.16 10.56 -7.94
C GLY E 213 0.43 10.18 -9.30
N ALA E 214 -0.09 10.77 -10.37
CA ALA E 214 0.34 10.45 -11.71
C ALA E 214 0.61 11.70 -12.54
N ASN E 215 0.91 12.85 -11.91
CA ASN E 215 1.15 14.09 -12.64
C ASN E 215 2.52 14.67 -12.30
N MET E 216 2.87 15.78 -12.94
CA MET E 216 4.22 16.32 -12.79
C MET E 216 4.42 16.91 -11.39
N LEU E 217 3.35 17.43 -10.77
CA LEU E 217 3.48 18.23 -9.56
C LEU E 217 2.81 17.60 -8.32
N ASP E 218 2.35 16.36 -8.40
CA ASP E 218 1.63 15.76 -7.27
C ASP E 218 2.44 14.69 -6.56
N GLY E 219 3.70 14.48 -6.98
CA GLY E 219 4.53 13.46 -6.38
C GLY E 219 4.72 12.30 -7.35
N GLY E 220 3.98 12.33 -8.45
CA GLY E 220 4.10 11.30 -9.47
C GLY E 220 5.43 11.30 -10.25
N ALA E 221 6.03 12.47 -10.48
CA ALA E 221 7.27 12.55 -11.24
C ALA E 221 8.47 12.28 -10.33
N PRO E 222 9.40 11.40 -10.73
CA PRO E 222 10.56 11.14 -9.88
C PRO E 222 11.44 12.33 -9.60
N TYR E 223 11.34 13.35 -10.45
CA TYR E 223 12.15 14.55 -10.32
C TYR E 223 11.39 15.67 -9.58
N TYR E 224 10.19 15.37 -9.07
CA TYR E 224 9.42 16.35 -8.28
C TYR E 224 8.75 15.59 -7.13
N ASP E 225 9.53 15.34 -6.09
CA ASP E 225 9.09 14.50 -4.98
C ASP E 225 10.11 14.55 -3.85
N THR E 226 9.81 13.88 -2.73
CA THR E 226 10.77 13.73 -1.67
C THR E 226 11.42 12.34 -1.79
N TYR E 227 12.61 12.24 -1.17
CA TYR E 227 13.38 11.00 -1.11
C TYR E 227 13.91 10.84 0.30
N GLU E 228 13.80 9.60 0.80
CA GLU E 228 14.33 9.25 2.09
C GLU E 228 15.84 9.03 1.96
N CYS E 229 16.60 9.54 2.94
CA CYS E 229 18.06 9.51 2.94
C CYS E 229 18.55 8.44 3.92
N ALA E 230 19.89 8.31 4.08
CA ALA E 230 20.45 7.19 4.84
C ALA E 230 20.06 7.30 6.30
N ASP E 231 19.88 8.53 6.78
CA ASP E 231 19.54 8.76 8.18
C ASP E 231 18.05 8.70 8.45
N GLY E 232 17.21 8.40 7.44
CA GLY E 232 15.76 8.35 7.67
C GLY E 232 15.09 9.73 7.55
N ARG E 233 15.86 10.78 7.28
CA ARG E 233 15.33 12.10 6.98
C ARG E 233 15.22 12.27 5.47
N TYR E 234 14.73 13.43 5.02
CA TYR E 234 14.27 13.56 3.64
C TYR E 234 14.91 14.76 2.94
N VAL E 235 14.97 14.66 1.60
CA VAL E 235 15.25 15.78 0.74
C VAL E 235 14.09 15.93 -0.22
N ALA E 236 13.95 17.16 -0.73
CA ALA E 236 13.01 17.46 -1.78
C ALA E 236 13.75 17.70 -3.08
N VAL E 237 13.25 17.10 -4.13
CA VAL E 237 13.76 17.26 -5.47
C VAL E 237 12.70 17.95 -6.31
N GLY E 238 13.10 19.02 -6.99
CA GLY E 238 12.18 19.77 -7.81
C GLY E 238 12.77 20.13 -9.17
N ALA E 239 13.58 19.19 -9.71
CA ALA E 239 14.32 19.48 -10.92
C ALA E 239 13.48 19.20 -12.18
N ILE E 240 12.57 20.13 -12.47
CA ILE E 240 11.70 20.04 -13.60
C ILE E 240 12.48 20.31 -14.90
N GLU E 241 13.19 21.45 -14.96
CA GLU E 241 13.86 21.88 -16.18
C GLU E 241 15.02 20.91 -16.47
N PRO E 242 15.22 20.55 -17.74
CA PRO E 242 16.23 19.53 -18.07
C PRO E 242 17.64 19.83 -17.56
N GLN E 243 18.03 21.10 -17.54
CA GLN E 243 19.39 21.48 -17.15
C GLN E 243 19.57 21.32 -15.66
N PHE E 244 18.53 21.62 -14.88
CA PHE E 244 18.57 21.47 -13.44
C PHE E 244 18.60 19.98 -13.08
N TYR E 245 17.80 19.19 -13.82
CA TYR E 245 17.76 17.73 -13.65
C TYR E 245 19.15 17.12 -13.97
N ALA E 246 19.81 17.58 -15.04
CA ALA E 246 21.13 17.05 -15.38
C ALA E 246 22.11 17.32 -14.24
N ALA E 247 21.99 18.50 -13.62
CA ALA E 247 22.90 18.89 -12.54
C ALA E 247 22.73 17.98 -11.36
N MET E 248 21.46 17.63 -11.12
CA MET E 248 21.11 16.74 -10.04
C MET E 248 21.73 15.35 -10.25
N LEU E 249 21.55 14.77 -11.43
CA LEU E 249 22.11 13.45 -11.74
C LEU E 249 23.63 13.44 -11.50
N ALA E 250 24.30 14.48 -11.97
CA ALA E 250 25.75 14.55 -11.85
C ALA E 250 26.16 14.57 -10.38
N GLY E 251 25.39 15.26 -9.54
CA GLY E 251 25.72 15.33 -8.13
C GLY E 251 25.42 14.02 -7.40
N LEU E 252 24.52 13.22 -7.96
CA LEU E 252 24.23 11.91 -7.40
C LEU E 252 25.20 10.86 -7.93
N GLY E 253 26.04 11.25 -8.89
CA GLY E 253 26.98 10.28 -9.42
C GLY E 253 26.33 9.34 -10.43
N LEU E 254 25.24 9.76 -11.06
CA LEU E 254 24.55 8.89 -12.00
C LEU E 254 24.77 9.45 -13.39
N ASP E 255 25.05 8.54 -14.29
CA ASP E 255 25.33 8.86 -15.67
C ASP E 255 24.01 8.85 -16.42
N ALA E 256 23.66 9.95 -17.10
CA ALA E 256 22.37 10.08 -17.77
C ALA E 256 22.22 9.02 -18.85
N ALA E 257 23.35 8.52 -19.37
CA ALA E 257 23.35 7.58 -20.48
C ALA E 257 22.76 6.24 -20.02
N GLU E 258 22.86 5.96 -18.72
CA GLU E 258 22.39 4.72 -18.11
C GLU E 258 20.95 4.80 -17.59
N LEU E 259 20.27 5.96 -17.69
CA LEU E 259 18.99 6.14 -17.05
C LEU E 259 17.91 6.25 -18.10
N PRO E 260 16.66 5.95 -17.76
CA PRO E 260 15.55 6.21 -18.66
C PRO E 260 15.46 7.72 -18.90
N PRO E 261 14.86 8.18 -20.00
CA PRO E 261 14.64 9.61 -20.22
C PRO E 261 13.84 10.22 -19.06
N GLN E 262 14.10 11.49 -18.75
CA GLN E 262 13.47 12.17 -17.64
C GLN E 262 11.94 12.09 -17.71
N ASN E 263 11.36 12.23 -18.91
CA ASN E 263 9.93 12.39 -19.04
C ASN E 263 9.30 11.24 -19.83
N ASP E 264 9.93 10.06 -19.78
CA ASP E 264 9.28 8.83 -20.21
C ASP E 264 8.52 8.27 -19.01
N ARG E 265 7.25 8.62 -18.97
CA ARG E 265 6.44 8.31 -17.81
C ARG E 265 6.30 6.80 -17.63
N ALA E 266 6.32 6.04 -18.71
CA ALA E 266 6.22 4.58 -18.62
C ALA E 266 7.37 4.03 -17.77
N ARG E 267 8.51 4.74 -17.77
CA ARG E 267 9.71 4.26 -17.10
C ARG E 267 10.00 5.02 -15.80
N TRP E 268 9.04 5.81 -15.33
CA TRP E 268 9.23 6.54 -14.10
C TRP E 268 9.45 5.61 -12.91
N PRO E 269 8.74 4.46 -12.78
CA PRO E 269 9.04 3.58 -11.64
C PRO E 269 10.50 3.14 -11.63
N GLU E 270 11.03 2.84 -12.81
CA GLU E 270 12.42 2.42 -12.94
C GLU E 270 13.35 3.59 -12.56
N LEU E 271 13.11 4.77 -13.14
CA LEU E 271 13.84 5.97 -12.78
C LEU E 271 13.78 6.25 -11.27
N ARG E 272 12.60 6.14 -10.65
CA ARG E 272 12.45 6.42 -9.24
C ARG E 272 13.30 5.44 -8.40
N ALA E 273 13.35 4.17 -8.82
CA ALA E 273 14.15 3.21 -8.08
C ALA E 273 15.64 3.61 -8.10
N LEU E 274 16.17 4.08 -9.24
CA LEU E 274 17.58 4.44 -9.35
C LEU E 274 17.89 5.65 -8.47
N LEU E 275 17.00 6.65 -8.47
CA LEU E 275 17.18 7.84 -7.64
C LEU E 275 17.01 7.50 -6.16
N THR E 276 16.08 6.59 -5.84
CA THR E 276 15.87 6.19 -4.45
C THR E 276 17.15 5.61 -3.85
N GLU E 277 17.75 4.64 -4.55
CA GLU E 277 19.01 4.02 -4.15
C GLU E 277 20.10 5.08 -3.97
N ALA E 278 20.19 6.03 -4.91
CA ALA E 278 21.20 7.06 -4.83
C ALA E 278 21.01 7.91 -3.59
N PHE E 279 19.79 8.42 -3.35
CA PHE E 279 19.63 9.31 -2.21
C PHE E 279 19.77 8.55 -0.90
N ALA E 280 19.35 7.28 -0.87
CA ALA E 280 19.44 6.46 0.34
C ALA E 280 20.90 6.19 0.78
N SER E 281 21.89 6.44 -0.08
CA SER E 281 23.28 6.11 0.25
C SER E 281 23.97 7.19 1.08
N HIS E 282 23.39 8.40 1.24
CA HIS E 282 23.97 9.40 2.13
C HIS E 282 22.86 10.05 2.94
N ASP E 283 23.24 10.74 4.01
CA ASP E 283 22.29 11.39 4.90
C ASP E 283 21.81 12.73 4.35
N ARG E 284 20.76 13.28 4.96
CA ARG E 284 20.12 14.47 4.43
C ARG E 284 21.14 15.61 4.35
N ASP E 285 21.93 15.75 5.42
CA ASP E 285 22.81 16.92 5.51
C ASP E 285 23.95 16.83 4.48
N HIS E 286 24.42 15.62 4.17
CA HIS E 286 25.33 15.44 3.08
C HIS E 286 24.76 16.03 1.79
N TRP E 287 23.52 15.63 1.44
CA TRP E 287 22.95 16.12 0.19
C TRP E 287 22.80 17.64 0.20
N GLY E 288 22.49 18.21 1.36
CA GLY E 288 22.28 19.65 1.48
C GLY E 288 23.53 20.45 1.14
N ALA E 289 24.71 19.91 1.50
CA ALA E 289 26.01 20.52 1.27
C ALA E 289 26.43 20.35 -0.19
N VAL E 290 26.44 19.10 -0.64
CA VAL E 290 26.70 18.74 -2.01
C VAL E 290 25.95 19.67 -2.96
N PHE E 291 24.68 19.98 -2.65
CA PHE E 291 23.85 20.72 -3.60
C PHE E 291 23.72 22.21 -3.25
N ALA E 292 24.34 22.68 -2.16
CA ALA E 292 24.34 24.12 -1.90
C ALA E 292 25.04 24.85 -3.06
N ASN E 293 24.42 25.94 -3.49
CA ASN E 293 24.88 26.82 -4.56
C ASN E 293 24.61 26.22 -5.93
N SER E 294 23.87 25.11 -5.97
CA SER E 294 23.64 24.44 -7.22
C SER E 294 22.22 24.70 -7.69
N ASP E 295 21.98 24.49 -8.97
CA ASP E 295 20.67 24.62 -9.56
C ASP E 295 19.98 23.25 -9.66
N ALA E 296 20.45 22.26 -8.90
CA ALA E 296 19.89 20.92 -8.96
C ALA E 296 18.47 20.87 -8.39
N CYS E 297 18.07 21.90 -7.63
CA CYS E 297 16.72 21.95 -7.04
C CYS E 297 16.55 20.83 -6.01
N VAL E 298 17.58 20.64 -5.18
CA VAL E 298 17.56 19.63 -4.14
C VAL E 298 17.76 20.37 -2.82
N THR E 299 16.84 20.18 -1.87
CA THR E 299 16.86 20.88 -0.60
C THR E 299 16.56 19.89 0.53
N PRO E 300 17.09 20.14 1.74
CA PRO E 300 16.76 19.35 2.91
C PRO E 300 15.32 19.64 3.34
N VAL E 301 14.58 18.58 3.69
CA VAL E 301 13.26 18.74 4.26
C VAL E 301 13.40 18.93 5.75
N LEU E 302 13.28 20.17 6.22
CA LEU E 302 13.43 20.49 7.64
C LEU E 302 12.09 20.40 8.38
N ALA E 303 12.15 19.87 9.60
CA ALA E 303 11.01 19.94 10.51
C ALA E 303 10.97 21.31 11.16
N PHE E 304 9.77 21.73 11.63
CA PHE E 304 9.59 23.04 12.22
C PHE E 304 10.74 23.37 13.19
N GLY E 305 11.05 22.46 14.11
CA GLY E 305 12.04 22.72 15.16
C GLY E 305 13.47 22.98 14.64
N GLU E 306 13.78 22.63 13.38
CA GLU E 306 15.11 22.83 12.81
C GLU E 306 15.24 24.11 12.00
N VAL E 307 14.11 24.73 11.65
CA VAL E 307 14.07 25.83 10.71
C VAL E 307 14.94 27.01 11.17
N HIS E 308 14.91 27.28 12.49
CA HIS E 308 15.60 28.42 13.09
C HIS E 308 17.13 28.28 12.94
N ASN E 309 17.63 27.11 12.51
CA ASN E 309 19.06 26.86 12.35
C ASN E 309 19.52 26.91 10.89
N GLU E 310 18.63 27.20 9.95
CA GLU E 310 18.99 27.19 8.54
C GLU E 310 19.50 28.58 8.17
N PRO E 311 20.75 28.71 7.68
CA PRO E 311 21.34 30.03 7.41
C PRO E 311 20.51 30.93 6.52
N HIS E 312 19.81 30.40 5.52
CA HIS E 312 19.06 31.30 4.65
C HIS E 312 17.88 31.90 5.41
N ILE E 313 17.28 31.10 6.31
CA ILE E 313 16.15 31.52 7.12
C ILE E 313 16.63 32.61 8.08
N ILE E 314 17.71 32.33 8.80
CA ILE E 314 18.31 33.25 9.76
C ILE E 314 18.63 34.61 9.13
N GLU E 315 19.33 34.61 8.01
CA GLU E 315 19.91 35.85 7.49
C GLU E 315 18.87 36.77 6.85
N ARG E 316 17.74 36.23 6.38
CA ARG E 316 16.71 37.10 5.84
C ARG E 316 15.70 37.49 6.93
N ASN E 317 15.87 37.02 8.18
CA ASN E 317 14.98 37.31 9.29
C ASN E 317 13.55 36.92 8.94
N THR E 318 13.39 35.72 8.35
CA THR E 318 12.07 35.19 8.03
C THR E 318 11.28 35.00 9.32
N PHE E 319 11.96 34.65 10.45
CA PHE E 319 11.30 34.48 11.73
C PHE E 319 11.85 35.45 12.78
N TYR E 320 11.05 35.69 13.82
CA TYR E 320 11.47 36.32 15.06
C TYR E 320 11.05 35.44 16.24
N GLU E 321 11.69 35.63 17.40
CA GLU E 321 11.37 34.87 18.60
C GLU E 321 10.32 35.61 19.42
N ALA E 322 9.34 34.88 19.99
CA ALA E 322 8.32 35.50 20.83
C ALA E 322 7.75 34.48 21.81
N ASN E 323 8.00 34.70 23.10
CA ASN E 323 7.34 33.94 24.15
C ASN E 323 7.21 32.46 23.81
N GLY E 324 8.31 31.72 24.08
CA GLY E 324 8.39 30.28 23.89
C GLY E 324 7.92 29.83 22.50
N GLY E 325 8.32 30.57 21.44
CA GLY E 325 8.21 30.10 20.07
C GLY E 325 8.62 31.12 19.01
N TRP E 326 9.34 30.61 18.01
CA TRP E 326 9.54 31.31 16.75
C TRP E 326 8.21 31.50 16.01
N GLN E 327 8.09 32.64 15.34
CA GLN E 327 6.89 33.03 14.62
C GLN E 327 7.38 33.70 13.36
N PRO E 328 6.63 33.62 12.26
CA PRO E 328 7.03 34.26 11.02
C PRO E 328 6.87 35.77 11.08
N MET E 329 7.88 36.49 10.56
CA MET E 329 7.80 37.92 10.38
C MET E 329 6.82 38.22 9.26
N PRO E 330 6.29 39.46 9.21
CA PRO E 330 5.36 39.81 8.15
C PRO E 330 5.85 39.53 6.76
N ALA E 331 4.87 39.33 5.85
CA ALA E 331 5.19 39.18 4.46
C ALA E 331 4.09 39.86 3.68
N PRO E 332 4.34 40.39 2.47
CA PRO E 332 5.67 40.41 1.86
C PRO E 332 6.39 41.59 2.48
N ARG E 333 7.45 42.06 1.80
CA ARG E 333 8.30 43.12 2.32
C ARG E 333 8.28 44.34 1.39
N PHE E 334 8.51 45.51 2.02
CA PHE E 334 8.30 46.83 1.40
C PHE E 334 9.60 47.66 1.49
N SER E 335 10.06 48.23 0.37
CA SER E 335 11.32 48.97 0.32
C SER E 335 11.29 50.28 1.11
N ARG E 336 10.19 51.05 1.07
CA ARG E 336 10.15 52.37 1.70
C ARG E 336 9.41 52.31 3.02
N THR E 337 8.13 51.85 3.01
CA THR E 337 7.38 51.76 4.25
C THR E 337 7.40 50.34 4.77
N ALA E 338 8.48 49.98 5.47
CA ALA E 338 8.68 48.59 5.86
C ALA E 338 7.84 48.27 7.08
N SER E 339 7.34 47.03 7.16
CA SER E 339 6.72 46.51 8.38
C SER E 339 7.70 46.52 9.53
N SER E 340 7.16 46.45 10.76
CA SER E 340 7.95 46.33 11.96
C SER E 340 7.64 45.00 12.61
N GLN E 341 8.43 44.64 13.62
CA GLN E 341 8.21 43.40 14.31
C GLN E 341 6.82 43.40 14.93
N PRO E 342 6.00 42.33 14.76
CA PRO E 342 4.68 42.28 15.38
C PRO E 342 4.65 42.60 16.87
N ARG E 343 3.60 43.35 17.26
CA ARG E 343 3.24 43.55 18.65
C ARG E 343 2.55 42.30 19.18
N PRO E 344 3.01 41.74 20.32
CA PRO E 344 2.40 40.55 20.89
C PRO E 344 1.01 40.82 21.43
N PRO E 345 0.15 39.80 21.59
CA PRO E 345 -1.19 40.00 22.16
C PRO E 345 -1.06 40.78 23.47
N ALA E 346 -1.88 41.81 23.63
CA ALA E 346 -1.88 42.64 24.83
C ALA E 346 -3.19 42.43 25.59
N ALA E 347 -3.31 43.10 26.74
CA ALA E 347 -4.50 43.01 27.58
C ALA E 347 -5.69 43.63 26.85
N THR E 348 -6.89 43.25 27.29
CA THR E 348 -8.13 43.86 26.82
C THR E 348 -8.10 45.37 27.05
N ILE E 349 -8.59 46.10 26.06
CA ILE E 349 -8.72 47.54 26.10
C ILE E 349 -10.21 47.81 26.00
N ASP E 350 -10.77 48.66 26.87
CA ASP E 350 -12.21 48.86 26.85
C ASP E 350 -12.54 49.86 25.73
N ILE E 351 -13.74 49.73 25.19
CA ILE E 351 -14.00 50.15 23.82
C ILE E 351 -14.24 51.66 23.76
N GLU E 352 -14.45 52.31 24.92
CA GLU E 352 -14.57 53.78 24.98
C GLU E 352 -13.21 54.43 24.69
N ALA E 353 -12.16 53.87 25.32
CA ALA E 353 -10.76 54.25 25.14
C ALA E 353 -10.39 54.27 23.64
N VAL E 354 -10.80 53.22 22.91
CA VAL E 354 -10.54 53.14 21.48
C VAL E 354 -11.30 54.24 20.72
N LEU E 355 -12.61 54.37 21.00
CA LEU E 355 -13.45 55.38 20.37
C LEU E 355 -12.87 56.79 20.60
N THR E 356 -12.29 57.01 21.78
CA THR E 356 -11.55 58.23 22.06
C THR E 356 -10.45 58.43 21.00
N ASP E 357 -9.50 57.49 20.96
CA ASP E 357 -8.40 57.50 20.01
C ASP E 357 -8.91 57.78 18.59
N TRP E 358 -10.01 57.14 18.19
CA TRP E 358 -10.52 57.31 16.83
C TRP E 358 -11.43 58.54 16.64
N ASP E 359 -11.57 59.38 17.69
CA ASP E 359 -12.38 60.59 17.66
C ASP E 359 -13.86 60.22 17.64
N MET F 1 -13.66 48.16 -18.38
CA MET F 1 -13.37 46.80 -17.82
C MET F 1 -14.12 46.64 -16.49
N ALA F 2 -14.85 45.51 -16.34
CA ALA F 2 -15.65 45.27 -15.14
C ALA F 2 -14.76 44.91 -13.95
N GLY F 3 -15.06 45.40 -12.76
CA GLY F 3 -14.35 44.94 -11.58
C GLY F 3 -13.73 46.05 -10.76
N PRO F 4 -13.34 45.76 -9.50
CA PRO F 4 -12.91 46.79 -8.58
C PRO F 4 -11.57 47.42 -8.96
N LEU F 5 -10.76 46.70 -9.74
CA LEU F 5 -9.44 47.17 -10.13
C LEU F 5 -9.45 47.85 -11.49
N SER F 6 -10.64 48.11 -12.05
CA SER F 6 -10.80 48.85 -13.29
C SER F 6 -9.91 50.10 -13.26
N GLY F 7 -9.13 50.29 -14.33
CA GLY F 7 -8.25 51.43 -14.48
C GLY F 7 -6.85 51.23 -13.90
N LEU F 8 -6.59 50.09 -13.25
CA LEU F 8 -5.24 49.77 -12.81
C LEU F 8 -4.50 49.14 -14.00
N ARG F 9 -3.27 49.65 -14.20
CA ARG F 9 -2.45 49.23 -15.34
C ARG F 9 -1.23 48.47 -14.85
N VAL F 10 -0.96 47.36 -15.54
CA VAL F 10 -0.03 46.35 -15.06
C VAL F 10 0.80 45.86 -16.23
N VAL F 11 2.11 45.91 -16.00
CA VAL F 11 3.07 45.31 -16.92
C VAL F 11 3.67 44.08 -16.26
N GLU F 12 3.62 42.98 -17.01
CA GLU F 12 4.02 41.68 -16.51
C GLU F 12 5.15 41.19 -17.40
N LEU F 13 6.34 41.10 -16.84
CA LEU F 13 7.44 40.45 -17.51
C LEU F 13 7.29 38.92 -17.39
N ALA F 14 7.00 38.31 -18.53
CA ALA F 14 6.58 36.92 -18.62
C ALA F 14 7.49 35.97 -17.85
N GLY F 15 6.86 35.18 -16.98
CA GLY F 15 7.54 34.18 -16.18
C GLY F 15 6.67 32.95 -15.96
N ILE F 16 6.97 32.17 -14.93
CA ILE F 16 6.19 30.96 -14.66
C ILE F 16 5.77 30.96 -13.20
N GLY F 17 4.61 30.34 -12.98
CA GLY F 17 4.13 30.08 -11.63
C GLY F 17 3.44 31.28 -11.02
N PRO F 18 3.99 31.83 -9.93
CA PRO F 18 3.29 32.85 -9.15
C PRO F 18 3.07 34.20 -9.86
N GLY F 19 4.05 34.62 -10.68
CA GLY F 19 3.94 35.86 -11.42
C GLY F 19 2.73 35.88 -12.32
N PRO F 20 2.57 34.93 -13.23
CA PRO F 20 1.39 34.93 -14.06
C PRO F 20 0.08 34.72 -13.28
N HIS F 21 0.16 34.08 -12.10
CA HIS F 21 -1.07 33.80 -11.35
C HIS F 21 -1.55 35.11 -10.74
N ALA F 22 -0.63 35.87 -10.14
CA ALA F 22 -0.96 37.18 -9.57
C ALA F 22 -1.45 38.15 -10.67
N ALA F 23 -0.85 38.07 -11.83
CA ALA F 23 -1.31 38.89 -12.95
C ALA F 23 -2.71 38.47 -13.38
N MET F 24 -2.97 37.16 -13.42
CA MET F 24 -4.29 36.68 -13.82
C MET F 24 -5.34 37.33 -12.92
N ILE F 25 -5.08 37.28 -11.63
CA ILE F 25 -6.04 37.73 -10.64
C ILE F 25 -6.24 39.25 -10.79
N LEU F 26 -5.16 40.05 -10.89
CA LEU F 26 -5.29 41.47 -11.19
C LEU F 26 -6.20 41.68 -12.41
N GLY F 27 -5.92 41.00 -13.52
CA GLY F 27 -6.79 41.09 -14.68
C GLY F 27 -8.22 40.61 -14.43
N ASP F 28 -8.37 39.49 -13.71
CA ASP F 28 -9.67 38.94 -13.36
C ASP F 28 -10.55 40.00 -12.73
N LEU F 29 -9.97 40.81 -11.82
CA LEU F 29 -10.67 41.87 -11.09
C LEU F 29 -10.72 43.21 -11.86
N GLY F 30 -10.34 43.25 -13.14
CA GLY F 30 -10.61 44.42 -13.95
C GLY F 30 -9.37 45.24 -14.34
N ALA F 31 -8.21 44.93 -13.76
CA ALA F 31 -6.96 45.53 -14.19
C ALA F 31 -6.68 45.30 -15.69
N ASP F 32 -5.97 46.31 -16.24
CA ASP F 32 -5.45 46.28 -17.60
C ASP F 32 -4.02 45.73 -17.54
N VAL F 33 -3.83 44.50 -18.03
CA VAL F 33 -2.61 43.77 -17.80
C VAL F 33 -1.96 43.53 -19.15
N VAL F 34 -0.70 43.94 -19.27
CA VAL F 34 0.00 43.80 -20.53
C VAL F 34 1.23 42.97 -20.23
N ARG F 35 1.36 41.86 -20.98
CA ARG F 35 2.34 40.83 -20.68
C ARG F 35 3.36 40.76 -21.81
N ILE F 36 4.62 41.06 -21.44
CA ILE F 36 5.74 41.10 -22.36
C ILE F 36 6.45 39.75 -22.38
N ASP F 37 6.34 39.02 -23.49
CA ASP F 37 7.08 37.77 -23.67
C ASP F 37 8.18 37.91 -24.72
N ARG F 38 9.05 36.89 -24.74
CA ARG F 38 10.10 36.65 -25.73
C ARG F 38 9.49 36.32 -27.09
N PRO F 39 9.92 36.90 -28.24
CA PRO F 39 9.32 36.52 -29.53
C PRO F 39 9.53 35.04 -29.85
N SER F 40 10.68 34.50 -29.43
CA SER F 40 10.95 33.07 -29.47
C SER F 40 10.03 32.33 -28.51
N SER F 41 8.75 32.28 -28.87
CA SER F 41 7.68 31.72 -28.06
C SER F 41 6.45 32.61 -28.20
N VAL F 42 5.78 32.48 -29.35
CA VAL F 42 4.40 32.92 -29.48
C VAL F 42 3.61 31.81 -30.15
N ASP F 43 3.87 31.55 -31.43
CA ASP F 43 3.11 30.55 -32.19
C ASP F 43 1.61 30.79 -32.00
N GLY F 44 1.16 32.04 -32.16
CA GLY F 44 -0.26 32.36 -32.13
C GLY F 44 -0.80 32.55 -30.72
N ILE F 45 -1.95 31.90 -30.44
CA ILE F 45 -2.77 32.20 -29.28
C ILE F 45 -2.46 31.17 -28.19
N SER F 46 -2.24 31.61 -26.94
CA SER F 46 -1.92 30.67 -25.87
C SER F 46 -3.09 29.73 -25.57
N ARG F 47 -2.76 28.47 -25.29
CA ARG F 47 -3.75 27.50 -24.86
C ARG F 47 -3.74 27.40 -23.32
N ASP F 48 -3.05 28.36 -22.66
CA ASP F 48 -2.91 28.40 -21.21
C ASP F 48 -3.95 29.35 -20.62
N ALA F 49 -4.95 28.79 -19.94
CA ALA F 49 -6.06 29.58 -19.45
C ALA F 49 -5.62 30.58 -18.36
N MET F 50 -4.40 30.43 -17.81
CA MET F 50 -3.89 31.36 -16.82
C MET F 50 -3.50 32.71 -17.46
N LEU F 51 -3.36 32.73 -18.80
CA LEU F 51 -3.09 33.95 -19.55
C LEU F 51 -4.38 34.59 -20.04
N ARG F 52 -5.50 34.27 -19.40
CA ARG F 52 -6.73 35.01 -19.59
C ARG F 52 -6.54 36.44 -19.08
N ASN F 53 -7.47 37.33 -19.50
CA ASN F 53 -7.53 38.73 -19.11
C ASN F 53 -6.15 39.41 -19.27
N ARG F 54 -5.53 39.22 -20.43
CA ARG F 54 -4.24 39.80 -20.80
C ARG F 54 -4.27 40.42 -22.21
N ARG F 55 -3.34 41.35 -22.45
CA ARG F 55 -2.82 41.56 -23.79
C ARG F 55 -1.37 41.07 -23.82
N ILE F 56 -1.04 40.25 -24.82
CA ILE F 56 0.29 39.69 -24.98
C ILE F 56 1.02 40.50 -26.05
N VAL F 57 2.14 41.14 -25.65
CA VAL F 57 3.10 41.72 -26.57
C VAL F 57 4.44 40.94 -26.50
N THR F 58 5.19 40.90 -27.61
CA THR F 58 6.55 40.38 -27.60
C THR F 58 7.54 41.54 -27.71
N ALA F 59 8.73 41.31 -27.19
CA ALA F 59 9.80 42.30 -27.17
C ALA F 59 11.08 41.66 -26.64
N ASP F 60 12.07 41.46 -27.53
CA ASP F 60 13.41 41.10 -27.10
C ASP F 60 13.95 42.19 -26.19
N LEU F 61 13.98 41.89 -24.88
CA LEU F 61 14.32 42.90 -23.90
C LEU F 61 15.83 43.15 -23.86
N LYS F 62 16.61 42.31 -24.54
CA LYS F 62 18.06 42.45 -24.53
C LYS F 62 18.50 43.44 -25.61
N SER F 63 17.69 43.66 -26.66
CA SER F 63 17.97 44.67 -27.66
C SER F 63 17.62 46.07 -27.13
N ASP F 64 18.15 47.11 -27.78
CA ASP F 64 17.97 48.48 -27.31
C ASP F 64 16.53 48.92 -27.55
N GLN F 65 15.98 48.48 -28.69
CA GLN F 65 14.62 48.82 -29.06
C GLN F 65 13.63 48.10 -28.16
N GLY F 66 13.90 46.82 -27.90
CA GLY F 66 13.12 46.05 -26.94
C GLY F 66 12.98 46.79 -25.60
N LEU F 67 14.12 47.13 -24.97
CA LEU F 67 14.17 47.80 -23.68
C LEU F 67 13.43 49.13 -23.69
N GLU F 68 13.63 49.92 -24.74
CA GLU F 68 13.11 51.26 -24.73
C GLU F 68 11.58 51.22 -24.78
N LEU F 69 11.00 50.40 -25.66
CA LEU F 69 9.56 50.18 -25.72
C LEU F 69 9.00 49.66 -24.40
N ALA F 70 9.77 48.81 -23.69
CA ALA F 70 9.32 48.29 -22.42
C ALA F 70 9.24 49.41 -21.38
N LEU F 71 10.21 50.34 -21.42
CA LEU F 71 10.37 51.33 -20.35
C LEU F 71 9.29 52.40 -20.47
N LYS F 72 8.77 52.58 -21.69
CA LYS F 72 7.68 53.52 -21.94
C LYS F 72 6.34 52.92 -21.54
N LEU F 73 6.16 51.60 -21.73
CA LEU F 73 5.01 50.91 -21.15
C LEU F 73 5.03 51.15 -19.64
N ILE F 74 6.20 50.94 -19.04
CA ILE F 74 6.32 51.03 -17.58
C ILE F 74 6.08 52.46 -17.11
N ALA F 75 6.40 53.44 -17.97
CA ALA F 75 6.27 54.85 -17.60
C ALA F 75 4.80 55.23 -17.37
N LYS F 76 3.92 54.59 -18.14
CA LYS F 76 2.48 54.80 -18.19
C LYS F 76 1.72 53.85 -17.27
N ALA F 77 2.41 52.98 -16.52
CA ALA F 77 1.76 51.89 -15.79
C ALA F 77 1.81 52.14 -14.29
N ASP F 78 0.94 51.42 -13.55
CA ASP F 78 0.89 51.50 -12.10
C ASP F 78 1.74 50.44 -11.43
N VAL F 79 1.82 49.27 -12.07
CA VAL F 79 2.42 48.09 -11.47
C VAL F 79 3.33 47.39 -12.47
N LEU F 80 4.49 46.94 -11.95
CA LEU F 80 5.32 46.02 -12.71
C LEU F 80 5.46 44.71 -11.93
N ILE F 81 5.32 43.61 -12.67
CA ILE F 81 5.57 42.29 -12.11
C ILE F 81 6.69 41.60 -12.89
N GLU F 82 7.63 41.09 -12.10
CA GLU F 82 8.74 40.30 -12.60
C GLU F 82 9.00 39.17 -11.59
N GLY F 83 9.27 37.97 -12.11
CA GLY F 83 9.58 36.84 -11.25
C GLY F 83 10.83 36.09 -11.72
N TYR F 84 11.88 36.85 -12.07
CA TYR F 84 13.15 36.27 -12.45
C TYR F 84 14.04 36.24 -11.21
N ARG F 85 15.19 35.60 -11.34
CA ARG F 85 16.16 35.60 -10.27
C ARG F 85 16.57 37.03 -10.03
N PRO F 86 16.95 37.35 -8.79
CA PRO F 86 17.41 38.68 -8.47
C PRO F 86 18.55 39.08 -9.41
N GLY F 87 18.61 40.36 -9.82
CA GLY F 87 19.71 40.80 -10.67
C GLY F 87 19.30 40.80 -12.14
N VAL F 88 18.33 39.96 -12.51
CA VAL F 88 18.02 39.82 -13.92
C VAL F 88 17.47 41.11 -14.52
N THR F 89 16.49 41.74 -13.85
CA THR F 89 15.92 42.98 -14.41
C THR F 89 16.95 44.11 -14.38
N GLU F 90 17.73 44.21 -13.30
CA GLU F 90 18.81 45.19 -13.25
C GLU F 90 19.62 45.12 -14.55
N ARG F 91 20.07 43.92 -14.92
CA ARG F 91 20.98 43.76 -16.04
C ARG F 91 20.26 44.01 -17.36
N LEU F 92 18.95 43.80 -17.42
CA LEU F 92 18.18 44.18 -18.59
C LEU F 92 18.09 45.72 -18.74
N GLY F 93 18.39 46.47 -17.67
CA GLY F 93 18.09 47.89 -17.56
C GLY F 93 16.65 48.18 -17.14
N LEU F 94 15.96 47.19 -16.53
CA LEU F 94 14.57 47.31 -16.12
C LEU F 94 14.47 47.12 -14.61
N GLY F 95 15.58 47.34 -13.90
CA GLY F 95 15.61 47.24 -12.46
C GLY F 95 14.75 48.30 -11.79
N PRO F 96 14.52 48.23 -10.45
CA PRO F 96 13.74 49.25 -9.76
C PRO F 96 14.24 50.69 -9.92
N GLU F 97 15.57 50.86 -10.08
CA GLU F 97 16.14 52.20 -10.13
C GLU F 97 15.92 52.83 -11.49
N GLU F 98 16.20 52.07 -12.56
CA GLU F 98 15.86 52.51 -13.90
C GLU F 98 14.36 52.82 -14.00
N CYS F 99 13.52 52.01 -13.33
CA CYS F 99 12.08 52.19 -13.46
C CYS F 99 11.68 53.44 -12.65
N ALA F 100 12.31 53.66 -11.48
CA ALA F 100 12.01 54.82 -10.65
C ALA F 100 12.30 56.14 -11.35
N LYS F 101 13.24 56.13 -12.30
CA LYS F 101 13.61 57.33 -13.06
C LYS F 101 12.54 57.70 -14.08
N VAL F 102 11.79 56.74 -14.63
CA VAL F 102 10.80 57.09 -15.64
C VAL F 102 9.38 57.07 -15.07
N ASN F 103 9.21 56.79 -13.77
CA ASN F 103 7.88 56.62 -13.16
C ASN F 103 8.07 56.24 -11.71
N ASP F 104 8.11 57.25 -10.82
CA ASP F 104 8.31 57.01 -9.42
C ASP F 104 6.99 56.68 -8.71
N ARG F 105 5.90 56.50 -9.48
CA ARG F 105 4.63 56.09 -8.91
C ARG F 105 4.48 54.56 -8.99
N LEU F 106 5.51 53.87 -9.53
CA LEU F 106 5.39 52.48 -9.93
C LEU F 106 5.43 51.59 -8.70
N ILE F 107 4.56 50.57 -8.69
CA ILE F 107 4.72 49.50 -7.73
C ILE F 107 5.53 48.39 -8.40
N TYR F 108 6.73 48.16 -7.85
CA TYR F 108 7.73 47.31 -8.49
C TYR F 108 7.67 45.97 -7.77
N ALA F 109 6.96 45.01 -8.37
CA ALA F 109 6.61 43.80 -7.60
C ALA F 109 7.54 42.65 -8.02
N ARG F 110 8.33 42.17 -7.06
CA ARG F 110 9.35 41.15 -7.28
C ARG F 110 8.96 39.82 -6.59
N MET F 111 8.72 38.82 -7.43
CA MET F 111 8.21 37.50 -7.05
C MET F 111 9.36 36.51 -7.16
N THR F 112 9.88 36.03 -6.02
CA THR F 112 10.85 34.96 -6.04
C THR F 112 10.47 33.88 -5.01
N GLY F 113 11.31 32.83 -4.91
CA GLY F 113 11.16 31.81 -3.88
C GLY F 113 12.00 32.10 -2.64
N TRP F 114 13.29 32.41 -2.86
CA TRP F 114 14.22 32.55 -1.76
C TRP F 114 14.37 34.02 -1.35
N GLY F 115 13.82 34.96 -2.15
CA GLY F 115 13.99 36.38 -1.83
C GLY F 115 15.14 37.04 -2.61
N GLN F 116 15.42 38.30 -2.26
CA GLN F 116 16.30 39.15 -3.05
C GLN F 116 17.77 38.98 -2.63
N THR F 117 18.06 38.54 -1.41
CA THR F 117 19.42 38.29 -0.98
C THR F 117 19.53 37.04 -0.12
N GLY F 118 20.77 36.71 0.25
CA GLY F 118 21.08 35.63 1.16
C GLY F 118 21.63 34.43 0.38
N PRO F 119 22.10 33.41 1.09
CA PRO F 119 22.84 32.31 0.46
C PRO F 119 22.14 31.49 -0.64
N ARG F 120 20.79 31.41 -0.62
CA ARG F 120 20.08 30.59 -1.61
C ARG F 120 19.49 31.45 -2.72
N SER F 121 19.80 32.75 -2.70
CA SER F 121 19.06 33.71 -3.49
C SER F 121 19.30 33.55 -4.98
N GLN F 122 20.39 32.87 -5.39
CA GLN F 122 20.55 32.58 -6.81
C GLN F 122 20.29 31.10 -7.16
N GLN F 123 19.93 30.24 -6.19
CA GLN F 123 19.62 28.86 -6.54
C GLN F 123 18.29 28.76 -7.30
N ALA F 124 18.28 27.98 -8.38
CA ALA F 124 17.04 27.57 -8.99
C ALA F 124 16.20 26.80 -7.96
N GLY F 125 14.88 26.85 -8.17
CA GLY F 125 13.96 26.23 -7.23
C GLY F 125 12.54 26.19 -7.77
N HIS F 126 11.75 25.32 -7.13
CA HIS F 126 10.31 25.26 -7.35
C HIS F 126 9.63 25.14 -5.99
N ASP F 127 8.30 25.24 -6.01
CA ASP F 127 7.47 25.22 -4.82
C ASP F 127 8.00 24.20 -3.78
N ILE F 128 8.21 22.93 -4.20
CA ILE F 128 8.60 21.87 -3.29
C ILE F 128 9.87 22.26 -2.51
N ASN F 129 10.80 23.00 -3.15
CA ASN F 129 12.02 23.42 -2.48
C ASN F 129 11.76 24.49 -1.40
N TYR F 130 10.94 25.48 -1.76
CA TYR F 130 10.67 26.60 -0.87
C TYR F 130 9.96 26.09 0.38
N ILE F 131 9.00 25.15 0.25
CA ILE F 131 8.29 24.66 1.42
C ILE F 131 9.07 23.59 2.19
N SER F 132 10.14 23.03 1.63
CA SER F 132 10.97 22.08 2.34
C SER F 132 11.76 22.77 3.45
N LEU F 133 12.15 24.03 3.22
CA LEU F 133 13.09 24.72 4.09
C LEU F 133 12.45 25.34 5.33
N ASN F 134 11.12 25.56 5.33
CA ASN F 134 10.46 26.30 6.40
C ASN F 134 9.48 25.41 7.19
N GLY F 135 9.60 24.09 7.04
CA GLY F 135 8.90 23.15 7.90
C GLY F 135 7.58 22.64 7.31
N ILE F 136 7.10 23.26 6.22
CA ILE F 136 5.75 22.96 5.75
C ILE F 136 5.69 21.56 5.14
N LEU F 137 6.61 21.25 4.23
CA LEU F 137 6.54 19.98 3.52
C LEU F 137 6.67 18.82 4.51
N HIS F 138 7.55 18.93 5.49
CA HIS F 138 7.78 17.88 6.47
C HIS F 138 6.44 17.49 7.12
N ALA F 139 5.53 18.46 7.29
CA ALA F 139 4.30 18.27 8.05
C ALA F 139 3.18 17.67 7.21
N ILE F 140 3.39 17.45 5.91
CA ILE F 140 2.33 16.99 5.02
C ILE F 140 2.49 15.53 4.60
N GLY F 141 1.44 14.74 4.84
CA GLY F 141 1.44 13.34 4.43
C GLY F 141 1.21 12.40 5.60
N ARG F 142 1.15 11.09 5.31
CA ARG F 142 0.95 10.10 6.34
C ARG F 142 2.25 9.91 7.12
N GLY F 143 2.10 9.52 8.39
CA GLY F 143 3.19 9.41 9.34
C GLY F 143 4.16 8.28 9.00
N ASP F 144 3.68 7.27 8.29
CA ASP F 144 4.52 6.12 8.04
C ASP F 144 5.17 6.20 6.65
N GLU F 145 5.17 7.39 6.01
CA GLU F 145 5.60 7.54 4.62
C GLU F 145 6.35 8.87 4.49
N ARG F 146 7.04 9.04 3.37
CA ARG F 146 7.77 10.27 3.16
C ARG F 146 6.79 11.39 2.79
N PRO F 147 7.19 12.65 3.05
CA PRO F 147 6.28 13.78 2.84
C PRO F 147 5.78 13.80 1.41
N VAL F 148 4.56 14.30 1.27
CA VAL F 148 3.97 14.39 -0.03
C VAL F 148 3.74 15.86 -0.36
N PRO F 149 4.09 16.29 -1.57
CA PRO F 149 3.88 17.69 -1.95
C PRO F 149 2.39 17.98 -2.10
N PRO F 150 1.89 19.07 -1.50
CA PRO F 150 0.52 19.48 -1.72
C PRO F 150 0.35 20.25 -3.03
N LEU F 151 0.55 19.52 -4.11
CA LEU F 151 0.80 20.08 -5.43
C LEU F 151 1.76 21.26 -5.25
N ASN F 152 1.58 22.32 -6.07
CA ASN F 152 2.31 23.57 -5.91
C ASN F 152 1.42 24.68 -5.31
N LEU F 153 0.52 24.32 -4.41
CA LEU F 153 -0.51 25.22 -3.93
C LEU F 153 0.00 26.15 -2.84
N VAL F 154 0.99 25.70 -2.07
CA VAL F 154 1.33 26.36 -0.85
C VAL F 154 2.45 27.37 -1.05
N GLY F 155 3.48 27.01 -1.83
CA GLY F 155 4.59 27.94 -2.06
C GLY F 155 4.30 28.89 -3.22
N ASP F 156 3.93 28.38 -4.40
CA ASP F 156 3.67 29.21 -5.55
C ASP F 156 2.48 30.13 -5.36
N PHE F 157 1.36 29.58 -4.91
CA PHE F 157 0.08 30.29 -5.00
C PHE F 157 -0.26 30.87 -3.64
N GLY F 158 -0.60 30.05 -2.64
CA GLY F 158 -1.01 30.57 -1.35
C GLY F 158 0.04 31.44 -0.69
N GLY F 159 1.30 30.96 -0.70
CA GLY F 159 2.41 31.66 -0.05
C GLY F 159 3.23 32.52 -1.03
N GLY F 160 2.78 32.62 -2.28
CA GLY F 160 3.57 33.18 -3.36
C GLY F 160 2.83 34.34 -4.02
N SER F 161 2.06 34.03 -5.07
CA SER F 161 1.23 34.97 -5.82
C SER F 161 0.33 35.77 -4.87
N MET F 162 -0.29 35.12 -3.89
CA MET F 162 -1.28 35.84 -3.09
C MET F 162 -0.60 36.89 -2.22
N PHE F 163 0.63 36.62 -1.75
CA PHE F 163 1.34 37.62 -0.97
C PHE F 163 1.89 38.73 -1.88
N LEU F 164 2.25 38.41 -3.13
CA LEU F 164 2.58 39.45 -4.10
C LEU F 164 1.36 40.37 -4.31
N LEU F 165 0.15 39.79 -4.44
CA LEU F 165 -1.06 40.57 -4.62
C LEU F 165 -1.34 41.49 -3.44
N VAL F 166 -1.26 40.94 -2.22
CA VAL F 166 -1.42 41.72 -1.01
C VAL F 166 -0.42 42.88 -0.96
N GLY F 167 0.83 42.63 -1.38
CA GLY F 167 1.85 43.67 -1.39
C GLY F 167 1.59 44.76 -2.43
N ILE F 168 1.26 44.37 -3.65
CA ILE F 168 0.92 45.32 -4.71
C ILE F 168 -0.22 46.20 -4.22
N LEU F 169 -1.29 45.57 -3.69
CA LEU F 169 -2.52 46.32 -3.39
C LEU F 169 -2.33 47.16 -2.15
N ALA F 170 -1.56 46.69 -1.16
CA ALA F 170 -1.28 47.49 0.01
C ALA F 170 -0.39 48.69 -0.33
N ALA F 171 0.47 48.50 -1.33
CA ALA F 171 1.38 49.56 -1.75
C ALA F 171 0.60 50.61 -2.56
N LEU F 172 -0.44 50.20 -3.30
CA LEU F 172 -1.33 51.15 -3.94
C LEU F 172 -2.11 51.97 -2.91
N TRP F 173 -2.37 51.42 -1.71
CA TRP F 173 -3.04 52.16 -0.64
C TRP F 173 -2.10 53.21 -0.08
N GLU F 174 -0.84 52.81 0.17
CA GLU F 174 0.16 53.73 0.69
C GLU F 174 0.38 54.87 -0.32
N ARG F 175 0.40 54.53 -1.61
CA ARG F 175 0.65 55.47 -2.70
C ARG F 175 -0.41 56.59 -2.70
N GLN F 176 -1.63 56.29 -2.23
CA GLN F 176 -2.70 57.26 -2.38
C GLN F 176 -2.40 58.47 -1.50
N SER F 177 -1.66 58.28 -0.41
CA SER F 177 -1.30 59.38 0.47
C SER F 177 0.15 59.87 0.29
N SER F 178 1.07 59.09 -0.29
CA SER F 178 2.47 59.48 -0.36
C SER F 178 2.85 59.96 -1.77
N GLY F 179 2.07 59.59 -2.79
CA GLY F 179 2.35 59.95 -4.18
C GLY F 179 3.47 59.11 -4.85
N LYS F 180 4.12 58.24 -4.06
CA LYS F 180 5.23 57.39 -4.50
C LYS F 180 4.80 55.91 -4.63
N GLY F 181 5.41 55.20 -5.58
CA GLY F 181 5.50 53.76 -5.53
C GLY F 181 6.62 53.29 -4.58
N GLN F 182 7.00 52.01 -4.74
CA GLN F 182 8.04 51.35 -3.97
C GLN F 182 8.15 49.90 -4.46
N VAL F 183 9.08 49.15 -3.85
CA VAL F 183 9.39 47.79 -4.26
C VAL F 183 8.73 46.85 -3.25
N VAL F 184 7.99 45.89 -3.83
CA VAL F 184 7.47 44.77 -3.06
C VAL F 184 8.34 43.53 -3.30
N ASP F 185 8.94 43.04 -2.22
CA ASP F 185 9.72 41.81 -2.20
C ASP F 185 8.89 40.66 -1.58
N ALA F 186 8.29 39.86 -2.46
CA ALA F 186 7.51 38.67 -2.11
C ALA F 186 8.33 37.41 -2.36
N ALA F 187 8.83 36.82 -1.28
CA ALA F 187 9.48 35.52 -1.35
C ALA F 187 8.51 34.43 -0.85
N MET F 188 8.38 33.36 -1.65
CA MET F 188 7.54 32.20 -1.32
C MET F 188 7.95 31.59 0.02
N VAL F 189 9.24 31.61 0.39
CA VAL F 189 9.65 31.10 1.70
C VAL F 189 9.10 31.90 2.88
N ASP F 190 8.89 33.20 2.66
CA ASP F 190 8.33 34.07 3.69
C ASP F 190 6.79 33.96 3.70
N GLY F 191 6.18 34.11 2.52
CA GLY F 191 4.74 34.15 2.38
C GLY F 191 4.09 32.83 2.84
N SER F 192 4.76 31.69 2.58
CA SER F 192 4.23 30.39 2.97
C SER F 192 4.38 30.23 4.47
N SER F 193 5.40 30.85 5.08
CA SER F 193 5.58 30.74 6.52
C SER F 193 4.46 31.50 7.24
N VAL F 194 4.09 32.66 6.70
CA VAL F 194 2.99 33.42 7.28
C VAL F 194 1.67 32.67 7.00
N LEU F 195 1.53 32.06 5.83
CA LEU F 195 0.38 31.23 5.52
C LEU F 195 0.14 30.17 6.60
N ILE F 196 1.21 29.61 7.18
CA ILE F 196 1.11 28.52 8.16
C ILE F 196 1.29 29.05 9.56
N GLN F 197 0.96 30.33 9.75
CA GLN F 197 1.16 30.94 11.06
C GLN F 197 0.36 30.19 12.11
N MET F 198 -0.80 29.62 11.74
CA MET F 198 -1.58 28.90 12.75
C MET F 198 -0.76 27.77 13.36
N MET F 199 -0.03 27.00 12.52
CA MET F 199 0.73 25.89 13.08
C MET F 199 1.83 26.42 13.99
N TRP F 200 2.49 27.53 13.61
CA TRP F 200 3.52 28.08 14.48
C TRP F 200 2.92 28.51 15.84
N ALA F 201 1.69 29.06 15.82
CA ALA F 201 0.99 29.46 17.04
C ALA F 201 0.62 28.25 17.88
N MET F 202 0.10 27.21 17.21
CA MET F 202 -0.30 26.03 17.94
C MET F 202 0.93 25.33 18.51
N ARG F 203 2.05 25.33 17.76
CA ARG F 203 3.27 24.67 18.22
C ARG F 203 3.75 25.33 19.52
N ALA F 204 3.57 26.65 19.66
CA ALA F 204 4.06 27.37 20.83
C ALA F 204 3.26 27.04 22.08
N THR F 205 2.03 26.54 21.92
CA THR F 205 1.16 26.28 23.05
C THR F 205 0.96 24.80 23.24
N GLY F 206 1.82 23.96 22.64
CA GLY F 206 1.74 22.52 22.82
C GLY F 206 0.57 21.86 22.09
N MET F 207 -0.02 22.52 21.09
CA MET F 207 -1.18 21.97 20.40
C MET F 207 -0.81 21.46 19.00
N TRP F 208 0.50 21.38 18.70
CA TRP F 208 0.95 20.86 17.41
C TRP F 208 2.33 20.29 17.63
N THR F 209 2.61 19.08 17.11
CA THR F 209 3.93 18.47 17.20
C THR F 209 4.52 18.30 15.81
N ASP F 210 5.86 18.22 15.75
CA ASP F 210 6.59 18.08 14.50
C ASP F 210 6.43 16.69 13.91
N THR F 211 5.82 15.75 14.63
CA THR F 211 5.58 14.42 14.10
C THR F 211 4.49 14.46 13.04
N ARG F 212 4.81 13.95 11.85
CA ARG F 212 3.90 13.99 10.72
C ARG F 212 2.78 12.99 10.98
N GLY F 213 1.53 13.37 10.73
CA GLY F 213 0.45 12.41 10.74
C GLY F 213 -0.09 12.17 12.14
N ALA F 214 0.29 13.02 13.11
CA ALA F 214 -0.10 12.84 14.49
C ALA F 214 -0.79 14.09 15.06
N ASN F 215 -1.42 14.95 14.24
CA ASN F 215 -1.97 16.20 14.75
C ASN F 215 -3.45 16.26 14.42
N MET F 216 -4.11 17.36 14.78
CA MET F 216 -5.56 17.41 14.62
C MET F 216 -5.92 17.66 13.17
N LEU F 217 -5.09 18.40 12.41
CA LEU F 217 -5.46 18.83 11.07
C LEU F 217 -4.60 18.19 9.97
N ASP F 218 -3.79 17.17 10.28
CA ASP F 218 -2.85 16.66 9.28
C ASP F 218 -3.28 15.27 8.81
N GLY F 219 -4.43 14.78 9.28
CA GLY F 219 -4.87 13.44 8.94
C GLY F 219 -4.71 12.48 10.11
N GLY F 220 -4.05 12.91 11.17
CA GLY F 220 -3.87 12.10 12.37
C GLY F 220 -5.15 11.90 13.19
N ALA F 221 -6.10 12.86 13.17
CA ALA F 221 -7.32 12.68 13.95
C ALA F 221 -8.35 11.94 13.12
N PRO F 222 -9.00 10.88 13.65
CA PRO F 222 -10.00 10.13 12.89
C PRO F 222 -11.23 10.90 12.42
N TYR F 223 -11.47 12.03 13.07
CA TYR F 223 -12.58 12.89 12.72
C TYR F 223 -12.14 14.01 11.79
N TYR F 224 -10.85 14.08 11.40
CA TYR F 224 -10.43 15.05 10.37
C TYR F 224 -9.54 14.34 9.36
N ASP F 225 -10.16 13.67 8.38
CA ASP F 225 -9.46 12.78 7.48
C ASP F 225 -10.42 12.37 6.37
N THR F 226 -9.87 11.68 5.37
CA THR F 226 -10.67 11.01 4.36
C THR F 226 -10.90 9.54 4.71
N TYR F 227 -11.97 8.97 4.17
CA TYR F 227 -12.33 7.57 4.36
C TYR F 227 -12.71 6.99 3.01
N GLU F 228 -12.22 5.78 2.79
CA GLU F 228 -12.58 5.04 1.61
C GLU F 228 -13.96 4.38 1.80
N CYS F 229 -14.78 4.48 0.74
CA CYS F 229 -16.13 3.96 0.71
C CYS F 229 -16.18 2.60 0.00
N ALA F 230 -17.35 1.93 0.07
CA ALA F 230 -17.55 0.60 -0.50
C ALA F 230 -17.15 0.59 -1.97
N ASP F 231 -17.38 1.71 -2.69
CA ASP F 231 -17.08 1.77 -4.12
C ASP F 231 -15.64 2.22 -4.43
N GLY F 232 -14.76 2.31 -3.43
CA GLY F 232 -13.40 2.78 -3.66
C GLY F 232 -13.25 4.29 -3.86
N ARG F 233 -14.34 5.07 -3.75
CA ARG F 233 -14.27 6.53 -3.75
C ARG F 233 -14.19 6.97 -2.30
N TYR F 234 -14.24 8.28 -2.05
CA TYR F 234 -13.88 8.80 -0.73
C TYR F 234 -14.83 9.89 -0.27
N VAL F 235 -14.98 9.96 1.07
CA VAL F 235 -15.57 11.10 1.74
C VAL F 235 -14.51 11.73 2.62
N ALA F 236 -14.75 13.00 2.93
CA ALA F 236 -13.94 13.79 3.83
C ALA F 236 -14.75 14.04 5.08
N VAL F 237 -14.14 13.78 6.22
CA VAL F 237 -14.74 14.02 7.50
C VAL F 237 -14.00 15.17 8.17
N GLY F 238 -14.74 16.16 8.66
CA GLY F 238 -14.15 17.34 9.26
C GLY F 238 -14.85 17.75 10.56
N ALA F 239 -15.27 16.76 11.34
CA ALA F 239 -16.20 16.96 12.43
C ALA F 239 -15.43 17.19 13.71
N ILE F 240 -14.82 18.37 13.81
CA ILE F 240 -14.01 18.70 14.96
C ILE F 240 -14.89 18.96 16.17
N GLU F 241 -15.90 19.81 16.02
CA GLU F 241 -16.70 20.21 17.17
C GLU F 241 -17.55 19.02 17.60
N PRO F 242 -17.64 18.73 18.90
CA PRO F 242 -18.33 17.54 19.38
C PRO F 242 -19.77 17.40 18.87
N GLN F 243 -20.48 18.54 18.72
CA GLN F 243 -21.85 18.46 18.25
C GLN F 243 -21.89 18.00 16.79
N PHE F 244 -20.90 18.39 15.98
CA PHE F 244 -20.89 17.95 14.59
C PHE F 244 -20.48 16.48 14.54
N TYR F 245 -19.51 16.10 15.38
CA TYR F 245 -19.06 14.72 15.50
C TYR F 245 -20.21 13.80 15.90
N ALA F 246 -21.05 14.25 16.86
CA ALA F 246 -22.21 13.45 17.26
C ALA F 246 -23.14 13.26 16.08
N ALA F 247 -23.34 14.30 15.29
CA ALA F 247 -24.22 14.21 14.14
C ALA F 247 -23.67 13.21 13.15
N MET F 248 -22.33 13.22 13.00
CA MET F 248 -21.69 12.27 12.12
C MET F 248 -21.96 10.83 12.57
N LEU F 249 -21.71 10.55 13.84
CA LEU F 249 -21.93 9.22 14.37
C LEU F 249 -23.37 8.78 14.11
N ALA F 250 -24.33 9.69 14.31
CA ALA F 250 -25.74 9.40 14.08
C ALA F 250 -25.97 8.94 12.66
N GLY F 251 -25.44 9.66 11.66
CA GLY F 251 -25.65 9.24 10.27
C GLY F 251 -24.95 7.92 9.95
N LEU F 252 -23.84 7.62 10.64
CA LEU F 252 -23.13 6.36 10.42
C LEU F 252 -23.85 5.20 11.08
N GLY F 253 -24.79 5.50 11.99
CA GLY F 253 -25.43 4.42 12.71
C GLY F 253 -24.55 3.86 13.81
N LEU F 254 -23.54 4.60 14.29
CA LEU F 254 -22.75 4.15 15.42
C LEU F 254 -23.27 4.80 16.70
N ASP F 255 -23.51 3.96 17.71
CA ASP F 255 -23.93 4.43 19.00
C ASP F 255 -22.68 4.96 19.72
N ALA F 256 -22.69 6.24 20.10
CA ALA F 256 -21.56 6.86 20.75
C ALA F 256 -21.11 6.02 21.95
N ALA F 257 -22.03 5.34 22.63
CA ALA F 257 -21.65 4.66 23.86
C ALA F 257 -20.73 3.45 23.57
N GLU F 258 -20.68 2.97 22.31
CA GLU F 258 -19.86 1.83 21.94
C GLU F 258 -18.44 2.21 21.52
N LEU F 259 -18.12 3.52 21.51
CA LEU F 259 -16.91 4.04 20.87
C LEU F 259 -15.98 4.63 21.92
N PRO F 260 -14.67 4.67 21.68
CA PRO F 260 -13.78 5.51 22.47
C PRO F 260 -14.18 6.99 22.43
N PRO F 261 -13.74 7.79 23.41
CA PRO F 261 -13.97 9.23 23.35
C PRO F 261 -13.26 9.83 22.14
N GLN F 262 -13.90 10.84 21.56
CA GLN F 262 -13.49 11.46 20.32
C GLN F 262 -12.04 11.91 20.41
N ASN F 263 -11.69 12.48 21.57
CA ASN F 263 -10.41 13.10 21.77
C ASN F 263 -9.54 12.29 22.74
N ASP F 264 -9.81 11.00 22.92
CA ASP F 264 -8.85 10.15 23.61
C ASP F 264 -7.83 9.66 22.57
N ARG F 265 -6.73 10.40 22.40
CA ARG F 265 -5.75 10.13 21.38
C ARG F 265 -5.12 8.75 21.53
N ALA F 266 -5.05 8.24 22.77
CA ALA F 266 -4.48 6.94 23.01
C ALA F 266 -5.31 5.88 22.31
N ARG F 267 -6.61 6.16 22.04
CA ARG F 267 -7.50 5.14 21.50
C ARG F 267 -7.97 5.49 20.08
N TRP F 268 -7.30 6.46 19.46
CA TRP F 268 -7.60 6.80 18.08
C TRP F 268 -7.42 5.59 17.16
N PRO F 269 -6.46 4.66 17.38
CA PRO F 269 -6.39 3.48 16.51
C PRO F 269 -7.70 2.68 16.50
N GLU F 270 -8.32 2.48 17.67
CA GLU F 270 -9.61 1.80 17.73
C GLU F 270 -10.69 2.63 17.04
N LEU F 271 -10.69 3.95 17.29
CA LEU F 271 -11.74 4.79 16.77
C LEU F 271 -11.67 4.79 15.24
N ARG F 272 -10.44 4.92 14.73
CA ARG F 272 -10.21 4.92 13.30
C ARG F 272 -10.68 3.62 12.69
N ALA F 273 -10.43 2.47 13.35
CA ALA F 273 -10.91 1.19 12.85
C ALA F 273 -12.43 1.16 12.75
N LEU F 274 -13.11 1.69 13.77
CA LEU F 274 -14.58 1.71 13.79
C LEU F 274 -15.13 2.59 12.70
N LEU F 275 -14.56 3.79 12.52
CA LEU F 275 -15.09 4.69 11.51
C LEU F 275 -14.79 4.13 10.12
N THR F 276 -13.61 3.51 9.94
CA THR F 276 -13.19 2.98 8.65
C THR F 276 -14.16 1.92 8.16
N GLU F 277 -14.53 1.00 9.06
CA GLU F 277 -15.44 -0.09 8.71
C GLU F 277 -16.80 0.49 8.41
N ALA F 278 -17.23 1.49 9.19
CA ALA F 278 -18.51 2.08 8.95
C ALA F 278 -18.56 2.76 7.58
N PHE F 279 -17.60 3.65 7.24
CA PHE F 279 -17.64 4.31 5.96
C PHE F 279 -17.45 3.32 4.81
N ALA F 280 -16.70 2.24 5.03
CA ALA F 280 -16.44 1.26 3.98
C ALA F 280 -17.69 0.41 3.68
N SER F 281 -18.73 0.49 4.52
CA SER F 281 -19.89 -0.40 4.37
C SER F 281 -20.89 0.13 3.33
N HIS F 282 -20.77 1.38 2.89
CA HIS F 282 -21.62 1.90 1.83
C HIS F 282 -20.78 2.76 0.90
N ASP F 283 -21.34 3.07 -0.27
CA ASP F 283 -20.63 3.80 -1.30
C ASP F 283 -20.75 5.31 -1.04
N ARG F 284 -19.99 6.12 -1.78
CA ARG F 284 -19.88 7.54 -1.53
C ARG F 284 -21.23 8.21 -1.71
N ASP F 285 -21.94 7.83 -2.78
CA ASP F 285 -23.28 8.33 -3.03
C ASP F 285 -24.14 8.10 -1.79
N HIS F 286 -24.03 6.94 -1.18
CA HIS F 286 -24.87 6.67 -0.02
C HIS F 286 -24.63 7.73 1.06
N TRP F 287 -23.35 8.04 1.36
CA TRP F 287 -23.05 9.01 2.40
C TRP F 287 -23.47 10.42 1.97
N GLY F 288 -23.41 10.73 0.70
CA GLY F 288 -23.94 12.01 0.24
C GLY F 288 -25.43 12.21 0.59
N ALA F 289 -26.21 11.14 0.43
CA ALA F 289 -27.63 11.16 0.75
C ALA F 289 -27.84 11.25 2.27
N VAL F 290 -27.19 10.36 3.03
CA VAL F 290 -27.30 10.39 4.48
C VAL F 290 -26.99 11.80 5.01
N PHE F 291 -25.94 12.46 4.51
CA PHE F 291 -25.37 13.62 5.19
C PHE F 291 -25.83 14.92 4.53
N ALA F 292 -25.73 15.01 3.20
CA ALA F 292 -26.55 15.91 2.40
C ALA F 292 -26.50 17.36 2.86
N ASN F 293 -27.25 17.61 3.94
CA ASN F 293 -27.65 18.93 4.35
C ASN F 293 -27.36 19.11 5.84
N SER F 294 -26.45 18.30 6.40
CA SER F 294 -26.26 18.31 7.84
C SER F 294 -24.95 18.99 8.23
N ASP F 295 -24.82 19.21 9.54
CA ASP F 295 -23.65 19.78 10.15
C ASP F 295 -22.66 18.70 10.58
N ALA F 296 -22.79 17.49 10.03
CA ALA F 296 -21.87 16.40 10.34
C ALA F 296 -20.47 16.61 9.73
N CYS F 297 -20.31 17.58 8.84
CA CYS F 297 -19.05 17.89 8.17
C CYS F 297 -18.50 16.68 7.40
N VAL F 298 -19.36 16.03 6.63
CA VAL F 298 -18.96 14.92 5.77
C VAL F 298 -19.35 15.30 4.36
N THR F 299 -18.38 15.28 3.44
CA THR F 299 -18.61 15.67 2.06
C THR F 299 -17.96 14.62 1.17
N PRO F 300 -18.48 14.38 -0.03
CA PRO F 300 -17.83 13.49 -0.99
C PRO F 300 -16.60 14.19 -1.56
N VAL F 301 -15.51 13.42 -1.72
CA VAL F 301 -14.27 13.92 -2.30
C VAL F 301 -14.38 13.78 -3.82
N LEU F 302 -14.77 14.87 -4.49
CA LEU F 302 -15.01 14.86 -5.93
C LEU F 302 -13.67 15.01 -6.67
N ALA F 303 -13.53 14.24 -7.77
CA ALA F 303 -12.49 14.51 -8.75
C ALA F 303 -12.84 15.74 -9.57
N PHE F 304 -11.83 16.36 -10.18
CA PHE F 304 -12.05 17.58 -10.96
C PHE F 304 -13.23 17.39 -11.94
N GLY F 305 -13.26 16.25 -12.62
CA GLY F 305 -14.21 16.02 -13.71
C GLY F 305 -15.65 15.84 -13.24
N GLU F 306 -15.87 15.74 -11.93
CA GLU F 306 -17.20 15.58 -11.35
C GLU F 306 -17.70 16.89 -10.74
N VAL F 307 -16.83 17.88 -10.62
CA VAL F 307 -17.16 19.10 -9.89
C VAL F 307 -18.34 19.85 -10.53
N HIS F 308 -18.39 19.81 -11.87
CA HIS F 308 -19.39 20.53 -12.64
C HIS F 308 -20.80 19.97 -12.37
N ASN F 309 -20.95 18.77 -11.80
CA ASN F 309 -22.26 18.19 -11.50
C ASN F 309 -22.69 18.42 -10.06
N GLU F 310 -22.03 19.32 -9.32
CA GLU F 310 -22.32 19.47 -7.91
C GLU F 310 -23.20 20.70 -7.71
N PRO F 311 -24.44 20.52 -7.19
CA PRO F 311 -25.41 21.62 -7.11
C PRO F 311 -24.88 22.93 -6.53
N HIS F 312 -24.16 22.88 -5.41
CA HIS F 312 -23.70 24.12 -4.78
C HIS F 312 -22.68 24.84 -5.67
N ILE F 313 -21.89 24.05 -6.41
CA ILE F 313 -20.93 24.60 -7.36
C ILE F 313 -21.68 25.26 -8.52
N ILE F 314 -22.64 24.54 -9.11
CA ILE F 314 -23.41 25.02 -10.26
C ILE F 314 -24.10 26.32 -9.88
N GLU F 315 -24.81 26.34 -8.73
CA GLU F 315 -25.71 27.43 -8.42
C GLU F 315 -25.00 28.74 -8.11
N ARG F 316 -23.78 28.69 -7.55
CA ARG F 316 -23.04 29.91 -7.27
C ARG F 316 -22.12 30.32 -8.45
N ASN F 317 -22.10 29.56 -9.55
CA ASN F 317 -21.28 29.87 -10.72
C ASN F 317 -19.82 30.06 -10.31
N THR F 318 -19.32 29.12 -9.48
CA THR F 318 -17.92 29.06 -9.14
C THR F 318 -17.07 28.84 -10.40
N PHE F 319 -17.60 28.12 -11.41
CA PHE F 319 -16.86 27.80 -12.64
C PHE F 319 -17.59 28.35 -13.87
N TYR F 320 -16.84 28.63 -14.95
CA TYR F 320 -17.41 28.93 -16.26
C TYR F 320 -16.81 27.95 -17.26
N GLU F 321 -17.49 27.74 -18.40
CA GLU F 321 -17.01 26.92 -19.49
C GLU F 321 -16.16 27.78 -20.42
N ALA F 322 -15.00 27.27 -20.84
CA ALA F 322 -14.15 28.00 -21.78
C ALA F 322 -13.50 27.01 -22.74
N ASN F 323 -13.70 27.22 -24.05
CA ASN F 323 -13.03 26.48 -25.12
C ASN F 323 -12.67 25.05 -24.72
N GLY F 324 -11.65 24.86 -23.86
CA GLY F 324 -11.07 23.55 -23.58
C GLY F 324 -11.58 22.86 -22.31
N GLY F 325 -12.34 23.59 -21.46
CA GLY F 325 -12.99 23.00 -20.29
C GLY F 325 -13.33 24.05 -19.24
N TRP F 326 -13.86 23.57 -18.10
CA TRP F 326 -14.24 24.44 -16.98
C TRP F 326 -13.01 25.14 -16.42
N GLN F 327 -13.21 26.37 -15.97
CA GLN F 327 -12.17 27.19 -15.37
C GLN F 327 -12.82 27.97 -14.26
N PRO F 328 -12.13 28.28 -13.16
CA PRO F 328 -12.77 29.03 -12.07
C PRO F 328 -13.06 30.47 -12.43
N MET F 329 -14.22 30.96 -11.97
CA MET F 329 -14.58 32.35 -12.11
C MET F 329 -13.73 33.16 -11.15
N PRO F 330 -13.57 34.48 -11.34
CA PRO F 330 -12.82 35.32 -10.42
C PRO F 330 -13.28 35.19 -8.99
N ALA F 331 -12.32 35.37 -8.08
CA ALA F 331 -12.60 35.42 -6.67
C ALA F 331 -11.74 36.50 -6.04
N PRO F 332 -12.16 37.13 -4.92
CA PRO F 332 -13.51 36.94 -4.35
C PRO F 332 -14.55 37.74 -5.14
N ARG F 333 -15.74 37.91 -4.56
CA ARG F 333 -16.83 38.58 -5.28
C ARG F 333 -17.13 39.92 -4.61
N PHE F 334 -17.61 40.86 -5.45
CA PHE F 334 -17.84 42.25 -5.08
C PHE F 334 -19.30 42.58 -5.37
N SER F 335 -19.99 43.18 -4.42
CA SER F 335 -21.42 43.46 -4.54
C SER F 335 -21.74 44.57 -5.57
N ARG F 336 -20.90 45.62 -5.63
CA ARG F 336 -21.13 46.74 -6.55
C ARG F 336 -20.33 46.60 -7.84
N THR F 337 -19.01 46.52 -7.74
CA THR F 337 -18.19 46.41 -8.95
C THR F 337 -17.77 44.96 -9.16
N ALA F 338 -18.68 44.21 -9.78
CA ALA F 338 -18.52 42.77 -9.93
C ALA F 338 -17.64 42.47 -11.12
N SER F 339 -16.81 41.43 -10.98
CA SER F 339 -15.95 41.03 -12.06
C SER F 339 -16.77 40.41 -13.17
N SER F 340 -16.21 40.24 -14.36
CA SER F 340 -16.93 39.60 -15.44
C SER F 340 -16.27 38.30 -15.82
N GLN F 341 -16.94 37.54 -16.68
CA GLN F 341 -16.34 36.33 -17.20
C GLN F 341 -14.99 36.70 -17.80
N PRO F 342 -13.88 36.02 -17.41
CA PRO F 342 -12.57 36.30 -17.98
C PRO F 342 -12.60 36.25 -19.49
N ARG F 343 -11.83 37.17 -20.09
CA ARG F 343 -11.59 37.19 -21.52
C ARG F 343 -10.52 36.16 -21.85
N PRO F 344 -10.78 35.30 -22.86
CA PRO F 344 -9.84 34.24 -23.21
C PRO F 344 -8.50 34.80 -23.68
N PRO F 345 -7.43 33.96 -23.72
CA PRO F 345 -6.15 34.38 -24.31
C PRO F 345 -6.39 34.80 -25.75
N ALA F 346 -5.78 35.95 -26.14
CA ALA F 346 -5.95 36.53 -27.47
C ALA F 346 -4.61 36.61 -28.20
N ALA F 347 -4.67 36.80 -29.52
CA ALA F 347 -3.50 36.90 -30.36
C ALA F 347 -2.58 38.06 -29.91
N THR F 348 -1.29 37.89 -30.23
CA THR F 348 -0.26 38.86 -29.94
C THR F 348 -0.61 40.19 -30.59
N ILE F 349 -0.34 41.30 -29.89
CA ILE F 349 -0.53 42.59 -30.49
C ILE F 349 0.78 43.39 -30.37
N ASP F 350 0.92 44.43 -31.21
CA ASP F 350 2.12 45.27 -31.28
C ASP F 350 2.18 46.18 -30.05
N ILE F 351 3.39 46.38 -29.56
CA ILE F 351 3.55 47.16 -28.34
C ILE F 351 3.28 48.63 -28.63
N GLU F 352 3.49 49.04 -29.90
CA GLU F 352 3.13 50.38 -30.34
C GLU F 352 1.63 50.58 -30.19
N ALA F 353 0.84 49.65 -30.76
CA ALA F 353 -0.61 49.62 -30.62
C ALA F 353 -1.05 49.86 -29.17
N VAL F 354 -0.33 49.26 -28.19
CA VAL F 354 -0.65 49.42 -26.78
C VAL F 354 -0.31 50.84 -26.33
N LEU F 355 0.89 51.30 -26.67
CA LEU F 355 1.33 52.62 -26.25
C LEU F 355 0.37 53.72 -26.73
N THR F 356 -0.22 53.53 -27.93
CA THR F 356 -1.22 54.47 -28.46
C THR F 356 -2.40 54.58 -27.50
N ASP F 357 -3.04 53.44 -27.22
CA ASP F 357 -4.21 53.33 -26.34
C ASP F 357 -3.90 53.90 -24.95
N TRP F 358 -2.72 53.65 -24.37
CA TRP F 358 -2.40 54.23 -23.08
C TRP F 358 -2.02 55.70 -23.21
N ASP F 359 -1.66 56.12 -24.44
CA ASP F 359 -1.37 57.49 -24.84
C ASP F 359 -0.63 58.22 -23.70
N MET G 1 -42.62 -10.77 35.59
CA MET G 1 -43.21 -9.70 34.73
C MET G 1 -42.21 -8.56 34.50
N ALA G 2 -41.86 -8.30 33.23
CA ALA G 2 -40.83 -7.30 32.93
C ALA G 2 -41.35 -5.87 33.15
N GLY G 3 -40.56 -5.06 33.87
CA GLY G 3 -40.67 -3.62 33.87
C GLY G 3 -40.49 -3.03 35.27
N PRO G 4 -40.44 -1.71 35.47
CA PRO G 4 -40.24 -1.16 36.82
C PRO G 4 -41.41 -1.25 37.80
N LEU G 5 -42.61 -1.61 37.31
CA LEU G 5 -43.77 -1.69 38.18
C LEU G 5 -44.11 -3.16 38.42
N SER G 6 -43.13 -4.04 38.13
CA SER G 6 -43.18 -5.43 38.53
C SER G 6 -43.58 -5.52 40.00
N GLY G 7 -44.52 -6.42 40.30
CA GLY G 7 -45.01 -6.55 41.66
C GLY G 7 -46.25 -5.72 41.97
N LEU G 8 -46.42 -4.53 41.36
CA LEU G 8 -47.58 -3.68 41.61
C LEU G 8 -48.87 -4.34 41.12
N ARG G 9 -49.88 -4.28 41.99
CA ARG G 9 -51.15 -4.97 41.77
C ARG G 9 -52.26 -3.94 41.62
N VAL G 10 -53.07 -4.16 40.57
CA VAL G 10 -53.99 -3.14 40.09
C VAL G 10 -55.34 -3.78 39.78
N VAL G 11 -56.39 -3.17 40.36
CA VAL G 11 -57.76 -3.53 40.05
C VAL G 11 -58.41 -2.41 39.24
N GLU G 12 -58.94 -2.78 38.07
CA GLU G 12 -59.52 -1.84 37.12
C GLU G 12 -60.99 -2.20 36.91
N LEU G 13 -61.87 -1.28 37.31
CA LEU G 13 -63.28 -1.43 37.02
C LEU G 13 -63.54 -0.96 35.58
N ALA G 14 -63.91 -1.88 34.68
CA ALA G 14 -63.97 -1.59 33.26
C ALA G 14 -64.79 -0.33 32.94
N GLY G 15 -64.14 0.62 32.27
CA GLY G 15 -64.80 1.79 31.69
C GLY G 15 -64.30 2.05 30.28
N ILE G 16 -64.33 3.32 29.85
CA ILE G 16 -63.93 3.69 28.51
C ILE G 16 -63.02 4.91 28.59
N GLY G 17 -62.09 5.00 27.62
CA GLY G 17 -61.23 6.17 27.51
C GLY G 17 -60.08 6.17 28.49
N PRO G 18 -59.98 7.18 29.38
CA PRO G 18 -58.76 7.36 30.16
C PRO G 18 -58.45 6.25 31.16
N GLY G 19 -59.48 5.68 31.78
CA GLY G 19 -59.25 4.65 32.77
C GLY G 19 -58.52 3.46 32.15
N PRO G 20 -59.05 2.85 31.07
CA PRO G 20 -58.34 1.75 30.40
C PRO G 20 -56.98 2.12 29.85
N HIS G 21 -56.72 3.42 29.62
CA HIS G 21 -55.45 3.81 29.02
C HIS G 21 -54.40 3.86 30.13
N ALA G 22 -54.76 4.45 31.27
CA ALA G 22 -53.90 4.43 32.43
C ALA G 22 -53.59 2.99 32.88
N ALA G 23 -54.59 2.10 32.82
CA ALA G 23 -54.40 0.71 33.24
C ALA G 23 -53.42 0.02 32.31
N MET G 24 -53.61 0.22 30.99
CA MET G 24 -52.71 -0.27 29.95
C MET G 24 -51.26 0.09 30.27
N ILE G 25 -50.99 1.36 30.62
CA ILE G 25 -49.63 1.84 30.76
C ILE G 25 -49.01 1.21 32.01
N LEU G 26 -49.76 1.15 33.12
CA LEU G 26 -49.35 0.39 34.31
C LEU G 26 -49.00 -1.05 33.91
N GLY G 27 -49.86 -1.73 33.15
CA GLY G 27 -49.57 -3.11 32.73
C GLY G 27 -48.45 -3.20 31.70
N ASP G 28 -48.27 -2.12 30.92
CA ASP G 28 -47.19 -2.03 29.96
C ASP G 28 -45.84 -2.13 30.68
N LEU G 29 -45.72 -1.42 31.81
CA LEU G 29 -44.53 -1.23 32.61
C LEU G 29 -44.37 -2.32 33.71
N GLY G 30 -45.22 -3.36 33.67
CA GLY G 30 -45.02 -4.61 34.40
C GLY G 30 -45.97 -4.84 35.59
N ALA G 31 -46.96 -3.95 35.79
CA ALA G 31 -47.91 -4.11 36.88
C ALA G 31 -48.89 -5.25 36.57
N ASP G 32 -49.44 -5.85 37.65
CA ASP G 32 -50.39 -6.94 37.51
C ASP G 32 -51.78 -6.34 37.54
N VAL G 33 -52.50 -6.46 36.40
CA VAL G 33 -53.69 -5.67 36.16
C VAL G 33 -54.86 -6.61 35.94
N VAL G 34 -55.82 -6.49 36.85
CA VAL G 34 -57.01 -7.30 36.78
C VAL G 34 -58.17 -6.37 36.49
N ARG G 35 -58.78 -6.61 35.33
CA ARG G 35 -59.88 -5.80 34.86
C ARG G 35 -61.19 -6.55 35.09
N ILE G 36 -62.08 -5.96 35.92
CA ILE G 36 -63.41 -6.51 36.17
C ILE G 36 -64.42 -5.88 35.21
N ASP G 37 -64.88 -6.65 34.23
CA ASP G 37 -65.98 -6.23 33.37
C ASP G 37 -67.28 -6.92 33.84
N ARG G 38 -68.40 -6.55 33.21
CA ARG G 38 -69.68 -7.17 33.46
C ARG G 38 -69.83 -8.35 32.50
N PRO G 39 -70.50 -9.45 32.90
CA PRO G 39 -70.62 -10.62 32.03
C PRO G 39 -71.41 -10.24 30.78
N SER G 40 -72.45 -9.39 30.97
CA SER G 40 -73.26 -8.82 29.91
C SER G 40 -72.43 -8.65 28.65
N SER G 41 -71.35 -7.86 28.78
CA SER G 41 -70.64 -7.33 27.63
C SER G 41 -69.23 -7.92 27.56
N VAL G 42 -69.12 -9.25 27.62
CA VAL G 42 -67.90 -9.95 27.21
C VAL G 42 -68.31 -11.22 26.47
N ASP G 43 -67.97 -11.27 25.17
CA ASP G 43 -67.99 -12.50 24.38
C ASP G 43 -66.69 -13.24 24.61
N GLY G 44 -65.78 -13.14 23.62
CA GLY G 44 -64.56 -13.92 23.63
C GLY G 44 -63.36 -13.08 24.04
N ILE G 45 -62.26 -13.27 23.31
CA ILE G 45 -61.06 -12.46 23.43
C ILE G 45 -61.40 -11.07 22.88
N SER G 46 -60.99 -10.02 23.60
CA SER G 46 -61.12 -8.65 23.11
C SER G 46 -60.21 -8.44 21.90
N ARG G 47 -60.72 -7.73 20.88
CA ARG G 47 -59.89 -7.33 19.76
C ARG G 47 -59.45 -5.86 19.93
N ASP G 48 -59.56 -5.33 21.17
CA ASP G 48 -59.12 -3.98 21.53
C ASP G 48 -57.73 -4.03 22.16
N ALA G 49 -56.72 -3.67 21.35
CA ALA G 49 -55.33 -3.70 21.77
C ALA G 49 -55.11 -2.85 23.00
N MET G 50 -56.04 -1.94 23.31
CA MET G 50 -55.88 -1.17 24.53
C MET G 50 -56.02 -2.05 25.77
N LEU G 51 -56.60 -3.27 25.62
CA LEU G 51 -56.79 -4.19 26.75
C LEU G 51 -55.65 -5.21 26.83
N ARG G 52 -54.46 -4.81 26.35
CA ARG G 52 -53.27 -5.64 26.40
C ARG G 52 -52.73 -5.65 27.82
N ASN G 53 -51.86 -6.59 28.18
CA ASN G 53 -51.25 -6.63 29.50
C ASN G 53 -52.29 -6.63 30.64
N ARG G 54 -53.34 -7.44 30.45
CA ARG G 54 -54.44 -7.54 31.41
C ARG G 54 -54.76 -9.00 31.76
N ARG G 55 -55.42 -9.21 32.90
CA ARG G 55 -56.34 -10.34 33.00
C ARG G 55 -57.78 -9.82 33.16
N ILE G 56 -58.67 -10.31 32.28
CA ILE G 56 -60.08 -9.92 32.24
C ILE G 56 -60.90 -10.89 33.10
N VAL G 57 -61.67 -10.36 34.06
CA VAL G 57 -62.64 -11.17 34.78
C VAL G 57 -64.02 -10.51 34.68
N THR G 58 -65.06 -11.35 34.50
CA THR G 58 -66.45 -10.90 34.59
C THR G 58 -66.97 -11.11 36.01
N ALA G 59 -68.00 -10.33 36.35
CA ALA G 59 -68.57 -10.28 37.69
C ALA G 59 -69.66 -9.21 37.73
N ASP G 60 -70.93 -9.66 37.78
CA ASP G 60 -72.06 -8.79 38.03
C ASP G 60 -71.83 -8.13 39.39
N LEU G 61 -71.47 -6.83 39.36
CA LEU G 61 -71.07 -6.11 40.56
C LEU G 61 -72.27 -5.71 41.39
N LYS G 62 -73.48 -5.88 40.83
CA LYS G 62 -74.70 -5.45 41.49
C LYS G 62 -75.16 -6.53 42.48
N SER G 63 -74.69 -7.77 42.28
CA SER G 63 -75.02 -8.92 43.13
C SER G 63 -73.96 -9.13 44.21
N ASP G 64 -74.39 -9.39 45.46
CA ASP G 64 -73.51 -9.62 46.60
C ASP G 64 -72.40 -10.64 46.29
N GLN G 65 -72.65 -11.55 45.35
CA GLN G 65 -71.67 -12.52 44.87
C GLN G 65 -70.51 -11.81 44.15
N GLY G 66 -70.86 -10.95 43.19
CA GLY G 66 -69.88 -10.11 42.51
C GLY G 66 -69.18 -9.15 43.47
N LEU G 67 -69.95 -8.43 44.31
CA LEU G 67 -69.39 -7.44 45.21
C LEU G 67 -68.39 -8.05 46.17
N GLU G 68 -68.64 -9.30 46.60
CA GLU G 68 -67.78 -9.94 47.59
C GLU G 68 -66.44 -10.29 46.93
N LEU G 69 -66.52 -10.99 45.78
CA LEU G 69 -65.35 -11.41 45.02
C LEU G 69 -64.49 -10.19 44.66
N ALA G 70 -65.12 -9.02 44.46
CA ALA G 70 -64.45 -7.82 44.02
C ALA G 70 -63.71 -7.20 45.19
N LEU G 71 -64.31 -7.24 46.38
CA LEU G 71 -63.65 -6.66 47.55
C LEU G 71 -62.49 -7.55 48.00
N LYS G 72 -62.55 -8.83 47.60
CA LYS G 72 -61.49 -9.76 47.88
C LYS G 72 -60.28 -9.50 46.98
N LEU G 73 -60.50 -9.23 45.67
CA LEU G 73 -59.43 -8.73 44.82
C LEU G 73 -58.85 -7.46 45.41
N ILE G 74 -59.70 -6.49 45.72
CA ILE G 74 -59.23 -5.19 46.15
C ILE G 74 -58.42 -5.26 47.43
N ALA G 75 -58.62 -6.33 48.21
CA ALA G 75 -57.95 -6.48 49.50
C ALA G 75 -56.47 -6.81 49.30
N LYS G 76 -56.17 -7.60 48.25
CA LYS G 76 -54.80 -7.99 47.92
C LYS G 76 -54.16 -7.04 46.89
N ALA G 77 -54.66 -5.80 46.72
CA ALA G 77 -54.21 -4.95 45.62
C ALA G 77 -53.60 -3.65 46.14
N ASP G 78 -52.81 -2.97 45.29
CA ASP G 78 -52.18 -1.70 45.62
C ASP G 78 -53.02 -0.53 45.14
N VAL G 79 -53.69 -0.75 44.00
CA VAL G 79 -54.36 0.36 43.33
C VAL G 79 -55.72 -0.09 42.81
N LEU G 80 -56.70 0.81 42.98
CA LEU G 80 -57.96 0.68 42.26
C LEU G 80 -58.22 1.89 41.36
N ILE G 81 -58.66 1.53 40.14
CA ILE G 81 -59.02 2.47 39.08
C ILE G 81 -60.50 2.33 38.78
N GLU G 82 -61.20 3.46 38.86
CA GLU G 82 -62.59 3.50 38.44
C GLU G 82 -62.82 4.80 37.67
N GLY G 83 -63.59 4.68 36.59
CA GLY G 83 -63.87 5.79 35.69
C GLY G 83 -65.35 6.08 35.48
N TYR G 84 -66.15 5.86 36.54
CA TYR G 84 -67.59 6.04 36.47
C TYR G 84 -67.92 7.42 36.99
N ARG G 85 -69.18 7.83 36.79
CA ARG G 85 -69.64 9.07 37.39
C ARG G 85 -69.49 8.97 38.89
N PRO G 86 -69.26 10.09 39.58
CA PRO G 86 -69.10 10.10 41.03
C PRO G 86 -70.38 9.52 41.66
N GLY G 87 -70.28 8.61 42.65
CA GLY G 87 -71.43 8.04 43.35
C GLY G 87 -71.61 6.59 42.94
N VAL G 88 -71.14 6.25 41.76
CA VAL G 88 -71.42 4.93 41.24
C VAL G 88 -70.75 3.87 42.13
N THR G 89 -69.48 4.05 42.50
CA THR G 89 -68.78 3.00 43.22
C THR G 89 -69.33 2.90 44.63
N GLU G 90 -69.62 4.05 45.24
CA GLU G 90 -70.20 4.10 46.57
C GLU G 90 -71.46 3.23 46.56
N ARG G 91 -72.41 3.54 45.68
CA ARG G 91 -73.66 2.82 45.60
C ARG G 91 -73.42 1.34 45.34
N LEU G 92 -72.33 0.96 44.66
CA LEU G 92 -72.09 -0.47 44.45
C LEU G 92 -71.63 -1.16 45.73
N GLY G 93 -71.15 -0.40 46.72
CA GLY G 93 -70.38 -0.97 47.83
C GLY G 93 -68.86 -0.90 47.67
N LEU G 94 -68.35 -0.30 46.55
CA LEU G 94 -66.92 -0.33 46.20
C LEU G 94 -66.31 1.07 46.31
N GLY G 95 -66.89 1.96 47.10
CA GLY G 95 -66.39 3.32 47.24
C GLY G 95 -65.13 3.38 48.11
N PRO G 96 -64.52 4.56 48.31
CA PRO G 96 -63.24 4.65 49.02
C PRO G 96 -63.35 4.08 50.44
N GLU G 97 -64.35 4.58 51.21
CA GLU G 97 -64.66 4.16 52.58
C GLU G 97 -64.63 2.64 52.73
N GLU G 98 -65.47 1.98 51.94
CA GLU G 98 -65.65 0.54 51.96
C GLU G 98 -64.43 -0.23 51.45
N CYS G 99 -63.61 0.44 50.63
CA CYS G 99 -62.36 -0.15 50.19
C CYS G 99 -61.34 -0.01 51.32
N ALA G 100 -61.32 1.17 51.97
CA ALA G 100 -60.40 1.45 53.06
C ALA G 100 -60.54 0.40 54.18
N LYS G 101 -61.76 -0.09 54.41
CA LYS G 101 -62.00 -1.05 55.48
C LYS G 101 -61.38 -2.42 55.17
N VAL G 102 -61.19 -2.82 53.91
CA VAL G 102 -60.53 -4.10 53.69
C VAL G 102 -59.05 -3.89 53.29
N ASN G 103 -58.52 -2.67 53.33
CA ASN G 103 -57.21 -2.36 52.74
C ASN G 103 -56.93 -0.87 52.83
N ASP G 104 -56.38 -0.37 53.96
CA ASP G 104 -56.14 1.06 54.08
C ASP G 104 -54.79 1.46 53.48
N ARG G 105 -54.17 0.58 52.69
CA ARG G 105 -53.00 0.96 51.93
C ARG G 105 -53.37 1.36 50.49
N LEU G 106 -54.62 1.10 50.08
CA LEU G 106 -55.06 1.17 48.69
C LEU G 106 -54.97 2.60 48.16
N ILE G 107 -54.44 2.71 46.94
CA ILE G 107 -54.54 3.94 46.16
C ILE G 107 -55.82 3.87 45.34
N TYR G 108 -56.72 4.81 45.65
CA TYR G 108 -58.08 4.77 45.14
C TYR G 108 -58.16 5.83 44.05
N ALA G 109 -58.17 5.39 42.79
CA ALA G 109 -57.94 6.34 41.70
C ALA G 109 -59.22 6.57 40.91
N ARG G 110 -59.70 7.82 40.97
CA ARG G 110 -60.96 8.23 40.38
C ARG G 110 -60.71 9.12 39.14
N MET G 111 -61.05 8.54 37.98
CA MET G 111 -60.89 9.16 36.66
C MET G 111 -62.24 9.70 36.17
N THR G 112 -62.38 11.03 36.16
CA THR G 112 -63.57 11.66 35.60
C THR G 112 -63.18 12.80 34.67
N GLY G 113 -64.20 13.44 34.09
CA GLY G 113 -64.03 14.62 33.27
C GLY G 113 -64.14 15.89 34.09
N TRP G 114 -65.22 15.98 34.88
CA TRP G 114 -65.61 17.21 35.50
C TRP G 114 -65.17 17.26 36.96
N GLY G 115 -64.75 16.12 37.50
CA GLY G 115 -64.38 16.02 38.91
C GLY G 115 -65.46 15.37 39.76
N GLN G 116 -65.24 15.43 41.08
CA GLN G 116 -66.00 14.60 42.00
C GLN G 116 -67.22 15.38 42.50
N THR G 117 -67.22 16.72 42.38
CA THR G 117 -68.30 17.58 42.82
C THR G 117 -68.40 18.79 41.89
N GLY G 118 -69.40 19.65 42.13
CA GLY G 118 -69.62 20.87 41.39
C GLY G 118 -70.75 20.70 40.37
N PRO G 119 -71.18 21.80 39.72
CA PRO G 119 -72.43 21.82 38.92
C PRO G 119 -72.47 20.85 37.72
N ARG G 120 -71.30 20.43 37.19
CA ARG G 120 -71.29 19.65 35.97
C ARG G 120 -70.97 18.21 36.32
N SER G 121 -70.81 17.89 37.61
CA SER G 121 -70.24 16.61 38.02
C SER G 121 -71.09 15.40 37.65
N GLN G 122 -72.41 15.54 37.39
CA GLN G 122 -73.21 14.39 36.94
C GLN G 122 -73.57 14.47 35.44
N GLN G 123 -73.12 15.51 34.75
CA GLN G 123 -73.25 15.57 33.29
C GLN G 123 -72.40 14.53 32.57
N ALA G 124 -73.02 13.79 31.65
CA ALA G 124 -72.31 12.98 30.69
C ALA G 124 -71.42 13.91 29.87
N GLY G 125 -70.31 13.38 29.35
CA GLY G 125 -69.46 14.18 28.47
C GLY G 125 -68.36 13.30 27.88
N HIS G 126 -67.66 13.86 26.89
CA HIS G 126 -66.49 13.24 26.30
C HIS G 126 -65.36 14.28 26.24
N ASP G 127 -64.20 13.83 25.76
CA ASP G 127 -63.03 14.70 25.56
C ASP G 127 -63.40 16.10 25.09
N ILE G 128 -64.09 16.23 23.95
CA ILE G 128 -64.42 17.52 23.38
C ILE G 128 -65.12 18.49 24.36
N ASN G 129 -65.98 17.96 25.23
CA ASN G 129 -66.69 18.77 26.23
C ASN G 129 -65.72 19.29 27.30
N TYR G 130 -64.83 18.43 27.79
CA TYR G 130 -63.97 18.87 28.89
C TYR G 130 -63.02 19.97 28.41
N ILE G 131 -62.48 19.82 27.20
CA ILE G 131 -61.58 20.85 26.70
C ILE G 131 -62.31 22.07 26.17
N SER G 132 -63.64 22.01 25.98
CA SER G 132 -64.33 23.22 25.52
C SER G 132 -64.35 24.25 26.64
N LEU G 133 -64.39 23.78 27.89
CA LEU G 133 -64.72 24.64 29.02
C LEU G 133 -63.50 25.37 29.58
N ASN G 134 -62.29 24.91 29.27
CA ASN G 134 -61.11 25.50 29.92
C ASN G 134 -60.21 26.24 28.94
N GLY G 135 -60.75 26.60 27.77
CA GLY G 135 -60.05 27.44 26.82
C GLY G 135 -59.34 26.63 25.72
N ILE G 136 -59.13 25.33 25.94
CA ILE G 136 -58.24 24.63 25.05
C ILE G 136 -58.82 24.48 23.63
N LEU G 137 -60.08 24.01 23.50
CA LEU G 137 -60.63 23.70 22.19
C LEU G 137 -60.70 24.97 21.34
N HIS G 138 -61.02 26.08 21.99
CA HIS G 138 -61.14 27.36 21.30
C HIS G 138 -59.83 27.75 20.60
N ALA G 139 -58.70 27.20 21.07
CA ALA G 139 -57.37 27.62 20.64
C ALA G 139 -56.88 26.81 19.43
N ILE G 140 -57.62 25.75 19.07
CA ILE G 140 -57.15 24.76 18.11
C ILE G 140 -57.89 24.92 16.77
N GLY G 141 -57.14 25.12 15.69
CA GLY G 141 -57.71 25.14 14.36
C GLY G 141 -57.32 26.41 13.62
N ARG G 142 -57.76 26.55 12.38
CA ARG G 142 -57.51 27.78 11.62
C ARG G 142 -58.40 28.93 12.11
N GLY G 143 -57.95 30.17 11.88
CA GLY G 143 -58.62 31.33 12.42
C GLY G 143 -59.94 31.62 11.70
N ASP G 144 -60.04 31.16 10.47
CA ASP G 144 -61.18 31.50 9.64
C ASP G 144 -62.20 30.37 9.71
N GLU G 145 -62.12 29.50 10.74
CA GLU G 145 -62.92 28.28 10.76
C GLU G 145 -63.31 27.97 12.19
N ARG G 146 -64.34 27.14 12.39
CA ARG G 146 -64.67 26.74 13.74
C ARG G 146 -63.57 25.86 14.33
N PRO G 147 -63.44 25.81 15.68
CA PRO G 147 -62.43 24.99 16.33
C PRO G 147 -62.50 23.51 15.94
N VAL G 148 -61.33 22.87 15.86
CA VAL G 148 -61.31 21.49 15.44
C VAL G 148 -60.79 20.67 16.62
N PRO G 149 -61.45 19.55 16.94
CA PRO G 149 -60.98 18.74 18.04
C PRO G 149 -59.66 18.07 17.66
N PRO G 150 -58.68 18.11 18.57
CA PRO G 150 -57.41 17.40 18.40
C PRO G 150 -57.53 15.91 18.79
N LEU G 151 -58.33 15.18 18.02
CA LEU G 151 -58.85 13.89 18.38
C LEU G 151 -59.31 13.95 19.85
N ASN G 152 -59.13 12.87 20.60
CA ASN G 152 -59.34 12.89 22.05
C ASN G 152 -58.00 12.78 22.79
N LEU G 153 -56.95 13.48 22.30
CA LEU G 153 -55.61 13.35 22.84
C LEU G 153 -55.39 14.22 24.08
N VAL G 154 -56.10 15.34 24.18
CA VAL G 154 -55.75 16.34 25.13
C VAL G 154 -56.53 16.14 26.43
N GLY G 155 -57.83 15.82 26.34
CA GLY G 155 -58.68 15.63 27.54
C GLY G 155 -58.60 14.23 28.11
N ASP G 156 -58.84 13.21 27.29
CA ASP G 156 -58.83 11.84 27.72
C ASP G 156 -57.42 11.38 28.11
N PHE G 157 -56.42 11.59 27.24
CA PHE G 157 -55.11 10.96 27.46
C PHE G 157 -54.14 11.94 28.10
N GLY G 158 -53.67 12.94 27.35
CA GLY G 158 -52.73 13.89 27.90
C GLY G 158 -53.14 14.50 29.24
N GLY G 159 -54.38 15.00 29.33
CA GLY G 159 -54.84 15.68 30.53
C GLY G 159 -55.71 14.78 31.43
N GLY G 160 -55.82 13.52 31.07
CA GLY G 160 -56.67 12.56 31.74
C GLY G 160 -55.89 11.37 32.31
N SER G 161 -55.75 10.33 31.51
CA SER G 161 -55.04 9.13 31.91
C SER G 161 -53.66 9.50 32.43
N MET G 162 -52.95 10.43 31.79
CA MET G 162 -51.58 10.70 32.19
C MET G 162 -51.56 11.34 33.58
N PHE G 163 -52.55 12.16 33.91
CA PHE G 163 -52.57 12.74 35.25
C PHE G 163 -53.05 11.71 36.28
N LEU G 164 -53.90 10.76 35.90
CA LEU G 164 -54.25 9.67 36.81
C LEU G 164 -52.97 8.92 37.20
N LEU G 165 -52.19 8.54 36.18
CA LEU G 165 -50.94 7.83 36.38
C LEU G 165 -50.02 8.59 37.32
N VAL G 166 -49.83 9.89 37.08
CA VAL G 166 -48.98 10.67 37.95
C VAL G 166 -49.49 10.61 39.38
N GLY G 167 -50.80 10.77 39.55
CA GLY G 167 -51.39 10.79 40.88
C GLY G 167 -51.20 9.44 41.57
N ILE G 168 -51.46 8.37 40.83
CA ILE G 168 -51.31 7.04 41.38
C ILE G 168 -49.86 6.82 41.83
N LEU G 169 -48.92 7.18 40.95
CA LEU G 169 -47.53 6.83 41.21
C LEU G 169 -46.97 7.74 42.30
N ALA G 170 -47.36 9.01 42.31
CA ALA G 170 -46.97 9.93 43.36
C ALA G 170 -47.51 9.47 44.74
N ALA G 171 -48.71 8.89 44.75
CA ALA G 171 -49.38 8.49 45.98
C ALA G 171 -48.66 7.28 46.56
N LEU G 172 -48.23 6.36 45.68
CA LEU G 172 -47.46 5.19 46.07
C LEU G 172 -46.12 5.59 46.65
N TRP G 173 -45.53 6.69 46.16
CA TRP G 173 -44.30 7.20 46.74
C TRP G 173 -44.57 7.62 48.17
N GLU G 174 -45.67 8.36 48.35
CA GLU G 174 -46.05 8.94 49.62
C GLU G 174 -46.35 7.83 50.62
N ARG G 175 -46.96 6.76 50.10
CA ARG G 175 -47.31 5.57 50.86
C ARG G 175 -46.08 4.93 51.50
N GLN G 176 -44.89 5.06 50.90
CA GLN G 176 -43.68 4.44 51.45
C GLN G 176 -43.30 5.10 52.78
N SER G 177 -43.61 6.39 52.99
CA SER G 177 -43.47 7.04 54.28
C SER G 177 -44.58 6.60 55.24
N SER G 178 -45.80 6.94 54.83
CA SER G 178 -46.95 7.14 55.71
C SER G 178 -47.56 5.81 56.14
N GLY G 179 -47.40 4.76 55.32
CA GLY G 179 -48.09 3.48 55.52
C GLY G 179 -49.48 3.41 54.90
N LYS G 180 -49.98 4.56 54.42
CA LYS G 180 -51.39 4.85 54.18
C LYS G 180 -51.70 5.15 52.70
N GLY G 181 -52.73 4.46 52.18
CA GLY G 181 -53.37 4.79 50.92
C GLY G 181 -54.00 6.18 50.94
N GLN G 182 -54.78 6.48 49.88
CA GLN G 182 -55.54 7.71 49.79
C GLN G 182 -56.23 7.79 48.42
N VAL G 183 -56.94 8.91 48.21
CA VAL G 183 -57.79 9.08 47.03
C VAL G 183 -57.14 10.07 46.08
N VAL G 184 -57.08 9.62 44.82
CA VAL G 184 -56.62 10.46 43.74
C VAL G 184 -57.84 10.84 42.89
N ASP G 185 -58.08 12.15 42.84
CA ASP G 185 -59.14 12.80 42.08
C ASP G 185 -58.53 13.44 40.82
N ALA G 186 -58.56 12.67 39.71
CA ALA G 186 -58.08 13.10 38.40
C ALA G 186 -59.24 13.48 37.49
N ALA G 187 -59.38 14.79 37.31
CA ALA G 187 -60.39 15.33 36.42
C ALA G 187 -59.75 15.91 35.15
N MET G 188 -60.29 15.53 34.00
CA MET G 188 -59.75 15.92 32.69
C MET G 188 -59.74 17.42 32.53
N VAL G 189 -60.71 18.12 33.13
CA VAL G 189 -60.74 19.57 33.00
C VAL G 189 -59.58 20.21 33.78
N ASP G 190 -59.09 19.49 34.80
CA ASP G 190 -57.99 19.99 35.61
C ASP G 190 -56.65 19.60 34.93
N GLY G 191 -56.49 18.29 34.68
CA GLY G 191 -55.28 17.78 34.05
C GLY G 191 -54.97 18.50 32.73
N SER G 192 -55.97 18.59 31.83
CA SER G 192 -55.78 19.30 30.57
C SER G 192 -55.40 20.78 30.79
N SER G 193 -55.85 21.41 31.90
CA SER G 193 -55.47 22.80 32.13
C SER G 193 -53.98 22.92 32.49
N VAL G 194 -53.47 22.00 33.31
CA VAL G 194 -52.05 21.93 33.64
C VAL G 194 -51.25 21.56 32.39
N LEU G 195 -51.83 20.73 31.53
CA LEU G 195 -51.15 20.33 30.31
C LEU G 195 -50.84 21.55 29.42
N ILE G 196 -51.70 22.56 29.43
CA ILE G 196 -51.54 23.75 28.60
C ILE G 196 -51.06 24.97 29.40
N GLN G 197 -50.39 24.69 30.52
CA GLN G 197 -49.83 25.72 31.38
C GLN G 197 -48.95 26.73 30.62
N MET G 198 -48.20 26.27 29.62
CA MET G 198 -47.35 27.19 28.88
C MET G 198 -48.22 28.25 28.22
N MET G 199 -49.41 27.89 27.71
CA MET G 199 -50.18 28.94 27.05
C MET G 199 -50.64 29.97 28.11
N TRP G 200 -51.04 29.45 29.27
CA TRP G 200 -51.44 30.31 30.38
C TRP G 200 -50.24 31.21 30.78
N ALA G 201 -49.03 30.64 30.82
CA ALA G 201 -47.83 31.42 31.16
C ALA G 201 -47.58 32.52 30.13
N MET G 202 -47.66 32.18 28.85
CA MET G 202 -47.40 33.14 27.77
C MET G 202 -48.50 34.19 27.67
N ARG G 203 -49.74 33.78 27.94
CA ARG G 203 -50.84 34.72 27.97
C ARG G 203 -50.56 35.86 28.97
N ALA G 204 -50.06 35.54 30.15
CA ALA G 204 -49.79 36.52 31.19
C ALA G 204 -48.66 37.47 30.81
N THR G 205 -47.78 37.07 29.89
CA THR G 205 -46.64 37.90 29.49
C THR G 205 -46.87 38.56 28.14
N GLY G 206 -48.09 38.47 27.59
CA GLY G 206 -48.42 39.05 26.29
C GLY G 206 -47.90 38.26 25.09
N MET G 207 -47.44 37.02 25.28
CA MET G 207 -46.86 36.26 24.19
C MET G 207 -47.88 35.28 23.59
N TRP G 208 -49.15 35.37 24.01
CA TRP G 208 -50.18 34.51 23.46
C TRP G 208 -51.51 35.24 23.53
N THR G 209 -52.27 35.24 22.42
CA THR G 209 -53.58 35.87 22.38
C THR G 209 -54.69 34.82 22.20
N ASP G 210 -55.91 35.26 22.47
CA ASP G 210 -57.09 34.41 22.49
C ASP G 210 -57.60 34.20 21.08
N THR G 211 -57.06 34.96 20.12
CA THR G 211 -57.37 34.79 18.71
C THR G 211 -56.78 33.49 18.17
N ARG G 212 -57.67 32.64 17.67
CA ARG G 212 -57.30 31.36 17.09
C ARG G 212 -56.52 31.60 15.79
N GLY G 213 -55.45 30.82 15.65
CA GLY G 213 -54.67 30.83 14.43
C GLY G 213 -53.75 32.05 14.29
N ALA G 214 -53.46 32.75 15.38
CA ALA G 214 -52.63 33.94 15.30
C ALA G 214 -51.49 33.95 16.31
N ASN G 215 -50.92 32.79 16.64
CA ASN G 215 -49.92 32.66 17.68
C ASN G 215 -48.74 31.91 17.13
N MET G 216 -47.67 31.80 17.92
CA MET G 216 -46.46 31.17 17.41
C MET G 216 -46.63 29.66 17.18
N LEU G 217 -47.47 29.01 17.99
CA LEU G 217 -47.53 27.54 17.98
C LEU G 217 -48.90 26.97 17.56
N ASP G 218 -49.81 27.77 17.01
CA ASP G 218 -51.15 27.28 16.64
C ASP G 218 -51.34 27.16 15.13
N GLY G 219 -50.26 27.40 14.38
CA GLY G 219 -50.33 27.48 12.93
C GLY G 219 -50.32 28.91 12.42
N GLY G 220 -50.38 29.90 13.29
CA GLY G 220 -50.32 31.30 12.86
C GLY G 220 -48.96 31.68 12.28
N ALA G 221 -47.86 31.06 12.75
CA ALA G 221 -46.52 31.45 12.32
C ALA G 221 -46.16 30.67 11.08
N PRO G 222 -45.64 31.32 10.00
CA PRO G 222 -45.29 30.58 8.79
C PRO G 222 -44.18 29.56 8.92
N TYR G 223 -43.35 29.73 9.94
CA TYR G 223 -42.28 28.78 10.19
C TYR G 223 -42.72 27.74 11.20
N TYR G 224 -43.98 27.73 11.65
CA TYR G 224 -44.44 26.64 12.52
C TYR G 224 -45.81 26.19 12.05
N ASP G 225 -45.83 25.37 10.99
CA ASP G 225 -47.08 25.02 10.33
C ASP G 225 -46.80 23.90 9.36
N THR G 226 -47.86 23.38 8.74
CA THR G 226 -47.71 22.40 7.68
C THR G 226 -47.86 23.11 6.34
N TYR G 227 -47.33 22.47 5.29
CA TYR G 227 -47.33 23.03 3.96
C TYR G 227 -47.63 21.88 3.00
N GLU G 228 -48.49 22.19 2.02
CA GLU G 228 -48.82 21.24 0.98
C GLU G 228 -47.74 21.25 -0.09
N CYS G 229 -47.35 20.04 -0.50
CA CYS G 229 -46.31 19.81 -1.51
C CYS G 229 -46.93 19.56 -2.89
N ALA G 230 -46.12 19.39 -3.94
CA ALA G 230 -46.64 19.29 -5.31
C ALA G 230 -47.55 18.08 -5.47
N ASP G 231 -47.30 17.04 -4.66
CA ASP G 231 -48.02 15.79 -4.80
C ASP G 231 -49.26 15.79 -3.92
N GLY G 232 -49.62 16.91 -3.29
CA GLY G 232 -50.75 16.96 -2.38
C GLY G 232 -50.47 16.32 -1.02
N ARG G 233 -49.24 15.86 -0.76
CA ARG G 233 -48.87 15.43 0.59
C ARG G 233 -48.28 16.63 1.37
N TYR G 234 -47.89 16.45 2.63
CA TYR G 234 -47.53 17.58 3.47
C TYR G 234 -46.17 17.38 4.14
N VAL G 235 -45.55 18.53 4.47
CA VAL G 235 -44.42 18.59 5.35
C VAL G 235 -44.84 19.47 6.51
N ALA G 236 -44.13 19.29 7.62
CA ALA G 236 -44.25 20.15 8.76
C ALA G 236 -42.95 20.93 8.90
N VAL G 237 -43.12 22.21 9.15
CA VAL G 237 -42.03 23.12 9.42
C VAL G 237 -42.13 23.59 10.86
N GLY G 238 -41.01 23.45 11.57
CA GLY G 238 -40.93 23.83 12.98
C GLY G 238 -39.77 24.74 13.31
N ALA G 239 -39.38 25.59 12.35
CA ALA G 239 -38.09 26.26 12.42
C ALA G 239 -38.21 27.57 13.19
N ILE G 240 -38.28 27.48 14.50
CA ILE G 240 -38.52 28.63 15.35
C ILE G 240 -37.21 29.41 15.50
N GLU G 241 -36.14 28.70 15.92
CA GLU G 241 -34.84 29.33 16.15
C GLU G 241 -34.34 29.87 14.82
N PRO G 242 -33.78 31.09 14.82
CA PRO G 242 -33.39 31.71 13.55
C PRO G 242 -32.34 30.89 12.79
N GLN G 243 -31.47 30.16 13.49
CA GLN G 243 -30.45 29.39 12.80
C GLN G 243 -31.10 28.21 12.08
N PHE G 244 -32.16 27.62 12.66
CA PHE G 244 -32.86 26.54 12.00
C PHE G 244 -33.63 27.07 10.81
N TYR G 245 -34.29 28.21 11.01
CA TYR G 245 -35.04 28.87 9.96
C TYR G 245 -34.13 29.21 8.78
N ALA G 246 -32.91 29.72 9.06
CA ALA G 246 -31.96 29.96 7.99
C ALA G 246 -31.65 28.67 7.21
N ALA G 247 -31.42 27.56 7.94
CA ALA G 247 -31.16 26.30 7.26
C ALA G 247 -32.34 25.90 6.38
N MET G 248 -33.55 26.22 6.85
CA MET G 248 -34.74 25.85 6.11
C MET G 248 -34.77 26.64 4.79
N LEU G 249 -34.51 27.95 4.83
CA LEU G 249 -34.53 28.75 3.61
C LEU G 249 -33.48 28.26 2.62
N ALA G 250 -32.29 27.92 3.11
CA ALA G 250 -31.21 27.47 2.24
C ALA G 250 -31.68 26.22 1.49
N GLY G 251 -32.31 25.29 2.21
CA GLY G 251 -32.84 24.11 1.54
C GLY G 251 -33.93 24.38 0.53
N LEU G 252 -34.75 25.42 0.77
CA LEU G 252 -35.84 25.78 -0.14
C LEU G 252 -35.31 26.50 -1.35
N GLY G 253 -34.07 27.02 -1.24
CA GLY G 253 -33.53 27.76 -2.36
C GLY G 253 -34.01 29.19 -2.32
N LEU G 254 -34.48 29.66 -1.14
CA LEU G 254 -34.88 31.04 -1.02
C LEU G 254 -33.76 31.88 -0.43
N ASP G 255 -33.53 33.03 -1.06
CA ASP G 255 -32.56 33.99 -0.59
C ASP G 255 -33.21 34.82 0.52
N ALA G 256 -32.66 34.73 1.74
CA ALA G 256 -33.17 35.45 2.92
C ALA G 256 -33.29 36.95 2.66
N ALA G 257 -32.40 37.52 1.84
CA ALA G 257 -32.46 38.95 1.56
C ALA G 257 -33.74 39.33 0.81
N GLU G 258 -34.40 38.41 0.09
CA GLU G 258 -35.59 38.77 -0.69
C GLU G 258 -36.89 38.51 0.08
N LEU G 259 -36.82 38.09 1.37
CA LEU G 259 -38.01 37.78 2.15
C LEU G 259 -38.19 38.81 3.25
N PRO G 260 -39.41 38.96 3.78
CA PRO G 260 -39.61 39.72 5.00
C PRO G 260 -38.90 39.05 6.17
N PRO G 261 -38.61 39.79 7.27
CA PRO G 261 -37.99 39.19 8.45
C PRO G 261 -38.90 38.09 9.04
N GLN G 262 -38.28 37.02 9.54
CA GLN G 262 -38.97 35.87 10.09
C GLN G 262 -40.06 36.27 11.08
N ASN G 263 -39.79 37.23 11.97
CA ASN G 263 -40.73 37.58 13.02
C ASN G 263 -41.34 38.97 12.86
N ASP G 264 -41.32 39.56 11.66
CA ASP G 264 -42.20 40.69 11.36
C ASP G 264 -43.60 40.14 11.11
N ARG G 265 -44.44 40.14 12.15
CA ARG G 265 -45.74 39.48 12.09
C ARG G 265 -46.66 40.18 11.10
N ALA G 266 -46.48 41.49 10.95
CA ALA G 266 -47.24 42.26 9.98
C ALA G 266 -47.00 41.77 8.56
N ARG G 267 -45.84 41.14 8.30
CA ARG G 267 -45.53 40.70 6.94
C ARG G 267 -45.64 39.17 6.80
N TRP G 268 -46.21 38.51 7.83
CA TRP G 268 -46.40 37.07 7.77
C TRP G 268 -47.22 36.66 6.54
N PRO G 269 -48.22 37.44 6.08
CA PRO G 269 -48.94 37.05 4.86
C PRO G 269 -48.07 36.90 3.62
N GLU G 270 -47.15 37.84 3.40
CA GLU G 270 -46.21 37.69 2.31
C GLU G 270 -45.30 36.49 2.55
N LEU G 271 -44.75 36.38 3.78
CA LEU G 271 -43.81 35.29 4.07
C LEU G 271 -44.48 33.95 3.81
N ARG G 272 -45.72 33.82 4.28
CA ARG G 272 -46.45 32.58 4.09
C ARG G 272 -46.61 32.28 2.59
N ALA G 273 -46.93 33.31 1.80
CA ALA G 273 -47.11 33.10 0.37
C ALA G 273 -45.83 32.61 -0.28
N LEU G 274 -44.69 33.16 0.14
CA LEU G 274 -43.42 32.74 -0.41
C LEU G 274 -43.10 31.30 -0.05
N LEU G 275 -43.29 30.94 1.22
CA LEU G 275 -43.00 29.58 1.65
C LEU G 275 -43.97 28.61 0.97
N THR G 276 -45.23 29.00 0.81
CA THR G 276 -46.25 28.11 0.23
C THR G 276 -45.88 27.73 -1.19
N GLU G 277 -45.50 28.75 -2.00
CA GLU G 277 -45.09 28.59 -3.39
C GLU G 277 -43.87 27.70 -3.43
N ALA G 278 -42.91 27.91 -2.53
CA ALA G 278 -41.71 27.10 -2.54
C ALA G 278 -42.00 25.64 -2.21
N PHE G 279 -42.69 25.37 -1.09
CA PHE G 279 -42.94 23.97 -0.78
C PHE G 279 -43.84 23.32 -1.83
N ALA G 280 -44.73 24.12 -2.46
CA ALA G 280 -45.65 23.53 -3.43
C ALA G 280 -44.94 23.20 -4.74
N SER G 281 -43.67 23.57 -4.90
CA SER G 281 -42.97 23.42 -6.18
C SER G 281 -42.37 22.02 -6.33
N HIS G 282 -42.25 21.27 -5.22
CA HIS G 282 -41.74 19.92 -5.27
C HIS G 282 -42.60 19.00 -4.40
N ASP G 283 -42.43 17.68 -4.58
CA ASP G 283 -43.18 16.70 -3.79
C ASP G 283 -42.55 16.41 -2.42
N ARG G 284 -43.30 15.72 -1.57
CA ARG G 284 -42.92 15.53 -0.17
C ARG G 284 -41.60 14.77 -0.09
N ASP G 285 -41.45 13.77 -0.96
CA ASP G 285 -40.22 12.96 -1.02
C ASP G 285 -39.02 13.87 -1.28
N HIS G 286 -39.19 14.84 -2.21
CA HIS G 286 -38.12 15.77 -2.54
C HIS G 286 -37.64 16.47 -1.27
N TRP G 287 -38.59 16.99 -0.48
CA TRP G 287 -38.23 17.69 0.73
C TRP G 287 -37.62 16.75 1.76
N GLY G 288 -38.10 15.51 1.86
CA GLY G 288 -37.46 14.52 2.70
C GLY G 288 -35.99 14.31 2.32
N ALA G 289 -35.70 14.35 1.03
CA ALA G 289 -34.32 14.16 0.60
C ALA G 289 -33.50 15.41 0.94
N VAL G 290 -34.03 16.58 0.54
CA VAL G 290 -33.34 17.85 0.74
C VAL G 290 -33.01 18.05 2.22
N PHE G 291 -33.98 17.75 3.10
CA PHE G 291 -33.83 18.13 4.52
C PHE G 291 -33.34 16.99 5.40
N ALA G 292 -33.48 15.73 4.95
CA ALA G 292 -32.61 14.63 5.36
C ALA G 292 -32.24 14.65 6.84
N ASN G 293 -31.05 15.23 7.11
CA ASN G 293 -30.32 15.04 8.35
C ASN G 293 -30.13 16.41 9.01
N SER G 294 -30.90 17.40 8.57
CA SER G 294 -30.58 18.77 8.92
C SER G 294 -31.39 19.27 10.12
N ASP G 295 -30.94 20.41 10.64
CA ASP G 295 -31.55 21.14 11.72
C ASP G 295 -32.61 22.15 11.21
N ALA G 296 -33.01 22.03 9.96
CA ALA G 296 -34.03 22.87 9.35
C ALA G 296 -35.45 22.63 9.93
N CYS G 297 -35.66 21.54 10.69
CA CYS G 297 -36.95 21.24 11.33
C CYS G 297 -38.06 21.16 10.28
N VAL G 298 -37.80 20.43 9.19
CA VAL G 298 -38.80 20.12 8.18
C VAL G 298 -38.91 18.61 8.14
N THR G 299 -40.11 18.07 8.36
CA THR G 299 -40.32 16.64 8.39
C THR G 299 -41.54 16.31 7.54
N PRO G 300 -41.54 15.14 6.90
CA PRO G 300 -42.71 14.68 6.18
C PRO G 300 -43.84 14.38 7.19
N VAL G 301 -45.07 14.75 6.84
CA VAL G 301 -46.25 14.41 7.64
C VAL G 301 -46.77 13.06 7.17
N LEU G 302 -46.42 12.02 7.93
CA LEU G 302 -46.71 10.65 7.54
C LEU G 302 -48.11 10.27 8.01
N ALA G 303 -48.84 9.54 7.15
CA ALA G 303 -50.08 8.92 7.57
C ALA G 303 -49.74 7.67 8.38
N PHE G 304 -50.66 7.25 9.27
CA PHE G 304 -50.45 6.06 10.09
C PHE G 304 -49.89 4.93 9.24
N GLY G 305 -50.45 4.72 8.05
CA GLY G 305 -50.11 3.59 7.21
C GLY G 305 -48.67 3.58 6.67
N GLU G 306 -47.96 4.71 6.76
CA GLU G 306 -46.59 4.85 6.27
C GLU G 306 -45.56 4.84 7.40
N VAL G 307 -46.00 4.94 8.66
CA VAL G 307 -45.10 5.11 9.79
C VAL G 307 -44.09 3.97 9.85
N HIS G 308 -44.58 2.74 9.64
CA HIS G 308 -43.79 1.52 9.73
C HIS G 308 -42.63 1.47 8.72
N ASN G 309 -42.64 2.32 7.66
CA ASN G 309 -41.50 2.38 6.74
C ASN G 309 -40.50 3.50 7.05
N GLU G 310 -40.62 4.16 8.20
CA GLU G 310 -39.75 5.30 8.49
C GLU G 310 -38.55 4.82 9.30
N PRO G 311 -37.30 5.02 8.80
CA PRO G 311 -36.11 4.43 9.44
C PRO G 311 -35.97 4.74 10.92
N HIS G 312 -36.21 5.98 11.34
CA HIS G 312 -36.01 6.27 12.74
C HIS G 312 -37.01 5.49 13.62
N ILE G 313 -38.20 5.25 13.09
CA ILE G 313 -39.25 4.55 13.80
C ILE G 313 -38.86 3.08 13.90
N ILE G 314 -38.41 2.49 12.78
CA ILE G 314 -38.06 1.08 12.70
C ILE G 314 -36.92 0.79 13.66
N GLU G 315 -35.83 1.55 13.58
CA GLU G 315 -34.64 1.22 14.32
C GLU G 315 -34.80 1.34 15.83
N ARG G 316 -35.63 2.28 16.33
CA ARG G 316 -35.84 2.37 17.76
C ARG G 316 -36.93 1.41 18.29
N ASN G 317 -37.58 0.62 17.44
CA ASN G 317 -38.66 -0.27 17.83
C ASN G 317 -39.72 0.49 18.62
N THR G 318 -40.20 1.59 18.02
CA THR G 318 -41.30 2.38 18.59
C THR G 318 -42.61 1.57 18.54
N PHE G 319 -42.78 0.72 17.52
CA PHE G 319 -43.93 -0.12 17.27
C PHE G 319 -43.55 -1.60 17.27
N TYR G 320 -44.56 -2.50 17.37
CA TYR G 320 -44.40 -3.93 17.16
C TYR G 320 -45.63 -4.43 16.39
N GLU G 321 -45.54 -5.60 15.72
CA GLU G 321 -46.67 -6.18 15.01
C GLU G 321 -47.55 -6.98 15.94
N ALA G 322 -48.88 -6.92 15.75
CA ALA G 322 -49.81 -7.70 16.56
C ALA G 322 -51.17 -7.77 15.87
N ASN G 323 -51.53 -8.97 15.41
CA ASN G 323 -52.88 -9.23 14.94
C ASN G 323 -53.24 -8.24 13.84
N GLY G 324 -52.56 -8.35 12.69
CA GLY G 324 -52.74 -7.41 11.58
C GLY G 324 -52.90 -5.97 12.08
N GLY G 325 -51.92 -5.51 12.87
CA GLY G 325 -51.93 -4.15 13.36
C GLY G 325 -50.65 -3.79 14.12
N TRP G 326 -49.87 -2.85 13.58
CA TRP G 326 -48.83 -2.19 14.34
C TRP G 326 -49.44 -1.49 15.54
N GLN G 327 -48.75 -1.62 16.68
CA GLN G 327 -49.18 -1.02 17.93
C GLN G 327 -47.93 -0.43 18.56
N PRO G 328 -48.05 0.63 19.37
CA PRO G 328 -46.87 1.22 19.98
C PRO G 328 -46.32 0.41 21.13
N MET G 329 -44.99 0.32 21.19
CA MET G 329 -44.33 -0.30 22.33
C MET G 329 -44.49 0.59 23.56
N PRO G 330 -44.37 0.02 24.77
CA PRO G 330 -44.37 0.83 25.99
C PRO G 330 -43.45 2.03 26.03
N ALA G 331 -43.91 3.07 26.74
CA ALA G 331 -43.08 4.24 26.93
C ALA G 331 -43.29 4.69 28.35
N PRO G 332 -42.31 5.38 28.98
CA PRO G 332 -41.00 5.63 28.38
C PRO G 332 -40.16 4.36 28.53
N ARG G 333 -38.84 4.52 28.36
CA ARG G 333 -37.90 3.39 28.38
C ARG G 333 -37.03 3.47 29.64
N PHE G 334 -36.69 2.27 30.15
CA PHE G 334 -35.90 2.12 31.38
C PHE G 334 -34.63 1.32 31.07
N SER G 335 -33.50 1.81 31.60
CA SER G 335 -32.20 1.20 31.29
C SER G 335 -31.99 -0.15 31.97
N ARG G 336 -32.39 -0.30 33.24
CA ARG G 336 -32.19 -1.55 33.98
C ARG G 336 -33.39 -2.49 33.81
N THR G 337 -34.60 -2.01 34.16
CA THR G 337 -35.78 -2.86 34.17
C THR G 337 -36.70 -2.56 32.98
N ALA G 338 -36.33 -3.07 31.81
CA ALA G 338 -36.97 -2.70 30.57
C ALA G 338 -38.29 -3.46 30.41
N SER G 339 -39.34 -2.73 29.98
CA SER G 339 -40.62 -3.34 29.65
C SER G 339 -40.38 -4.37 28.57
N SER G 340 -41.31 -5.29 28.42
CA SER G 340 -41.28 -6.26 27.34
C SER G 340 -42.42 -5.97 26.37
N GLN G 341 -42.40 -6.69 25.26
CA GLN G 341 -43.50 -6.63 24.32
C GLN G 341 -44.78 -6.93 25.09
N PRO G 342 -45.83 -6.11 24.94
CA PRO G 342 -47.10 -6.38 25.61
C PRO G 342 -47.67 -7.74 25.23
N ARG G 343 -48.35 -8.37 26.19
CA ARG G 343 -49.10 -9.59 25.94
C ARG G 343 -50.47 -9.23 25.35
N PRO G 344 -50.92 -9.92 24.28
CA PRO G 344 -52.15 -9.54 23.61
C PRO G 344 -53.29 -9.79 24.60
N PRO G 345 -54.48 -9.21 24.35
CA PRO G 345 -55.64 -9.51 25.18
C PRO G 345 -55.88 -11.03 25.10
N ALA G 346 -56.11 -11.63 26.28
CA ALA G 346 -56.27 -13.07 26.40
C ALA G 346 -57.70 -13.37 26.84
N ALA G 347 -58.11 -14.63 26.66
CA ALA G 347 -59.44 -15.11 27.06
C ALA G 347 -59.70 -14.86 28.55
N THR G 348 -61.00 -14.74 28.87
CA THR G 348 -61.48 -14.39 30.21
C THR G 348 -61.03 -15.44 31.22
N ILE G 349 -60.79 -14.98 32.44
CA ILE G 349 -60.21 -15.81 33.46
C ILE G 349 -61.18 -15.77 34.63
N ASP G 350 -61.24 -16.90 35.34
CA ASP G 350 -62.13 -17.07 36.47
C ASP G 350 -61.57 -16.30 37.66
N ILE G 351 -62.38 -15.41 38.25
CA ILE G 351 -61.94 -14.58 39.35
C ILE G 351 -61.35 -15.41 40.48
N GLU G 352 -61.97 -16.58 40.73
CA GLU G 352 -61.52 -17.46 41.79
C GLU G 352 -60.03 -17.73 41.60
N ALA G 353 -59.67 -18.08 40.36
CA ALA G 353 -58.33 -18.51 40.01
C ALA G 353 -57.32 -17.40 40.28
N VAL G 354 -57.76 -16.13 40.16
CA VAL G 354 -56.88 -14.99 40.37
C VAL G 354 -56.56 -14.85 41.86
N LEU G 355 -57.55 -15.03 42.73
CA LEU G 355 -57.32 -14.95 44.16
C LEU G 355 -56.36 -16.05 44.64
N THR G 356 -56.45 -17.25 44.03
CA THR G 356 -55.51 -18.33 44.29
C THR G 356 -54.10 -17.83 44.01
N ASP G 357 -53.82 -17.52 42.74
CA ASP G 357 -52.53 -17.00 42.32
C ASP G 357 -52.11 -15.85 43.23
N TRP G 358 -53.00 -14.90 43.51
CA TRP G 358 -52.62 -13.74 44.30
C TRP G 358 -52.40 -14.13 45.76
N ASP G 359 -53.21 -15.10 46.22
CA ASP G 359 -52.97 -15.76 47.48
C ASP G 359 -53.99 -16.89 47.68
N MET H 1 -43.22 21.13 52.81
CA MET H 1 -43.90 21.36 51.51
C MET H 1 -45.12 20.45 51.39
N ALA H 2 -46.25 20.99 50.92
CA ALA H 2 -47.49 20.21 50.84
C ALA H 2 -47.55 19.40 49.55
N GLY H 3 -47.92 18.12 49.68
CA GLY H 3 -48.38 17.30 48.57
C GLY H 3 -47.81 15.91 48.71
N PRO H 4 -48.16 14.93 47.87
CA PRO H 4 -47.68 13.56 48.05
C PRO H 4 -46.20 13.33 47.77
N LEU H 5 -45.51 14.30 47.16
CA LEU H 5 -44.11 14.10 46.81
C LEU H 5 -43.22 14.92 47.74
N SER H 6 -43.79 15.40 48.86
CA SER H 6 -42.99 15.99 49.93
C SER H 6 -41.83 15.05 50.26
N GLY H 7 -40.65 15.65 50.37
CA GLY H 7 -39.44 14.87 50.58
C GLY H 7 -38.56 14.82 49.33
N LEU H 8 -39.19 14.60 48.15
CA LEU H 8 -38.50 14.28 46.89
C LEU H 8 -37.66 15.45 46.41
N ARG H 9 -36.40 15.13 46.09
CA ARG H 9 -35.42 16.12 45.72
C ARG H 9 -35.05 15.91 44.26
N VAL H 10 -35.09 17.03 43.54
CA VAL H 10 -35.04 17.03 42.09
C VAL H 10 -34.08 18.13 41.65
N VAL H 11 -33.11 17.75 40.79
CA VAL H 11 -32.29 18.74 40.12
C VAL H 11 -32.69 18.79 38.65
N GLU H 12 -32.97 20.00 38.18
CA GLU H 12 -33.38 20.25 36.81
C GLU H 12 -32.29 21.08 36.12
N LEU H 13 -31.68 20.49 35.08
CA LEU H 13 -30.83 21.29 34.19
C LEU H 13 -31.71 22.09 33.22
N ALA H 14 -31.72 23.41 33.37
CA ALA H 14 -32.64 24.30 32.69
C ALA H 14 -32.70 23.96 31.20
N GLY H 15 -33.91 23.65 30.72
CA GLY H 15 -34.21 23.64 29.29
C GLY H 15 -35.55 24.32 29.02
N ILE H 16 -36.19 23.96 27.90
CA ILE H 16 -37.47 24.54 27.49
C ILE H 16 -38.45 23.42 27.16
N GLY H 17 -39.74 23.66 27.41
CA GLY H 17 -40.79 22.74 26.98
C GLY H 17 -40.97 21.59 27.96
N PRO H 18 -40.77 20.32 27.54
CA PRO H 18 -41.16 19.20 28.38
C PRO H 18 -40.42 19.12 29.72
N GLY H 19 -39.13 19.45 29.69
CA GLY H 19 -38.32 19.35 30.90
C GLY H 19 -38.88 20.21 32.03
N PRO H 20 -38.97 21.52 31.84
CA PRO H 20 -39.52 22.40 32.89
C PRO H 20 -40.99 22.11 33.25
N HIS H 21 -41.77 21.57 32.31
CA HIS H 21 -43.15 21.20 32.62
C HIS H 21 -43.18 20.02 33.57
N ALA H 22 -42.39 18.97 33.31
CA ALA H 22 -42.34 17.84 34.21
C ALA H 22 -41.85 18.32 35.58
N ALA H 23 -40.85 19.19 35.60
CA ALA H 23 -40.27 19.62 36.85
C ALA H 23 -41.29 20.44 37.61
N MET H 24 -42.05 21.30 36.90
CA MET H 24 -43.15 22.07 37.48
C MET H 24 -44.14 21.13 38.17
N ILE H 25 -44.55 20.07 37.49
CA ILE H 25 -45.57 19.21 38.06
C ILE H 25 -45.03 18.57 39.34
N LEU H 26 -43.78 18.06 39.33
CA LEU H 26 -43.21 17.45 40.53
C LEU H 26 -43.25 18.44 41.68
N GLY H 27 -42.87 19.69 41.43
CA GLY H 27 -42.85 20.72 42.43
C GLY H 27 -44.26 21.14 42.88
N ASP H 28 -45.21 21.05 41.95
CA ASP H 28 -46.60 21.33 42.23
C ASP H 28 -47.08 20.39 43.34
N LEU H 29 -46.68 19.12 43.26
CA LEU H 29 -47.09 18.03 44.12
C LEU H 29 -46.17 17.87 45.35
N GLY H 30 -45.40 18.92 45.66
CA GLY H 30 -44.62 18.99 46.90
C GLY H 30 -43.14 18.59 46.77
N ALA H 31 -42.64 18.31 45.55
CA ALA H 31 -41.23 17.98 45.40
C ALA H 31 -40.35 19.20 45.61
N ASP H 32 -39.14 18.92 46.11
CA ASP H 32 -38.12 19.94 46.30
C ASP H 32 -37.31 20.10 45.00
N VAL H 33 -37.46 21.24 44.30
CA VAL H 33 -36.96 21.28 42.93
C VAL H 33 -35.98 22.43 42.78
N VAL H 34 -34.77 22.02 42.35
CA VAL H 34 -33.66 22.95 42.23
C VAL H 34 -33.28 23.00 40.76
N ARG H 35 -33.39 24.19 40.18
CA ARG H 35 -33.20 24.33 38.76
C ARG H 35 -31.90 25.08 38.51
N ILE H 36 -30.98 24.44 37.76
CA ILE H 36 -29.68 25.02 37.43
C ILE H 36 -29.75 25.70 36.08
N ASP H 37 -29.69 27.02 36.05
CA ASP H 37 -29.67 27.74 34.79
C ASP H 37 -28.27 28.36 34.57
N ARG H 38 -28.04 28.87 33.35
CA ARG H 38 -26.86 29.65 33.02
C ARG H 38 -26.83 30.96 33.79
N PRO H 39 -25.67 31.37 34.34
CA PRO H 39 -25.49 32.77 34.75
C PRO H 39 -25.98 33.77 33.70
N SER H 40 -25.76 33.48 32.40
CA SER H 40 -26.09 34.41 31.33
C SER H 40 -27.59 34.51 31.06
N SER H 41 -28.38 33.49 31.44
CA SER H 41 -29.80 33.43 31.09
C SER H 41 -30.65 34.17 32.12
N VAL H 42 -30.28 34.11 33.41
CA VAL H 42 -31.11 34.66 34.47
C VAL H 42 -30.71 36.12 34.69
N ASP H 43 -31.68 36.95 35.11
CA ASP H 43 -31.59 38.40 34.95
C ASP H 43 -32.80 39.05 35.63
N GLY H 44 -33.04 38.71 36.91
CA GLY H 44 -34.28 39.04 37.61
C GLY H 44 -35.05 37.78 38.03
N ILE H 45 -36.19 38.01 38.69
CA ILE H 45 -37.14 36.93 38.98
C ILE H 45 -37.83 36.60 37.66
N SER H 46 -37.94 35.30 37.32
CA SER H 46 -38.64 34.92 36.09
C SER H 46 -40.09 35.38 36.13
N ARG H 47 -40.59 35.87 35.00
CA ARG H 47 -42.02 36.07 34.84
C ARG H 47 -42.67 34.86 34.15
N ASP H 48 -41.98 33.71 34.07
CA ASP H 48 -42.52 32.50 33.46
C ASP H 48 -43.18 31.63 34.53
N ALA H 49 -44.52 31.61 34.53
CA ALA H 49 -45.29 30.90 35.54
C ALA H 49 -44.95 29.42 35.54
N MET H 50 -44.35 28.90 34.45
CA MET H 50 -43.97 27.50 34.44
C MET H 50 -42.83 27.25 35.43
N LEU H 51 -42.12 28.32 35.85
CA LEU H 51 -41.00 28.21 36.78
C LEU H 51 -41.46 28.39 38.22
N ARG H 52 -42.74 28.13 38.50
CA ARG H 52 -43.26 28.14 39.86
C ARG H 52 -42.73 26.92 40.62
N ASN H 53 -42.78 26.93 41.97
CA ASN H 53 -42.37 25.80 42.80
C ASN H 53 -40.92 25.35 42.56
N ARG H 54 -39.99 26.31 42.39
CA ARG H 54 -38.56 26.03 42.17
C ARG H 54 -37.67 26.78 43.17
N ARG H 55 -36.44 26.29 43.36
CA ARG H 55 -35.33 27.22 43.59
C ARG H 55 -34.42 27.23 42.36
N ILE H 56 -34.20 28.46 41.87
CA ILE H 56 -33.33 28.78 40.74
C ILE H 56 -31.92 29.08 41.27
N VAL H 57 -30.94 28.27 40.84
CA VAL H 57 -29.53 28.55 41.05
C VAL H 57 -28.84 28.61 39.69
N THR H 58 -27.69 29.32 39.63
CA THR H 58 -26.95 29.46 38.39
C THR H 58 -25.53 28.91 38.57
N ALA H 59 -25.02 28.32 37.50
CA ALA H 59 -23.70 27.70 37.47
C ALA H 59 -23.27 27.61 36.01
N ASP H 60 -22.03 27.97 35.71
CA ASP H 60 -21.42 27.63 34.43
C ASP H 60 -20.98 26.17 34.52
N LEU H 61 -21.74 25.28 33.86
CA LEU H 61 -21.43 23.85 33.90
C LEU H 61 -20.20 23.53 33.04
N LYS H 62 -19.70 24.49 32.26
CA LYS H 62 -18.42 24.29 31.59
C LYS H 62 -17.23 24.70 32.47
N SER H 63 -17.46 25.37 33.61
CA SER H 63 -16.46 25.56 34.67
C SER H 63 -16.14 24.25 35.39
N ASP H 64 -14.96 24.19 36.03
CA ASP H 64 -14.64 23.05 36.89
C ASP H 64 -15.45 23.17 38.19
N GLN H 65 -15.64 24.43 38.60
CA GLN H 65 -16.35 24.73 39.83
C GLN H 65 -17.85 24.47 39.63
N GLY H 66 -18.44 25.13 38.62
CA GLY H 66 -19.81 24.87 38.19
C GLY H 66 -20.16 23.38 38.25
N LEU H 67 -19.32 22.54 37.63
CA LEU H 67 -19.58 21.11 37.50
C LEU H 67 -19.47 20.43 38.86
N GLU H 68 -18.50 20.91 39.67
CA GLU H 68 -18.30 20.36 40.99
C GLU H 68 -19.58 20.57 41.84
N LEU H 69 -20.06 21.82 41.91
CA LEU H 69 -21.28 22.21 42.61
C LEU H 69 -22.51 21.41 42.15
N ALA H 70 -22.72 21.33 40.83
CA ALA H 70 -23.79 20.55 40.25
C ALA H 70 -23.72 19.10 40.71
N LEU H 71 -22.51 18.53 40.78
CA LEU H 71 -22.34 17.13 41.14
C LEU H 71 -22.60 16.92 42.63
N LYS H 72 -22.39 17.97 43.44
CA LYS H 72 -22.68 17.88 44.87
C LYS H 72 -24.20 17.85 45.07
N LEU H 73 -24.91 18.81 44.44
CA LEU H 73 -26.38 18.86 44.43
C LEU H 73 -26.94 17.51 44.04
N ILE H 74 -26.39 16.92 42.97
CA ILE H 74 -26.90 15.69 42.44
C ILE H 74 -26.67 14.57 43.45
N ALA H 75 -25.58 14.69 44.20
CA ALA H 75 -25.24 13.63 45.16
C ALA H 75 -26.33 13.50 46.23
N LYS H 76 -26.98 14.62 46.58
CA LYS H 76 -28.02 14.66 47.62
C LYS H 76 -29.44 14.52 47.05
N ALA H 77 -29.63 14.19 45.76
CA ALA H 77 -30.96 14.28 45.17
C ALA H 77 -31.48 12.91 44.80
N ASP H 78 -32.79 12.83 44.53
CA ASP H 78 -33.36 11.58 44.07
C ASP H 78 -33.44 11.56 42.55
N VAL H 79 -33.62 12.75 41.96
CA VAL H 79 -33.96 12.78 40.55
C VAL H 79 -33.18 13.87 39.83
N LEU H 80 -32.74 13.51 38.62
CA LEU H 80 -32.18 14.48 37.69
C LEU H 80 -32.96 14.46 36.38
N ILE H 81 -33.25 15.69 35.94
CA ILE H 81 -33.95 15.95 34.67
C ILE H 81 -33.02 16.75 33.76
N GLU H 82 -32.83 16.20 32.57
CA GLU H 82 -32.14 16.95 31.54
C GLU H 82 -32.90 16.76 30.22
N GLY H 83 -32.97 17.84 29.45
CA GLY H 83 -33.60 17.77 28.15
C GLY H 83 -32.72 18.33 27.03
N TYR H 84 -31.40 18.04 27.09
CA TYR H 84 -30.50 18.46 26.01
C TYR H 84 -30.39 17.38 24.95
N ARG H 85 -29.71 17.70 23.83
CA ARG H 85 -29.42 16.63 22.88
C ARG H 85 -28.64 15.53 23.59
N PRO H 86 -28.79 14.27 23.15
CA PRO H 86 -28.02 13.16 23.71
C PRO H 86 -26.53 13.43 23.50
N GLY H 87 -25.70 13.17 24.52
CA GLY H 87 -24.27 13.43 24.49
C GLY H 87 -23.90 14.72 25.22
N VAL H 88 -24.89 15.59 25.46
CA VAL H 88 -24.53 16.89 25.99
C VAL H 88 -24.13 16.77 27.46
N THR H 89 -24.92 16.04 28.24
CA THR H 89 -24.58 15.88 29.65
C THR H 89 -23.28 15.06 29.74
N GLU H 90 -23.14 13.99 28.94
CA GLU H 90 -21.91 13.21 28.93
C GLU H 90 -20.71 14.16 28.80
N ARG H 91 -20.70 15.01 27.77
CA ARG H 91 -19.59 15.91 27.56
C ARG H 91 -19.41 16.90 28.69
N LEU H 92 -20.46 17.29 29.40
CA LEU H 92 -20.28 18.24 30.48
C LEU H 92 -19.62 17.57 31.70
N GLY H 93 -19.62 16.22 31.74
CA GLY H 93 -19.23 15.47 32.94
C GLY H 93 -20.39 15.16 33.89
N LEU H 94 -21.63 15.37 33.40
CA LEU H 94 -22.87 15.24 34.17
C LEU H 94 -23.75 14.15 33.59
N GLY H 95 -23.13 13.20 32.88
CA GLY H 95 -23.81 12.10 32.25
C GLY H 95 -24.18 11.00 33.25
N PRO H 96 -25.00 10.01 32.85
CA PRO H 96 -25.48 8.96 33.74
C PRO H 96 -24.35 8.26 34.50
N GLU H 97 -23.28 7.87 33.78
CA GLU H 97 -22.18 7.15 34.40
C GLU H 97 -21.47 8.05 35.42
N GLU H 98 -21.19 9.29 35.06
CA GLU H 98 -20.60 10.19 36.04
C GLU H 98 -21.50 10.34 37.26
N CYS H 99 -22.81 10.43 37.04
CA CYS H 99 -23.77 10.71 38.10
C CYS H 99 -23.88 9.47 39.02
N ALA H 100 -23.80 8.27 38.44
CA ALA H 100 -23.90 7.02 39.19
C ALA H 100 -22.76 6.86 40.21
N LYS H 101 -21.63 7.54 39.96
CA LYS H 101 -20.47 7.50 40.85
C LYS H 101 -20.71 8.28 42.13
N VAL H 102 -21.50 9.36 42.04
CA VAL H 102 -21.76 10.16 43.22
C VAL H 102 -23.12 9.80 43.81
N ASN H 103 -23.82 8.80 43.26
CA ASN H 103 -25.18 8.47 43.70
C ASN H 103 -25.76 7.35 42.87
N ASP H 104 -25.63 6.09 43.30
CA ASP H 104 -26.15 4.98 42.53
C ASP H 104 -27.66 4.80 42.77
N ARG H 105 -28.32 5.75 43.46
CA ARG H 105 -29.77 5.67 43.64
C ARG H 105 -30.51 6.67 42.74
N LEU H 106 -29.79 7.34 41.83
CA LEU H 106 -30.35 8.48 41.11
C LEU H 106 -31.33 7.98 40.06
N ILE H 107 -32.42 8.74 39.92
CA ILE H 107 -33.29 8.59 38.76
C ILE H 107 -32.84 9.64 37.73
N TYR H 108 -32.23 9.12 36.66
CA TYR H 108 -31.65 9.94 35.61
C TYR H 108 -32.64 9.96 34.43
N ALA H 109 -33.32 11.10 34.28
CA ALA H 109 -34.47 11.23 33.39
C ALA H 109 -34.10 12.11 32.19
N ARG H 110 -34.12 11.49 31.02
CA ARG H 110 -33.67 12.16 29.82
C ARG H 110 -34.88 12.44 28.92
N MET H 111 -35.13 13.74 28.73
CA MET H 111 -36.26 14.23 27.95
C MET H 111 -35.79 14.69 26.57
N THR H 112 -36.14 13.93 25.52
CA THR H 112 -35.85 14.33 24.15
C THR H 112 -37.05 14.10 23.22
N GLY H 113 -36.93 14.56 21.98
CA GLY H 113 -37.98 14.27 21.01
C GLY H 113 -37.79 12.95 20.28
N TRP H 114 -36.57 12.77 19.76
CA TRP H 114 -36.30 11.63 18.90
C TRP H 114 -35.73 10.44 19.69
N GLY H 115 -35.31 10.66 20.94
CA GLY H 115 -34.73 9.56 21.70
C GLY H 115 -33.20 9.62 21.78
N GLN H 116 -32.65 8.61 22.47
CA GLN H 116 -31.23 8.62 22.83
C GLN H 116 -30.39 8.10 21.68
N THR H 117 -30.93 7.25 20.81
CA THR H 117 -30.13 6.72 19.71
C THR H 117 -30.95 6.78 18.43
N GLY H 118 -30.32 6.40 17.31
CA GLY H 118 -30.99 6.32 16.02
C GLY H 118 -30.68 7.51 15.13
N PRO H 119 -31.04 7.40 13.84
CA PRO H 119 -30.60 8.36 12.82
C PRO H 119 -31.01 9.81 13.04
N ARG H 120 -32.11 10.05 13.79
CA ARG H 120 -32.53 11.41 14.03
C ARG H 120 -32.14 11.87 15.41
N SER H 121 -31.34 11.06 16.13
CA SER H 121 -31.06 11.36 17.53
C SER H 121 -30.40 12.70 17.74
N GLN H 122 -29.72 13.25 16.72
CA GLN H 122 -29.02 14.51 16.89
C GLN H 122 -29.68 15.66 16.15
N GLN H 123 -30.82 15.37 15.53
CA GLN H 123 -31.50 16.38 14.69
C GLN H 123 -32.32 17.32 15.57
N ALA H 124 -32.23 18.61 15.30
CA ALA H 124 -33.06 19.58 16.00
C ALA H 124 -34.53 19.29 15.63
N GLY H 125 -35.43 19.70 16.50
CA GLY H 125 -36.84 19.50 16.23
C GLY H 125 -37.70 20.25 17.25
N HIS H 126 -38.99 20.32 16.91
CA HIS H 126 -39.99 20.82 17.81
C HIS H 126 -41.19 19.87 17.80
N ASP H 127 -42.17 20.15 18.66
CA ASP H 127 -43.37 19.31 18.80
C ASP H 127 -43.89 18.83 17.44
N ILE H 128 -44.13 19.79 16.53
CA ILE H 128 -44.77 19.53 15.25
C ILE H 128 -43.97 18.50 14.45
N ASN H 129 -42.63 18.47 14.59
CA ASN H 129 -41.81 17.50 13.86
C ASN H 129 -42.02 16.09 14.42
N TYR H 130 -41.99 15.96 15.76
CA TYR H 130 -42.09 14.66 16.44
C TYR H 130 -43.46 14.02 16.15
N ILE H 131 -44.53 14.81 16.08
CA ILE H 131 -45.85 14.23 15.80
C ILE H 131 -46.08 14.05 14.31
N SER H 132 -45.22 14.64 13.46
CA SER H 132 -45.41 14.44 12.05
C SER H 132 -44.94 13.05 11.64
N LEU H 133 -43.97 12.48 12.36
CA LEU H 133 -43.30 11.28 11.92
C LEU H 133 -44.05 10.01 12.34
N ASN H 134 -44.97 10.12 13.30
CA ASN H 134 -45.61 8.93 13.86
C ASN H 134 -47.10 8.89 13.58
N GLY H 135 -47.58 9.71 12.63
CA GLY H 135 -48.94 9.57 12.13
C GLY H 135 -49.94 10.54 12.75
N ILE H 136 -49.58 11.16 13.89
CA ILE H 136 -50.49 11.96 14.68
C ILE H 136 -50.94 13.21 13.93
N LEU H 137 -49.97 14.04 13.50
CA LEU H 137 -50.32 15.32 12.92
C LEU H 137 -51.21 15.12 11.69
N HIS H 138 -50.89 14.10 10.89
CA HIS H 138 -51.65 13.81 9.70
C HIS H 138 -53.15 13.63 10.01
N ALA H 139 -53.45 13.12 11.19
CA ALA H 139 -54.81 12.82 11.60
C ALA H 139 -55.59 14.05 12.06
N ILE H 140 -54.95 15.21 12.22
CA ILE H 140 -55.58 16.34 12.89
C ILE H 140 -55.94 17.45 11.90
N GLY H 141 -57.22 17.86 11.91
CA GLY H 141 -57.70 18.95 11.07
C GLY H 141 -58.86 18.54 10.16
N ARG H 142 -59.42 19.52 9.46
CA ARG H 142 -60.46 19.23 8.47
C ARG H 142 -59.89 18.48 7.28
N GLY H 143 -60.73 17.66 6.65
CA GLY H 143 -60.34 16.81 5.53
C GLY H 143 -59.94 17.61 4.29
N ASP H 144 -60.61 18.73 4.05
CA ASP H 144 -60.41 19.54 2.86
C ASP H 144 -59.17 20.42 2.98
N GLU H 145 -58.30 20.21 3.97
CA GLU H 145 -57.32 21.21 4.35
C GLU H 145 -56.05 20.59 4.89
N ARG H 146 -54.98 21.37 5.01
CA ARG H 146 -53.72 20.81 5.47
C ARG H 146 -53.78 20.60 6.99
N PRO H 147 -53.07 19.61 7.56
CA PRO H 147 -53.14 19.30 8.99
C PRO H 147 -52.84 20.53 9.81
N VAL H 148 -53.50 20.59 10.97
CA VAL H 148 -53.28 21.72 11.88
C VAL H 148 -52.60 21.21 13.16
N PRO H 149 -51.54 21.90 13.62
CA PRO H 149 -50.87 21.50 14.84
C PRO H 149 -51.78 21.73 16.03
N PRO H 150 -51.91 20.72 16.92
CA PRO H 150 -52.66 20.86 18.17
C PRO H 150 -51.84 21.57 19.24
N LEU H 151 -51.52 22.83 18.93
CA LEU H 151 -50.49 23.59 19.61
C LEU H 151 -49.30 22.66 19.78
N ASN H 152 -48.63 22.73 20.92
CA ASN H 152 -47.58 21.78 21.30
C ASN H 152 -48.03 20.90 22.48
N LEU H 153 -49.31 20.52 22.49
CA LEU H 153 -49.86 19.70 23.57
C LEU H 153 -49.46 18.23 23.46
N VAL H 154 -49.31 17.68 22.24
CA VAL H 154 -49.35 16.26 22.09
C VAL H 154 -47.92 15.72 22.18
N GLY H 155 -46.95 16.43 21.59
CA GLY H 155 -45.55 16.00 21.65
C GLY H 155 -44.83 16.47 22.91
N ASP H 156 -44.82 17.78 23.18
CA ASP H 156 -44.13 18.27 24.38
C ASP H 156 -44.75 17.75 25.67
N PHE H 157 -46.09 17.77 25.79
CA PHE H 157 -46.66 17.64 27.12
C PHE H 157 -47.31 16.28 27.25
N GLY H 158 -48.40 16.07 26.52
CA GLY H 158 -49.10 14.79 26.64
C GLY H 158 -48.20 13.58 26.40
N GLY H 159 -47.41 13.63 25.32
CA GLY H 159 -46.50 12.55 24.99
C GLY H 159 -45.04 12.79 25.41
N GLY H 160 -44.81 13.83 26.18
CA GLY H 160 -43.47 14.32 26.47
C GLY H 160 -43.22 14.35 27.98
N SER H 161 -43.46 15.49 28.61
CA SER H 161 -43.30 15.65 30.04
C SER H 161 -44.08 14.56 30.79
N MET H 162 -45.27 14.20 30.30
CA MET H 162 -46.14 13.35 31.11
C MET H 162 -45.58 11.95 31.15
N PHE H 163 -44.98 11.50 30.03
CA PHE H 163 -44.28 10.24 30.06
C PHE H 163 -42.96 10.32 30.82
N LEU H 164 -42.29 11.47 30.81
CA LEU H 164 -41.10 11.64 31.64
C LEU H 164 -41.50 11.37 33.09
N LEU H 165 -42.59 12.00 33.54
CA LEU H 165 -43.12 11.87 34.89
C LEU H 165 -43.49 10.43 35.23
N VAL H 166 -44.20 9.74 34.36
CA VAL H 166 -44.56 8.36 34.61
C VAL H 166 -43.30 7.51 34.79
N GLY H 167 -42.23 7.82 34.03
CA GLY H 167 -41.00 7.07 34.12
C GLY H 167 -40.23 7.34 35.42
N ILE H 168 -40.12 8.60 35.78
CA ILE H 168 -39.52 8.99 37.03
C ILE H 168 -40.23 8.26 38.19
N LEU H 169 -41.54 8.46 38.33
CA LEU H 169 -42.26 7.93 39.47
C LEU H 169 -42.29 6.42 39.39
N ALA H 170 -42.37 5.83 38.19
CA ALA H 170 -42.35 4.38 38.12
C ALA H 170 -40.98 3.83 38.56
N ALA H 171 -39.94 4.62 38.32
CA ALA H 171 -38.58 4.17 38.62
C ALA H 171 -38.34 4.35 40.11
N LEU H 172 -38.99 5.35 40.73
CA LEU H 172 -38.93 5.56 42.15
C LEU H 172 -39.64 4.42 42.87
N TRP H 173 -40.67 3.83 42.27
CA TRP H 173 -41.30 2.66 42.86
C TRP H 173 -40.34 1.48 42.82
N GLU H 174 -39.79 1.21 41.63
CA GLU H 174 -38.89 0.10 41.47
C GLU H 174 -37.70 0.24 42.42
N ARG H 175 -37.30 1.48 42.72
CA ARG H 175 -36.15 1.72 43.58
C ARG H 175 -36.45 1.27 45.01
N GLN H 176 -37.66 1.54 45.49
CA GLN H 176 -38.01 1.19 46.85
C GLN H 176 -37.67 -0.28 47.10
N SER H 177 -37.77 -1.11 46.06
CA SER H 177 -37.51 -2.53 46.17
C SER H 177 -36.08 -2.93 45.79
N SER H 178 -35.45 -2.21 44.86
CA SER H 178 -34.17 -2.64 44.30
C SER H 178 -33.01 -1.93 44.99
N GLY H 179 -33.23 -0.77 45.61
CA GLY H 179 -32.15 0.04 46.17
C GLY H 179 -31.41 0.90 45.13
N LYS H 180 -31.75 0.72 43.83
CA LYS H 180 -30.94 1.21 42.71
C LYS H 180 -31.69 2.24 41.84
N GLY H 181 -30.98 3.30 41.43
CA GLY H 181 -31.44 4.23 40.41
C GLY H 181 -31.43 3.59 39.01
N GLN H 182 -31.84 4.36 37.98
CA GLN H 182 -31.66 3.92 36.60
C GLN H 182 -31.94 5.09 35.66
N VAL H 183 -31.78 4.84 34.35
CA VAL H 183 -32.03 5.87 33.35
C VAL H 183 -33.44 5.72 32.76
N VAL H 184 -34.15 6.85 32.76
CA VAL H 184 -35.41 7.02 32.05
C VAL H 184 -35.17 7.79 30.75
N ASP H 185 -35.42 7.07 29.65
CA ASP H 185 -35.35 7.61 28.30
C ASP H 185 -36.78 7.91 27.80
N ALA H 186 -37.21 9.16 27.92
CA ALA H 186 -38.52 9.60 27.45
C ALA H 186 -38.37 10.36 26.14
N ALA H 187 -38.79 9.75 25.04
CA ALA H 187 -38.76 10.41 23.73
C ALA H 187 -40.17 10.78 23.32
N MET H 188 -40.38 12.01 22.88
CA MET H 188 -41.70 12.51 22.53
C MET H 188 -42.32 11.67 21.42
N VAL H 189 -41.50 11.12 20.51
CA VAL H 189 -42.01 10.33 19.39
C VAL H 189 -42.63 9.02 19.88
N ASP H 190 -42.12 8.50 21.01
CA ASP H 190 -42.65 7.28 21.61
C ASP H 190 -43.87 7.59 22.47
N GLY H 191 -43.70 8.50 23.40
CA GLY H 191 -44.78 8.81 24.32
C GLY H 191 -46.05 9.24 23.59
N SER H 192 -45.90 10.04 22.51
CA SER H 192 -47.08 10.50 21.79
C SER H 192 -47.68 9.31 21.08
N SER H 193 -46.88 8.31 20.72
CA SER H 193 -47.43 7.15 20.04
C SER H 193 -48.30 6.33 21.03
N VAL H 194 -47.83 6.19 22.26
CA VAL H 194 -48.64 5.51 23.27
C VAL H 194 -49.85 6.36 23.65
N LEU H 195 -49.70 7.69 23.63
CA LEU H 195 -50.85 8.56 23.88
C LEU H 195 -51.97 8.30 22.89
N ILE H 196 -51.64 7.87 21.65
CA ILE H 196 -52.63 7.77 20.57
C ILE H 196 -52.91 6.29 20.32
N GLN H 197 -52.65 5.47 21.33
CA GLN H 197 -52.79 4.04 21.17
C GLN H 197 -54.23 3.65 20.81
N MET H 198 -55.24 4.46 21.20
CA MET H 198 -56.62 4.14 20.84
C MET H 198 -56.81 4.16 19.31
N MET H 199 -56.18 5.14 18.62
CA MET H 199 -56.29 5.19 17.18
C MET H 199 -55.64 3.96 16.55
N TRP H 200 -54.53 3.51 17.12
CA TRP H 200 -53.85 2.37 16.54
C TRP H 200 -54.72 1.11 16.74
N ALA H 201 -55.38 1.01 17.90
CA ALA H 201 -56.29 -0.11 18.19
C ALA H 201 -57.50 -0.10 17.25
N MET H 202 -58.12 1.08 17.09
CA MET H 202 -59.26 1.22 16.21
C MET H 202 -58.87 0.98 14.74
N ARG H 203 -57.67 1.41 14.35
CA ARG H 203 -57.19 1.17 12.99
C ARG H 203 -57.16 -0.32 12.67
N ALA H 204 -56.70 -1.11 13.67
CA ALA H 204 -56.52 -2.55 13.56
C ALA H 204 -57.86 -3.27 13.36
N THR H 205 -58.95 -2.72 13.91
CA THR H 205 -60.28 -3.31 13.80
C THR H 205 -61.12 -2.67 12.69
N GLY H 206 -60.53 -1.83 11.83
CA GLY H 206 -61.32 -1.17 10.79
C GLY H 206 -62.25 -0.06 11.30
N MET H 207 -62.05 0.47 12.52
CA MET H 207 -62.89 1.55 13.04
C MET H 207 -62.18 2.91 13.01
N TRP H 208 -61.05 3.00 12.29
CA TRP H 208 -60.36 4.26 12.09
C TRP H 208 -59.66 4.22 10.75
N THR H 209 -59.84 5.26 9.93
CA THR H 209 -59.10 5.31 8.67
C THR H 209 -58.13 6.48 8.66
N ASP H 210 -57.13 6.34 7.78
CA ASP H 210 -56.07 7.34 7.61
C ASP H 210 -56.59 8.58 6.89
N THR H 211 -57.85 8.58 6.45
CA THR H 211 -58.47 9.77 5.91
C THR H 211 -58.77 10.78 7.01
N ARG H 212 -58.18 11.98 6.88
CA ARG H 212 -58.40 13.06 7.82
C ARG H 212 -59.84 13.58 7.67
N GLY H 213 -60.50 13.83 8.80
CA GLY H 213 -61.82 14.43 8.80
C GLY H 213 -62.94 13.43 8.56
N ALA H 214 -62.65 12.12 8.66
CA ALA H 214 -63.62 11.10 8.25
C ALA H 214 -63.82 10.04 9.34
N ASN H 215 -63.62 10.40 10.61
CA ASN H 215 -63.67 9.42 11.67
C ASN H 215 -64.57 9.95 12.77
N MET H 216 -64.84 9.11 13.77
CA MET H 216 -65.76 9.44 14.83
C MET H 216 -65.22 10.58 15.71
N LEU H 217 -63.88 10.68 15.87
CA LEU H 217 -63.32 11.56 16.90
C LEU H 217 -62.45 12.68 16.37
N ASP H 218 -62.48 12.96 15.06
CA ASP H 218 -61.55 13.90 14.42
C ASP H 218 -62.29 15.11 13.90
N GLY H 219 -63.62 15.16 14.15
CA GLY H 219 -64.47 16.23 13.64
C GLY H 219 -65.34 15.77 12.47
N GLY H 220 -65.06 14.61 11.91
CA GLY H 220 -65.90 14.09 10.84
C GLY H 220 -67.34 13.74 11.26
N ALA H 221 -67.55 13.28 12.49
CA ALA H 221 -68.89 12.92 12.95
C ALA H 221 -69.67 14.17 13.35
N PRO H 222 -70.90 14.37 12.83
CA PRO H 222 -71.74 15.51 13.22
C PRO H 222 -72.07 15.62 14.70
N TYR H 223 -72.04 14.48 15.41
CA TYR H 223 -72.28 14.46 16.84
C TYR H 223 -71.01 14.57 17.70
N TYR H 224 -69.84 14.83 17.06
CA TYR H 224 -68.56 14.97 17.76
C TYR H 224 -67.76 16.06 17.05
N ASP H 225 -68.20 17.29 17.24
CA ASP H 225 -67.67 18.42 16.49
C ASP H 225 -68.12 19.70 17.15
N THR H 226 -67.62 20.85 16.65
CA THR H 226 -68.07 22.15 17.07
C THR H 226 -69.09 22.69 16.05
N TYR H 227 -69.95 23.59 16.56
CA TYR H 227 -70.97 24.27 15.78
C TYR H 227 -70.94 25.75 16.11
N GLU H 228 -71.11 26.57 15.07
CA GLU H 228 -71.19 28.00 15.22
C GLU H 228 -72.62 28.41 15.59
N CYS H 229 -72.75 29.34 16.54
CA CYS H 229 -74.05 29.76 17.04
C CYS H 229 -74.39 31.14 16.45
N ALA H 230 -75.57 31.65 16.79
CA ALA H 230 -76.07 32.88 16.20
C ALA H 230 -75.14 34.06 16.48
N ASP H 231 -74.42 34.04 17.60
CA ASP H 231 -73.53 35.13 17.95
C ASP H 231 -72.11 34.91 17.40
N GLY H 232 -71.89 33.87 16.59
CA GLY H 232 -70.55 33.66 16.02
C GLY H 232 -69.60 32.99 17.02
N ARG H 233 -70.11 32.58 18.19
CA ARG H 233 -69.38 31.77 19.15
C ARG H 233 -69.80 30.32 19.00
N TYR H 234 -69.16 29.40 19.72
CA TYR H 234 -69.25 27.99 19.40
C TYR H 234 -69.73 27.18 20.61
N VAL H 235 -70.32 26.04 20.29
CA VAL H 235 -70.54 24.95 21.22
C VAL H 235 -69.80 23.75 20.70
N ALA H 236 -69.48 22.85 21.65
CA ALA H 236 -68.96 21.53 21.39
C ALA H 236 -70.07 20.54 21.63
N VAL H 237 -70.22 19.64 20.68
CA VAL H 237 -71.10 18.49 20.74
C VAL H 237 -70.26 17.23 20.81
N GLY H 238 -70.58 16.37 21.79
CA GLY H 238 -69.86 15.14 22.05
C GLY H 238 -70.79 13.95 22.30
N ALA H 239 -71.98 13.96 21.68
CA ALA H 239 -73.02 12.97 21.98
C ALA H 239 -72.84 11.66 21.21
N ILE H 240 -71.85 10.85 21.61
CA ILE H 240 -71.53 9.63 20.92
C ILE H 240 -72.63 8.58 21.19
N GLU H 241 -72.92 8.36 22.46
CA GLU H 241 -73.88 7.34 22.89
C GLU H 241 -75.29 7.71 22.42
N PRO H 242 -76.08 6.73 21.92
CA PRO H 242 -77.37 7.04 21.34
C PRO H 242 -78.32 7.79 22.28
N GLN H 243 -78.21 7.52 23.59
CA GLN H 243 -79.16 8.08 24.53
C GLN H 243 -78.81 9.55 24.76
N PHE H 244 -77.52 9.90 24.73
CA PHE H 244 -77.11 11.28 24.87
C PHE H 244 -77.44 12.03 23.58
N TYR H 245 -77.26 11.36 22.44
CA TYR H 245 -77.59 11.97 21.16
C TYR H 245 -79.09 12.30 21.11
N ALA H 246 -79.94 11.36 21.54
CA ALA H 246 -81.38 11.57 21.51
C ALA H 246 -81.74 12.77 22.39
N ALA H 247 -81.07 12.90 23.55
CA ALA H 247 -81.35 14.02 24.44
C ALA H 247 -81.02 15.34 23.77
N MET H 248 -79.92 15.34 22.99
CA MET H 248 -79.51 16.54 22.31
C MET H 248 -80.52 16.93 21.21
N LEU H 249 -81.01 15.96 20.44
CA LEU H 249 -81.95 16.29 19.38
C LEU H 249 -83.22 16.93 19.97
N ALA H 250 -83.71 16.34 21.06
CA ALA H 250 -84.91 16.86 21.72
C ALA H 250 -84.69 18.30 22.19
N GLY H 251 -83.49 18.62 22.72
CA GLY H 251 -83.17 19.97 23.13
C GLY H 251 -83.05 20.95 21.97
N LEU H 252 -82.70 20.46 20.78
CA LEU H 252 -82.62 21.30 19.58
C LEU H 252 -83.97 21.46 18.92
N GLY H 253 -84.96 20.67 19.33
CA GLY H 253 -86.28 20.75 18.75
C GLY H 253 -86.35 19.88 17.50
N LEU H 254 -85.45 18.92 17.36
CA LEU H 254 -85.40 18.12 16.16
C LEU H 254 -86.01 16.76 16.47
N ASP H 255 -86.85 16.36 15.54
CA ASP H 255 -87.57 15.11 15.66
C ASP H 255 -86.72 14.03 14.99
N ALA H 256 -86.40 12.97 15.72
CA ALA H 256 -85.46 11.98 15.22
C ALA H 256 -85.99 11.28 13.96
N ALA H 257 -87.31 11.08 13.86
CA ALA H 257 -87.85 10.37 12.71
C ALA H 257 -87.70 11.22 11.44
N GLU H 258 -87.39 12.51 11.58
CA GLU H 258 -87.17 13.39 10.43
C GLU H 258 -85.70 13.47 10.01
N LEU H 259 -84.79 12.70 10.61
CA LEU H 259 -83.35 12.91 10.42
C LEU H 259 -82.75 11.65 9.84
N PRO H 260 -81.56 11.69 9.20
CA PRO H 260 -80.83 10.47 8.92
C PRO H 260 -80.44 9.76 10.21
N PRO H 261 -80.17 8.44 10.17
CA PRO H 261 -79.61 7.73 11.31
C PRO H 261 -78.28 8.38 11.76
N GLN H 262 -78.02 8.33 13.07
CA GLN H 262 -76.90 8.99 13.71
C GLN H 262 -75.58 8.50 13.09
N ASN H 263 -75.51 7.21 12.75
CA ASN H 263 -74.28 6.56 12.30
C ASN H 263 -74.38 6.05 10.88
N ASP H 264 -75.27 6.63 10.07
CA ASP H 264 -75.21 6.46 8.62
C ASP H 264 -74.26 7.52 8.05
N ARG H 265 -73.01 7.12 7.83
CA ARG H 265 -71.90 8.03 7.49
C ARG H 265 -72.08 8.62 6.09
N ALA H 266 -72.71 7.90 5.17
CA ALA H 266 -73.02 8.46 3.85
C ALA H 266 -73.90 9.71 3.96
N ARG H 267 -74.74 9.79 5.01
CA ARG H 267 -75.68 10.89 5.18
C ARG H 267 -75.20 11.93 6.19
N TRP H 268 -73.97 11.79 6.67
CA TRP H 268 -73.47 12.72 7.66
C TRP H 268 -73.49 14.16 7.17
N PRO H 269 -73.16 14.46 5.89
CA PRO H 269 -73.29 15.84 5.40
C PRO H 269 -74.71 16.40 5.61
N GLU H 270 -75.72 15.58 5.32
CA GLU H 270 -77.11 15.98 5.50
C GLU H 270 -77.41 16.21 6.99
N LEU H 271 -77.04 15.24 7.86
CA LEU H 271 -77.21 15.42 9.29
C LEU H 271 -76.54 16.71 9.79
N ARG H 272 -75.30 16.92 9.35
CA ARG H 272 -74.57 18.08 9.79
C ARG H 272 -75.30 19.36 9.37
N ALA H 273 -75.80 19.44 8.14
CA ALA H 273 -76.53 20.64 7.74
C ALA H 273 -77.73 20.95 8.65
N LEU H 274 -78.48 19.92 9.05
CA LEU H 274 -79.64 20.10 9.91
C LEU H 274 -79.21 20.55 11.31
N LEU H 275 -78.15 19.94 11.88
CA LEU H 275 -77.64 20.40 13.18
C LEU H 275 -77.09 21.82 13.09
N THR H 276 -76.41 22.14 11.97
CA THR H 276 -75.85 23.48 11.74
C THR H 276 -76.95 24.54 11.81
N GLU H 277 -78.00 24.34 11.04
CA GLU H 277 -79.16 25.22 11.09
C GLU H 277 -79.71 25.34 12.52
N ALA H 278 -79.87 24.24 13.26
CA ALA H 278 -80.43 24.33 14.61
C ALA H 278 -79.56 25.18 15.52
N PHE H 279 -78.28 24.85 15.64
CA PHE H 279 -77.39 25.58 16.54
C PHE H 279 -77.24 27.05 16.15
N ALA H 280 -77.31 27.37 14.84
CA ALA H 280 -77.18 28.75 14.40
C ALA H 280 -78.42 29.58 14.76
N SER H 281 -79.49 29.00 15.28
CA SER H 281 -80.68 29.80 15.54
C SER H 281 -80.65 30.44 16.92
N HIS H 282 -79.70 30.09 17.80
CA HIS H 282 -79.56 30.78 19.07
C HIS H 282 -78.09 30.94 19.39
N ASP H 283 -77.81 31.78 20.39
CA ASP H 283 -76.45 32.10 20.74
C ASP H 283 -75.92 31.03 21.70
N ARG H 284 -74.61 31.09 21.90
CA ARG H 284 -73.88 30.06 22.64
C ARG H 284 -74.44 29.95 24.05
N ASP H 285 -74.63 31.08 24.74
CA ASP H 285 -75.03 31.03 26.14
C ASP H 285 -76.45 30.45 26.25
N HIS H 286 -77.31 30.66 25.25
CA HIS H 286 -78.59 29.98 25.22
C HIS H 286 -78.39 28.46 25.28
N TRP H 287 -77.52 27.90 24.44
CA TRP H 287 -77.41 26.45 24.43
C TRP H 287 -76.77 25.95 25.72
N GLY H 288 -75.87 26.75 26.28
CA GLY H 288 -75.24 26.37 27.54
C GLY H 288 -76.26 26.18 28.64
N ALA H 289 -77.21 27.12 28.72
CA ALA H 289 -78.31 27.09 29.68
C ALA H 289 -79.29 25.96 29.37
N VAL H 290 -79.71 25.84 28.12
CA VAL H 290 -80.64 24.79 27.72
C VAL H 290 -80.10 23.42 28.12
N PHE H 291 -78.79 23.19 27.94
CA PHE H 291 -78.24 21.87 28.10
C PHE H 291 -77.56 21.72 29.47
N ALA H 292 -77.61 22.72 30.34
CA ALA H 292 -77.11 22.56 31.70
C ALA H 292 -77.92 21.47 32.41
N ASN H 293 -77.20 20.53 33.01
CA ASN H 293 -77.71 19.41 33.81
C ASN H 293 -78.20 18.28 32.92
N SER H 294 -77.93 18.37 31.62
CA SER H 294 -78.33 17.30 30.72
C SER H 294 -77.16 16.41 30.40
N ASP H 295 -77.50 15.24 29.87
CA ASP H 295 -76.57 14.31 29.28
C ASP H 295 -76.45 14.50 27.76
N ALA H 296 -76.83 15.66 27.23
CA ALA H 296 -76.76 15.92 25.79
C ALA H 296 -75.32 16.10 25.27
N CYS H 297 -74.37 16.31 26.17
CA CYS H 297 -72.95 16.45 25.82
C CYS H 297 -72.77 17.65 24.89
N VAL H 298 -73.40 18.78 25.26
CA VAL H 298 -73.24 20.02 24.56
C VAL H 298 -72.71 21.04 25.55
N THR H 299 -71.56 21.67 25.27
CA THR H 299 -70.99 22.65 26.19
C THR H 299 -70.55 23.88 25.41
N PRO H 300 -70.46 25.05 26.06
CA PRO H 300 -69.98 26.24 25.37
C PRO H 300 -68.46 26.12 25.22
N VAL H 301 -67.99 26.65 24.09
CA VAL H 301 -66.57 26.69 23.82
C VAL H 301 -66.05 28.04 24.30
N LEU H 302 -65.36 28.02 25.45
CA LEU H 302 -64.93 29.26 26.06
C LEU H 302 -63.50 29.60 25.63
N ALA H 303 -63.29 30.89 25.33
CA ALA H 303 -61.93 31.40 25.14
C ALA H 303 -61.24 31.51 26.50
N PHE H 304 -59.90 31.40 26.52
CA PHE H 304 -59.12 31.42 27.76
C PHE H 304 -59.63 32.52 28.69
N GLY H 305 -59.89 33.69 28.12
CA GLY H 305 -60.25 34.88 28.87
C GLY H 305 -61.63 34.81 29.53
N GLU H 306 -62.46 33.82 29.19
CA GLU H 306 -63.80 33.71 29.76
C GLU H 306 -63.83 32.62 30.81
N VAL H 307 -62.75 31.85 30.87
CA VAL H 307 -62.77 30.64 31.68
C VAL H 307 -63.02 30.97 33.15
N HIS H 308 -62.48 32.12 33.59
CA HIS H 308 -62.52 32.52 35.00
C HIS H 308 -63.96 32.82 35.44
N ASN H 309 -64.89 33.00 34.48
CA ASN H 309 -66.29 33.29 34.77
C ASN H 309 -67.21 32.07 34.70
N GLU H 310 -66.66 30.85 34.54
CA GLU H 310 -67.47 29.66 34.42
C GLU H 310 -67.68 29.04 35.80
N PRO H 311 -68.95 28.90 36.26
CA PRO H 311 -69.24 28.41 37.61
C PRO H 311 -68.50 27.13 37.97
N HIS H 312 -68.51 26.13 37.09
CA HIS H 312 -67.89 24.86 37.40
C HIS H 312 -66.37 24.99 37.60
N ILE H 313 -65.76 25.95 36.92
CA ILE H 313 -64.34 26.20 37.00
C ILE H 313 -64.08 26.85 38.35
N ILE H 314 -64.88 27.89 38.66
CA ILE H 314 -64.75 28.68 39.89
C ILE H 314 -64.90 27.77 41.11
N GLU H 315 -66.00 27.03 41.14
CA GLU H 315 -66.38 26.30 42.33
C GLU H 315 -65.38 25.18 42.65
N ARG H 316 -64.69 24.63 41.66
CA ARG H 316 -63.71 23.59 41.98
C ARG H 316 -62.26 24.13 42.14
N ASN H 317 -62.05 25.43 42.01
CA ASN H 317 -60.73 26.06 42.07
C ASN H 317 -59.75 25.34 41.14
N THR H 318 -60.15 25.22 39.87
CA THR H 318 -59.26 24.68 38.86
C THR H 318 -58.12 25.67 38.65
N PHE H 319 -58.41 26.96 38.80
CA PHE H 319 -57.45 28.02 38.60
C PHE H 319 -57.24 28.87 39.87
N TYR H 320 -56.16 29.65 39.91
CA TYR H 320 -55.89 30.60 40.99
C TYR H 320 -55.30 31.83 40.32
N GLU H 321 -55.38 32.98 40.97
CA GLU H 321 -54.80 34.16 40.37
C GLU H 321 -53.44 34.42 41.00
N ALA H 322 -52.41 34.48 40.15
CA ALA H 322 -51.10 34.98 40.52
C ALA H 322 -50.78 36.13 39.58
N ASN H 323 -49.47 36.39 39.33
CA ASN H 323 -49.00 37.18 38.21
C ASN H 323 -49.85 38.44 38.10
N GLY H 324 -50.08 38.88 36.86
CA GLY H 324 -51.35 39.43 36.43
C GLY H 324 -52.05 38.47 35.46
N GLY H 325 -52.36 37.26 35.95
CA GLY H 325 -53.15 36.32 35.19
C GLY H 325 -53.43 35.01 35.92
N TRP H 326 -54.57 34.41 35.57
CA TRP H 326 -54.95 33.08 36.01
C TRP H 326 -53.96 32.05 35.52
N GLN H 327 -53.81 31.02 36.35
CA GLN H 327 -52.94 29.87 36.17
C GLN H 327 -53.65 28.65 36.74
N PRO H 328 -53.47 27.44 36.17
CA PRO H 328 -54.12 26.26 36.72
C PRO H 328 -53.46 25.85 38.02
N MET H 329 -54.29 25.38 38.94
CA MET H 329 -53.84 24.75 40.16
C MET H 329 -53.30 23.37 39.81
N PRO H 330 -52.51 22.77 40.72
CA PRO H 330 -51.97 21.44 40.54
C PRO H 330 -53.02 20.40 40.23
N ALA H 331 -52.60 19.40 39.46
CA ALA H 331 -53.44 18.28 39.15
C ALA H 331 -52.50 17.09 39.22
N PRO H 332 -53.00 15.87 39.50
CA PRO H 332 -54.38 15.68 39.98
C PRO H 332 -54.49 16.06 41.47
N ARG H 333 -55.61 15.71 42.13
CA ARG H 333 -55.84 16.10 43.53
C ARG H 333 -55.78 14.86 44.42
N PHE H 334 -55.39 15.11 45.67
CA PHE H 334 -55.12 14.05 46.65
C PHE H 334 -55.96 14.28 47.92
N SER H 335 -56.52 13.20 48.49
CA SER H 335 -57.44 13.36 49.62
C SER H 335 -56.69 13.76 50.90
N ARG H 336 -55.65 13.00 51.28
CA ARG H 336 -54.91 13.30 52.51
C ARG H 336 -53.82 14.36 52.31
N THR H 337 -52.86 14.07 51.42
CA THR H 337 -51.71 14.93 51.20
C THR H 337 -51.96 15.92 50.07
N ALA H 338 -52.82 16.92 50.31
CA ALA H 338 -53.28 17.78 49.23
C ALA H 338 -52.14 18.72 48.87
N SER H 339 -52.04 19.08 47.59
CA SER H 339 -51.10 20.10 47.16
C SER H 339 -51.61 21.42 47.68
N SER H 340 -50.72 22.39 47.67
CA SER H 340 -51.05 23.74 48.07
C SER H 340 -50.88 24.62 46.86
N GLN H 341 -51.28 25.89 47.02
CA GLN H 341 -51.11 26.85 45.96
C GLN H 341 -49.64 26.83 45.55
N PRO H 342 -49.29 26.91 44.24
CA PRO H 342 -47.89 27.04 43.83
C PRO H 342 -47.19 28.28 44.36
N ARG H 343 -45.90 28.10 44.74
CA ARG H 343 -45.05 29.21 45.14
C ARG H 343 -44.60 29.91 43.86
N PRO H 344 -44.76 31.23 43.74
CA PRO H 344 -44.39 31.92 42.50
C PRO H 344 -42.89 31.85 42.22
N PRO H 345 -42.46 32.24 40.99
CA PRO H 345 -41.04 32.32 40.66
C PRO H 345 -40.40 33.28 41.66
N ALA H 346 -39.31 32.84 42.31
CA ALA H 346 -38.61 33.64 43.30
C ALA H 346 -37.21 34.02 42.79
N ALA H 347 -36.50 34.85 43.57
CA ALA H 347 -35.17 35.33 43.22
C ALA H 347 -34.12 34.22 43.25
N THR H 348 -33.06 34.41 42.45
CA THR H 348 -31.97 33.45 42.33
C THR H 348 -31.36 33.21 43.70
N ILE H 349 -31.35 31.96 44.16
CA ILE H 349 -30.76 31.70 45.46
C ILE H 349 -29.36 31.13 45.23
N ASP H 350 -28.62 31.02 46.33
CA ASP H 350 -27.20 30.73 46.28
C ASP H 350 -26.97 29.22 46.34
N ILE H 351 -26.20 28.70 45.39
CA ILE H 351 -26.03 27.26 45.24
C ILE H 351 -25.45 26.62 46.51
N GLU H 352 -24.70 27.43 47.29
CA GLU H 352 -24.16 27.06 48.59
C GLU H 352 -25.25 26.86 49.64
N ALA H 353 -26.13 27.88 49.76
CA ALA H 353 -27.30 27.84 50.63
C ALA H 353 -28.06 26.52 50.46
N VAL H 354 -28.24 26.09 49.21
CA VAL H 354 -29.05 24.91 48.91
C VAL H 354 -28.33 23.69 49.45
N LEU H 355 -26.99 23.72 49.35
CA LEU H 355 -26.16 22.66 49.91
C LEU H 355 -26.20 22.69 51.45
N THR H 356 -26.09 23.87 52.07
CA THR H 356 -26.34 23.98 53.51
C THR H 356 -27.57 23.13 53.85
N ASP H 357 -28.71 23.50 53.26
CA ASP H 357 -30.03 22.91 53.50
C ASP H 357 -30.02 21.38 53.28
N TRP H 358 -29.45 20.88 52.18
CA TRP H 358 -29.47 19.44 51.91
C TRP H 358 -28.31 18.70 52.59
N ASP H 359 -27.17 19.41 52.81
CA ASP H 359 -26.01 19.00 53.61
C ASP H 359 -24.72 18.97 52.76
N MET I 1 32.27 -22.36 -57.96
CA MET I 1 30.83 -22.75 -57.99
C MET I 1 30.14 -22.13 -59.21
N ALA I 2 29.55 -23.00 -60.04
CA ALA I 2 28.90 -22.59 -61.28
C ALA I 2 27.60 -21.88 -60.94
N GLY I 3 27.21 -20.91 -61.76
CA GLY I 3 25.87 -20.39 -61.71
C GLY I 3 25.95 -18.91 -61.49
N PRO I 4 24.87 -18.16 -61.71
CA PRO I 4 24.95 -16.71 -61.61
C PRO I 4 25.16 -16.16 -60.20
N LEU I 5 24.91 -16.97 -59.16
CA LEU I 5 25.03 -16.47 -57.79
C LEU I 5 26.37 -16.84 -57.16
N SER I 6 27.32 -17.36 -57.95
CA SER I 6 28.71 -17.52 -57.53
C SER I 6 29.14 -16.32 -56.68
N GLY I 7 29.78 -16.58 -55.54
CA GLY I 7 30.24 -15.49 -54.70
C GLY I 7 29.23 -15.04 -53.64
N LEU I 8 27.93 -15.37 -53.76
CA LEU I 8 26.95 -14.98 -52.75
C LEU I 8 27.11 -15.90 -51.53
N ARG I 9 27.11 -15.30 -50.34
CA ARG I 9 27.27 -16.02 -49.08
C ARG I 9 25.99 -15.96 -48.27
N VAL I 10 25.50 -17.16 -47.96
CA VAL I 10 24.20 -17.28 -47.31
C VAL I 10 24.37 -18.10 -46.03
N VAL I 11 23.78 -17.61 -44.95
CA VAL I 11 23.69 -18.39 -43.73
C VAL I 11 22.23 -18.80 -43.51
N GLU I 12 22.05 -20.10 -43.32
CA GLU I 12 20.72 -20.69 -43.16
C GLU I 12 20.58 -21.32 -41.76
N LEU I 13 19.68 -20.76 -40.94
CA LEU I 13 19.34 -21.33 -39.64
C LEU I 13 18.30 -22.44 -39.90
N ALA I 14 18.72 -23.69 -39.72
CA ALA I 14 17.96 -24.88 -40.13
C ALA I 14 16.52 -24.84 -39.62
N GLY I 15 15.58 -24.97 -40.57
CA GLY I 15 14.16 -24.97 -40.31
C GLY I 15 13.46 -25.98 -41.22
N ILE I 16 12.17 -25.81 -41.46
CA ILE I 16 11.45 -26.77 -42.31
C ILE I 16 10.71 -25.99 -43.38
N GLY I 17 10.51 -26.63 -44.54
CA GLY I 17 9.58 -26.10 -45.54
C GLY I 17 10.22 -25.01 -46.39
N PRO I 18 9.69 -23.78 -46.33
CA PRO I 18 10.13 -22.75 -47.26
C PRO I 18 11.56 -22.27 -47.12
N GLY I 19 12.07 -22.10 -45.88
CA GLY I 19 13.44 -21.68 -45.67
C GLY I 19 14.42 -22.61 -46.37
N PRO I 20 14.44 -23.94 -46.10
CA PRO I 20 15.35 -24.82 -46.77
C PRO I 20 15.18 -24.90 -48.30
N HIS I 21 13.97 -24.69 -48.82
CA HIS I 21 13.75 -24.71 -50.26
C HIS I 21 14.39 -23.47 -50.91
N ALA I 22 14.15 -22.29 -50.34
CA ALA I 22 14.79 -21.05 -50.76
C ALA I 22 16.30 -21.19 -50.71
N ALA I 23 16.83 -21.72 -49.62
CA ALA I 23 18.27 -21.92 -49.47
C ALA I 23 18.80 -22.84 -50.56
N MET I 24 18.05 -23.92 -50.84
CA MET I 24 18.39 -24.88 -51.88
C MET I 24 18.53 -24.17 -53.23
N ILE I 25 17.59 -23.31 -53.60
CA ILE I 25 17.61 -22.67 -54.90
C ILE I 25 18.79 -21.69 -54.99
N LEU I 26 19.03 -20.88 -53.95
CA LEU I 26 20.24 -20.07 -53.91
C LEU I 26 21.45 -20.93 -54.20
N GLY I 27 21.55 -22.05 -53.49
CA GLY I 27 22.70 -22.93 -53.66
C GLY I 27 22.76 -23.53 -55.07
N ASP I 28 21.58 -23.93 -55.58
CA ASP I 28 21.47 -24.48 -56.92
C ASP I 28 22.09 -23.54 -57.95
N LEU I 29 21.89 -22.24 -57.78
CA LEU I 29 22.33 -21.21 -58.71
C LEU I 29 23.74 -20.68 -58.36
N GLY I 30 24.45 -21.34 -57.44
CA GLY I 30 25.87 -21.11 -57.23
C GLY I 30 26.23 -20.33 -55.96
N ALA I 31 25.22 -19.93 -55.17
CA ALA I 31 25.49 -19.38 -53.84
C ALA I 31 26.21 -20.38 -52.92
N ASP I 32 27.03 -19.81 -52.01
CA ASP I 32 27.75 -20.52 -50.97
C ASP I 32 26.91 -20.51 -49.69
N VAL I 33 26.24 -21.65 -49.40
CA VAL I 33 25.16 -21.68 -48.44
C VAL I 33 25.64 -22.46 -47.23
N VAL I 34 25.61 -21.81 -46.04
CA VAL I 34 26.06 -22.52 -44.83
C VAL I 34 24.87 -22.68 -43.90
N ARG I 35 24.56 -23.94 -43.61
CA ARG I 35 23.35 -24.29 -42.86
C ARG I 35 23.72 -24.68 -41.42
N ILE I 36 23.20 -23.93 -40.46
CA ILE I 36 23.44 -24.17 -39.04
C ILE I 36 22.25 -24.94 -38.49
N ASP I 37 22.48 -26.22 -38.15
CA ASP I 37 21.53 -27.05 -37.45
C ASP I 37 21.96 -27.26 -35.98
N ARG I 38 21.08 -27.89 -35.17
CA ARG I 38 21.38 -28.35 -33.82
C ARG I 38 22.28 -29.58 -33.84
N PRO I 39 23.26 -29.73 -32.91
CA PRO I 39 24.02 -30.97 -32.79
C PRO I 39 23.16 -32.23 -32.65
N SER I 40 22.03 -32.06 -31.95
CA SER I 40 21.14 -33.15 -31.55
C SER I 40 20.46 -33.78 -32.76
N SER I 41 19.87 -32.96 -33.62
CA SER I 41 19.27 -33.44 -34.86
C SER I 41 20.34 -33.48 -35.96
N VAL I 42 21.29 -34.43 -35.86
CA VAL I 42 22.41 -34.54 -36.78
C VAL I 42 23.09 -35.89 -36.56
N ASP I 43 23.18 -36.67 -37.64
CA ASP I 43 23.38 -38.09 -37.52
C ASP I 43 23.79 -38.63 -38.89
N GLY I 44 24.99 -38.23 -39.33
CA GLY I 44 25.52 -38.63 -40.63
C GLY I 44 25.04 -37.73 -41.77
N ILE I 45 25.12 -38.22 -43.00
CA ILE I 45 24.76 -37.45 -44.19
C ILE I 45 23.23 -37.45 -44.29
N SER I 46 22.62 -36.29 -44.55
CA SER I 46 21.16 -36.24 -44.62
C SER I 46 20.69 -37.06 -45.82
N ARG I 47 19.54 -37.72 -45.66
CA ARG I 47 18.84 -38.40 -46.74
C ARG I 47 18.02 -37.44 -47.59
N ASP I 48 17.87 -36.18 -47.14
CA ASP I 48 16.90 -35.25 -47.71
C ASP I 48 17.55 -34.50 -48.88
N ALA I 49 17.17 -34.87 -50.12
CA ALA I 49 17.73 -34.22 -51.30
C ALA I 49 17.49 -32.70 -51.31
N MET I 50 16.58 -32.16 -50.50
CA MET I 50 16.43 -30.71 -50.44
C MET I 50 17.65 -30.03 -49.81
N LEU I 51 18.50 -30.80 -49.12
CA LEU I 51 19.67 -30.24 -48.45
C LEU I 51 20.89 -30.35 -49.38
N ARG I 52 20.64 -30.37 -50.69
CA ARG I 52 21.71 -30.37 -51.67
C ARG I 52 22.35 -29.00 -51.66
N ASN I 53 23.57 -28.92 -52.21
CA ASN I 53 24.25 -27.63 -52.39
C ASN I 53 24.40 -26.85 -51.07
N ARG I 54 24.79 -27.56 -50.02
CA ARG I 54 24.96 -26.98 -48.69
C ARG I 54 26.33 -27.36 -48.12
N ARG I 55 26.82 -26.53 -47.17
CA ARG I 55 27.68 -27.05 -46.11
C ARG I 55 26.88 -27.02 -44.79
N ILE I 56 26.87 -28.17 -44.09
CA ILE I 56 26.13 -28.31 -42.85
C ILE I 56 27.12 -28.15 -41.70
N VAL I 57 26.81 -27.21 -40.80
CA VAL I 57 27.51 -27.11 -39.51
C VAL I 57 26.48 -27.13 -38.39
N THR I 58 26.94 -27.47 -37.17
CA THR I 58 26.07 -27.59 -36.00
C THR I 58 26.52 -26.64 -34.90
N ALA I 59 25.55 -26.04 -34.23
CA ALA I 59 25.81 -25.18 -33.09
C ALA I 59 24.57 -25.16 -32.21
N ASP I 60 24.81 -25.17 -30.89
CA ASP I 60 23.79 -24.88 -29.92
C ASP I 60 23.75 -23.36 -29.78
N LEU I 61 22.74 -22.76 -30.43
CA LEU I 61 22.63 -21.33 -30.52
C LEU I 61 22.22 -20.72 -29.17
N LYS I 62 21.93 -21.60 -28.20
CA LYS I 62 21.57 -21.18 -26.85
C LYS I 62 22.82 -21.03 -25.97
N SER I 63 23.93 -21.68 -26.35
CA SER I 63 25.23 -21.51 -25.72
C SER I 63 25.84 -20.15 -26.06
N ASP I 64 26.93 -19.78 -25.38
CA ASP I 64 27.62 -18.53 -25.64
C ASP I 64 28.56 -18.74 -26.83
N GLN I 65 29.17 -19.92 -26.85
CA GLN I 65 30.06 -20.34 -27.91
C GLN I 65 29.30 -20.48 -29.22
N GLY I 66 28.07 -21.00 -29.14
CA GLY I 66 27.22 -21.10 -30.31
C GLY I 66 26.81 -19.73 -30.86
N LEU I 67 26.28 -18.84 -30.00
CA LEU I 67 25.85 -17.52 -30.44
C LEU I 67 27.01 -16.79 -31.12
N GLU I 68 28.22 -16.96 -30.59
CA GLU I 68 29.33 -16.14 -31.08
C GLU I 68 29.85 -16.69 -32.42
N LEU I 69 30.01 -18.02 -32.55
CA LEU I 69 30.41 -18.61 -33.81
C LEU I 69 29.43 -18.23 -34.93
N ALA I 70 28.14 -18.26 -34.64
CA ALA I 70 27.11 -17.83 -35.58
C ALA I 70 27.23 -16.35 -35.94
N LEU I 71 27.43 -15.46 -34.95
CA LEU I 71 27.57 -14.04 -35.26
C LEU I 71 28.83 -13.80 -36.12
N LYS I 72 29.81 -14.69 -36.06
CA LYS I 72 31.00 -14.56 -36.86
C LYS I 72 30.74 -14.96 -38.31
N LEU I 73 30.00 -16.08 -38.54
CA LEU I 73 29.56 -16.42 -39.90
C LEU I 73 28.75 -15.28 -40.46
N ILE I 74 27.77 -14.82 -39.70
CA ILE I 74 26.86 -13.80 -40.20
C ILE I 74 27.64 -12.55 -40.60
N ALA I 75 28.73 -12.24 -39.86
CA ALA I 75 29.52 -11.05 -40.10
C ALA I 75 30.11 -11.07 -41.51
N LYS I 76 30.47 -12.27 -42.00
CA LYS I 76 31.13 -12.47 -43.27
C LYS I 76 30.15 -12.89 -44.40
N ALA I 77 28.83 -12.71 -44.22
CA ALA I 77 27.85 -13.22 -45.18
C ALA I 77 27.02 -12.09 -45.78
N ASP I 78 26.34 -12.40 -46.90
CA ASP I 78 25.45 -11.47 -47.56
C ASP I 78 24.02 -11.62 -47.06
N VAL I 79 23.64 -12.87 -46.74
CA VAL I 79 22.25 -13.18 -46.49
C VAL I 79 22.11 -14.06 -45.25
N LEU I 80 21.12 -13.68 -44.42
CA LEU I 80 20.66 -14.63 -43.42
C LEU I 80 19.20 -14.98 -43.68
N ILE I 81 18.96 -16.29 -43.58
CA ILE I 81 17.63 -16.89 -43.66
C ILE I 81 17.25 -17.53 -42.32
N GLU I 82 16.11 -17.12 -41.77
CA GLU I 82 15.52 -17.84 -40.65
C GLU I 82 14.02 -18.02 -40.91
N GLY I 83 13.50 -19.16 -40.43
CA GLY I 83 12.08 -19.48 -40.58
C GLY I 83 11.42 -19.91 -39.26
N TYR I 84 11.78 -19.22 -38.16
CA TYR I 84 11.28 -19.53 -36.83
C TYR I 84 10.10 -18.64 -36.57
N ARG I 85 9.38 -18.89 -35.46
CA ARG I 85 8.36 -17.95 -35.07
C ARG I 85 9.04 -16.60 -34.83
N PRO I 86 8.32 -15.48 -35.01
CA PRO I 86 8.81 -14.18 -34.59
C PRO I 86 9.19 -14.19 -33.11
N GLY I 87 10.21 -13.39 -32.81
CA GLY I 87 10.74 -13.31 -31.47
C GLY I 87 11.85 -14.31 -31.23
N VAL I 88 11.92 -15.41 -32.00
CA VAL I 88 12.86 -16.47 -31.68
C VAL I 88 14.33 -16.07 -31.88
N THR I 89 14.63 -15.45 -33.03
CA THR I 89 16.00 -15.01 -33.26
C THR I 89 16.34 -13.89 -32.28
N GLU I 90 15.40 -12.97 -32.05
CA GLU I 90 15.64 -11.91 -31.07
C GLU I 90 16.15 -12.56 -29.77
N ARG I 91 15.36 -13.48 -29.18
CA ARG I 91 15.71 -14.17 -27.94
C ARG I 91 17.05 -14.88 -28.00
N LEU I 92 17.44 -15.42 -29.15
CA LEU I 92 18.75 -16.06 -29.25
C LEU I 92 19.90 -15.03 -29.30
N GLY I 93 19.54 -13.75 -29.47
CA GLY I 93 20.51 -12.69 -29.74
C GLY I 93 20.92 -12.63 -31.22
N LEU I 94 20.10 -13.20 -32.12
CA LEU I 94 20.40 -13.26 -33.54
C LEU I 94 19.36 -12.48 -34.32
N GLY I 95 18.72 -11.54 -33.66
CA GLY I 95 17.68 -10.74 -34.28
C GLY I 95 18.32 -9.79 -35.29
N PRO I 96 17.52 -9.09 -36.12
CA PRO I 96 18.06 -8.16 -37.11
C PRO I 96 18.90 -7.05 -36.46
N GLU I 97 18.40 -6.45 -35.35
CA GLU I 97 19.10 -5.39 -34.63
C GLU I 97 20.51 -5.79 -34.23
N GLU I 98 20.66 -7.01 -33.72
CA GLU I 98 21.96 -7.52 -33.31
C GLU I 98 22.83 -7.84 -34.51
N CYS I 99 22.20 -8.42 -35.55
CA CYS I 99 22.93 -8.83 -36.74
C CYS I 99 23.43 -7.57 -37.45
N ALA I 100 22.63 -6.51 -37.43
CA ALA I 100 22.97 -5.24 -38.07
C ALA I 100 24.16 -4.56 -37.41
N LYS I 101 24.47 -4.94 -36.15
CA LYS I 101 25.60 -4.40 -35.42
C LYS I 101 26.90 -5.01 -35.92
N VAL I 102 26.89 -6.26 -36.39
CA VAL I 102 28.14 -6.87 -36.86
C VAL I 102 28.24 -6.83 -38.39
N ASN I 103 27.19 -6.37 -39.10
CA ASN I 103 27.20 -6.42 -40.57
C ASN I 103 25.98 -5.67 -41.08
N ASP I 104 26.15 -4.38 -41.35
CA ASP I 104 25.05 -3.56 -41.87
C ASP I 104 24.83 -3.74 -43.38
N ARG I 105 25.58 -4.65 -44.01
CA ARG I 105 25.36 -5.01 -45.41
C ARG I 105 24.40 -6.22 -45.55
N LEU I 106 24.03 -6.83 -44.41
CA LEU I 106 23.33 -8.11 -44.38
C LEU I 106 21.88 -7.98 -44.86
N ILE I 107 21.46 -8.95 -45.70
CA ILE I 107 20.05 -9.12 -46.00
C ILE I 107 19.47 -10.14 -45.01
N TYR I 108 18.52 -9.67 -44.20
CA TYR I 108 18.02 -10.49 -43.10
C TYR I 108 16.65 -11.02 -43.52
N ALA I 109 16.62 -12.28 -43.95
CA ALA I 109 15.42 -12.82 -44.58
C ALA I 109 14.63 -13.70 -43.58
N ARG I 110 13.40 -13.26 -43.31
CA ARG I 110 12.51 -13.85 -42.30
C ARG I 110 11.33 -14.54 -43.00
N MET I 111 11.35 -15.88 -42.95
CA MET I 111 10.36 -16.72 -43.62
C MET I 111 9.32 -17.17 -42.59
N THR I 112 8.11 -16.58 -42.63
CA THR I 112 7.02 -17.09 -41.79
C THR I 112 5.76 -17.39 -42.61
N GLY I 113 4.72 -17.94 -41.94
CA GLY I 113 3.41 -18.04 -42.54
C GLY I 113 2.51 -16.84 -42.29
N TRP I 114 2.47 -16.43 -41.01
CA TRP I 114 1.53 -15.42 -40.61
C TRP I 114 2.14 -14.02 -40.63
N GLY I 115 3.46 -13.94 -40.74
CA GLY I 115 4.11 -12.64 -40.66
C GLY I 115 4.66 -12.31 -39.25
N GLN I 116 5.20 -11.10 -39.09
CA GLN I 116 5.96 -10.76 -37.90
C GLN I 116 5.06 -10.18 -36.83
N THR I 117 3.85 -9.74 -37.16
CA THR I 117 2.93 -9.14 -36.21
C THR I 117 1.52 -9.68 -36.47
N GLY I 118 0.63 -9.37 -35.54
CA GLY I 118 -0.79 -9.60 -35.72
C GLY I 118 -1.23 -10.78 -34.86
N PRO I 119 -2.56 -10.99 -34.79
CA PRO I 119 -3.17 -11.93 -33.84
C PRO I 119 -2.78 -13.39 -33.99
N ARG I 120 -2.41 -13.81 -35.22
CA ARG I 120 -2.05 -15.21 -35.42
C ARG I 120 -0.55 -15.40 -35.47
N SER I 121 0.24 -14.31 -35.28
CA SER I 121 1.68 -14.35 -35.53
C SER I 121 2.43 -15.36 -34.70
N GLN I 122 1.86 -15.78 -33.56
CA GLN I 122 2.54 -16.76 -32.73
C GLN I 122 1.96 -18.19 -32.83
N GLN I 123 0.91 -18.37 -33.63
CA GLN I 123 0.32 -19.70 -33.83
C GLN I 123 1.17 -20.59 -34.72
N ALA I 124 1.36 -21.84 -34.31
CA ALA I 124 1.93 -22.87 -35.17
C ALA I 124 1.01 -23.06 -36.38
N GLY I 125 1.60 -23.47 -37.48
CA GLY I 125 0.83 -23.60 -38.72
C GLY I 125 1.62 -24.34 -39.79
N HIS I 126 0.87 -24.68 -40.85
CA HIS I 126 1.41 -25.30 -42.03
C HIS I 126 0.71 -24.69 -43.24
N ASP I 127 1.21 -25.07 -44.41
CA ASP I 127 0.72 -24.57 -45.70
C ASP I 127 -0.80 -24.43 -45.70
N ILE I 128 -1.49 -25.53 -45.36
CA ILE I 128 -2.94 -25.60 -45.47
C ILE I 128 -3.61 -24.51 -44.64
N ASN I 129 -2.99 -24.14 -43.49
CA ASN I 129 -3.55 -23.08 -42.64
C ASN I 129 -3.42 -21.71 -43.30
N TYR I 130 -2.25 -21.42 -43.86
CA TYR I 130 -2.00 -20.06 -44.39
C TYR I 130 -2.84 -19.79 -45.61
N ILE I 131 -3.04 -20.83 -46.42
CA ILE I 131 -3.90 -20.65 -47.58
C ILE I 131 -5.38 -20.77 -47.25
N SER I 132 -5.75 -21.21 -46.03
CA SER I 132 -7.15 -21.28 -45.71
C SER I 132 -7.67 -19.89 -45.43
N LEU I 133 -6.78 -19.00 -44.97
CA LEU I 133 -7.22 -17.71 -44.43
C LEU I 133 -7.41 -16.66 -45.52
N ASN I 134 -6.81 -16.85 -46.70
CA ASN I 134 -6.78 -15.77 -47.68
C ASN I 134 -7.56 -16.12 -48.94
N GLY I 135 -8.38 -17.18 -48.89
CA GLY I 135 -9.34 -17.46 -49.94
C GLY I 135 -8.91 -18.61 -50.85
N ILE I 136 -7.63 -18.97 -50.83
CA ILE I 136 -7.04 -19.88 -51.80
C ILE I 136 -7.60 -21.29 -51.64
N LEU I 137 -7.51 -21.87 -50.43
CA LEU I 137 -7.88 -23.26 -50.25
C LEU I 137 -9.35 -23.47 -50.62
N HIS I 138 -10.19 -22.51 -50.26
CA HIS I 138 -11.62 -22.61 -50.51
C HIS I 138 -11.89 -22.79 -52.02
N ALA I 139 -10.99 -22.23 -52.85
CA ALA I 139 -11.22 -22.18 -54.30
C ALA I 139 -10.73 -23.45 -55.01
N ILE I 140 -10.13 -24.39 -54.26
CA ILE I 140 -9.53 -25.57 -54.86
C ILE I 140 -10.33 -26.83 -54.55
N GLY I 141 -10.69 -27.56 -55.63
CA GLY I 141 -11.41 -28.82 -55.52
C GLY I 141 -12.70 -28.83 -56.32
N ARG I 142 -13.37 -29.98 -56.33
CA ARG I 142 -14.66 -30.10 -57.00
C ARG I 142 -15.74 -29.40 -56.19
N GLY I 143 -16.77 -28.92 -56.88
CA GLY I 143 -17.81 -28.11 -56.26
C GLY I 143 -18.70 -28.92 -55.32
N ASP I 144 -18.72 -30.23 -55.50
CA ASP I 144 -19.62 -31.06 -54.73
C ASP I 144 -18.88 -31.68 -53.54
N GLU I 145 -17.68 -31.18 -53.22
CA GLU I 145 -16.85 -31.78 -52.21
C GLU I 145 -16.15 -30.70 -51.37
N ARG I 146 -15.54 -31.13 -50.27
CA ARG I 146 -14.83 -30.19 -49.42
C ARG I 146 -13.50 -29.82 -50.09
N PRO I 147 -12.90 -28.66 -49.76
CA PRO I 147 -11.71 -28.18 -50.47
C PRO I 147 -10.58 -29.18 -50.34
N VAL I 148 -9.73 -29.31 -51.36
CA VAL I 148 -8.63 -30.23 -51.27
C VAL I 148 -7.33 -29.43 -51.34
N PRO I 149 -6.37 -29.76 -50.46
CA PRO I 149 -5.09 -29.08 -50.46
C PRO I 149 -4.29 -29.41 -51.72
N PRO I 150 -3.76 -28.37 -52.38
CA PRO I 150 -2.86 -28.56 -53.51
C PRO I 150 -1.44 -28.86 -53.03
N LEU I 151 -1.28 -30.04 -52.45
CA LEU I 151 -0.12 -30.42 -51.65
C LEU I 151 0.23 -29.19 -50.79
N ASN I 152 1.53 -28.95 -50.59
CA ASN I 152 2.01 -27.74 -49.92
C ASN I 152 2.70 -26.83 -50.96
N LEU I 153 2.16 -26.78 -52.19
CA LEU I 153 2.84 -26.09 -53.27
C LEU I 153 2.63 -24.58 -53.25
N VAL I 154 1.49 -24.13 -52.75
CA VAL I 154 1.04 -22.79 -52.99
C VAL I 154 1.44 -21.86 -51.83
N GLY I 155 1.42 -22.38 -50.58
CA GLY I 155 1.77 -21.57 -49.42
C GLY I 155 3.26 -21.64 -49.08
N ASP I 156 3.80 -22.84 -48.87
CA ASP I 156 5.22 -23.05 -48.62
C ASP I 156 6.13 -22.60 -49.77
N PHE I 157 5.86 -23.03 -51.01
CA PHE I 157 6.84 -22.81 -52.08
C PHE I 157 6.42 -21.63 -52.96
N GLY I 158 5.34 -21.78 -53.75
CA GLY I 158 4.91 -20.73 -54.63
C GLY I 158 4.80 -19.37 -53.94
N GLY I 159 4.12 -19.36 -52.78
CA GLY I 159 3.83 -18.14 -52.05
C GLY I 159 4.77 -17.93 -50.86
N GLY I 160 5.75 -18.79 -50.71
CA GLY I 160 6.60 -18.83 -49.54
C GLY I 160 8.07 -18.58 -49.90
N SER I 161 8.77 -19.67 -50.17
CA SER I 161 10.17 -19.66 -50.57
C SER I 161 10.41 -18.75 -51.75
N MET I 162 9.49 -18.77 -52.75
CA MET I 162 9.79 -18.05 -53.97
C MET I 162 9.79 -16.54 -53.69
N PHE I 163 8.90 -16.07 -52.81
CA PHE I 163 8.85 -14.67 -52.43
C PHE I 163 10.03 -14.28 -51.52
N LEU I 164 10.51 -15.20 -50.70
CA LEU I 164 11.70 -14.97 -49.89
C LEU I 164 12.87 -14.70 -50.84
N LEU I 165 12.94 -15.51 -51.90
CA LEU I 165 13.99 -15.42 -52.90
C LEU I 165 13.89 -14.10 -53.66
N VAL I 166 12.68 -13.75 -54.12
CA VAL I 166 12.52 -12.48 -54.78
C VAL I 166 12.97 -11.35 -53.84
N GLY I 167 12.57 -11.41 -52.57
CA GLY I 167 12.96 -10.40 -51.59
C GLY I 167 14.46 -10.30 -51.40
N ILE I 168 15.11 -11.44 -51.21
CA ILE I 168 16.54 -11.48 -50.97
C ILE I 168 17.27 -10.88 -52.17
N LEU I 169 16.85 -11.28 -53.38
CA LEU I 169 17.60 -10.88 -54.56
C LEU I 169 17.32 -9.44 -54.91
N ALA I 170 16.10 -8.99 -54.66
CA ALA I 170 15.75 -7.59 -54.83
C ALA I 170 16.51 -6.71 -53.83
N ALA I 171 16.63 -7.17 -52.57
CA ALA I 171 17.32 -6.39 -51.57
C ALA I 171 18.81 -6.31 -51.93
N LEU I 172 19.42 -7.38 -52.48
CA LEU I 172 20.78 -7.34 -52.99
C LEU I 172 20.97 -6.31 -54.11
N TRP I 173 19.96 -6.14 -54.96
CA TRP I 173 20.01 -5.12 -56.00
C TRP I 173 20.05 -3.73 -55.38
N GLU I 174 19.19 -3.49 -54.39
CA GLU I 174 19.10 -2.20 -53.73
C GLU I 174 20.43 -1.88 -53.01
N ARG I 175 21.04 -2.92 -52.43
CA ARG I 175 22.30 -2.80 -51.72
C ARG I 175 23.39 -2.27 -52.65
N GLN I 176 23.32 -2.57 -53.95
CA GLN I 176 24.33 -2.08 -54.89
C GLN I 176 24.39 -0.55 -54.84
N SER I 177 23.22 0.12 -54.76
CA SER I 177 23.06 1.56 -54.69
C SER I 177 23.29 2.15 -53.29
N SER I 178 22.81 1.46 -52.24
CA SER I 178 22.74 2.04 -50.90
C SER I 178 23.97 1.71 -50.07
N GLY I 179 24.66 0.61 -50.39
CA GLY I 179 25.69 0.01 -49.54
C GLY I 179 25.13 -0.58 -48.23
N LYS I 180 23.79 -0.74 -48.15
CA LYS I 180 23.07 -1.14 -46.95
C LYS I 180 22.19 -2.38 -47.19
N GLY I 181 22.28 -3.33 -46.25
CA GLY I 181 21.29 -4.39 -46.04
C GLY I 181 19.94 -3.90 -45.56
N GLN I 182 19.04 -4.86 -45.30
CA GLN I 182 17.75 -4.56 -44.71
C GLN I 182 17.04 -5.89 -44.38
N VAL I 183 15.85 -5.75 -43.81
CA VAL I 183 15.09 -6.96 -43.45
C VAL I 183 14.05 -7.21 -44.52
N VAL I 184 13.97 -8.49 -44.90
CA VAL I 184 12.95 -9.02 -45.82
C VAL I 184 11.97 -9.89 -45.02
N ASP I 185 10.72 -9.45 -44.95
CA ASP I 185 9.64 -10.11 -44.23
C ASP I 185 8.72 -10.81 -45.25
N ALA I 186 8.99 -12.10 -45.48
CA ALA I 186 8.18 -12.97 -46.34
C ALA I 186 7.20 -13.83 -45.52
N ALA I 187 5.93 -13.45 -45.62
CA ALA I 187 4.85 -14.23 -45.04
C ALA I 187 4.10 -14.99 -46.13
N MET I 188 3.85 -16.28 -45.88
CA MET I 188 3.17 -17.15 -46.83
C MET I 188 1.76 -16.63 -47.09
N VAL I 189 1.14 -16.00 -46.10
CA VAL I 189 -0.21 -15.50 -46.30
C VAL I 189 -0.21 -14.33 -47.29
N ASP I 190 0.89 -13.55 -47.31
CA ASP I 190 1.03 -12.43 -48.25
C ASP I 190 1.43 -12.95 -49.64
N GLY I 191 2.48 -13.77 -49.65
CA GLY I 191 3.07 -14.21 -50.88
C GLY I 191 2.07 -15.00 -51.72
N SER I 192 1.37 -15.95 -51.08
CA SER I 192 0.35 -16.73 -51.76
C SER I 192 -0.75 -15.79 -52.27
N SER I 193 -1.03 -14.67 -51.58
CA SER I 193 -2.07 -13.78 -52.07
C SER I 193 -1.67 -13.09 -53.40
N VAL I 194 -0.40 -12.66 -53.49
CA VAL I 194 0.07 -12.04 -54.72
C VAL I 194 0.17 -13.13 -55.79
N LEU I 195 0.51 -14.36 -55.39
CA LEU I 195 0.57 -15.47 -56.33
C LEU I 195 -0.78 -15.67 -57.02
N ILE I 196 -1.89 -15.41 -56.33
CA ILE I 196 -3.22 -15.64 -56.86
C ILE I 196 -3.83 -14.31 -57.25
N GLN I 197 -2.97 -13.33 -57.57
CA GLN I 197 -3.50 -12.02 -57.93
C GLN I 197 -4.46 -12.09 -59.13
N MET I 198 -4.24 -13.01 -60.07
CA MET I 198 -5.10 -13.08 -61.25
C MET I 198 -6.56 -13.34 -60.83
N MET I 199 -6.79 -14.15 -59.78
CA MET I 199 -8.17 -14.41 -59.36
C MET I 199 -8.77 -13.16 -58.71
N TRP I 200 -7.97 -12.42 -57.93
CA TRP I 200 -8.53 -11.22 -57.33
C TRP I 200 -8.87 -10.21 -58.43
N ALA I 201 -8.14 -10.29 -59.54
CA ALA I 201 -8.34 -9.35 -60.66
C ALA I 201 -9.59 -9.75 -61.44
N MET I 202 -9.72 -11.05 -61.73
CA MET I 202 -10.92 -11.59 -62.37
C MET I 202 -12.16 -11.38 -61.48
N ARG I 203 -11.98 -11.48 -60.16
CA ARG I 203 -13.12 -11.40 -59.26
C ARG I 203 -13.73 -10.02 -59.37
N ALA I 204 -12.87 -8.99 -59.45
CA ALA I 204 -13.27 -7.59 -59.53
C ALA I 204 -14.01 -7.26 -60.84
N THR I 205 -13.72 -7.98 -61.93
CA THR I 205 -14.36 -7.74 -63.22
C THR I 205 -15.54 -8.69 -63.47
N GLY I 206 -15.99 -9.42 -62.44
CA GLY I 206 -17.08 -10.36 -62.61
C GLY I 206 -16.67 -11.62 -63.36
N MET I 207 -15.37 -11.96 -63.39
CA MET I 207 -14.92 -13.05 -64.22
C MET I 207 -14.50 -14.25 -63.36
N TRP I 208 -14.78 -14.17 -62.05
CA TRP I 208 -14.48 -15.26 -61.13
C TRP I 208 -15.44 -15.19 -59.97
N THR I 209 -16.05 -16.34 -59.60
CA THR I 209 -16.90 -16.35 -58.41
C THR I 209 -16.31 -17.25 -57.34
N ASP I 210 -16.79 -16.98 -56.12
CA ASP I 210 -16.42 -17.69 -54.91
C ASP I 210 -17.00 -19.10 -54.89
N THR I 211 -17.87 -19.43 -55.84
CA THR I 211 -18.34 -20.80 -55.97
C THR I 211 -17.25 -21.74 -56.49
N ARG I 212 -17.00 -22.78 -55.70
CA ARG I 212 -15.91 -23.71 -55.95
C ARG I 212 -16.33 -24.62 -57.10
N GLY I 213 -15.38 -24.88 -58.03
CA GLY I 213 -15.62 -25.72 -59.19
C GLY I 213 -16.55 -25.14 -60.27
N ALA I 214 -16.70 -23.82 -60.37
CA ALA I 214 -17.62 -23.19 -61.30
C ALA I 214 -16.96 -22.07 -62.09
N ASN I 215 -15.66 -22.14 -62.33
CA ASN I 215 -14.92 -21.07 -62.96
C ASN I 215 -14.09 -21.65 -64.11
N MET I 216 -13.44 -20.77 -64.88
CA MET I 216 -12.78 -21.24 -66.08
C MET I 216 -11.55 -22.08 -65.75
N LEU I 217 -10.90 -21.86 -64.59
CA LEU I 217 -9.60 -22.48 -64.36
C LEU I 217 -9.59 -23.42 -63.15
N ASP I 218 -10.74 -23.74 -62.56
CA ASP I 218 -10.75 -24.51 -61.33
C ASP I 218 -11.27 -25.93 -61.60
N GLY I 219 -11.52 -26.24 -62.87
CA GLY I 219 -12.10 -27.54 -63.19
C GLY I 219 -13.57 -27.41 -63.57
N GLY I 220 -14.14 -26.22 -63.42
CA GLY I 220 -15.52 -25.95 -63.80
C GLY I 220 -15.76 -26.01 -65.31
N ALA I 221 -14.76 -25.60 -66.11
CA ALA I 221 -14.93 -25.53 -67.56
C ALA I 221 -14.58 -26.86 -68.18
N PRO I 222 -15.45 -27.41 -69.08
CA PRO I 222 -15.14 -28.67 -69.72
C PRO I 222 -13.88 -28.71 -70.56
N TYR I 223 -13.42 -27.53 -70.99
CA TYR I 223 -12.21 -27.49 -71.82
C TYR I 223 -10.97 -27.17 -71.00
N TYR I 224 -11.10 -27.14 -69.65
CA TYR I 224 -9.99 -26.92 -68.76
C TYR I 224 -10.12 -27.85 -67.54
N ASP I 225 -9.76 -29.11 -67.72
CA ASP I 225 -10.01 -30.14 -66.73
C ASP I 225 -9.25 -31.39 -67.16
N THR I 226 -9.21 -32.41 -66.28
CA THR I 226 -8.79 -33.74 -66.62
C THR I 226 -9.96 -34.63 -67.04
N TYR I 227 -9.64 -35.70 -67.77
CA TYR I 227 -10.66 -36.62 -68.28
C TYR I 227 -10.09 -38.00 -68.16
N GLU I 228 -10.94 -38.92 -67.70
CA GLU I 228 -10.56 -40.31 -67.60
C GLU I 228 -10.61 -40.98 -68.98
N CYS I 229 -9.61 -41.81 -69.26
CA CYS I 229 -9.48 -42.52 -70.54
C CYS I 229 -9.94 -43.97 -70.38
N ALA I 230 -9.95 -44.75 -71.47
CA ALA I 230 -10.49 -46.12 -71.48
C ALA I 230 -9.68 -47.01 -70.54
N ASP I 231 -8.43 -46.67 -70.29
CA ASP I 231 -7.56 -47.47 -69.44
C ASP I 231 -7.61 -47.02 -67.97
N GLY I 232 -8.47 -46.08 -67.62
CA GLY I 232 -8.47 -45.56 -66.26
C GLY I 232 -7.38 -44.52 -65.98
N ARG I 233 -6.52 -44.21 -66.95
CA ARG I 233 -5.54 -43.13 -66.83
C ARG I 233 -6.14 -41.84 -67.36
N TYR I 234 -5.41 -40.69 -67.23
CA TYR I 234 -6.03 -39.39 -67.48
C TYR I 234 -5.24 -38.57 -68.49
N VAL I 235 -5.99 -37.72 -69.19
CA VAL I 235 -5.42 -36.60 -69.92
C VAL I 235 -5.90 -35.29 -69.32
N ALA I 236 -5.09 -34.24 -69.57
CA ALA I 236 -5.44 -32.88 -69.23
C ALA I 236 -5.82 -32.14 -70.50
N VAL I 237 -6.92 -31.40 -70.44
CA VAL I 237 -7.38 -30.53 -71.50
C VAL I 237 -7.22 -29.13 -70.99
N GLY I 238 -6.56 -28.29 -71.82
CA GLY I 238 -6.35 -26.90 -71.49
C GLY I 238 -6.72 -25.94 -72.62
N ALA I 239 -7.75 -26.29 -73.40
CA ALA I 239 -7.98 -25.61 -74.66
C ALA I 239 -8.88 -24.41 -74.49
N ILE I 240 -8.32 -23.32 -73.93
CA ILE I 240 -9.09 -22.13 -73.66
C ILE I 240 -9.42 -21.40 -74.96
N GLU I 241 -8.39 -21.15 -75.77
CA GLU I 241 -8.53 -20.32 -76.96
C GLU I 241 -9.35 -21.11 -77.99
N PRO I 242 -10.28 -20.44 -78.68
CA PRO I 242 -11.20 -21.14 -79.58
C PRO I 242 -10.53 -21.97 -80.66
N GLN I 243 -9.36 -21.53 -81.15
CA GLN I 243 -8.71 -22.24 -82.25
C GLN I 243 -8.12 -23.53 -81.72
N PHE I 244 -7.63 -23.50 -80.47
CA PHE I 244 -7.07 -24.71 -79.88
C PHE I 244 -8.19 -25.70 -79.56
N TYR I 245 -9.28 -25.17 -79.00
CA TYR I 245 -10.47 -25.97 -78.69
C TYR I 245 -10.99 -26.64 -79.97
N ALA I 246 -10.98 -25.91 -81.08
CA ALA I 246 -11.50 -26.48 -82.33
C ALA I 246 -10.59 -27.61 -82.79
N ALA I 247 -9.27 -27.47 -82.56
CA ALA I 247 -8.35 -28.53 -82.93
C ALA I 247 -8.62 -29.77 -82.10
N MET I 248 -8.97 -29.50 -80.84
CA MET I 248 -9.23 -30.60 -79.94
C MET I 248 -10.47 -31.38 -80.39
N LEU I 249 -11.55 -30.66 -80.71
CA LEU I 249 -12.78 -31.35 -81.10
C LEU I 249 -12.55 -32.26 -82.33
N ALA I 250 -11.80 -31.77 -83.31
CA ALA I 250 -11.55 -32.52 -84.53
C ALA I 250 -10.76 -33.78 -84.22
N GLY I 251 -9.77 -33.69 -83.32
CA GLY I 251 -9.02 -34.85 -82.89
C GLY I 251 -9.86 -35.87 -82.13
N LEU I 252 -10.90 -35.41 -81.45
CA LEU I 252 -11.78 -36.31 -80.73
C LEU I 252 -12.81 -36.92 -81.69
N GLY I 253 -12.96 -36.36 -82.90
CA GLY I 253 -13.98 -36.91 -83.78
C GLY I 253 -15.34 -36.29 -83.53
N LEU I 254 -15.42 -35.16 -82.81
CA LEU I 254 -16.68 -34.49 -82.54
C LEU I 254 -16.84 -33.32 -83.49
N ASP I 255 -18.02 -33.28 -84.11
CA ASP I 255 -18.32 -32.23 -85.05
C ASP I 255 -18.91 -31.09 -84.23
N ALA I 256 -18.27 -29.91 -84.31
CA ALA I 256 -18.65 -28.70 -83.63
C ALA I 256 -20.14 -28.41 -83.75
N ALA I 257 -20.79 -28.76 -84.88
CA ALA I 257 -22.20 -28.46 -85.09
C ALA I 257 -23.07 -29.27 -84.14
N GLU I 258 -22.60 -30.43 -83.67
CA GLU I 258 -23.40 -31.24 -82.77
C GLU I 258 -23.23 -30.82 -81.30
N LEU I 259 -22.33 -29.87 -80.98
CA LEU I 259 -22.06 -29.56 -79.59
C LEU I 259 -22.63 -28.19 -79.25
N PRO I 260 -22.89 -27.91 -77.96
CA PRO I 260 -23.16 -26.56 -77.52
C PRO I 260 -21.94 -25.65 -77.73
N PRO I 261 -22.12 -24.32 -77.68
CA PRO I 261 -20.99 -23.38 -77.72
C PRO I 261 -20.03 -23.61 -76.55
N GLN I 262 -18.74 -23.38 -76.83
CA GLN I 262 -17.67 -23.68 -75.90
C GLN I 262 -17.90 -22.94 -74.58
N ASN I 263 -18.34 -21.68 -74.66
CA ASN I 263 -18.50 -20.84 -73.49
C ASN I 263 -19.95 -20.56 -73.15
N ASP I 264 -20.87 -21.43 -73.57
CA ASP I 264 -22.23 -21.34 -73.06
C ASP I 264 -22.29 -22.16 -71.77
N ARG I 265 -22.12 -21.48 -70.62
CA ARG I 265 -21.96 -22.15 -69.33
C ARG I 265 -23.23 -22.88 -68.94
N ALA I 266 -24.39 -22.42 -69.41
CA ALA I 266 -25.65 -23.06 -69.08
C ALA I 266 -25.69 -24.47 -69.69
N ARG I 267 -24.88 -24.71 -70.74
CA ARG I 267 -24.87 -26.03 -71.33
C ARG I 267 -23.56 -26.76 -71.07
N TRP I 268 -22.73 -26.26 -70.13
CA TRP I 268 -21.50 -26.97 -69.83
C TRP I 268 -21.76 -28.42 -69.43
N PRO I 269 -22.85 -28.77 -68.72
CA PRO I 269 -23.12 -30.17 -68.40
C PRO I 269 -23.22 -31.12 -69.62
N GLU I 270 -23.94 -30.67 -70.63
CA GLU I 270 -24.04 -31.41 -71.89
C GLU I 270 -22.66 -31.55 -72.53
N LEU I 271 -21.93 -30.43 -72.61
CA LEU I 271 -20.62 -30.43 -73.25
C LEU I 271 -19.69 -31.39 -72.53
N ARG I 272 -19.70 -31.34 -71.20
CA ARG I 272 -18.80 -32.20 -70.43
C ARG I 272 -19.15 -33.68 -70.70
N ALA I 273 -20.45 -33.97 -70.80
CA ALA I 273 -20.83 -35.36 -71.04
C ALA I 273 -20.34 -35.84 -72.41
N LEU I 274 -20.39 -34.97 -73.42
CA LEU I 274 -19.89 -35.36 -74.74
C LEU I 274 -18.38 -35.57 -74.73
N LEU I 275 -17.63 -34.64 -74.11
CA LEU I 275 -16.18 -34.78 -74.04
C LEU I 275 -15.79 -36.02 -73.25
N THR I 276 -16.52 -36.27 -72.16
CA THR I 276 -16.27 -37.43 -71.30
C THR I 276 -16.37 -38.72 -72.10
N GLU I 277 -17.46 -38.87 -72.86
CA GLU I 277 -17.65 -40.09 -73.60
C GLU I 277 -16.55 -40.23 -74.64
N ALA I 278 -16.18 -39.12 -75.28
CA ALA I 278 -15.16 -39.19 -76.31
C ALA I 278 -13.81 -39.61 -75.72
N PHE I 279 -13.36 -38.91 -74.67
CA PHE I 279 -12.08 -39.28 -74.10
C PHE I 279 -12.07 -40.69 -73.54
N ALA I 280 -13.20 -41.18 -73.03
CA ALA I 280 -13.23 -42.50 -72.42
C ALA I 280 -13.11 -43.60 -73.48
N SER I 281 -13.29 -43.28 -74.77
CA SER I 281 -13.35 -44.32 -75.79
C SER I 281 -11.97 -44.80 -76.18
N HIS I 282 -10.89 -44.08 -75.80
CA HIS I 282 -9.53 -44.56 -76.05
C HIS I 282 -8.67 -44.34 -74.82
N ASP I 283 -7.52 -45.01 -74.82
CA ASP I 283 -6.61 -45.00 -73.70
C ASP I 283 -5.75 -43.73 -73.78
N ARG I 284 -4.98 -43.51 -72.71
CA ARG I 284 -4.28 -42.26 -72.54
C ARG I 284 -3.19 -42.12 -73.60
N ASP I 285 -2.43 -43.18 -73.83
CA ASP I 285 -1.32 -43.08 -74.77
C ASP I 285 -1.85 -42.91 -76.21
N HIS I 286 -3.06 -43.39 -76.51
CA HIS I 286 -3.70 -43.08 -77.79
C HIS I 286 -3.87 -41.57 -77.97
N TRP I 287 -4.40 -40.85 -76.96
CA TRP I 287 -4.61 -39.42 -77.06
C TRP I 287 -3.27 -38.69 -77.11
N GLY I 288 -2.26 -39.26 -76.45
CA GLY I 288 -0.92 -38.69 -76.48
C GLY I 288 -0.37 -38.65 -77.89
N ALA I 289 -0.54 -39.75 -78.65
CA ALA I 289 -0.13 -39.88 -80.04
C ALA I 289 -0.95 -38.99 -80.97
N VAL I 290 -2.29 -39.11 -80.90
CA VAL I 290 -3.18 -38.25 -81.64
C VAL I 290 -2.78 -36.77 -81.52
N PHE I 291 -2.47 -36.29 -80.30
CA PHE I 291 -2.31 -34.86 -80.15
C PHE I 291 -0.85 -34.44 -80.05
N ALA I 292 0.09 -35.35 -80.26
CA ALA I 292 1.48 -34.96 -80.45
C ALA I 292 1.59 -33.92 -81.58
N ASN I 293 2.36 -32.85 -81.31
CA ASN I 293 2.58 -31.75 -82.24
C ASN I 293 1.34 -30.93 -82.55
N SER I 294 0.26 -31.14 -81.78
CA SER I 294 -0.96 -30.39 -81.95
C SER I 294 -0.99 -29.19 -81.00
N ASP I 295 -1.83 -28.21 -81.34
CA ASP I 295 -2.13 -27.10 -80.47
C ASP I 295 -3.44 -27.32 -79.70
N ALA I 296 -3.93 -28.57 -79.70
CA ALA I 296 -5.18 -28.90 -79.04
C ALA I 296 -5.12 -28.75 -77.51
N CYS I 297 -3.92 -28.69 -76.92
CA CYS I 297 -3.74 -28.50 -75.49
C CYS I 297 -4.29 -29.73 -74.76
N VAL I 298 -3.94 -30.90 -75.27
CA VAL I 298 -4.25 -32.16 -74.64
C VAL I 298 -2.93 -32.84 -74.35
N THR I 299 -2.73 -33.22 -73.09
CA THR I 299 -1.53 -33.92 -72.67
C THR I 299 -1.88 -35.05 -71.71
N PRO I 300 -1.06 -36.10 -71.68
CA PRO I 300 -1.25 -37.19 -70.74
C PRO I 300 -0.84 -36.74 -69.35
N VAL I 301 -1.57 -37.23 -68.37
CA VAL I 301 -1.29 -36.95 -66.97
C VAL I 301 -0.37 -38.05 -66.46
N LEU I 302 0.92 -37.76 -66.36
CA LEU I 302 1.87 -38.76 -65.96
C LEU I 302 2.01 -38.75 -64.44
N ALA I 303 2.15 -39.95 -63.88
CA ALA I 303 2.51 -40.10 -62.48
C ALA I 303 4.03 -39.93 -62.34
N PHE I 304 4.49 -39.54 -61.14
CA PHE I 304 5.90 -39.28 -60.89
C PHE I 304 6.79 -40.38 -61.50
N GLY I 305 6.46 -41.66 -61.25
CA GLY I 305 7.29 -42.78 -61.69
C GLY I 305 7.42 -42.91 -63.21
N GLU I 306 6.51 -42.31 -64.00
CA GLU I 306 6.56 -42.40 -65.47
C GLU I 306 7.26 -41.19 -66.10
N VAL I 307 7.54 -40.15 -65.31
CA VAL I 307 8.03 -38.90 -65.87
C VAL I 307 9.36 -39.13 -66.58
N HIS I 308 10.21 -40.00 -66.01
CA HIS I 308 11.54 -40.24 -66.55
C HIS I 308 11.48 -40.86 -67.96
N ASN I 309 10.31 -41.31 -68.42
CA ASN I 309 10.18 -41.91 -69.75
C ASN I 309 9.58 -40.96 -70.79
N GLU I 310 9.29 -39.71 -70.45
CA GLU I 310 8.68 -38.77 -71.38
C GLU I 310 9.76 -38.08 -72.20
N PRO I 311 9.77 -38.22 -73.55
CA PRO I 311 10.85 -37.65 -74.35
C PRO I 311 11.14 -36.18 -74.06
N HIS I 312 10.12 -35.33 -73.86
CA HIS I 312 10.39 -33.89 -73.70
C HIS I 312 11.12 -33.60 -72.38
N ILE I 313 10.85 -34.45 -71.36
CA ILE I 313 11.52 -34.38 -70.07
C ILE I 313 12.98 -34.82 -70.23
N ILE I 314 13.18 -36.00 -70.82
CA ILE I 314 14.50 -36.58 -71.04
C ILE I 314 15.37 -35.60 -71.83
N GLU I 315 14.85 -35.09 -72.93
CA GLU I 315 15.70 -34.38 -73.87
C GLU I 315 16.12 -33.02 -73.34
N ARG I 316 15.34 -32.37 -72.47
CA ARG I 316 15.76 -31.09 -71.93
C ARG I 316 16.55 -31.23 -70.62
N ASN I 317 16.68 -32.45 -70.10
CA ASN I 317 17.40 -32.68 -68.86
C ASN I 317 16.76 -31.91 -67.71
N THR I 318 15.43 -31.93 -67.65
CA THR I 318 14.70 -31.38 -66.51
C THR I 318 15.12 -32.07 -65.21
N PHE I 319 15.50 -33.35 -65.26
CA PHE I 319 15.85 -34.13 -64.09
C PHE I 319 17.27 -34.69 -64.20
N TYR I 320 17.85 -35.08 -63.05
CA TYR I 320 19.08 -35.85 -62.96
C TYR I 320 18.84 -36.99 -61.98
N GLU I 321 19.64 -38.06 -62.06
CA GLU I 321 19.64 -39.17 -61.11
C GLU I 321 20.58 -38.86 -59.96
N ALA I 322 20.05 -38.62 -58.77
CA ALA I 322 20.85 -38.74 -57.57
C ALA I 322 20.77 -40.21 -57.20
N ASN I 323 21.68 -40.70 -56.37
CA ASN I 323 21.42 -41.99 -55.76
C ASN I 323 20.15 -41.82 -54.94
N GLY I 324 19.26 -42.81 -54.97
CA GLY I 324 17.95 -42.66 -54.33
C GLY I 324 16.82 -42.47 -55.35
N GLY I 325 17.05 -41.66 -56.40
CA GLY I 325 16.09 -41.54 -57.49
C GLY I 325 16.22 -40.19 -58.22
N TRP I 326 15.26 -39.90 -59.12
CA TRP I 326 15.29 -38.68 -59.91
C TRP I 326 15.01 -37.46 -59.04
N GLN I 327 15.69 -36.36 -59.38
CA GLN I 327 15.52 -35.06 -58.76
C GLN I 327 15.56 -34.01 -59.85
N PRO I 328 14.82 -32.89 -59.71
CA PRO I 328 14.86 -31.80 -60.68
C PRO I 328 16.16 -30.99 -60.67
N MET I 329 16.68 -30.76 -61.89
CA MET I 329 17.82 -29.88 -62.10
C MET I 329 17.40 -28.47 -61.75
N PRO I 330 18.39 -27.61 -61.43
CA PRO I 330 18.10 -26.21 -61.10
C PRO I 330 17.26 -25.49 -62.15
N ALA I 331 16.44 -24.57 -61.68
CA ALA I 331 15.68 -23.72 -62.56
C ALA I 331 15.79 -22.30 -62.01
N PRO I 332 15.63 -21.24 -62.83
CA PRO I 332 15.54 -21.39 -64.29
C PRO I 332 16.95 -21.62 -64.84
N ARG I 333 17.11 -21.47 -66.17
CA ARG I 333 18.37 -21.73 -66.83
C ARG I 333 18.97 -20.41 -67.32
N PHE I 334 20.31 -20.43 -67.49
CA PHE I 334 21.11 -19.24 -67.77
C PHE I 334 22.06 -19.53 -68.92
N SER I 335 22.06 -18.64 -69.91
CA SER I 335 22.76 -18.92 -71.17
C SER I 335 24.28 -18.85 -70.99
N ARG I 336 24.81 -17.90 -70.17
CA ARG I 336 26.26 -17.78 -70.02
C ARG I 336 26.80 -18.38 -68.72
N THR I 337 26.21 -18.05 -67.57
CA THR I 337 26.64 -18.68 -66.32
C THR I 337 25.67 -19.78 -65.88
N ALA I 338 25.83 -20.97 -66.46
CA ALA I 338 24.86 -22.05 -66.29
C ALA I 338 25.13 -22.73 -64.96
N SER I 339 24.04 -23.19 -64.33
CA SER I 339 24.15 -23.98 -63.12
C SER I 339 24.78 -25.32 -63.46
N SER I 340 25.39 -25.95 -62.46
CA SER I 340 25.86 -27.32 -62.58
C SER I 340 24.90 -28.23 -61.83
N GLN I 341 25.05 -29.52 -62.07
CA GLN I 341 24.33 -30.55 -61.35
C GLN I 341 24.57 -30.34 -59.86
N PRO I 342 23.51 -30.38 -59.01
CA PRO I 342 23.63 -30.19 -57.57
C PRO I 342 24.62 -31.12 -56.90
N ARG I 343 25.27 -30.62 -55.85
CA ARG I 343 26.14 -31.46 -55.06
C ARG I 343 25.27 -32.12 -54.00
N PRO I 344 25.42 -33.44 -53.79
CA PRO I 344 24.60 -34.15 -52.81
C PRO I 344 24.86 -33.62 -51.41
N PRO I 345 23.95 -33.91 -50.45
CA PRO I 345 24.22 -33.69 -49.03
C PRO I 345 25.52 -34.40 -48.67
N ALA I 346 26.40 -33.71 -47.93
CA ALA I 346 27.66 -34.30 -47.47
C ALA I 346 27.78 -34.18 -45.95
N ALA I 347 28.89 -34.71 -45.39
CA ALA I 347 29.05 -34.83 -43.94
C ALA I 347 29.14 -33.46 -43.28
N THR I 348 28.78 -33.43 -42.00
CA THR I 348 28.90 -32.23 -41.19
C THR I 348 30.35 -31.75 -41.26
N ILE I 349 30.53 -30.44 -41.22
CA ILE I 349 31.79 -29.74 -41.37
C ILE I 349 31.99 -28.87 -40.13
N ASP I 350 33.24 -28.64 -39.78
CA ASP I 350 33.58 -27.86 -38.60
C ASP I 350 33.31 -26.38 -38.89
N ILE I 351 32.56 -25.74 -38.00
CA ILE I 351 32.20 -24.34 -38.16
C ILE I 351 33.41 -23.39 -38.17
N GLU I 352 34.52 -23.83 -37.54
CA GLU I 352 35.79 -23.10 -37.56
C GLU I 352 36.41 -23.15 -38.95
N ALA I 353 36.34 -24.33 -39.60
CA ALA I 353 36.94 -24.54 -40.92
C ALA I 353 36.25 -23.71 -42.00
N VAL I 354 35.00 -23.29 -41.74
CA VAL I 354 34.24 -22.47 -42.67
C VAL I 354 34.70 -21.01 -42.52
N LEU I 355 34.87 -20.57 -41.27
CA LEU I 355 35.28 -19.20 -41.00
C LEU I 355 36.67 -18.93 -41.59
N THR I 356 37.53 -19.95 -41.55
CA THR I 356 38.84 -19.90 -42.17
C THR I 356 38.61 -19.61 -43.65
N ASP I 357 37.80 -20.47 -44.29
CA ASP I 357 37.54 -20.43 -45.72
C ASP I 357 37.09 -19.04 -46.17
N TRP I 358 36.23 -18.39 -45.39
CA TRP I 358 35.62 -17.12 -45.77
C TRP I 358 36.51 -15.92 -45.44
N ASP I 359 37.83 -16.15 -45.44
CA ASP I 359 38.84 -15.41 -44.68
C ASP I 359 39.06 -16.11 -43.34
N MET J 1 9.96 6.36 -57.33
CA MET J 1 9.18 5.10 -57.17
C MET J 1 9.70 4.39 -55.91
N ALA J 2 8.78 4.03 -55.00
CA ALA J 2 9.16 3.36 -53.76
C ALA J 2 9.49 1.91 -54.03
N GLY J 3 10.44 1.37 -53.26
CA GLY J 3 10.67 -0.06 -53.21
C GLY J 3 12.12 -0.38 -53.49
N PRO J 4 12.59 -1.62 -53.23
CA PRO J 4 13.98 -2.00 -53.46
C PRO J 4 14.45 -2.00 -54.93
N LEU J 5 13.49 -2.04 -55.88
CA LEU J 5 13.82 -2.17 -57.30
C LEU J 5 13.76 -0.81 -58.02
N SER J 6 13.65 0.27 -57.24
CA SER J 6 13.73 1.63 -57.73
C SER J 6 14.94 1.76 -58.65
N GLY J 7 14.73 2.25 -59.89
CA GLY J 7 15.81 2.44 -60.84
C GLY J 7 15.95 1.32 -61.88
N LEU J 8 15.31 0.16 -61.64
CA LEU J 8 15.37 -0.95 -62.57
C LEU J 8 14.38 -0.69 -63.69
N ARG J 9 14.83 -0.89 -64.92
CA ARG J 9 14.04 -0.58 -66.09
C ARG J 9 13.70 -1.88 -66.82
N VAL J 10 12.41 -2.10 -67.04
CA VAL J 10 11.95 -3.35 -67.61
C VAL J 10 11.13 -3.04 -68.85
N VAL J 11 11.40 -3.80 -69.91
CA VAL J 11 10.51 -3.79 -71.05
C VAL J 11 9.81 -5.13 -71.11
N GLU J 12 8.48 -5.06 -71.12
CA GLU J 12 7.62 -6.22 -71.17
C GLU J 12 6.89 -6.23 -72.52
N LEU J 13 7.16 -7.26 -73.32
CA LEU J 13 6.33 -7.59 -74.46
C LEU J 13 5.06 -8.34 -74.02
N ALA J 14 3.94 -7.65 -74.20
CA ALA J 14 2.65 -8.04 -73.67
C ALA J 14 2.31 -9.47 -74.07
N GLY J 15 2.05 -10.29 -73.05
CA GLY J 15 1.46 -11.60 -73.25
C GLY J 15 0.47 -11.91 -72.14
N ILE J 16 0.35 -13.19 -71.78
CA ILE J 16 -0.67 -13.60 -70.81
C ILE J 16 -0.02 -14.50 -69.77
N GLY J 17 -0.58 -14.46 -68.55
CA GLY J 17 -0.24 -15.43 -67.51
C GLY J 17 1.08 -15.05 -66.83
N PRO J 18 2.14 -15.85 -66.97
CA PRO J 18 3.32 -15.63 -66.15
C PRO J 18 4.14 -14.37 -66.42
N GLY J 19 4.28 -13.98 -67.71
CA GLY J 19 5.05 -12.79 -68.06
C GLY J 19 4.49 -11.55 -67.38
N PRO J 20 3.19 -11.27 -67.53
CA PRO J 20 2.58 -10.13 -66.85
C PRO J 20 2.68 -10.20 -65.33
N HIS J 21 2.71 -11.41 -64.77
CA HIS J 21 2.74 -11.55 -63.31
C HIS J 21 4.14 -11.18 -62.80
N ALA J 22 5.17 -11.68 -63.47
CA ALA J 22 6.55 -11.31 -63.14
C ALA J 22 6.76 -9.79 -63.29
N ALA J 23 6.20 -9.22 -64.35
CA ALA J 23 6.34 -7.80 -64.61
C ALA J 23 5.61 -6.99 -63.54
N MET J 24 4.44 -7.49 -63.10
CA MET J 24 3.69 -6.84 -62.03
C MET J 24 4.50 -6.78 -60.73
N ILE J 25 5.14 -7.89 -60.41
CA ILE J 25 5.88 -7.95 -59.17
C ILE J 25 7.09 -7.02 -59.22
N LEU J 26 7.85 -7.08 -60.32
CA LEU J 26 8.92 -6.11 -60.51
C LEU J 26 8.38 -4.69 -60.32
N GLY J 27 7.26 -4.37 -60.99
CA GLY J 27 6.58 -3.09 -60.82
C GLY J 27 6.21 -2.78 -59.37
N ASP J 28 5.64 -3.78 -58.69
CA ASP J 28 5.18 -3.62 -57.32
C ASP J 28 6.33 -3.17 -56.44
N LEU J 29 7.54 -3.72 -56.66
CA LEU J 29 8.72 -3.50 -55.83
C LEU J 29 9.56 -2.30 -56.30
N GLY J 30 9.03 -1.52 -57.24
CA GLY J 30 9.55 -0.20 -57.56
C GLY J 30 10.22 -0.09 -58.94
N ALA J 31 10.25 -1.18 -59.71
CA ALA J 31 10.84 -1.12 -61.04
C ALA J 31 9.98 -0.26 -61.95
N ASP J 32 10.65 0.26 -62.99
CA ASP J 32 10.04 1.09 -64.01
C ASP J 32 9.69 0.19 -65.19
N VAL J 33 8.41 -0.17 -65.30
CA VAL J 33 8.05 -1.25 -66.20
C VAL J 33 7.27 -0.65 -67.35
N VAL J 34 7.77 -0.90 -68.55
CA VAL J 34 7.08 -0.41 -69.73
C VAL J 34 6.62 -1.58 -70.56
N ARG J 35 5.32 -1.62 -70.79
CA ARG J 35 4.70 -2.76 -71.45
C ARG J 35 4.28 -2.34 -72.85
N ILE J 36 4.82 -3.02 -73.85
CA ILE J 36 4.45 -2.84 -75.26
C ILE J 36 3.38 -3.85 -75.66
N ASP J 37 2.18 -3.34 -75.99
CA ASP J 37 1.10 -4.14 -76.55
C ASP J 37 0.83 -3.78 -78.01
N ARG J 38 -0.06 -4.55 -78.64
CA ARG J 38 -0.57 -4.25 -79.98
C ARG J 38 -1.54 -3.08 -79.96
N PRO J 39 -1.57 -2.25 -81.02
CA PRO J 39 -2.53 -1.15 -81.07
C PRO J 39 -3.97 -1.66 -80.98
N SER J 40 -4.27 -2.77 -81.69
CA SER J 40 -5.59 -3.37 -81.72
C SER J 40 -6.08 -3.80 -80.33
N SER J 41 -5.15 -4.23 -79.46
CA SER J 41 -5.52 -4.76 -78.15
C SER J 41 -6.11 -3.68 -77.25
N VAL J 42 -5.52 -2.47 -77.23
CA VAL J 42 -5.80 -1.50 -76.19
C VAL J 42 -6.93 -0.57 -76.64
N ASP J 43 -7.95 -0.43 -75.77
CA ASP J 43 -9.17 0.34 -76.03
C ASP J 43 -9.71 0.93 -74.72
N GLY J 44 -9.01 1.92 -74.17
CA GLY J 44 -9.32 2.47 -72.86
C GLY J 44 -8.29 2.05 -71.79
N ILE J 45 -8.48 2.56 -70.57
CA ILE J 45 -7.74 2.11 -69.41
C ILE J 45 -8.13 0.64 -69.18
N SER J 46 -7.14 -0.24 -68.93
CA SER J 46 -7.41 -1.64 -68.70
C SER J 46 -8.11 -1.85 -67.35
N ARG J 47 -9.04 -2.80 -67.31
CA ARG J 47 -9.70 -3.17 -66.06
C ARG J 47 -9.02 -4.38 -65.40
N ASP J 48 -7.82 -4.78 -65.86
CA ASP J 48 -7.11 -5.94 -65.33
C ASP J 48 -6.06 -5.46 -64.32
N ALA J 49 -6.35 -5.72 -63.03
CA ALA J 49 -5.52 -5.21 -61.96
C ALA J 49 -4.11 -5.82 -62.00
N MET J 50 -3.89 -6.87 -62.81
CA MET J 50 -2.53 -7.39 -62.94
C MET J 50 -1.64 -6.43 -63.74
N LEU J 51 -2.23 -5.46 -64.48
CA LEU J 51 -1.47 -4.45 -65.21
C LEU J 51 -1.20 -3.20 -64.37
N ARG J 52 -1.21 -3.34 -63.04
CA ARG J 52 -0.82 -2.27 -62.15
C ARG J 52 0.67 -2.02 -62.32
N ASN J 53 1.09 -0.82 -61.91
CA ASN J 53 2.50 -0.47 -61.81
C ASN J 53 3.20 -0.59 -63.16
N ARG J 54 2.56 -0.01 -64.19
CA ARG J 54 2.98 -0.09 -65.58
C ARG J 54 2.85 1.27 -66.27
N ARG J 55 3.68 1.48 -67.30
CA ARG J 55 3.30 2.34 -68.39
C ARG J 55 3.08 1.47 -69.64
N ILE J 56 1.89 1.60 -70.24
CA ILE J 56 1.44 0.85 -71.41
C ILE J 56 1.72 1.70 -72.65
N VAL J 57 2.51 1.17 -73.58
CA VAL J 57 2.67 1.80 -74.88
C VAL J 57 2.19 0.79 -75.92
N THR J 58 1.88 1.24 -77.13
CA THR J 58 1.42 0.35 -78.18
C THR J 58 2.29 0.56 -79.40
N ALA J 59 2.75 -0.54 -80.01
CA ALA J 59 3.55 -0.52 -81.20
C ALA J 59 3.19 -1.76 -82.01
N ASP J 60 3.02 -1.60 -83.34
CA ASP J 60 3.02 -2.74 -84.23
C ASP J 60 4.47 -3.16 -84.44
N LEU J 61 4.84 -4.30 -83.82
CA LEU J 61 6.22 -4.79 -83.84
C LEU J 61 6.55 -5.44 -85.17
N LYS J 62 5.53 -5.62 -86.02
CA LYS J 62 5.80 -6.13 -87.36
C LYS J 62 6.19 -4.99 -88.32
N SER J 63 5.78 -3.74 -88.05
CA SER J 63 6.22 -2.59 -88.81
C SER J 63 7.69 -2.25 -88.52
N ASP J 64 8.31 -1.48 -89.42
CA ASP J 64 9.72 -1.12 -89.32
C ASP J 64 9.90 -0.13 -88.20
N GLN J 65 8.91 0.76 -88.11
CA GLN J 65 8.87 1.85 -87.15
C GLN J 65 8.63 1.29 -85.74
N GLY J 66 7.68 0.35 -85.64
CA GLY J 66 7.39 -0.34 -84.40
C GLY J 66 8.64 -1.01 -83.84
N LEU J 67 9.27 -1.84 -84.67
CA LEU J 67 10.49 -2.53 -84.28
C LEU J 67 11.59 -1.57 -83.81
N GLU J 68 11.76 -0.45 -84.53
CA GLU J 68 12.85 0.45 -84.21
C GLU J 68 12.61 1.08 -82.83
N LEU J 69 11.39 1.57 -82.57
CA LEU J 69 11.02 2.20 -81.31
C LEU J 69 11.24 1.21 -80.15
N ALA J 70 10.81 -0.04 -80.36
CA ALA J 70 11.03 -1.13 -79.42
C ALA J 70 12.53 -1.31 -79.16
N LEU J 71 13.37 -1.32 -80.20
CA LEU J 71 14.79 -1.57 -79.98
C LEU J 71 15.45 -0.39 -79.24
N LYS J 72 14.84 0.78 -79.35
CA LYS J 72 15.32 1.97 -78.66
C LYS J 72 15.01 1.88 -77.17
N LEU J 73 13.76 1.56 -76.81
CA LEU J 73 13.40 1.26 -75.41
C LEU J 73 14.34 0.21 -74.83
N ILE J 74 14.54 -0.89 -75.57
CA ILE J 74 15.31 -2.00 -75.05
C ILE J 74 16.76 -1.59 -74.79
N ALA J 75 17.29 -0.68 -75.62
CA ALA J 75 18.68 -0.23 -75.53
C ALA J 75 18.93 0.46 -74.19
N LYS J 76 17.89 1.11 -73.67
CA LYS J 76 17.94 1.92 -72.47
C LYS J 76 17.47 1.13 -71.23
N ALA J 77 17.31 -0.21 -71.31
CA ALA J 77 16.62 -0.96 -70.26
C ALA J 77 17.53 -2.00 -69.65
N ASP J 78 17.10 -2.55 -68.50
CA ASP J 78 17.92 -3.55 -67.84
C ASP J 78 17.42 -4.96 -68.15
N VAL J 79 16.10 -5.05 -68.37
CA VAL J 79 15.41 -6.34 -68.49
C VAL J 79 14.40 -6.31 -69.62
N LEU J 80 14.43 -7.40 -70.38
CA LEU J 80 13.37 -7.70 -71.36
C LEU J 80 12.67 -9.00 -70.96
N ILE J 81 11.34 -8.93 -70.88
CA ILE J 81 10.45 -10.07 -70.66
C ILE J 81 9.64 -10.33 -71.94
N GLU J 82 9.68 -11.59 -72.38
CA GLU J 82 8.87 -12.05 -73.49
C GLU J 82 8.32 -13.44 -73.12
N GLY J 83 7.06 -13.70 -73.49
CA GLY J 83 6.52 -15.03 -73.24
C GLY J 83 5.74 -15.57 -74.44
N TYR J 84 6.34 -15.40 -75.63
CA TYR J 84 5.82 -15.95 -76.87
C TYR J 84 6.45 -17.30 -77.05
N ARG J 85 5.98 -18.09 -78.03
CA ARG J 85 6.63 -19.33 -78.35
C ARG J 85 8.05 -19.04 -78.82
N PRO J 86 8.96 -19.99 -78.65
CA PRO J 86 10.33 -19.84 -79.14
C PRO J 86 10.28 -19.55 -80.64
N GLY J 87 11.14 -18.62 -81.08
CA GLY J 87 11.30 -18.26 -82.49
C GLY J 87 10.53 -16.99 -82.78
N VAL J 88 9.61 -16.61 -81.89
CA VAL J 88 8.74 -15.50 -82.20
C VAL J 88 9.48 -14.15 -82.12
N THR J 89 10.21 -13.87 -81.04
CA THR J 89 10.96 -12.62 -80.96
C THR J 89 12.04 -12.62 -82.04
N GLU J 90 12.69 -13.75 -82.28
CA GLU J 90 13.68 -13.83 -83.33
C GLU J 90 13.11 -13.29 -84.64
N ARG J 91 11.93 -13.78 -85.08
CA ARG J 91 11.33 -13.38 -86.34
C ARG J 91 10.92 -11.91 -86.33
N LEU J 92 10.62 -11.34 -85.17
CA LEU J 92 10.31 -9.92 -85.12
C LEU J 92 11.58 -9.08 -85.28
N GLY J 93 12.76 -9.68 -85.17
CA GLY J 93 13.99 -8.92 -85.03
C GLY J 93 14.24 -8.42 -83.60
N LEU J 94 13.57 -9.04 -82.61
CA LEU J 94 13.75 -8.72 -81.18
C LEU J 94 14.29 -9.90 -80.40
N GLY J 95 14.97 -10.81 -81.08
CA GLY J 95 15.61 -11.94 -80.43
C GLY J 95 16.79 -11.51 -79.56
N PRO J 96 17.36 -12.43 -78.74
CA PRO J 96 18.50 -12.12 -77.86
C PRO J 96 19.76 -11.60 -78.57
N GLU J 97 20.12 -12.21 -79.72
CA GLU J 97 21.27 -11.74 -80.50
C GLU J 97 21.05 -10.32 -81.01
N GLU J 98 19.84 -10.00 -81.51
CA GLU J 98 19.60 -8.64 -81.97
C GLU J 98 19.61 -7.68 -80.79
N CYS J 99 19.00 -8.05 -79.65
CA CYS J 99 19.00 -7.15 -78.49
C CYS J 99 20.41 -6.94 -77.93
N ALA J 100 21.26 -7.97 -78.01
CA ALA J 100 22.62 -7.93 -77.50
C ALA J 100 23.51 -6.97 -78.32
N LYS J 101 23.07 -6.62 -79.53
CA LYS J 101 23.80 -5.70 -80.36
C LYS J 101 23.53 -4.28 -79.91
N VAL J 102 22.33 -3.99 -79.40
CA VAL J 102 22.08 -2.64 -78.94
C VAL J 102 22.34 -2.52 -77.43
N ASN J 103 22.65 -3.62 -76.71
CA ASN J 103 22.70 -3.56 -75.24
C ASN J 103 23.14 -4.89 -74.65
N ASP J 104 24.46 -5.08 -74.47
CA ASP J 104 24.91 -6.37 -73.96
C ASP J 104 24.83 -6.46 -72.43
N ARG J 105 24.22 -5.46 -71.80
CA ARG J 105 23.94 -5.50 -70.37
C ARG J 105 22.51 -6.01 -70.10
N LEU J 106 21.71 -6.22 -71.15
CA LEU J 106 20.31 -6.61 -71.04
C LEU J 106 20.15 -8.00 -70.42
N ILE J 107 19.20 -8.12 -69.47
CA ILE J 107 18.80 -9.46 -69.04
C ILE J 107 17.60 -9.88 -69.89
N TYR J 108 17.80 -10.95 -70.67
CA TYR J 108 16.79 -11.27 -71.66
C TYR J 108 15.98 -12.47 -71.13
N ALA J 109 14.74 -12.19 -70.72
CA ALA J 109 14.01 -13.19 -69.94
C ALA J 109 12.88 -13.81 -70.77
N ARG J 110 13.02 -15.12 -70.99
CA ARG J 110 12.13 -15.90 -71.86
C ARG J 110 11.24 -16.88 -71.04
N MET J 111 9.95 -16.59 -71.04
CA MET J 111 8.98 -17.27 -70.20
C MET J 111 8.13 -18.20 -71.07
N THR J 112 8.39 -19.50 -71.02
CA THR J 112 7.57 -20.47 -71.73
C THR J 112 7.09 -21.55 -70.78
N GLY J 113 6.23 -22.44 -71.30
CA GLY J 113 5.82 -23.62 -70.57
C GLY J 113 6.79 -24.77 -70.80
N TRP J 114 7.08 -25.04 -72.07
CA TRP J 114 7.82 -26.23 -72.45
C TRP J 114 9.32 -25.95 -72.57
N GLY J 115 9.72 -24.70 -72.65
CA GLY J 115 11.15 -24.44 -72.83
C GLY J 115 11.48 -24.03 -74.27
N GLN J 116 12.79 -23.91 -74.57
CA GLN J 116 13.21 -23.24 -75.80
C GLN J 116 13.47 -24.27 -76.89
N THR J 117 13.68 -25.53 -76.52
CA THR J 117 13.90 -26.58 -77.49
C THR J 117 13.16 -27.83 -77.08
N GLY J 118 13.20 -28.84 -77.96
CA GLY J 118 12.63 -30.13 -77.65
C GLY J 118 11.26 -30.35 -78.32
N PRO J 119 10.77 -31.59 -78.24
CA PRO J 119 9.61 -32.06 -79.00
C PRO J 119 8.33 -31.28 -78.79
N ARG J 120 8.13 -30.73 -77.57
CA ARG J 120 6.89 -30.02 -77.31
C ARG J 120 7.07 -28.50 -77.44
N SER J 121 8.25 -28.00 -77.86
CA SER J 121 8.59 -26.59 -77.71
C SER J 121 7.73 -25.64 -78.54
N GLN J 122 7.01 -26.15 -79.57
CA GLN J 122 6.12 -25.31 -80.36
C GLN J 122 4.63 -25.59 -80.10
N GLN J 123 4.32 -26.52 -79.20
CA GLN J 123 2.93 -26.79 -78.85
C GLN J 123 2.34 -25.70 -77.96
N ALA J 124 1.14 -25.25 -78.34
CA ALA J 124 0.36 -24.40 -77.48
C ALA J 124 0.06 -25.17 -76.19
N GLY J 125 -0.12 -24.41 -75.11
CA GLY J 125 -0.33 -25.05 -73.81
C GLY J 125 -0.76 -24.05 -72.77
N HIS J 126 -1.32 -24.61 -71.68
CA HIS J 126 -1.71 -23.85 -70.50
C HIS J 126 -1.17 -24.58 -69.27
N ASP J 127 -1.30 -23.93 -68.11
CA ASP J 127 -0.77 -24.43 -66.84
C ASP J 127 -1.07 -25.91 -66.68
N ILE J 128 -2.33 -26.30 -66.84
CA ILE J 128 -2.74 -27.69 -66.64
C ILE J 128 -1.91 -28.65 -67.47
N ASN J 129 -1.48 -28.23 -68.67
CA ASN J 129 -0.66 -29.11 -69.53
C ASN J 129 0.76 -29.22 -69.00
N TYR J 130 1.36 -28.10 -68.59
CA TYR J 130 2.74 -28.12 -68.10
C TYR J 130 2.85 -29.03 -66.87
N ILE J 131 1.87 -28.94 -65.99
CA ILE J 131 1.93 -29.72 -64.75
C ILE J 131 1.42 -31.15 -64.95
N SER J 132 0.78 -31.47 -66.10
CA SER J 132 0.39 -32.85 -66.35
C SER J 132 1.62 -33.70 -66.65
N LEU J 133 2.67 -33.09 -67.23
CA LEU J 133 3.79 -33.87 -67.79
C LEU J 133 4.85 -34.24 -66.74
N ASN J 134 4.88 -33.54 -65.61
CA ASN J 134 5.99 -33.69 -64.70
C ASN J 134 5.57 -34.32 -63.37
N GLY J 135 4.34 -34.86 -63.34
CA GLY J 135 3.86 -35.67 -62.22
C GLY J 135 2.99 -34.90 -61.22
N ILE J 136 2.97 -33.59 -61.33
CA ILE J 136 2.35 -32.72 -60.35
C ILE J 136 0.84 -32.91 -60.36
N LEU J 137 0.21 -32.76 -61.53
CA LEU J 137 -1.24 -32.76 -61.59
C LEU J 137 -1.77 -34.11 -61.12
N HIS J 138 -1.08 -35.20 -61.44
CA HIS J 138 -1.56 -36.52 -61.04
C HIS J 138 -1.66 -36.66 -59.52
N ALA J 139 -0.82 -35.91 -58.81
CA ALA J 139 -0.75 -35.99 -57.36
C ALA J 139 -1.86 -35.20 -56.65
N ILE J 140 -2.68 -34.44 -57.37
CA ILE J 140 -3.58 -33.49 -56.73
C ILE J 140 -5.03 -33.94 -56.87
N GLY J 141 -5.70 -34.07 -55.71
CA GLY J 141 -7.12 -34.38 -55.66
C GLY J 141 -7.41 -35.62 -54.80
N ARG J 142 -8.68 -35.97 -54.65
CA ARG J 142 -9.04 -37.17 -53.93
C ARG J 142 -8.72 -38.39 -54.77
N GLY J 143 -8.41 -39.49 -54.07
CA GLY J 143 -7.93 -40.72 -54.69
C GLY J 143 -9.00 -41.45 -55.50
N ASP J 144 -10.28 -41.12 -55.27
CA ASP J 144 -11.32 -41.87 -55.96
C ASP J 144 -11.85 -41.05 -57.13
N GLU J 145 -11.10 -40.02 -57.55
CA GLU J 145 -11.65 -39.09 -58.52
C GLU J 145 -10.53 -38.71 -59.46
N ARG J 146 -10.88 -38.05 -60.55
CA ARG J 146 -9.86 -37.66 -61.48
C ARG J 146 -9.10 -36.46 -60.91
N PRO J 147 -7.85 -36.21 -61.34
CA PRO J 147 -7.06 -35.13 -60.75
C PRO J 147 -7.75 -33.79 -60.96
N VAL J 148 -7.56 -32.89 -59.97
CA VAL J 148 -8.18 -31.60 -60.07
C VAL J 148 -7.09 -30.55 -60.24
N PRO J 149 -7.29 -29.57 -61.14
CA PRO J 149 -6.27 -28.55 -61.34
C PRO J 149 -6.23 -27.61 -60.14
N PRO J 150 -5.04 -27.30 -59.63
CA PRO J 150 -4.93 -26.31 -58.53
C PRO J 150 -4.90 -24.90 -59.05
N LEU J 151 -6.04 -24.49 -59.60
CA LEU J 151 -6.16 -23.31 -60.43
C LEU J 151 -4.98 -23.33 -61.40
N ASN J 152 -4.49 -22.15 -61.76
CA ASN J 152 -3.25 -22.03 -62.54
C ASN J 152 -2.11 -21.52 -61.67
N LEU J 153 -2.05 -21.99 -60.42
CA LEU J 153 -1.16 -21.40 -59.43
C LEU J 153 0.23 -22.02 -59.50
N VAL J 154 0.34 -23.26 -59.96
CA VAL J 154 1.54 -24.02 -59.78
C VAL J 154 2.44 -23.92 -61.00
N GLY J 155 1.84 -23.96 -62.20
CA GLY J 155 2.59 -23.88 -63.43
C GLY J 155 2.91 -22.44 -63.82
N ASP J 156 1.88 -21.62 -63.96
CA ASP J 156 2.00 -20.23 -64.36
C ASP J 156 2.76 -19.39 -63.34
N PHE J 157 2.40 -19.49 -62.06
CA PHE J 157 2.88 -18.50 -61.11
C PHE J 157 3.99 -19.12 -60.29
N GLY J 158 3.64 -20.09 -59.44
CA GLY J 158 4.63 -20.69 -58.56
C GLY J 158 5.86 -21.21 -59.29
N GLY J 159 5.64 -21.96 -60.38
CA GLY J 159 6.73 -22.60 -61.11
C GLY J 159 7.07 -21.86 -62.42
N GLY J 160 6.47 -20.71 -62.62
CA GLY J 160 6.55 -19.94 -63.85
C GLY J 160 7.14 -18.54 -63.60
N SER J 161 6.27 -17.57 -63.35
CA SER J 161 6.65 -16.19 -63.08
C SER J 161 7.66 -16.12 -61.95
N MET J 162 7.53 -16.96 -60.90
CA MET J 162 8.39 -16.78 -59.73
C MET J 162 9.81 -17.18 -60.08
N PHE J 163 9.97 -18.20 -60.93
CA PHE J 163 11.27 -18.62 -61.37
C PHE J 163 11.86 -17.65 -62.40
N LEU J 164 11.02 -17.04 -63.25
CA LEU J 164 11.49 -15.96 -64.12
C LEU J 164 12.10 -14.86 -63.24
N LEU J 165 11.35 -14.45 -62.19
CA LEU J 165 11.79 -13.38 -61.30
C LEU J 165 13.12 -13.72 -60.66
N VAL J 166 13.29 -14.95 -60.16
CA VAL J 166 14.49 -15.37 -59.51
C VAL J 166 15.65 -15.34 -60.49
N GLY J 167 15.38 -15.75 -61.72
CA GLY J 167 16.39 -15.75 -62.76
C GLY J 167 16.79 -14.33 -63.17
N ILE J 168 15.82 -13.43 -63.31
CA ILE J 168 16.13 -12.07 -63.65
C ILE J 168 17.02 -11.46 -62.56
N LEU J 169 16.66 -11.69 -61.27
CA LEU J 169 17.31 -10.94 -60.20
C LEU J 169 18.68 -11.54 -59.94
N ALA J 170 18.76 -12.86 -60.08
CA ALA J 170 20.02 -13.55 -59.98
C ALA J 170 20.99 -13.11 -61.08
N ALA J 171 20.46 -12.95 -62.31
CA ALA J 171 21.28 -12.49 -63.43
C ALA J 171 21.79 -11.07 -63.20
N LEU J 172 20.94 -10.18 -62.65
CA LEU J 172 21.34 -8.83 -62.26
C LEU J 172 22.43 -8.84 -61.19
N TRP J 173 22.36 -9.76 -60.23
CA TRP J 173 23.47 -9.91 -59.32
C TRP J 173 24.72 -10.20 -60.11
N GLU J 174 24.66 -11.20 -61.02
CA GLU J 174 25.83 -11.68 -61.74
C GLU J 174 26.42 -10.54 -62.58
N ARG J 175 25.55 -9.69 -63.11
CA ARG J 175 25.95 -8.61 -63.99
C ARG J 175 26.82 -7.61 -63.21
N GLN J 176 26.62 -7.54 -61.89
CA GLN J 176 27.34 -6.57 -61.10
C GLN J 176 28.83 -6.85 -61.21
N SER J 177 29.23 -8.11 -61.32
CA SER J 177 30.65 -8.40 -61.40
C SER J 177 31.13 -8.70 -62.84
N SER J 178 30.25 -9.05 -63.80
CA SER J 178 30.64 -9.40 -65.18
C SER J 178 30.59 -8.18 -66.11
N GLY J 179 29.72 -7.23 -65.82
CA GLY J 179 29.36 -6.14 -66.73
C GLY J 179 28.45 -6.58 -67.88
N LYS J 180 28.00 -7.84 -67.87
CA LYS J 180 27.32 -8.48 -69.00
C LYS J 180 25.94 -9.01 -68.59
N GLY J 181 24.95 -8.80 -69.47
CA GLY J 181 23.66 -9.46 -69.40
C GLY J 181 23.77 -10.93 -69.83
N GLN J 182 22.62 -11.59 -70.00
CA GLN J 182 22.56 -12.98 -70.47
C GLN J 182 21.08 -13.36 -70.62
N VAL J 183 20.85 -14.58 -71.11
CA VAL J 183 19.46 -15.00 -71.37
C VAL J 183 19.02 -15.91 -70.22
N VAL J 184 17.83 -15.61 -69.70
CA VAL J 184 17.15 -16.42 -68.71
C VAL J 184 16.02 -17.22 -69.38
N ASP J 185 16.12 -18.54 -69.32
CA ASP J 185 15.20 -19.50 -69.93
C ASP J 185 14.40 -20.18 -68.80
N ALA J 186 13.21 -19.62 -68.55
CA ALA J 186 12.30 -20.08 -67.51
C ALA J 186 11.14 -20.80 -68.16
N ALA J 187 11.17 -22.12 -67.97
CA ALA J 187 10.11 -22.99 -68.44
C ALA J 187 9.31 -23.53 -67.26
N MET J 188 7.99 -23.42 -67.36
CA MET J 188 7.07 -23.83 -66.29
C MET J 188 7.25 -25.30 -65.95
N VAL J 189 7.59 -26.14 -66.94
CA VAL J 189 7.81 -27.55 -66.67
C VAL J 189 9.01 -27.80 -65.76
N ASP J 190 10.00 -26.89 -65.85
CA ASP J 190 11.20 -26.97 -65.02
C ASP J 190 10.93 -26.36 -63.64
N GLY J 191 10.47 -25.12 -63.61
CA GLY J 191 10.24 -24.40 -62.37
C GLY J 191 9.28 -25.15 -61.45
N SER J 192 8.16 -25.68 -62.00
CA SER J 192 7.20 -26.38 -61.17
C SER J 192 7.82 -27.67 -60.69
N SER J 193 8.75 -28.24 -61.46
CA SER J 193 9.47 -29.39 -60.97
C SER J 193 10.32 -29.05 -59.72
N VAL J 194 11.05 -27.95 -59.73
CA VAL J 194 11.86 -27.57 -58.55
C VAL J 194 10.91 -27.16 -57.42
N LEU J 195 9.80 -26.52 -57.75
CA LEU J 195 8.81 -26.11 -56.78
C LEU J 195 8.35 -27.31 -55.96
N ILE J 196 8.24 -28.50 -56.60
CA ILE J 196 7.74 -29.71 -55.96
C ILE J 196 8.89 -30.62 -55.53
N GLN J 197 10.10 -30.07 -55.37
CA GLN J 197 11.24 -30.92 -55.08
C GLN J 197 11.04 -31.75 -53.80
N MET J 198 10.29 -31.22 -52.83
CA MET J 198 10.12 -31.95 -51.57
C MET J 198 9.42 -33.28 -51.85
N MET J 199 8.47 -33.31 -52.81
CA MET J 199 7.83 -34.57 -53.14
C MET J 199 8.87 -35.51 -53.76
N TRP J 200 9.79 -35.00 -54.59
CA TRP J 200 10.77 -35.88 -55.19
C TRP J 200 11.76 -36.36 -54.11
N ALA J 201 12.04 -35.51 -53.11
CA ALA J 201 12.90 -35.91 -51.99
C ALA J 201 12.26 -37.00 -51.14
N MET J 202 10.97 -36.81 -50.82
CA MET J 202 10.22 -37.79 -50.04
C MET J 202 10.04 -39.07 -50.85
N ARG J 203 9.84 -38.95 -52.17
CA ARG J 203 9.63 -40.15 -52.95
C ARG J 203 10.87 -41.05 -52.88
N ALA J 204 12.07 -40.43 -52.89
CA ALA J 204 13.33 -41.16 -52.88
C ALA J 204 13.60 -41.89 -51.55
N THR J 205 12.95 -41.47 -50.45
CA THR J 205 13.14 -42.06 -49.14
C THR J 205 11.93 -42.88 -48.69
N GLY J 206 11.03 -43.28 -49.60
CA GLY J 206 9.87 -44.09 -49.24
C GLY J 206 8.79 -43.31 -48.48
N MET J 207 8.80 -42.00 -48.52
CA MET J 207 7.84 -41.28 -47.71
C MET J 207 6.77 -40.59 -48.58
N TRP J 208 6.73 -40.91 -49.87
CA TRP J 208 5.74 -40.35 -50.77
C TRP J 208 5.43 -41.41 -51.82
N THR J 209 4.14 -41.67 -52.04
CA THR J 209 3.69 -42.66 -53.01
C THR J 209 2.96 -41.97 -54.16
N ASP J 210 3.01 -42.60 -55.34
CA ASP J 210 2.35 -42.10 -56.53
C ASP J 210 0.84 -42.30 -56.46
N THR J 211 0.35 -43.06 -55.48
CA THR J 211 -1.10 -43.13 -55.25
C THR J 211 -1.65 -41.82 -54.72
N ARG J 212 -2.62 -41.28 -55.44
CA ARG J 212 -3.23 -40.00 -55.12
C ARG J 212 -4.09 -40.16 -53.86
N GLY J 213 -4.10 -39.14 -52.98
CA GLY J 213 -4.92 -39.20 -51.78
C GLY J 213 -4.44 -40.16 -50.69
N ALA J 214 -3.17 -40.57 -50.70
CA ALA J 214 -2.65 -41.56 -49.77
C ALA J 214 -1.33 -41.08 -49.15
N ASN J 215 -1.15 -39.75 -49.04
CA ASN J 215 0.12 -39.21 -48.57
C ASN J 215 -0.13 -38.28 -47.40
N MET J 216 0.95 -37.86 -46.74
CA MET J 216 0.85 -36.93 -45.63
C MET J 216 0.29 -35.57 -46.05
N LEU J 217 0.56 -35.10 -47.28
CA LEU J 217 0.27 -33.70 -47.60
C LEU J 217 -0.75 -33.52 -48.73
N ASP J 218 -1.38 -34.61 -49.23
CA ASP J 218 -2.25 -34.50 -50.38
C ASP J 218 -3.73 -34.54 -49.98
N GLY J 219 -3.98 -34.57 -48.66
CA GLY J 219 -5.32 -34.72 -48.14
C GLY J 219 -5.62 -36.15 -47.70
N GLY J 220 -4.69 -37.08 -47.92
CA GLY J 220 -4.77 -38.43 -47.39
C GLY J 220 -4.73 -38.52 -45.86
N ALA J 221 -3.95 -37.66 -45.20
CA ALA J 221 -3.78 -37.71 -43.73
C ALA J 221 -4.95 -37.02 -43.05
N PRO J 222 -5.64 -37.66 -42.08
CA PRO J 222 -6.74 -37.03 -41.39
C PRO J 222 -6.37 -35.77 -40.62
N TYR J 223 -5.08 -35.61 -40.32
CA TYR J 223 -4.61 -34.42 -39.63
C TYR J 223 -4.09 -33.34 -40.59
N TYR J 224 -4.22 -33.54 -41.91
CA TYR J 224 -3.80 -32.55 -42.90
C TYR J 224 -4.84 -32.59 -44.03
N ASP J 225 -5.96 -31.91 -43.79
CA ASP J 225 -7.16 -31.97 -44.62
C ASP J 225 -8.16 -30.92 -44.14
N THR J 226 -9.20 -30.70 -44.94
CA THR J 226 -10.33 -29.92 -44.53
C THR J 226 -11.41 -30.83 -43.95
N TYR J 227 -12.30 -30.21 -43.16
CA TYR J 227 -13.45 -30.87 -42.56
C TYR J 227 -14.64 -29.93 -42.68
N GLU J 228 -15.80 -30.52 -42.96
CA GLU J 228 -17.04 -29.79 -42.98
C GLU J 228 -17.60 -29.65 -41.57
N CYS J 229 -18.12 -28.44 -41.27
CA CYS J 229 -18.63 -28.06 -39.97
C CYS J 229 -20.16 -28.10 -40.02
N ALA J 230 -20.82 -27.84 -38.88
CA ALA J 230 -22.27 -28.00 -38.79
C ALA J 230 -22.98 -27.03 -39.72
N ASP J 231 -22.35 -25.87 -40.03
CA ASP J 231 -22.98 -24.85 -40.86
C ASP J 231 -22.70 -25.12 -42.35
N GLY J 232 -21.99 -26.20 -42.69
CA GLY J 232 -21.68 -26.47 -44.08
C GLY J 232 -20.43 -25.73 -44.56
N ARG J 233 -19.82 -24.88 -43.71
CA ARG J 233 -18.53 -24.26 -44.00
C ARG J 233 -17.38 -25.19 -43.56
N TYR J 234 -16.12 -24.80 -43.83
CA TYR J 234 -15.00 -25.69 -43.57
C TYR J 234 -13.94 -25.11 -42.63
N VAL J 235 -13.21 -26.03 -41.99
CA VAL J 235 -11.95 -25.72 -41.34
C VAL J 235 -10.87 -26.55 -42.02
N ALA J 236 -9.65 -26.02 -41.91
CA ALA J 236 -8.44 -26.70 -42.28
C ALA J 236 -7.72 -27.16 -41.04
N VAL J 237 -7.22 -28.39 -41.12
CA VAL J 237 -6.40 -28.97 -40.08
C VAL J 237 -5.05 -29.27 -40.67
N GLY J 238 -3.99 -28.77 -40.01
CA GLY J 238 -2.62 -29.01 -40.46
C GLY J 238 -1.69 -29.52 -39.39
N ALA J 239 -2.23 -30.33 -38.46
CA ALA J 239 -1.52 -30.72 -37.25
C ALA J 239 -0.59 -31.90 -37.49
N ILE J 240 0.55 -31.62 -38.13
CA ILE J 240 1.50 -32.64 -38.46
C ILE J 240 2.26 -33.09 -37.21
N GLU J 241 2.86 -32.11 -36.50
CA GLU J 241 3.73 -32.43 -35.35
C GLU J 241 2.88 -33.03 -34.23
N PRO J 242 3.35 -34.07 -33.54
CA PRO J 242 2.51 -34.76 -32.57
C PRO J 242 1.92 -33.84 -31.48
N GLN J 243 2.71 -32.83 -31.03
CA GLN J 243 2.24 -31.99 -29.94
C GLN J 243 1.05 -31.17 -30.44
N PHE J 244 1.09 -30.76 -31.71
CA PHE J 244 0.01 -29.91 -32.22
C PHE J 244 -1.25 -30.76 -32.43
N TYR J 245 -1.02 -31.97 -32.95
CA TYR J 245 -2.09 -32.95 -33.12
C TYR J 245 -2.77 -33.28 -31.79
N ALA J 246 -1.95 -33.54 -30.75
CA ALA J 246 -2.51 -33.76 -29.41
C ALA J 246 -3.38 -32.58 -28.96
N ALA J 247 -2.92 -31.34 -29.23
CA ALA J 247 -3.68 -30.18 -28.82
C ALA J 247 -5.01 -30.15 -29.54
N MET J 248 -4.96 -30.49 -30.83
CA MET J 248 -6.17 -30.46 -31.65
C MET J 248 -7.20 -31.47 -31.09
N LEU J 249 -6.74 -32.69 -30.76
CA LEU J 249 -7.63 -33.73 -30.25
C LEU J 249 -8.31 -33.26 -28.96
N ALA J 250 -7.53 -32.70 -28.03
CA ALA J 250 -8.10 -32.28 -26.75
C ALA J 250 -9.10 -31.18 -26.97
N GLY J 251 -8.83 -30.26 -27.92
CA GLY J 251 -9.79 -29.23 -28.25
C GLY J 251 -11.11 -29.77 -28.83
N LEU J 252 -11.06 -30.90 -29.54
CA LEU J 252 -12.26 -31.50 -30.08
C LEU J 252 -12.98 -32.33 -29.02
N GLY J 253 -12.35 -32.48 -27.85
CA GLY J 253 -12.90 -33.25 -26.74
C GLY J 253 -12.67 -34.74 -26.93
N LEU J 254 -11.66 -35.11 -27.71
CA LEU J 254 -11.41 -36.50 -28.02
C LEU J 254 -10.24 -36.94 -27.18
N ASP J 255 -10.37 -38.13 -26.59
CA ASP J 255 -9.33 -38.68 -25.74
C ASP J 255 -8.41 -39.55 -26.60
N ALA J 256 -7.14 -39.18 -26.68
CA ALA J 256 -6.19 -39.82 -27.58
C ALA J 256 -6.04 -41.31 -27.28
N ALA J 257 -6.22 -41.69 -26.01
CA ALA J 257 -6.02 -43.06 -25.60
C ALA J 257 -7.13 -43.95 -26.16
N GLU J 258 -8.26 -43.38 -26.63
CA GLU J 258 -9.33 -44.15 -27.25
C GLU J 258 -9.28 -44.05 -28.79
N LEU J 259 -8.24 -43.48 -29.40
CA LEU J 259 -8.16 -43.30 -30.86
C LEU J 259 -6.99 -44.12 -31.39
N PRO J 260 -6.97 -44.48 -32.71
CA PRO J 260 -5.80 -45.12 -33.28
C PRO J 260 -4.60 -44.15 -33.30
N PRO J 261 -3.36 -44.65 -33.42
CA PRO J 261 -2.19 -43.79 -33.56
C PRO J 261 -2.28 -42.85 -34.77
N GLN J 262 -1.74 -41.64 -34.58
CA GLN J 262 -1.83 -40.56 -35.53
C GLN J 262 -1.35 -41.04 -36.91
N ASN J 263 -0.28 -41.86 -36.94
CA ASN J 263 0.36 -42.24 -38.19
C ASN J 263 0.21 -43.74 -38.48
N ASP J 264 -0.86 -44.37 -37.98
CA ASP J 264 -1.20 -45.72 -38.43
C ASP J 264 -2.12 -45.58 -39.65
N ARG J 265 -1.51 -45.67 -40.83
CA ARG J 265 -2.20 -45.37 -42.08
C ARG J 265 -3.35 -46.34 -42.29
N ALA J 266 -3.22 -47.60 -41.88
CA ALA J 266 -4.28 -48.58 -42.05
C ALA J 266 -5.55 -48.14 -41.30
N ARG J 267 -5.41 -47.28 -40.28
CA ARG J 267 -6.55 -46.85 -39.49
C ARG J 267 -6.95 -45.39 -39.75
N TRP J 268 -6.32 -44.76 -40.74
CA TRP J 268 -6.71 -43.42 -41.12
C TRP J 268 -8.21 -43.26 -41.41
N PRO J 269 -8.88 -44.19 -42.14
CA PRO J 269 -10.33 -44.07 -42.32
C PRO J 269 -11.10 -43.93 -41.02
N GLU J 270 -10.63 -44.66 -40.00
CA GLU J 270 -11.29 -44.71 -38.70
C GLU J 270 -11.06 -43.40 -37.95
N LEU J 271 -9.80 -42.94 -37.95
CA LEU J 271 -9.47 -41.65 -37.39
C LEU J 271 -10.24 -40.55 -38.08
N ARG J 272 -10.24 -40.55 -39.41
CA ARG J 272 -10.99 -39.57 -40.17
C ARG J 272 -12.46 -39.56 -39.76
N ALA J 273 -13.08 -40.73 -39.60
CA ALA J 273 -14.49 -40.73 -39.20
C ALA J 273 -14.70 -40.00 -37.86
N LEU J 274 -13.84 -40.30 -36.89
CA LEU J 274 -13.99 -39.72 -35.55
C LEU J 274 -13.82 -38.20 -35.63
N LEU J 275 -12.78 -37.75 -36.35
CA LEU J 275 -12.58 -36.31 -36.51
C LEU J 275 -13.73 -35.69 -37.31
N THR J 276 -14.24 -36.40 -38.33
CA THR J 276 -15.37 -35.87 -39.09
C THR J 276 -16.56 -35.60 -38.18
N GLU J 277 -16.88 -36.58 -37.34
CA GLU J 277 -18.01 -36.45 -36.43
C GLU J 277 -17.80 -35.28 -35.48
N ALA J 278 -16.58 -35.07 -34.97
CA ALA J 278 -16.35 -33.98 -34.04
C ALA J 278 -16.49 -32.62 -34.72
N PHE J 279 -15.82 -32.41 -35.85
CA PHE J 279 -15.90 -31.08 -36.48
C PHE J 279 -17.33 -30.76 -36.90
N ALA J 280 -18.09 -31.80 -37.31
CA ALA J 280 -19.45 -31.59 -37.78
C ALA J 280 -20.38 -31.16 -36.64
N SER J 281 -19.95 -31.30 -35.38
CA SER J 281 -20.84 -30.99 -34.26
C SER J 281 -20.94 -29.49 -33.99
N HIS J 282 -20.09 -28.64 -34.56
CA HIS J 282 -20.19 -27.20 -34.34
C HIS J 282 -19.79 -26.48 -35.61
N ASP J 283 -20.19 -25.21 -35.69
CA ASP J 283 -20.00 -24.39 -36.89
C ASP J 283 -18.55 -23.92 -36.98
N ARG J 284 -18.16 -23.43 -38.17
CA ARG J 284 -16.78 -23.02 -38.44
C ARG J 284 -16.34 -21.99 -37.41
N ASP J 285 -17.19 -21.01 -37.14
CA ASP J 285 -16.77 -19.90 -36.30
C ASP J 285 -16.58 -20.38 -34.85
N HIS J 286 -17.33 -21.39 -34.42
CA HIS J 286 -17.06 -22.01 -33.14
C HIS J 286 -15.63 -22.53 -33.08
N TRP J 287 -15.21 -23.31 -34.09
CA TRP J 287 -13.86 -23.86 -34.07
C TRP J 287 -12.79 -22.76 -34.12
N GLY J 288 -13.07 -21.67 -34.80
CA GLY J 288 -12.13 -20.55 -34.89
C GLY J 288 -11.86 -19.93 -33.51
N ALA J 289 -12.91 -19.81 -32.70
CA ALA J 289 -12.81 -19.31 -31.34
C ALA J 289 -12.07 -20.30 -30.41
N VAL J 290 -12.56 -21.53 -30.42
CA VAL J 290 -11.99 -22.65 -29.69
C VAL J 290 -10.48 -22.74 -29.92
N PHE J 291 -10.00 -22.63 -31.18
CA PHE J 291 -8.57 -22.85 -31.40
C PHE J 291 -7.76 -21.55 -31.61
N ALA J 292 -8.37 -20.38 -31.42
CA ALA J 292 -7.59 -19.14 -31.39
C ALA J 292 -6.53 -19.24 -30.29
N ASN J 293 -5.30 -18.81 -30.64
CA ASN J 293 -4.14 -18.75 -29.76
C ASN J 293 -3.60 -20.15 -29.44
N SER J 294 -4.04 -21.16 -30.22
CA SER J 294 -3.64 -22.54 -30.03
C SER J 294 -2.63 -22.92 -31.10
N ASP J 295 -1.79 -23.91 -30.81
CA ASP J 295 -0.94 -24.57 -31.79
C ASP J 295 -1.60 -25.82 -32.44
N ALA J 296 -2.94 -25.93 -32.33
CA ALA J 296 -3.70 -27.05 -32.89
C ALA J 296 -3.67 -27.08 -34.43
N CYS J 297 -3.30 -25.96 -35.08
CA CYS J 297 -3.22 -25.85 -36.53
C CYS J 297 -4.59 -26.07 -37.17
N VAL J 298 -5.59 -25.39 -36.62
CA VAL J 298 -6.94 -25.43 -37.11
C VAL J 298 -7.30 -24.00 -37.47
N THR J 299 -7.73 -23.79 -38.71
CA THR J 299 -8.06 -22.46 -39.18
C THR J 299 -9.35 -22.55 -39.97
N PRO J 300 -10.16 -21.49 -39.95
CA PRO J 300 -11.33 -21.41 -40.80
C PRO J 300 -10.92 -21.26 -42.27
N VAL J 301 -11.64 -21.96 -43.16
CA VAL J 301 -11.44 -21.85 -44.59
C VAL J 301 -12.32 -20.72 -45.10
N LEU J 302 -11.70 -19.57 -45.37
CA LEU J 302 -12.46 -18.41 -45.81
C LEU J 302 -12.59 -18.40 -47.32
N ALA J 303 -13.77 -18.01 -47.80
CA ALA J 303 -13.94 -17.69 -49.20
C ALA J 303 -13.38 -16.28 -49.44
N PHE J 304 -12.90 -16.03 -50.66
CA PHE J 304 -12.39 -14.72 -51.04
C PHE J 304 -13.23 -13.58 -50.44
N GLY J 305 -14.55 -13.63 -50.61
CA GLY J 305 -15.44 -12.55 -50.21
C GLY J 305 -15.49 -12.32 -48.69
N GLU J 306 -14.92 -13.22 -47.89
CA GLU J 306 -14.91 -13.09 -46.43
C GLU J 306 -13.56 -12.64 -45.91
N VAL J 307 -12.51 -12.68 -46.76
CA VAL J 307 -11.13 -12.46 -46.33
C VAL J 307 -10.99 -11.05 -45.74
N HIS J 308 -11.71 -10.08 -46.28
CA HIS J 308 -11.60 -8.69 -45.85
C HIS J 308 -12.12 -8.51 -44.41
N ASN J 309 -12.81 -9.50 -43.84
CA ASN J 309 -13.37 -9.35 -42.49
C ASN J 309 -12.56 -10.11 -41.46
N GLU J 310 -11.44 -10.71 -41.85
CA GLU J 310 -10.61 -11.47 -40.95
C GLU J 310 -9.61 -10.55 -40.28
N PRO J 311 -9.53 -10.52 -38.92
CA PRO J 311 -8.66 -9.55 -38.26
C PRO J 311 -7.18 -9.66 -38.62
N HIS J 312 -6.61 -10.87 -38.74
CA HIS J 312 -5.19 -10.96 -39.04
C HIS J 312 -4.85 -10.41 -40.44
N ILE J 313 -5.80 -10.53 -41.38
CA ILE J 313 -5.67 -9.99 -42.73
C ILE J 313 -5.73 -8.46 -42.66
N ILE J 314 -6.76 -7.95 -41.94
CA ILE J 314 -7.00 -6.51 -41.84
C ILE J 314 -5.77 -5.83 -41.25
N GLU J 315 -5.30 -6.39 -40.14
CA GLU J 315 -4.38 -5.69 -39.29
C GLU J 315 -2.97 -5.71 -39.84
N ARG J 316 -2.64 -6.59 -40.80
CA ARG J 316 -1.35 -6.54 -41.46
C ARG J 316 -1.43 -5.86 -42.85
N ASN J 317 -2.59 -5.37 -43.27
CA ASN J 317 -2.74 -4.72 -44.57
C ASN J 317 -2.17 -5.60 -45.69
N THR J 318 -2.55 -6.87 -45.70
CA THR J 318 -2.24 -7.78 -46.79
C THR J 318 -2.91 -7.34 -48.09
N PHE J 319 -4.07 -6.70 -48.00
CA PHE J 319 -4.87 -6.23 -49.12
C PHE J 319 -5.06 -4.72 -49.03
N TYR J 320 -5.40 -4.13 -50.19
CA TYR J 320 -5.80 -2.73 -50.29
C TYR J 320 -7.01 -2.69 -51.19
N GLU J 321 -7.81 -1.62 -51.07
CA GLU J 321 -8.98 -1.52 -51.89
C GLU J 321 -8.69 -0.62 -53.08
N ALA J 322 -8.90 -1.16 -54.29
CA ALA J 322 -8.69 -0.45 -55.54
C ALA J 322 -10.02 -0.38 -56.26
N ASN J 323 -10.49 0.82 -56.57
CA ASN J 323 -11.34 0.99 -57.73
C ASN J 323 -12.45 -0.08 -57.73
N GLY J 324 -12.14 -1.35 -58.06
CA GLY J 324 -13.18 -2.35 -58.31
C GLY J 324 -13.24 -3.53 -57.33
N GLY J 325 -12.47 -3.46 -56.22
CA GLY J 325 -12.43 -4.52 -55.23
C GLY J 325 -11.04 -4.70 -54.63
N TRP J 326 -10.93 -5.61 -53.67
CA TRP J 326 -9.70 -5.79 -52.93
C TRP J 326 -8.62 -6.43 -53.80
N GLN J 327 -7.37 -6.08 -53.51
CA GLN J 327 -6.23 -6.60 -54.26
C GLN J 327 -5.09 -6.80 -53.28
N PRO J 328 -4.24 -7.81 -53.49
CA PRO J 328 -3.13 -8.02 -52.58
C PRO J 328 -2.08 -6.93 -52.70
N MET J 329 -1.57 -6.48 -51.57
CA MET J 329 -0.45 -5.56 -51.53
C MET J 329 0.80 -6.30 -51.94
N PRO J 330 1.85 -5.59 -52.38
CA PRO J 330 3.10 -6.22 -52.71
C PRO J 330 3.65 -7.15 -51.65
N ALA J 331 4.34 -8.18 -52.12
CA ALA J 331 5.06 -9.09 -51.26
C ALA J 331 6.38 -9.38 -51.93
N PRO J 332 7.43 -9.75 -51.17
CA PRO J 332 7.43 -9.66 -49.71
C PRO J 332 7.60 -8.21 -49.25
N ARG J 333 7.87 -8.03 -47.94
CA ARG J 333 7.96 -6.69 -47.35
C ARG J 333 9.41 -6.38 -46.99
N PHE J 334 9.75 -5.06 -47.06
CA PHE J 334 11.13 -4.58 -46.89
C PHE J 334 11.17 -3.52 -45.77
N SER J 335 12.07 -3.67 -44.79
CA SER J 335 12.13 -2.76 -43.64
C SER J 335 12.53 -1.32 -44.01
N ARG J 336 13.51 -1.13 -44.91
CA ARG J 336 14.01 0.22 -45.19
C ARG J 336 13.37 0.82 -46.45
N THR J 337 13.41 0.10 -47.57
CA THR J 337 12.79 0.58 -48.80
C THR J 337 11.50 -0.16 -49.07
N ALA J 338 10.44 0.22 -48.37
CA ALA J 338 9.14 -0.41 -48.49
C ALA J 338 8.51 -0.10 -49.83
N SER J 339 7.81 -1.07 -50.37
CA SER J 339 6.94 -0.80 -51.51
C SER J 339 5.84 0.14 -51.10
N SER J 340 5.25 0.81 -52.08
CA SER J 340 4.04 1.56 -51.87
C SER J 340 2.85 0.85 -52.49
N GLN J 341 1.67 1.41 -52.23
CA GLN J 341 0.43 0.94 -52.79
C GLN J 341 0.55 0.96 -54.30
N PRO J 342 0.17 -0.10 -55.03
CA PRO J 342 0.29 -0.10 -56.47
C PRO J 342 -0.47 1.02 -57.18
N ARG J 343 0.09 1.48 -58.31
CA ARG J 343 -0.56 2.49 -59.11
C ARG J 343 -1.52 1.76 -60.03
N PRO J 344 -2.78 2.23 -60.12
CA PRO J 344 -3.78 1.52 -60.91
C PRO J 344 -3.38 1.57 -62.39
N PRO J 345 -3.98 0.67 -63.21
CA PRO J 345 -3.78 0.74 -64.66
C PRO J 345 -4.07 2.15 -65.19
N ALA J 346 -3.13 2.66 -66.00
CA ALA J 346 -3.16 4.04 -66.46
C ALA J 346 -3.52 4.08 -67.96
N ALA J 347 -3.71 5.29 -68.51
CA ALA J 347 -3.97 5.44 -69.94
C ALA J 347 -2.69 5.16 -70.75
N THR J 348 -2.89 4.72 -72.00
CA THR J 348 -1.80 4.52 -72.95
C THR J 348 -0.98 5.80 -73.05
N ILE J 349 0.34 5.67 -73.11
CA ILE J 349 1.18 6.83 -73.31
C ILE J 349 1.99 6.62 -74.59
N ASP J 350 2.48 7.72 -75.18
CA ASP J 350 3.23 7.65 -76.43
C ASP J 350 4.64 7.16 -76.12
N ILE J 351 5.11 6.25 -76.96
CA ILE J 351 6.38 5.59 -76.74
C ILE J 351 7.55 6.57 -76.80
N GLU J 352 7.42 7.65 -77.60
CA GLU J 352 8.46 8.67 -77.71
C GLU J 352 8.59 9.42 -76.40
N ALA J 353 7.46 9.67 -75.75
CA ALA J 353 7.44 10.31 -74.44
C ALA J 353 8.31 9.52 -73.47
N VAL J 354 8.30 8.18 -73.57
CA VAL J 354 9.08 7.34 -72.66
C VAL J 354 10.57 7.43 -72.98
N LEU J 355 10.92 7.51 -74.28
CA LEU J 355 12.33 7.59 -74.66
C LEU J 355 12.95 8.88 -74.15
N THR J 356 12.18 9.99 -74.22
CA THR J 356 12.57 11.26 -73.61
C THR J 356 12.85 11.06 -72.13
N ASP J 357 11.85 10.58 -71.39
CA ASP J 357 11.92 10.36 -69.95
C ASP J 357 13.18 9.58 -69.56
N TRP J 358 13.52 8.54 -70.32
CA TRP J 358 14.67 7.70 -70.03
C TRP J 358 15.96 8.31 -70.56
N ASP J 359 15.91 9.58 -70.99
CA ASP J 359 16.89 10.24 -71.86
C ASP J 359 17.74 9.21 -72.60
N MET K 1 -12.36 -53.53 1.03
CA MET K 1 -12.01 -52.08 1.01
C MET K 1 -11.15 -51.76 -0.22
N ALA K 2 -11.68 -50.89 -1.09
CA ALA K 2 -11.04 -50.52 -2.34
C ALA K 2 -9.78 -49.68 -2.08
N GLY K 3 -8.74 -49.91 -2.87
CA GLY K 3 -7.62 -49.01 -2.99
C GLY K 3 -6.33 -49.75 -2.78
N PRO K 4 -5.17 -49.14 -3.07
CA PRO K 4 -3.90 -49.84 -2.92
C PRO K 4 -3.45 -50.13 -1.48
N LEU K 5 -4.05 -49.48 -0.48
CA LEU K 5 -3.66 -49.75 0.91
C LEU K 5 -4.66 -50.65 1.62
N SER K 6 -5.62 -51.25 0.88
CA SER K 6 -6.44 -52.36 1.36
C SER K 6 -5.61 -53.28 2.25
N GLY K 7 -6.13 -53.57 3.45
CA GLY K 7 -5.45 -54.48 4.37
C GLY K 7 -4.55 -53.79 5.40
N LEU K 8 -4.17 -52.53 5.18
CA LEU K 8 -3.30 -51.86 6.12
C LEU K 8 -4.15 -51.39 7.29
N ARG K 9 -3.64 -51.60 8.51
CA ARG K 9 -4.40 -51.25 9.70
C ARG K 9 -3.73 -50.08 10.42
N VAL K 10 -4.54 -49.06 10.71
CA VAL K 10 -3.97 -47.84 11.28
C VAL K 10 -4.78 -47.52 12.51
N VAL K 11 -4.04 -47.17 13.57
CA VAL K 11 -4.65 -46.61 14.76
C VAL K 11 -4.18 -45.15 14.86
N GLU K 12 -5.17 -44.27 14.97
CA GLU K 12 -5.00 -42.83 15.04
C GLU K 12 -5.49 -42.36 16.40
N LEU K 13 -4.56 -41.80 17.17
CA LEU K 13 -4.89 -41.05 18.38
C LEU K 13 -5.34 -39.65 17.98
N ALA K 14 -6.63 -39.39 18.16
CA ALA K 14 -7.29 -38.18 17.69
C ALA K 14 -6.51 -36.93 18.09
N GLY K 15 -6.21 -36.08 17.09
CA GLY K 15 -5.64 -34.77 17.29
C GLY K 15 -6.23 -33.76 16.29
N ILE K 16 -5.43 -32.75 15.91
CA ILE K 16 -5.87 -31.72 14.99
C ILE K 16 -4.83 -31.46 13.89
N GLY K 17 -5.33 -31.10 12.71
CA GLY K 17 -4.47 -30.66 11.63
C GLY K 17 -3.84 -31.84 10.92
N PRO K 18 -2.51 -31.98 10.95
CA PRO K 18 -1.85 -32.93 10.06
C PRO K 18 -2.12 -34.42 10.31
N GLY K 19 -2.13 -34.82 11.59
CA GLY K 19 -2.40 -36.20 11.92
C GLY K 19 -3.68 -36.70 11.29
N PRO K 20 -4.83 -36.02 11.51
CA PRO K 20 -6.08 -36.48 10.91
C PRO K 20 -6.10 -36.40 9.37
N HIS K 21 -5.32 -35.48 8.79
CA HIS K 21 -5.26 -35.37 7.34
C HIS K 21 -4.50 -36.57 6.79
N ALA K 22 -3.41 -36.96 7.45
CA ALA K 22 -2.64 -38.13 7.04
C ALA K 22 -3.50 -39.39 7.18
N ALA K 23 -4.20 -39.49 8.31
CA ALA K 23 -5.06 -40.64 8.54
C ALA K 23 -6.17 -40.65 7.49
N MET K 24 -6.70 -39.47 7.16
CA MET K 24 -7.72 -39.40 6.14
C MET K 24 -7.16 -40.01 4.83
N ILE K 25 -5.93 -39.67 4.46
CA ILE K 25 -5.44 -40.10 3.16
C ILE K 25 -5.22 -41.62 3.12
N LEU K 26 -4.73 -42.19 4.24
CA LEU K 26 -4.56 -43.64 4.33
C LEU K 26 -5.91 -44.29 4.13
N GLY K 27 -6.92 -43.78 4.79
CA GLY K 27 -8.26 -44.33 4.67
C GLY K 27 -8.81 -44.21 3.25
N ASP K 28 -8.55 -43.04 2.63
CA ASP K 28 -8.97 -42.72 1.28
C ASP K 28 -8.49 -43.82 0.33
N LEU K 29 -7.22 -44.21 0.47
CA LEU K 29 -6.57 -45.21 -0.36
C LEU K 29 -6.79 -46.65 0.13
N GLY K 30 -7.69 -46.86 1.10
CA GLY K 30 -8.19 -48.19 1.43
C GLY K 30 -7.76 -48.73 2.79
N ALA K 31 -6.93 -47.99 3.55
CA ALA K 31 -6.48 -48.49 4.83
C ALA K 31 -7.67 -48.59 5.79
N ASP K 32 -7.53 -49.48 6.78
CA ASP K 32 -8.52 -49.63 7.85
C ASP K 32 -8.07 -48.76 9.02
N VAL K 33 -8.79 -47.65 9.22
CA VAL K 33 -8.32 -46.62 10.11
C VAL K 33 -9.29 -46.56 11.28
N VAL K 34 -8.70 -46.73 12.46
CA VAL K 34 -9.44 -46.68 13.70
C VAL K 34 -8.85 -45.54 14.50
N ARG K 35 -9.75 -44.61 14.79
CA ARG K 35 -9.40 -43.37 15.47
C ARG K 35 -9.93 -43.43 16.89
N ILE K 36 -9.02 -43.24 17.84
CA ILE K 36 -9.37 -43.27 19.25
C ILE K 36 -9.52 -41.84 19.74
N ASP K 37 -10.75 -41.41 20.06
CA ASP K 37 -10.99 -40.10 20.62
C ASP K 37 -11.48 -40.19 22.08
N ARG K 38 -11.58 -39.04 22.77
CA ARG K 38 -12.02 -39.00 24.16
C ARG K 38 -13.54 -39.10 24.18
N PRO K 39 -14.16 -39.73 25.20
CA PRO K 39 -15.61 -39.69 25.34
C PRO K 39 -16.10 -38.24 25.36
N SER K 40 -15.42 -37.38 26.16
CA SER K 40 -15.75 -35.95 26.29
C SER K 40 -16.15 -35.33 24.95
N SER K 41 -15.30 -35.50 23.93
CA SER K 41 -15.58 -34.95 22.61
C SER K 41 -16.11 -36.06 21.71
N VAL K 42 -17.44 -36.13 21.62
CA VAL K 42 -18.19 -36.97 20.68
C VAL K 42 -19.68 -36.74 20.95
N ASP K 43 -20.37 -36.14 19.97
CA ASP K 43 -21.80 -35.87 20.01
C ASP K 43 -22.44 -36.32 18.69
N GLY K 44 -22.88 -37.59 18.65
CA GLY K 44 -23.43 -38.16 17.44
C GLY K 44 -22.37 -38.20 16.33
N ILE K 45 -22.82 -38.06 15.08
CA ILE K 45 -21.96 -38.24 13.91
C ILE K 45 -21.22 -36.93 13.67
N SER K 46 -19.90 -37.00 13.40
CA SER K 46 -19.09 -35.80 13.14
C SER K 46 -19.51 -35.14 11.83
N ARG K 47 -19.60 -33.81 11.83
CA ARG K 47 -19.87 -33.12 10.58
C ARG K 47 -18.55 -32.67 9.94
N ASP K 48 -17.40 -33.23 10.36
CA ASP K 48 -16.09 -32.89 9.82
C ASP K 48 -15.72 -33.90 8.72
N ALA K 49 -15.82 -33.46 7.45
CA ALA K 49 -15.60 -34.35 6.31
C ALA K 49 -14.16 -34.87 6.33
N MET K 50 -13.27 -34.26 7.13
CA MET K 50 -11.93 -34.83 7.26
C MET K 50 -11.93 -36.18 7.99
N LEU K 51 -13.00 -36.47 8.78
CA LEU K 51 -13.06 -37.75 9.48
C LEU K 51 -13.76 -38.81 8.62
N ARG K 52 -13.63 -38.69 7.29
CA ARG K 52 -14.20 -39.70 6.40
C ARG K 52 -13.28 -40.91 6.45
N ASN K 53 -13.80 -42.07 6.00
CA ASN K 53 -13.01 -43.31 5.92
C ASN K 53 -12.39 -43.70 7.27
N ARG K 54 -13.17 -43.58 8.36
CA ARG K 54 -12.73 -43.99 9.69
C ARG K 54 -13.79 -44.86 10.36
N ARG K 55 -13.36 -45.67 11.33
CA ARG K 55 -14.23 -46.00 12.46
C ARG K 55 -13.76 -45.22 13.69
N ILE K 56 -14.70 -44.54 14.36
CA ILE K 56 -14.38 -43.78 15.56
C ILE K 56 -14.67 -44.64 16.79
N VAL K 57 -13.68 -44.78 17.68
CA VAL K 57 -13.96 -45.35 19.00
C VAL K 57 -13.51 -44.39 20.09
N THR K 58 -14.30 -44.39 21.17
CA THR K 58 -14.12 -43.52 22.31
C THR K 58 -13.47 -44.36 23.40
N ALA K 59 -12.46 -43.77 24.07
CA ALA K 59 -11.73 -44.42 25.15
C ALA K 59 -10.97 -43.35 25.92
N ASP K 60 -10.93 -43.50 27.24
CA ASP K 60 -10.19 -42.61 28.10
C ASP K 60 -8.83 -43.22 28.37
N LEU K 61 -7.78 -42.68 27.73
CA LEU K 61 -6.46 -43.27 27.76
C LEU K 61 -5.78 -43.01 29.10
N LYS K 62 -6.41 -42.20 29.94
CA LYS K 62 -5.88 -41.99 31.28
C LYS K 62 -6.27 -43.17 32.18
N SER K 63 -7.37 -43.88 31.86
CA SER K 63 -7.83 -45.00 32.67
C SER K 63 -6.99 -46.24 32.35
N ASP K 64 -7.12 -47.28 33.18
CA ASP K 64 -6.36 -48.51 32.98
C ASP K 64 -7.06 -49.35 31.92
N GLN K 65 -8.39 -49.24 31.87
CA GLN K 65 -9.16 -49.98 30.90
C GLN K 65 -8.99 -49.35 29.51
N GLY K 66 -9.14 -48.02 29.46
CA GLY K 66 -8.81 -47.25 28.26
C GLY K 66 -7.43 -47.59 27.69
N LEU K 67 -6.37 -47.53 28.51
CA LEU K 67 -5.03 -47.86 28.03
C LEU K 67 -4.97 -49.29 27.52
N GLU K 68 -5.60 -50.23 28.23
CA GLU K 68 -5.46 -51.64 27.91
C GLU K 68 -6.07 -51.93 26.53
N LEU K 69 -7.30 -51.46 26.34
CA LEU K 69 -8.05 -51.59 25.08
C LEU K 69 -7.27 -50.99 23.92
N ALA K 70 -6.59 -49.86 24.18
CA ALA K 70 -5.80 -49.18 23.16
C ALA K 70 -4.62 -50.07 22.77
N LEU K 71 -3.94 -50.63 23.77
CA LEU K 71 -2.74 -51.43 23.54
C LEU K 71 -3.06 -52.73 22.81
N LYS K 72 -4.33 -53.15 22.89
CA LYS K 72 -4.79 -54.34 22.20
C LYS K 72 -5.01 -54.03 20.72
N LEU K 73 -5.75 -52.94 20.41
CA LEU K 73 -5.91 -52.42 19.05
C LEU K 73 -4.55 -52.34 18.36
N ILE K 74 -3.57 -51.80 19.08
CA ILE K 74 -2.28 -51.45 18.54
C ILE K 74 -1.49 -52.70 18.24
N ALA K 75 -1.66 -53.72 19.10
CA ALA K 75 -0.93 -54.97 18.95
C ALA K 75 -1.21 -55.60 17.58
N LYS K 76 -2.45 -55.42 17.10
CA LYS K 76 -2.98 -55.97 15.84
C LYS K 76 -2.90 -54.96 14.68
N ALA K 77 -2.06 -53.93 14.75
CA ALA K 77 -2.08 -52.87 13.75
C ALA K 77 -0.74 -52.81 13.04
N ASP K 78 -0.71 -52.09 11.91
CA ASP K 78 0.51 -51.82 11.20
C ASP K 78 1.12 -50.47 11.60
N VAL K 79 0.22 -49.51 11.85
CA VAL K 79 0.63 -48.13 12.00
C VAL K 79 -0.11 -47.47 13.16
N LEU K 80 0.65 -46.67 13.91
CA LEU K 80 0.08 -45.73 14.87
C LEU K 80 0.51 -44.31 14.50
N ILE K 81 -0.51 -43.44 14.50
CA ILE K 81 -0.33 -42.01 14.31
C ILE K 81 -0.69 -41.32 15.63
N GLU K 82 0.25 -40.50 16.10
CA GLU K 82 -0.01 -39.55 17.17
C GLU K 82 0.60 -38.20 16.82
N GLY K 83 -0.13 -37.15 17.24
CA GLY K 83 0.26 -35.77 16.98
C GLY K 83 0.16 -34.90 18.24
N TYR K 84 0.61 -35.43 19.38
CA TYR K 84 0.62 -34.69 20.63
C TYR K 84 2.02 -34.13 20.84
N ARG K 85 2.21 -33.29 21.87
CA ARG K 85 3.55 -32.85 22.18
C ARG K 85 4.41 -34.06 22.53
N PRO K 86 5.73 -33.98 22.34
CA PRO K 86 6.66 -35.04 22.75
C PRO K 86 6.48 -35.34 24.22
N GLY K 87 6.48 -36.63 24.60
CA GLY K 87 6.32 -37.05 25.99
C GLY K 87 4.88 -37.40 26.34
N VAL K 88 3.90 -36.97 25.53
CA VAL K 88 2.52 -37.20 25.89
C VAL K 88 2.17 -38.68 25.82
N THR K 89 2.54 -39.37 24.72
CA THR K 89 2.18 -40.77 24.62
C THR K 89 3.03 -41.56 25.63
N GLU K 90 4.29 -41.15 25.81
CA GLU K 90 5.13 -41.85 26.78
C GLU K 90 4.42 -41.96 28.14
N ARG K 91 3.82 -40.85 28.60
CA ARG K 91 3.22 -40.79 29.91
C ARG K 91 1.87 -41.48 29.93
N LEU K 92 1.20 -41.62 28.80
CA LEU K 92 -0.01 -42.43 28.77
C LEU K 92 0.29 -43.94 28.92
N GLY K 93 1.54 -44.35 28.71
CA GLY K 93 1.85 -45.77 28.54
C GLY K 93 1.69 -46.23 27.09
N LEU K 94 1.56 -45.27 26.15
CA LEU K 94 1.43 -45.55 24.72
C LEU K 94 2.67 -45.10 23.95
N GLY K 95 3.80 -44.97 24.64
CA GLY K 95 5.04 -44.53 24.02
C GLY K 95 5.57 -45.57 23.03
N PRO K 96 6.55 -45.23 22.17
CA PRO K 96 7.08 -46.18 21.20
C PRO K 96 7.47 -47.49 21.89
N GLU K 97 8.26 -47.41 22.98
CA GLU K 97 8.85 -48.60 23.58
C GLU K 97 7.80 -49.53 24.17
N GLU K 98 6.80 -48.95 24.83
CA GLU K 98 5.66 -49.72 25.29
C GLU K 98 4.94 -50.40 24.12
N CYS K 99 4.85 -49.71 22.97
CA CYS K 99 4.16 -50.24 21.82
C CYS K 99 5.04 -51.34 21.21
N ALA K 100 6.37 -51.15 21.20
CA ALA K 100 7.31 -52.13 20.70
C ALA K 100 7.23 -53.45 21.50
N LYS K 101 6.79 -53.39 22.75
CA LYS K 101 6.64 -54.59 23.55
C LYS K 101 5.50 -55.45 23.04
N VAL K 102 4.43 -54.86 22.52
CA VAL K 102 3.31 -55.70 22.11
C VAL K 102 3.24 -55.79 20.59
N ASN K 103 4.25 -55.26 19.86
CA ASN K 103 4.17 -55.24 18.40
C ASN K 103 5.44 -54.61 17.83
N ASP K 104 6.47 -55.42 17.60
CA ASP K 104 7.75 -54.89 17.13
C ASP K 104 7.72 -54.66 15.62
N ARG K 105 6.53 -54.83 15.01
CA ARG K 105 6.32 -54.55 13.59
C ARG K 105 5.61 -53.21 13.38
N LEU K 106 5.37 -52.45 14.47
CA LEU K 106 4.57 -51.24 14.37
C LEU K 106 5.39 -50.13 13.70
N ILE K 107 4.76 -49.40 12.77
CA ILE K 107 5.31 -48.11 12.38
C ILE K 107 4.73 -47.06 13.32
N TYR K 108 5.62 -46.43 14.09
CA TYR K 108 5.23 -45.45 15.10
C TYR K 108 5.48 -44.04 14.56
N ALA K 109 4.38 -43.37 14.19
CA ALA K 109 4.44 -42.12 13.45
C ALA K 109 4.08 -40.93 14.35
N ARG K 110 5.08 -40.09 14.56
CA ARG K 110 4.99 -38.94 15.44
C ARG K 110 4.97 -37.62 14.64
N MET K 111 3.80 -36.97 14.65
CA MET K 111 3.52 -35.77 13.86
C MET K 111 3.59 -34.55 14.78
N THR K 112 4.69 -33.78 14.69
CA THR K 112 4.81 -32.54 15.45
C THR K 112 5.16 -31.37 14.52
N GLY K 113 5.20 -30.17 15.12
CA GLY K 113 5.63 -28.97 14.46
C GLY K 113 7.11 -28.74 14.61
N TRP K 114 7.59 -28.85 15.87
CA TRP K 114 8.95 -28.46 16.17
C TRP K 114 9.88 -29.69 16.25
N GLY K 115 9.28 -30.89 16.32
CA GLY K 115 10.06 -32.10 16.49
C GLY K 115 10.10 -32.59 17.95
N GLN K 116 10.89 -33.63 18.16
CA GLN K 116 10.84 -34.47 19.35
C GLN K 116 11.73 -33.87 20.44
N THR K 117 12.73 -33.09 20.07
CA THR K 117 13.64 -32.49 21.04
C THR K 117 14.00 -31.07 20.64
N GLY K 118 14.76 -30.40 21.52
CA GLY K 118 15.34 -29.10 21.26
C GLY K 118 14.51 -27.98 21.89
N PRO K 119 14.99 -26.73 21.87
CA PRO K 119 14.43 -25.68 22.72
C PRO K 119 12.95 -25.33 22.52
N ARG K 120 12.37 -25.59 21.32
CA ARG K 120 11.00 -25.19 21.03
C ARG K 120 10.08 -26.39 21.12
N SER K 121 10.64 -27.55 21.49
CA SER K 121 9.90 -28.79 21.31
C SER K 121 8.70 -28.92 22.24
N GLN K 122 8.58 -28.09 23.30
CA GLN K 122 7.34 -28.16 24.08
C GLN K 122 6.43 -26.94 23.87
N GLN K 123 6.79 -26.01 22.99
CA GLN K 123 5.97 -24.85 22.68
C GLN K 123 4.76 -25.24 21.83
N ALA K 124 3.59 -24.79 22.26
CA ALA K 124 2.42 -24.80 21.42
C ALA K 124 2.70 -23.97 20.16
N GLY K 125 2.01 -24.33 19.09
CA GLY K 125 2.23 -23.70 17.79
C GLY K 125 1.16 -24.14 16.81
N HIS K 126 1.07 -23.38 15.73
CA HIS K 126 0.26 -23.71 14.59
C HIS K 126 1.09 -23.51 13.32
N ASP K 127 0.51 -23.85 12.18
CA ASP K 127 1.18 -23.74 10.89
C ASP K 127 2.02 -22.45 10.78
N ILE K 128 1.40 -21.30 11.07
CA ILE K 128 2.00 -20.00 10.80
C ILE K 128 3.30 -19.83 11.60
N ASN K 129 3.37 -20.47 12.78
CA ASN K 129 4.58 -20.47 13.58
C ASN K 129 5.71 -21.33 12.99
N TYR K 130 5.40 -22.55 12.58
CA TYR K 130 6.41 -23.47 12.02
C TYR K 130 7.05 -22.86 10.77
N ILE K 131 6.23 -22.23 9.90
CA ILE K 131 6.77 -21.68 8.66
C ILE K 131 7.42 -20.32 8.86
N SER K 132 7.25 -19.72 10.04
CA SER K 132 7.86 -18.42 10.24
C SER K 132 9.34 -18.62 10.54
N LEU K 133 9.72 -19.76 11.12
CA LEU K 133 11.06 -19.93 11.67
C LEU K 133 12.06 -20.39 10.61
N ASN K 134 11.56 -20.89 9.46
CA ASN K 134 12.43 -21.50 8.46
C ASN K 134 12.47 -20.70 7.15
N GLY K 135 12.03 -19.43 7.19
CA GLY K 135 12.17 -18.53 6.07
C GLY K 135 10.98 -18.51 5.10
N ILE K 136 10.06 -19.46 5.22
CA ILE K 136 8.99 -19.59 4.26
C ILE K 136 8.00 -18.43 4.34
N LEU K 137 7.49 -18.11 5.54
CA LEU K 137 6.43 -17.11 5.65
C LEU K 137 6.93 -15.75 5.13
N HIS K 138 8.18 -15.45 5.46
CA HIS K 138 8.81 -14.21 5.09
C HIS K 138 8.74 -14.00 3.57
N ALA K 139 8.79 -15.10 2.81
CA ALA K 139 8.80 -15.06 1.36
C ALA K 139 7.43 -14.86 0.72
N ILE K 140 6.35 -14.94 1.49
CA ILE K 140 5.04 -14.97 0.89
C ILE K 140 4.31 -13.64 1.07
N GLY K 141 3.83 -13.09 -0.07
CA GLY K 141 3.04 -11.88 -0.05
C GLY K 141 3.68 -10.78 -0.89
N ARG K 142 3.03 -9.64 -0.97
CA ARG K 142 3.55 -8.50 -1.72
C ARG K 142 4.66 -7.84 -0.94
N GLY K 143 5.58 -7.20 -1.67
CA GLY K 143 6.81 -6.65 -1.13
C GLY K 143 6.54 -5.48 -0.19
N ASP K 144 5.47 -4.76 -0.46
CA ASP K 144 5.20 -3.53 0.27
C ASP K 144 4.29 -3.79 1.49
N GLU K 145 4.06 -5.05 1.86
CA GLU K 145 3.14 -5.37 2.94
C GLU K 145 3.69 -6.47 3.83
N ARG K 146 3.01 -6.71 4.93
CA ARG K 146 3.48 -7.76 5.82
C ARG K 146 3.15 -9.12 5.21
N PRO K 147 3.93 -10.15 5.55
CA PRO K 147 3.75 -11.46 4.92
C PRO K 147 2.35 -12.00 5.22
N VAL K 148 1.88 -12.83 4.30
CA VAL K 148 0.52 -13.29 4.36
C VAL K 148 0.57 -14.81 4.47
N PRO K 149 -0.22 -15.40 5.38
CA PRO K 149 -0.15 -16.82 5.60
C PRO K 149 -0.77 -17.51 4.40
N PRO K 150 -0.15 -18.56 3.85
CA PRO K 150 -0.78 -19.32 2.77
C PRO K 150 -1.72 -20.38 3.29
N LEU K 151 -2.78 -19.90 3.95
CA LEU K 151 -3.65 -20.68 4.79
C LEU K 151 -2.72 -21.55 5.66
N ASN K 152 -3.14 -22.79 5.93
CA ASN K 152 -2.30 -23.69 6.70
C ASN K 152 -1.85 -24.82 5.76
N LEU K 153 -1.65 -24.47 4.50
CA LEU K 153 -1.36 -25.47 3.49
C LEU K 153 0.09 -25.93 3.55
N VAL K 154 1.03 -25.07 3.98
CA VAL K 154 2.44 -25.40 3.76
C VAL K 154 3.05 -26.14 4.96
N GLY K 155 2.70 -25.75 6.17
CA GLY K 155 3.28 -26.37 7.35
C GLY K 155 2.51 -27.63 7.77
N ASP K 156 1.19 -27.50 7.91
CA ASP K 156 0.34 -28.61 8.34
C ASP K 156 0.26 -29.73 7.29
N PHE K 157 -0.05 -29.38 6.02
CA PHE K 157 -0.41 -30.39 5.05
C PHE K 157 0.79 -30.73 4.19
N GLY K 158 1.24 -29.79 3.35
CA GLY K 158 2.38 -30.00 2.47
C GLY K 158 3.65 -30.45 3.16
N GLY K 159 4.03 -29.74 4.22
CA GLY K 159 5.27 -30.05 4.91
C GLY K 159 5.00 -30.84 6.20
N GLY K 160 3.77 -31.25 6.43
CA GLY K 160 3.38 -31.93 7.65
C GLY K 160 2.84 -33.33 7.40
N SER K 161 1.54 -33.42 7.19
CA SER K 161 0.89 -34.69 6.90
C SER K 161 1.56 -35.41 5.75
N MET K 162 1.96 -34.70 4.68
CA MET K 162 2.43 -35.41 3.49
C MET K 162 3.78 -36.02 3.80
N PHE K 163 4.59 -35.42 4.67
CA PHE K 163 5.83 -36.07 5.06
C PHE K 163 5.61 -37.20 6.06
N LEU K 164 4.59 -37.12 6.90
CA LEU K 164 4.26 -38.23 7.78
C LEU K 164 3.89 -39.44 6.90
N LEU K 165 3.03 -39.21 5.91
CA LEU K 165 2.59 -40.25 4.98
C LEU K 165 3.80 -40.88 4.29
N VAL K 166 4.71 -40.05 3.79
CA VAL K 166 5.88 -40.55 3.10
C VAL K 166 6.68 -41.45 4.04
N GLY K 167 6.90 -41.01 5.29
CA GLY K 167 7.67 -41.78 6.25
C GLY K 167 7.00 -43.09 6.62
N ILE K 168 5.71 -43.07 6.83
CA ILE K 168 4.96 -44.28 7.13
C ILE K 168 5.10 -45.30 5.98
N LEU K 169 4.92 -44.84 4.74
CA LEU K 169 4.82 -45.77 3.63
C LEU K 169 6.23 -46.24 3.30
N ALA K 170 7.23 -45.37 3.48
CA ALA K 170 8.60 -45.79 3.31
C ALA K 170 9.02 -46.80 4.39
N ALA K 171 8.53 -46.61 5.62
CA ALA K 171 8.90 -47.51 6.70
C ALA K 171 8.23 -48.87 6.46
N LEU K 172 7.01 -48.90 5.90
CA LEU K 172 6.33 -50.13 5.51
C LEU K 172 7.11 -50.90 4.42
N TRP K 173 7.85 -50.18 3.56
CA TRP K 173 8.73 -50.80 2.59
C TRP K 173 9.95 -51.40 3.29
N GLU K 174 10.54 -50.66 4.23
CA GLU K 174 11.75 -51.11 4.89
C GLU K 174 11.43 -52.39 5.69
N ARG K 175 10.20 -52.45 6.22
CA ARG K 175 9.70 -53.55 7.04
C ARG K 175 9.62 -54.87 6.26
N GLN K 176 9.48 -54.80 4.91
CA GLN K 176 9.32 -55.99 4.10
C GLN K 176 10.63 -56.77 4.11
N SER K 177 11.74 -56.04 4.19
CA SER K 177 13.09 -56.58 4.23
C SER K 177 13.57 -56.89 5.65
N SER K 178 13.18 -56.12 6.67
CA SER K 178 13.82 -56.19 7.98
C SER K 178 13.02 -57.04 8.97
N GLY K 179 11.72 -57.19 8.76
CA GLY K 179 10.83 -57.82 9.72
C GLY K 179 10.28 -56.86 10.78
N LYS K 180 10.78 -55.62 10.85
CA LYS K 180 10.57 -54.76 12.01
C LYS K 180 10.02 -53.38 11.65
N GLY K 181 9.19 -52.84 12.55
CA GLY K 181 8.78 -51.44 12.52
C GLY K 181 9.87 -50.51 13.05
N GLN K 182 9.45 -49.27 13.38
CA GLN K 182 10.35 -48.20 13.80
C GLN K 182 9.56 -46.89 13.92
N VAL K 183 10.27 -45.83 14.35
CA VAL K 183 9.60 -44.57 14.68
C VAL K 183 9.85 -43.60 13.54
N VAL K 184 8.74 -42.99 13.10
CA VAL K 184 8.77 -41.89 12.15
C VAL K 184 8.52 -40.56 12.89
N ASP K 185 9.50 -39.68 12.76
CA ASP K 185 9.54 -38.38 13.38
C ASP K 185 9.37 -37.31 12.29
N ALA K 186 8.11 -36.93 12.07
CA ALA K 186 7.71 -35.92 11.11
C ALA K 186 7.48 -34.57 11.80
N ALA K 187 8.44 -33.63 11.62
CA ALA K 187 8.31 -32.27 12.13
C ALA K 187 8.02 -31.29 10.98
N MET K 188 6.95 -30.51 11.14
CA MET K 188 6.49 -29.58 10.11
C MET K 188 7.61 -28.61 9.75
N VAL K 189 8.48 -28.26 10.70
CA VAL K 189 9.58 -27.35 10.40
C VAL K 189 10.61 -28.00 9.47
N ASP K 190 10.72 -29.33 9.50
CA ASP K 190 11.63 -30.04 8.61
C ASP K 190 10.95 -30.29 7.26
N GLY K 191 9.75 -30.87 7.30
CA GLY K 191 9.00 -31.21 6.11
C GLY K 191 8.83 -29.99 5.20
N SER K 192 8.43 -28.85 5.76
CA SER K 192 8.16 -27.67 4.97
C SER K 192 9.46 -27.14 4.38
N SER K 193 10.58 -27.32 5.06
CA SER K 193 11.88 -26.93 4.58
C SER K 193 12.27 -27.75 3.31
N VAL K 194 12.02 -29.06 3.34
CA VAL K 194 12.25 -29.88 2.14
C VAL K 194 11.24 -29.52 1.04
N LEU K 195 10.01 -29.17 1.42
CA LEU K 195 8.98 -28.79 0.48
C LEU K 195 9.46 -27.58 -0.33
N ILE K 196 10.23 -26.67 0.31
CA ILE K 196 10.68 -25.43 -0.32
C ILE K 196 12.12 -25.59 -0.78
N GLN K 197 12.56 -26.83 -1.05
CA GLN K 197 13.96 -27.02 -1.41
C GLN K 197 14.33 -26.24 -2.67
N MET K 198 13.38 -26.04 -3.60
CA MET K 198 13.72 -25.34 -4.83
C MET K 198 14.21 -23.93 -4.51
N MET K 199 13.61 -23.28 -3.50
CA MET K 199 14.02 -21.93 -3.17
C MET K 199 15.43 -21.92 -2.59
N TRP K 200 15.76 -22.89 -1.73
CA TRP K 200 17.13 -22.98 -1.25
C TRP K 200 18.09 -23.29 -2.39
N ALA K 201 17.64 -24.03 -3.42
CA ALA K 201 18.50 -24.34 -4.59
C ALA K 201 18.79 -23.07 -5.39
N MET K 202 17.73 -22.27 -5.62
CA MET K 202 17.85 -21.06 -6.39
C MET K 202 18.64 -20.01 -5.61
N ARG K 203 18.44 -19.93 -4.30
CA ARG K 203 19.19 -19.00 -3.47
C ARG K 203 20.69 -19.24 -3.62
N ALA K 204 21.09 -20.51 -3.69
CA ALA K 204 22.50 -20.91 -3.76
C ALA K 204 23.15 -20.42 -5.06
N THR K 205 22.36 -20.33 -6.13
CA THR K 205 22.88 -19.99 -7.45
C THR K 205 22.51 -18.57 -7.84
N GLY K 206 22.20 -17.70 -6.88
CA GLY K 206 21.89 -16.31 -7.19
C GLY K 206 20.55 -16.11 -7.89
N MET K 207 19.66 -17.12 -7.88
CA MET K 207 18.43 -17.05 -8.64
C MET K 207 17.21 -16.79 -7.73
N TRP K 208 17.44 -16.49 -6.45
CA TRP K 208 16.36 -16.15 -5.54
C TRP K 208 16.88 -15.23 -4.46
N THR K 209 16.18 -14.13 -4.15
CA THR K 209 16.62 -13.26 -3.06
C THR K 209 15.60 -13.18 -1.93
N ASP K 210 16.06 -12.71 -0.77
CA ASP K 210 15.27 -12.67 0.45
C ASP K 210 14.26 -11.51 0.39
N THR K 211 14.39 -10.63 -0.60
CA THR K 211 13.43 -9.56 -0.80
C THR K 211 12.09 -10.13 -1.26
N ARG K 212 11.06 -9.91 -0.46
CA ARG K 212 9.73 -10.41 -0.72
C ARG K 212 9.16 -9.65 -1.91
N GLY K 213 8.50 -10.38 -2.82
CA GLY K 213 7.82 -9.77 -3.97
C GLY K 213 8.73 -9.38 -5.12
N ALA K 214 9.94 -9.92 -5.15
CA ALA K 214 10.93 -9.53 -6.15
C ALA K 214 11.55 -10.77 -6.80
N ASN K 215 10.80 -11.87 -6.90
CA ASN K 215 11.35 -13.05 -7.52
C ASN K 215 10.45 -13.55 -8.63
N MET K 216 10.92 -14.60 -9.30
CA MET K 216 10.22 -15.15 -10.44
C MET K 216 8.89 -15.79 -10.04
N LEU K 217 8.79 -16.40 -8.84
CA LEU K 217 7.62 -17.18 -8.47
C LEU K 217 6.84 -16.64 -7.25
N ASP K 218 7.13 -15.45 -6.74
CA ASP K 218 6.46 -14.93 -5.53
C ASP K 218 5.42 -13.87 -5.88
N GLY K 219 5.22 -13.64 -7.19
CA GLY K 219 4.35 -12.56 -7.63
C GLY K 219 5.12 -11.35 -8.18
N GLY K 220 6.45 -11.29 -7.99
CA GLY K 220 7.25 -10.19 -8.52
C GLY K 220 7.28 -10.13 -10.06
N ALA K 221 7.26 -11.29 -10.72
CA ALA K 221 7.34 -11.33 -12.18
C ALA K 221 5.97 -11.05 -12.76
N PRO K 222 5.88 -10.09 -13.71
CA PRO K 222 4.62 -9.80 -14.34
C PRO K 222 4.01 -10.95 -15.12
N TYR K 223 4.85 -11.91 -15.54
CA TYR K 223 4.33 -13.10 -16.22
C TYR K 223 4.01 -14.27 -15.27
N TYR K 224 4.10 -14.05 -13.95
CA TYR K 224 3.74 -15.07 -12.96
C TYR K 224 3.07 -14.39 -11.78
N ASP K 225 1.77 -14.15 -11.93
CA ASP K 225 0.99 -13.31 -11.03
C ASP K 225 -0.46 -13.35 -11.48
N THR K 226 -1.36 -12.80 -10.66
CA THR K 226 -2.74 -12.64 -11.01
C THR K 226 -2.96 -11.23 -11.56
N TYR K 227 -4.04 -11.09 -12.34
CA TYR K 227 -4.46 -9.83 -12.91
C TYR K 227 -5.95 -9.68 -12.74
N GLU K 228 -6.39 -8.45 -12.45
CA GLU K 228 -7.80 -8.16 -12.33
C GLU K 228 -8.40 -7.88 -13.71
N CYS K 229 -9.61 -8.42 -13.96
CA CYS K 229 -10.27 -8.24 -15.24
C CYS K 229 -11.35 -7.17 -15.12
N ALA K 230 -12.05 -6.89 -16.23
CA ALA K 230 -13.03 -5.82 -16.33
C ALA K 230 -14.18 -6.01 -15.33
N ASP K 231 -14.44 -7.28 -14.97
CA ASP K 231 -15.55 -7.62 -14.10
C ASP K 231 -15.10 -7.70 -12.63
N GLY K 232 -13.87 -7.40 -12.31
CA GLY K 232 -13.42 -7.49 -10.92
C GLY K 232 -13.00 -8.92 -10.52
N ARG K 233 -13.12 -9.90 -11.44
CA ARG K 233 -12.56 -11.23 -11.22
C ARG K 233 -11.14 -11.31 -11.75
N TYR K 234 -10.48 -12.47 -11.58
CA TYR K 234 -9.04 -12.53 -11.80
C TYR K 234 -8.69 -13.66 -12.76
N VAL K 235 -7.58 -13.46 -13.47
CA VAL K 235 -6.90 -14.52 -14.15
C VAL K 235 -5.54 -14.67 -13.49
N ALA K 236 -4.99 -15.86 -13.68
CA ALA K 236 -3.64 -16.21 -13.33
C ALA K 236 -2.86 -16.39 -14.62
N VAL K 237 -1.65 -15.83 -14.56
CA VAL K 237 -0.70 -15.90 -15.64
C VAL K 237 0.53 -16.58 -15.11
N GLY K 238 1.00 -17.61 -15.83
CA GLY K 238 2.16 -18.40 -15.45
C GLY K 238 3.13 -18.66 -16.60
N ALA K 239 3.27 -17.69 -17.51
CA ALA K 239 3.98 -17.92 -18.75
C ALA K 239 5.46 -17.69 -18.55
N ILE K 240 6.12 -18.67 -17.93
CA ILE K 240 7.54 -18.54 -17.62
C ILE K 240 8.36 -18.73 -18.92
N GLU K 241 8.11 -19.82 -19.64
CA GLU K 241 8.92 -20.16 -20.80
C GLU K 241 8.70 -19.14 -21.91
N PRO K 242 9.73 -18.72 -22.64
CA PRO K 242 9.55 -17.68 -23.66
C PRO K 242 8.42 -17.87 -24.68
N GLN K 243 8.21 -19.11 -25.16
CA GLN K 243 7.24 -19.38 -26.22
CA GLN K 243 7.23 -19.39 -26.23
C GLN K 243 5.83 -19.20 -25.67
N PHE K 244 5.65 -19.58 -24.41
CA PHE K 244 4.37 -19.46 -23.73
C PHE K 244 4.07 -17.98 -23.51
N TYR K 245 5.09 -17.24 -23.08
CA TYR K 245 4.96 -15.81 -22.85
C TYR K 245 4.58 -15.11 -24.15
N ALA K 246 5.26 -15.47 -25.25
CA ALA K 246 4.96 -14.89 -26.58
C ALA K 246 3.52 -15.16 -26.98
N ALA K 247 3.02 -16.38 -26.71
CA ALA K 247 1.65 -16.70 -27.06
C ALA K 247 0.71 -15.84 -26.23
N MET K 248 1.06 -15.59 -24.97
CA MET K 248 0.18 -14.78 -24.11
C MET K 248 0.07 -13.34 -24.65
N LEU K 249 1.21 -12.74 -24.98
CA LEU K 249 1.22 -11.39 -25.53
C LEU K 249 0.36 -11.27 -26.79
N ALA K 250 0.49 -12.24 -27.72
CA ALA K 250 -0.29 -12.15 -28.96
C ALA K 250 -1.77 -12.22 -28.63
N GLY K 251 -2.13 -13.08 -27.67
CA GLY K 251 -3.51 -13.22 -27.27
C GLY K 251 -4.09 -11.95 -26.65
N LEU K 252 -3.24 -11.13 -26.03
CA LEU K 252 -3.68 -9.84 -25.50
C LEU K 252 -3.64 -8.75 -26.58
N GLY K 253 -3.17 -9.07 -27.78
CA GLY K 253 -3.05 -8.03 -28.81
C GLY K 253 -1.81 -7.17 -28.64
N LEU K 254 -0.80 -7.64 -27.90
CA LEU K 254 0.36 -6.81 -27.64
C LEU K 254 1.51 -7.28 -28.51
N ASP K 255 2.17 -6.32 -29.14
CA ASP K 255 3.26 -6.58 -30.07
C ASP K 255 4.53 -6.60 -29.21
N ALA K 256 5.16 -7.76 -29.15
CA ALA K 256 6.33 -7.98 -28.33
C ALA K 256 7.45 -7.00 -28.67
N ALA K 257 7.46 -6.52 -29.91
CA ALA K 257 8.45 -5.56 -30.37
C ALA K 257 8.33 -4.25 -29.61
N GLU K 258 7.12 -3.90 -29.17
CA GLU K 258 6.84 -2.65 -28.46
C GLU K 258 7.06 -2.73 -26.95
N LEU K 259 7.48 -3.89 -26.41
CA LEU K 259 7.47 -4.11 -24.97
C LEU K 259 8.90 -4.32 -24.52
N PRO K 260 9.18 -4.04 -23.23
CA PRO K 260 10.46 -4.37 -22.65
C PRO K 260 10.68 -5.88 -22.68
N PRO K 261 11.95 -6.34 -22.55
CA PRO K 261 12.25 -7.76 -22.44
C PRO K 261 11.52 -8.42 -21.26
N GLN K 262 11.09 -9.67 -21.48
CA GLN K 262 10.38 -10.44 -20.46
C GLN K 262 11.12 -10.41 -19.13
N ASN K 263 12.45 -10.56 -19.14
CA ASN K 263 13.20 -10.76 -17.90
C ASN K 263 14.17 -9.62 -17.63
N ASP K 264 13.88 -8.43 -18.16
CA ASP K 264 14.54 -7.23 -17.70
C ASP K 264 13.81 -6.69 -16.46
N ARG K 265 14.35 -6.99 -15.28
CA ARG K 265 13.61 -6.80 -14.05
C ARG K 265 13.45 -5.31 -13.76
N ALA K 266 14.42 -4.49 -14.18
CA ALA K 266 14.30 -3.06 -14.01
C ALA K 266 13.03 -2.52 -14.66
N ARG K 267 12.54 -3.17 -15.73
CA ARG K 267 11.36 -2.66 -16.40
C ARG K 267 10.12 -3.48 -16.10
N TRP K 268 10.21 -4.33 -15.07
CA TRP K 268 9.04 -5.10 -14.67
C TRP K 268 7.84 -4.20 -14.34
N PRO K 269 7.97 -3.07 -13.59
CA PRO K 269 6.82 -2.24 -13.31
C PRO K 269 6.12 -1.81 -14.61
N GLU K 270 6.92 -1.45 -15.60
CA GLU K 270 6.41 -0.95 -16.85
C GLU K 270 5.67 -2.06 -17.60
N LEU K 271 6.25 -3.26 -17.62
CA LEU K 271 5.63 -4.41 -18.25
C LEU K 271 4.32 -4.77 -17.55
N ARG K 272 4.36 -4.81 -16.22
CA ARG K 272 3.18 -5.09 -15.43
C ARG K 272 2.05 -4.13 -15.81
N ALA K 273 2.42 -2.88 -16.11
CA ALA K 273 1.42 -1.84 -16.29
C ALA K 273 0.67 -2.09 -17.60
N LEU K 274 1.43 -2.49 -18.60
CA LEU K 274 0.87 -2.82 -19.91
C LEU K 274 -0.02 -4.05 -19.87
N LEU K 275 0.41 -5.11 -19.17
CA LEU K 275 -0.43 -6.29 -18.98
C LEU K 275 -1.69 -5.98 -18.17
N THR K 276 -1.55 -5.18 -17.12
CA THR K 276 -2.67 -4.74 -16.32
C THR K 276 -3.75 -4.08 -17.16
N GLU K 277 -3.34 -3.14 -18.00
CA GLU K 277 -4.30 -2.47 -18.86
C GLU K 277 -4.95 -3.48 -19.82
N ALA K 278 -4.18 -4.41 -20.38
CA ALA K 278 -4.78 -5.34 -21.33
C ALA K 278 -5.81 -6.27 -20.67
N PHE K 279 -5.46 -6.87 -19.53
CA PHE K 279 -6.33 -7.81 -18.85
C PHE K 279 -7.57 -7.09 -18.33
N ALA K 280 -7.43 -5.83 -17.91
CA ALA K 280 -8.54 -5.06 -17.39
C ALA K 280 -9.53 -4.69 -18.50
N SER K 281 -9.19 -4.90 -19.78
CA SER K 281 -10.07 -4.45 -20.86
C SER K 281 -11.23 -5.44 -21.12
N HIS K 282 -11.19 -6.63 -20.52
CA HIS K 282 -12.24 -7.61 -20.76
C HIS K 282 -12.40 -8.45 -19.49
N ASP K 283 -13.51 -9.20 -19.43
CA ASP K 283 -13.88 -9.94 -18.25
C ASP K 283 -13.17 -11.29 -18.24
N ARG K 284 -13.16 -11.91 -17.05
CA ARG K 284 -12.44 -13.14 -16.83
C ARG K 284 -12.84 -14.19 -17.86
N ASP K 285 -14.14 -14.35 -18.10
CA ASP K 285 -14.53 -15.45 -18.96
C ASP K 285 -14.12 -15.19 -20.42
N HIS K 286 -14.03 -13.92 -20.84
CA HIS K 286 -13.46 -13.58 -22.13
C HIS K 286 -12.07 -14.18 -22.24
N TRP K 287 -11.22 -13.96 -21.22
CA TRP K 287 -9.86 -14.48 -21.26
C TRP K 287 -9.84 -15.99 -21.21
N GLY K 288 -10.84 -16.59 -20.53
CA GLY K 288 -10.92 -18.05 -20.52
C GLY K 288 -11.15 -18.59 -21.93
N ALA K 289 -12.08 -17.97 -22.66
CA ALA K 289 -12.38 -18.34 -24.04
C ALA K 289 -11.16 -18.12 -24.97
N VAL K 290 -10.53 -16.95 -24.86
CA VAL K 290 -9.43 -16.55 -25.73
C VAL K 290 -8.27 -17.52 -25.59
N PHE K 291 -8.00 -17.99 -24.37
CA PHE K 291 -6.80 -18.77 -24.16
C PHE K 291 -7.07 -20.27 -24.02
N ALA K 292 -8.34 -20.66 -24.15
CA ALA K 292 -8.65 -22.09 -24.24
C ALA K 292 -7.80 -22.73 -25.34
N ASN K 293 -7.19 -23.89 -25.02
CA ASN K 293 -6.38 -24.69 -25.93
C ASN K 293 -5.04 -24.05 -26.25
N SER K 294 -4.66 -22.98 -25.54
CA SER K 294 -3.38 -22.32 -25.75
C SER K 294 -2.38 -22.75 -24.69
N ASP K 295 -1.12 -22.51 -25.02
CA ASP K 295 0.00 -22.66 -24.14
C ASP K 295 0.40 -21.33 -23.49
N ALA K 296 -0.49 -20.35 -23.48
CA ALA K 296 -0.24 -19.03 -22.90
C ALA K 296 -0.21 -19.04 -21.36
N CYS K 297 -0.61 -20.15 -20.74
CA CYS K 297 -0.59 -20.30 -19.28
C CYS K 297 -1.43 -19.21 -18.62
N VAL K 298 -2.63 -18.98 -19.15
CA VAL K 298 -3.61 -18.08 -18.57
C VAL K 298 -4.82 -18.92 -18.16
N THR K 299 -5.24 -18.80 -16.89
CA THR K 299 -6.37 -19.56 -16.37
C THR K 299 -7.25 -18.61 -15.57
N PRO K 300 -8.57 -18.87 -15.50
CA PRO K 300 -9.46 -18.12 -14.63
C PRO K 300 -9.18 -18.54 -13.19
N VAL K 301 -9.24 -17.55 -12.30
CA VAL K 301 -9.06 -17.79 -10.88
C VAL K 301 -10.45 -18.02 -10.31
N LEU K 302 -10.76 -19.27 -10.02
CA LEU K 302 -12.11 -19.63 -9.59
C LEU K 302 -12.18 -19.63 -8.07
N ALA K 303 -13.28 -19.07 -7.53
CA ALA K 303 -13.60 -19.22 -6.13
C ALA K 303 -14.15 -20.62 -5.88
N PHE K 304 -13.94 -21.15 -4.65
CA PHE K 304 -14.46 -22.47 -4.27
C PHE K 304 -15.87 -22.73 -4.82
N GLY K 305 -16.79 -21.79 -4.64
CA GLY K 305 -18.19 -21.97 -5.05
C GLY K 305 -18.40 -22.12 -6.57
N GLU K 306 -17.40 -21.73 -7.39
CA GLU K 306 -17.49 -21.83 -8.85
C GLU K 306 -16.88 -23.12 -9.38
N VAL K 307 -16.03 -23.78 -8.59
CA VAL K 307 -15.21 -24.87 -9.06
C VAL K 307 -16.09 -25.98 -9.65
N HIS K 308 -17.29 -26.16 -9.10
CA HIS K 308 -18.18 -27.24 -9.50
C HIS K 308 -18.73 -27.05 -10.91
N ASN K 309 -18.58 -25.84 -11.49
CA ASN K 309 -19.09 -25.51 -12.81
C ASN K 309 -17.98 -25.47 -13.85
N GLU K 310 -16.76 -25.89 -13.51
CA GLU K 310 -15.68 -25.86 -14.47
C GLU K 310 -15.59 -27.25 -15.13
N PRO K 311 -15.74 -27.29 -16.47
CA PRO K 311 -15.69 -28.55 -17.22
C PRO K 311 -14.52 -29.47 -16.87
N HIS K 312 -13.29 -28.93 -16.82
CA HIS K 312 -12.15 -29.81 -16.58
C HIS K 312 -12.25 -30.48 -15.19
N ILE K 313 -12.90 -29.81 -14.23
CA ILE K 313 -13.07 -30.35 -12.89
C ILE K 313 -14.16 -31.43 -12.94
N ILE K 314 -15.31 -31.11 -13.54
CA ILE K 314 -16.44 -32.02 -13.61
C ILE K 314 -16.02 -33.30 -14.31
N GLU K 315 -15.36 -33.14 -15.45
CA GLU K 315 -15.15 -34.27 -16.34
C GLU K 315 -14.10 -35.22 -15.80
N ARG K 316 -13.23 -34.78 -14.88
CA ARG K 316 -12.28 -35.71 -14.29
C ARG K 316 -12.73 -36.21 -12.92
N ASN K 317 -13.85 -35.73 -12.41
CA ASN K 317 -14.38 -36.22 -11.13
C ASN K 317 -13.37 -35.94 -10.02
N THR K 318 -12.84 -34.71 -9.99
CA THR K 318 -11.94 -34.31 -8.91
C THR K 318 -12.72 -34.26 -7.58
N PHE K 319 -14.02 -33.93 -7.65
CA PHE K 319 -14.90 -33.78 -6.51
C PHE K 319 -16.09 -34.73 -6.59
N TYR K 320 -16.71 -35.03 -5.41
CA TYR K 320 -18.00 -35.70 -5.27
C TYR K 320 -18.86 -34.89 -4.30
N GLU K 321 -20.18 -35.05 -4.35
CA GLU K 321 -21.08 -34.38 -3.42
C GLU K 321 -21.23 -35.20 -2.14
N ALA K 322 -21.13 -34.54 -0.99
CA ALA K 322 -21.26 -35.19 0.32
C ALA K 322 -22.03 -34.28 1.28
N ASN K 323 -23.34 -34.56 1.43
CA ASN K 323 -24.17 -33.93 2.46
C ASN K 323 -23.86 -32.44 2.59
N GLY K 324 -24.53 -31.62 1.77
CA GLY K 324 -24.36 -30.17 1.77
C GLY K 324 -22.90 -29.73 1.60
N GLY K 325 -22.21 -30.28 0.59
CA GLY K 325 -20.87 -29.81 0.26
C GLY K 325 -20.09 -30.77 -0.65
N TRP K 326 -19.51 -30.19 -1.71
CA TRP K 326 -18.48 -30.85 -2.51
C TRP K 326 -17.24 -31.09 -1.65
N GLN K 327 -16.56 -32.19 -1.96
CA GLN K 327 -15.37 -32.62 -1.28
C GLN K 327 -14.49 -33.25 -2.33
N PRO K 328 -13.16 -33.23 -2.16
CA PRO K 328 -12.25 -33.82 -3.15
C PRO K 328 -12.19 -35.33 -3.05
N MET K 329 -12.14 -35.98 -4.21
CA MET K 329 -11.96 -37.41 -4.28
C MET K 329 -10.53 -37.71 -3.92
N PRO K 330 -10.22 -38.95 -3.52
CA PRO K 330 -8.87 -39.34 -3.21
C PRO K 330 -7.90 -39.00 -4.31
N ALA K 331 -6.66 -38.74 -3.88
CA ALA K 331 -5.55 -38.54 -4.78
C ALA K 331 -4.35 -39.21 -4.15
N PRO K 332 -3.35 -39.67 -4.95
CA PRO K 332 -3.47 -39.69 -6.41
C PRO K 332 -4.38 -40.83 -6.88
N ARG K 333 -4.39 -41.09 -8.19
CA ARG K 333 -5.25 -42.13 -8.77
C ARG K 333 -4.42 -43.35 -9.21
N PHE K 334 -5.10 -44.52 -9.19
CA PHE K 334 -4.44 -45.81 -9.39
C PHE K 334 -5.18 -46.59 -10.48
N SER K 335 -4.45 -47.17 -11.45
CA SER K 335 -5.10 -47.82 -12.60
C SER K 335 -5.77 -49.14 -12.19
N ARG K 336 -5.11 -49.93 -11.31
CA ARG K 336 -5.61 -51.27 -11.01
C ARG K 336 -6.41 -51.28 -9.71
N THR K 337 -5.86 -50.73 -8.61
CA THR K 337 -6.58 -50.72 -7.34
C THR K 337 -7.10 -49.31 -7.03
N ALA K 338 -8.16 -48.93 -7.71
CA ALA K 338 -8.71 -47.58 -7.61
C ALA K 338 -9.39 -47.39 -6.26
N SER K 339 -9.18 -46.21 -5.68
CA SER K 339 -9.89 -45.81 -4.49
C SER K 339 -11.37 -45.72 -4.83
N SER K 340 -12.26 -45.77 -3.84
CA SER K 340 -13.66 -45.47 -4.08
C SER K 340 -14.07 -44.16 -3.39
N GLN K 341 -15.29 -43.72 -3.69
CA GLN K 341 -15.90 -42.58 -3.03
C GLN K 341 -15.75 -42.74 -1.51
N PRO K 342 -15.14 -41.78 -0.78
CA PRO K 342 -15.00 -41.91 0.66
C PRO K 342 -16.29 -42.29 1.40
N ARG K 343 -16.14 -43.07 2.47
CA ARG K 343 -17.25 -43.32 3.36
C ARG K 343 -17.41 -42.12 4.30
N PRO K 344 -18.64 -41.57 4.43
CA PRO K 344 -18.87 -40.40 5.27
C PRO K 344 -18.59 -40.74 6.74
N PRO K 345 -18.39 -39.73 7.61
CA PRO K 345 -18.32 -39.98 9.05
C PRO K 345 -19.52 -40.80 9.56
N ALA K 346 -19.24 -41.83 10.36
CA ALA K 346 -20.25 -42.77 10.84
C ALA K 346 -20.38 -42.68 12.37
N ALA K 347 -21.43 -43.31 12.91
CA ALA K 347 -21.67 -43.32 14.35
C ALA K 347 -20.45 -43.92 15.08
N THR K 348 -20.21 -43.46 16.32
CA THR K 348 -19.18 -44.03 17.19
C THR K 348 -19.37 -45.55 17.18
N ILE K 349 -18.29 -46.29 17.05
CA ILE K 349 -18.35 -47.75 17.11
C ILE K 349 -17.78 -48.16 18.46
N ASP K 350 -17.97 -49.44 18.80
CA ASP K 350 -17.57 -50.00 20.07
C ASP K 350 -16.21 -50.69 19.93
N ILE K 351 -15.27 -50.40 20.85
CA ILE K 351 -13.89 -50.79 20.61
C ILE K 351 -13.75 -52.31 20.66
N GLU K 352 -14.57 -52.98 21.47
CA GLU K 352 -14.56 -54.43 21.56
C GLU K 352 -14.94 -55.01 20.20
N ALA K 353 -15.95 -54.41 19.53
CA ALA K 353 -16.39 -54.86 18.22
C ALA K 353 -15.23 -54.86 17.21
N VAL K 354 -14.37 -53.83 17.25
CA VAL K 354 -13.25 -53.73 16.33
C VAL K 354 -12.24 -54.85 16.59
N LEU K 355 -11.94 -55.12 17.86
CA LEU K 355 -10.99 -56.17 18.21
C LEU K 355 -11.46 -57.55 17.74
N THR K 356 -12.76 -57.83 17.92
CA THR K 356 -13.37 -59.01 17.33
C THR K 356 -12.96 -59.07 15.86
N ASP K 357 -13.41 -58.04 15.11
CA ASP K 357 -13.19 -57.91 13.68
C ASP K 357 -11.70 -58.07 13.35
N TRP K 358 -10.81 -57.46 14.11
CA TRP K 358 -9.40 -57.71 13.93
C TRP K 358 -9.00 -59.01 14.66
N ASP K 359 -9.46 -60.16 14.15
CA ASP K 359 -8.90 -61.50 14.41
C ASP K 359 -9.38 -62.15 15.71
N GLY K 360 -8.86 -61.69 16.86
CA GLY K 360 -9.05 -62.41 18.12
C GLY K 360 -8.46 -61.65 19.31
N MET L 1 23.63 -47.80 0.78
CA MET L 1 22.81 -46.54 0.73
C MET L 1 21.91 -46.46 1.98
N ALA L 2 22.11 -45.42 2.78
CA ALA L 2 21.41 -45.22 4.05
C ALA L 2 19.97 -44.79 3.83
N GLY L 3 19.06 -45.34 4.65
CA GLY L 3 17.73 -44.82 4.81
C GLY L 3 16.72 -45.93 4.54
N PRO L 4 15.43 -45.70 4.79
CA PRO L 4 14.44 -46.77 4.69
C PRO L 4 14.14 -47.28 3.28
N LEU L 5 14.53 -46.50 2.27
CA LEU L 5 14.22 -46.88 0.90
C LEU L 5 15.41 -47.58 0.26
N SER L 6 16.47 -47.88 1.04
CA SER L 6 17.61 -48.62 0.51
C SER L 6 17.14 -49.79 -0.36
N GLY L 7 17.72 -49.94 -1.55
CA GLY L 7 17.37 -51.06 -2.43
C GLY L 7 16.23 -50.78 -3.41
N LEU L 8 15.44 -49.70 -3.20
CA LEU L 8 14.43 -49.31 -4.18
C LEU L 8 15.15 -48.66 -5.36
N ARG L 9 14.81 -49.12 -6.57
CA ARG L 9 15.40 -48.59 -7.80
C ARG L 9 14.38 -47.76 -8.58
N VAL L 10 14.84 -46.55 -8.95
CA VAL L 10 13.96 -45.59 -9.60
C VAL L 10 14.61 -45.05 -10.88
N VAL L 11 13.77 -44.99 -11.92
CA VAL L 11 14.16 -44.35 -13.17
C VAL L 11 13.33 -43.08 -13.35
N GLU L 12 14.07 -41.98 -13.53
CA GLU L 12 13.47 -40.65 -13.55
C GLU L 12 13.67 -40.05 -14.93
N LEU L 13 12.57 -39.84 -15.67
CA LEU L 13 12.67 -39.12 -16.94
C LEU L 13 12.71 -37.61 -16.66
N ALA L 14 13.86 -37.00 -16.90
CA ALA L 14 14.13 -35.63 -16.49
C ALA L 14 13.05 -34.67 -16.98
N GLY L 15 12.49 -33.95 -16.00
CA GLY L 15 11.49 -32.91 -16.22
C GLY L 15 11.76 -31.74 -15.27
N ILE L 16 10.73 -30.94 -15.01
CA ILE L 16 10.91 -29.79 -14.11
C ILE L 16 9.84 -29.84 -13.02
N GLY L 17 10.19 -29.35 -11.84
CA GLY L 17 9.21 -29.14 -10.80
C GLY L 17 8.90 -30.37 -9.96
N PRO L 18 7.66 -30.85 -9.94
CA PRO L 18 7.31 -31.94 -9.03
C PRO L 18 8.07 -33.24 -9.24
N GLY L 19 8.19 -33.66 -10.51
CA GLY L 19 8.88 -34.89 -10.86
C GLY L 19 10.25 -34.96 -10.21
N PRO L 20 11.14 -33.97 -10.43
CA PRO L 20 12.45 -34.01 -9.78
C PRO L 20 12.45 -33.92 -8.25
N HIS L 21 11.40 -33.31 -7.68
CA HIS L 21 11.37 -33.10 -6.23
C HIS L 21 11.00 -34.44 -5.61
N ALA L 22 10.05 -35.14 -6.23
CA ALA L 22 9.67 -36.48 -5.82
C ALA L 22 10.90 -37.40 -5.87
N ALA L 23 11.62 -37.35 -6.99
CA ALA L 23 12.80 -38.19 -7.15
C ALA L 23 13.84 -37.85 -6.10
N MET L 24 14.05 -36.55 -5.83
CA MET L 24 14.99 -36.11 -4.82
C MET L 24 14.66 -36.75 -3.47
N ILE L 25 13.38 -36.74 -3.09
CA ILE L 25 12.98 -37.24 -1.78
C ILE L 25 13.19 -38.76 -1.74
N LEU L 26 12.83 -39.48 -2.82
CA LEU L 26 13.07 -40.92 -2.85
C LEU L 26 14.55 -41.20 -2.60
N GLY L 27 15.43 -40.47 -3.25
CA GLY L 27 16.86 -40.69 -3.11
C GLY L 27 17.38 -40.25 -1.74
N ASP L 28 16.78 -39.17 -1.21
CA ASP L 28 17.12 -38.68 0.11
C ASP L 28 16.95 -39.81 1.11
N LEU L 29 15.86 -40.58 0.97
CA LEU L 29 15.50 -41.66 1.88
C LEU L 29 16.14 -43.03 1.55
N GLY L 30 17.15 -43.03 0.67
CA GLY L 30 17.98 -44.19 0.41
C GLY L 30 17.78 -44.84 -0.96
N ALA L 31 16.70 -44.52 -1.69
CA ALA L 31 16.45 -45.13 -2.99
C ALA L 31 17.59 -44.86 -3.98
N ASP L 32 17.68 -45.76 -4.99
CA ASP L 32 18.66 -45.72 -6.05
C ASP L 32 18.03 -45.11 -7.31
N VAL L 33 18.37 -43.83 -7.55
CA VAL L 33 17.63 -43.02 -8.52
C VAL L 33 18.52 -42.73 -9.73
N VAL L 34 18.02 -43.14 -10.91
CA VAL L 34 18.74 -42.86 -12.13
C VAL L 34 17.88 -41.94 -13.00
N ARG L 35 18.48 -40.80 -13.32
CA ARG L 35 17.78 -39.73 -14.00
C ARG L 35 18.31 -39.66 -15.45
N ILE L 36 17.41 -39.92 -16.39
CA ILE L 36 17.72 -39.90 -17.81
C ILE L 36 17.34 -38.52 -18.34
N ASP L 37 18.36 -37.72 -18.73
CA ASP L 37 18.17 -36.43 -19.37
C ASP L 37 18.62 -36.48 -20.83
N ARG L 38 18.27 -35.44 -21.61
CA ARG L 38 18.76 -35.17 -22.97
C ARG L 38 20.26 -34.93 -22.99
N PRO L 39 21.03 -35.49 -23.97
CA PRO L 39 22.40 -35.03 -24.24
C PRO L 39 22.47 -33.52 -24.45
N SER L 40 21.56 -32.96 -25.27
CA SER L 40 21.46 -31.51 -25.48
C SER L 40 21.69 -30.76 -24.16
N SER L 41 20.89 -31.08 -23.13
CA SER L 41 20.65 -30.17 -22.03
C SER L 41 21.70 -30.29 -20.93
N VAL L 42 22.32 -31.47 -20.76
CA VAL L 42 23.31 -31.66 -19.72
C VAL L 42 24.66 -31.19 -20.24
N ASP L 43 25.44 -30.56 -19.35
CA ASP L 43 26.59 -29.77 -19.75
C ASP L 43 27.56 -29.61 -18.59
N GLY L 44 28.01 -30.73 -18.00
CA GLY L 44 28.88 -30.71 -16.83
C GLY L 44 28.13 -31.14 -15.55
N ILE L 45 28.65 -30.73 -14.39
CA ILE L 45 28.02 -31.01 -13.10
C ILE L 45 26.95 -29.96 -12.80
N SER L 46 25.69 -30.39 -12.62
CA SER L 46 24.54 -29.51 -12.40
C SER L 46 24.71 -28.77 -11.07
N ARG L 47 24.41 -27.47 -11.05
CA ARG L 47 24.49 -26.70 -9.81
C ARG L 47 23.12 -26.60 -9.13
N ASP L 48 22.18 -27.49 -9.52
CA ASP L 48 20.84 -27.53 -8.96
C ASP L 48 20.79 -28.58 -7.85
N ALA L 49 20.75 -28.09 -6.62
CA ALA L 49 20.83 -28.94 -5.45
C ALA L 49 19.64 -29.86 -5.41
N MET L 50 18.59 -29.55 -6.19
CA MET L 50 17.46 -30.46 -6.23
C MET L 50 17.87 -31.79 -6.90
N LEU L 51 18.98 -31.80 -7.65
CA LEU L 51 19.38 -33.04 -8.32
C LEU L 51 20.40 -33.82 -7.47
N ARG L 52 20.43 -33.57 -6.15
CA ARG L 52 21.16 -34.41 -5.23
C ARG L 52 20.59 -35.83 -5.21
N ASN L 53 21.44 -36.77 -4.75
CA ASN L 53 21.11 -38.17 -4.51
C ASN L 53 20.66 -38.84 -5.81
N ARG L 54 21.40 -38.58 -6.91
CA ARG L 54 21.10 -39.10 -8.24
C ARG L 54 22.35 -39.71 -8.88
N ARG L 55 22.11 -40.58 -9.86
CA ARG L 55 23.04 -40.74 -10.96
C ARG L 55 22.37 -40.24 -12.23
N ILE L 56 23.08 -39.39 -12.96
CA ILE L 56 22.60 -38.78 -14.19
C ILE L 56 23.12 -39.56 -15.40
N VAL L 57 22.22 -39.90 -16.32
CA VAL L 57 22.62 -40.43 -17.62
C VAL L 57 21.84 -39.71 -18.73
N THR L 58 22.35 -39.86 -19.97
CA THR L 58 21.90 -39.13 -21.16
C THR L 58 21.49 -40.12 -22.23
N ALA L 59 20.41 -39.82 -22.95
CA ALA L 59 19.91 -40.70 -23.99
C ALA L 59 18.88 -39.95 -24.83
N ASP L 60 19.07 -39.99 -26.16
CA ASP L 60 18.11 -39.46 -27.09
C ASP L 60 17.01 -40.50 -27.24
N LEU L 61 15.88 -40.24 -26.59
CA LEU L 61 14.86 -41.26 -26.45
C LEU L 61 14.05 -41.37 -27.74
N LYS L 62 14.30 -40.46 -28.69
CA LYS L 62 13.70 -40.55 -30.02
C LYS L 62 14.54 -41.40 -30.99
N SER L 63 15.82 -41.59 -30.67
CA SER L 63 16.67 -42.57 -31.35
C SER L 63 16.23 -43.99 -30.97
N ASP L 64 16.62 -44.97 -31.82
CA ASP L 64 16.30 -46.37 -31.59
C ASP L 64 17.14 -46.94 -30.43
N GLN L 65 18.37 -46.45 -30.28
CA GLN L 65 19.28 -46.93 -29.26
C GLN L 65 18.86 -46.42 -27.88
N GLY L 66 18.60 -45.09 -27.81
CA GLY L 66 18.00 -44.44 -26.67
C GLY L 66 16.84 -45.25 -26.09
N LEU L 67 15.80 -45.50 -26.90
CA LEU L 67 14.60 -46.18 -26.45
C LEU L 67 14.93 -47.54 -25.86
N GLU L 68 15.92 -48.22 -26.45
CA GLU L 68 16.24 -49.60 -26.09
C GLU L 68 16.98 -49.61 -24.75
N LEU L 69 17.99 -48.74 -24.58
CA LEU L 69 18.70 -48.60 -23.32
C LEU L 69 17.73 -48.24 -22.18
N ALA L 70 16.92 -47.19 -22.38
CA ALA L 70 15.96 -46.77 -21.36
C ALA L 70 15.04 -47.95 -21.00
N LEU L 71 14.60 -48.74 -22.00
CA LEU L 71 13.68 -49.84 -21.73
C LEU L 71 14.38 -50.94 -20.91
N LYS L 72 15.71 -51.01 -20.99
CA LYS L 72 16.47 -52.00 -20.22
C LYS L 72 16.58 -51.57 -18.76
N LEU L 73 16.82 -50.27 -18.51
CA LEU L 73 16.79 -49.72 -17.16
C LEU L 73 15.42 -49.96 -16.54
N ILE L 74 14.38 -49.54 -17.23
CA ILE L 74 13.03 -49.74 -16.72
C ILE L 74 12.76 -51.20 -16.36
N ALA L 75 13.30 -52.16 -17.14
CA ALA L 75 13.09 -53.58 -16.92
C ALA L 75 13.58 -54.01 -15.54
N LYS L 76 14.68 -53.40 -15.08
CA LYS L 76 15.35 -53.68 -13.81
C LYS L 76 14.93 -52.78 -12.64
N ALA L 77 13.96 -51.90 -12.80
CA ALA L 77 13.69 -50.86 -11.80
C ALA L 77 12.37 -51.13 -11.12
N ASP L 78 12.12 -50.48 -9.97
CA ASP L 78 10.83 -50.63 -9.30
C ASP L 78 9.84 -49.56 -9.74
N VAL L 79 10.38 -48.38 -10.08
CA VAL L 79 9.55 -47.20 -10.28
C VAL L 79 10.08 -46.40 -11.46
N LEU L 80 9.12 -45.94 -12.27
CA LEU L 80 9.42 -44.94 -13.28
C LEU L 80 8.66 -43.64 -12.95
N ILE L 81 9.37 -42.52 -13.05
CA ILE L 81 8.77 -41.19 -12.91
C ILE L 81 8.87 -40.43 -14.23
N GLU L 82 7.72 -39.94 -14.71
CA GLU L 82 7.73 -39.03 -15.84
C GLU L 82 6.76 -37.89 -15.59
N GLY L 83 7.18 -36.68 -15.99
CA GLY L 83 6.36 -35.50 -15.85
C GLY L 83 6.14 -34.73 -17.15
N TYR L 84 5.97 -35.43 -18.29
CA TYR L 84 5.70 -34.78 -19.55
C TYR L 84 4.20 -34.69 -19.74
N ARG L 85 3.77 -33.96 -20.79
CA ARG L 85 2.38 -33.95 -21.15
C ARG L 85 1.91 -35.37 -21.42
N PRO L 86 0.63 -35.67 -21.19
CA PRO L 86 0.12 -37.00 -21.50
C PRO L 86 0.28 -37.26 -22.99
N GLY L 87 0.43 -38.53 -23.36
CA GLY L 87 0.69 -38.91 -24.73
C GLY L 87 2.18 -38.93 -25.02
N VAL L 88 2.99 -38.18 -24.26
CA VAL L 88 4.37 -38.05 -24.69
C VAL L 88 5.14 -39.36 -24.56
N THR L 89 5.11 -40.02 -23.39
CA THR L 89 5.86 -41.26 -23.25
C THR L 89 5.27 -42.30 -24.22
N GLU L 90 3.96 -42.29 -24.40
CA GLU L 90 3.34 -43.18 -25.35
C GLU L 90 4.05 -43.09 -26.71
N ARG L 91 4.17 -41.86 -27.24
CA ARG L 91 4.80 -41.58 -28.52
C ARG L 91 6.25 -42.04 -28.52
N LEU L 92 6.98 -41.83 -27.43
CA LEU L 92 8.36 -42.27 -27.40
C LEU L 92 8.45 -43.80 -27.33
N GLY L 93 7.34 -44.50 -27.13
CA GLY L 93 7.40 -45.95 -26.89
C GLY L 93 7.78 -46.36 -25.45
N LEU L 94 7.60 -45.44 -24.50
CA LEU L 94 7.84 -45.70 -23.09
C LEU L 94 6.55 -45.54 -22.29
N GLY L 95 5.40 -45.69 -22.94
CA GLY L 95 4.11 -45.63 -22.29
C GLY L 95 3.97 -46.72 -21.25
N PRO L 96 2.91 -46.67 -20.40
CA PRO L 96 2.67 -47.72 -19.41
C PRO L 96 2.60 -49.11 -20.07
N GLU L 97 1.95 -49.25 -21.24
CA GLU L 97 1.69 -50.56 -21.83
C GLU L 97 3.00 -51.18 -22.34
N GLU L 98 3.81 -50.39 -23.01
CA GLU L 98 5.13 -50.83 -23.43
C GLU L 98 5.97 -51.24 -22.24
N CYS L 99 5.90 -50.45 -21.15
CA CYS L 99 6.72 -50.74 -19.98
C CYS L 99 6.25 -52.04 -19.31
N ALA L 100 4.92 -52.26 -19.26
CA ALA L 100 4.31 -53.46 -18.69
C ALA L 100 4.77 -54.72 -19.43
N LYS L 101 5.07 -54.60 -20.73
CA LYS L 101 5.58 -55.72 -21.49
C LYS L 101 6.95 -56.13 -20.95
N VAL L 102 7.77 -55.19 -20.42
CA VAL L 102 9.10 -55.57 -20.01
C VAL L 102 9.22 -55.71 -18.49
N ASN L 103 8.18 -55.34 -17.71
CA ASN L 103 8.29 -55.32 -16.24
C ASN L 103 6.91 -55.09 -15.64
N ASP L 104 6.17 -56.18 -15.37
CA ASP L 104 4.84 -56.00 -14.84
C ASP L 104 4.88 -55.69 -13.33
N ARG L 105 6.07 -55.54 -12.74
CA ARG L 105 6.20 -55.13 -11.33
C ARG L 105 6.38 -53.59 -11.23
N LEU L 106 6.44 -52.90 -12.37
CA LEU L 106 6.82 -51.49 -12.42
C LEU L 106 5.71 -50.64 -11.84
N ILE L 107 6.12 -49.68 -11.00
CA ILE L 107 5.22 -48.60 -10.63
C ILE L 107 5.48 -47.45 -11.60
N TYR L 108 4.44 -47.13 -12.37
CA TYR L 108 4.54 -46.17 -13.45
C TYR L 108 3.86 -44.89 -13.00
N ALA L 109 4.72 -43.92 -12.63
CA ALA L 109 4.28 -42.73 -11.89
C ALA L 109 4.25 -41.52 -12.82
N ARG L 110 3.04 -41.02 -13.06
CA ARG L 110 2.77 -39.96 -14.01
C ARG L 110 2.39 -38.66 -13.29
N MET L 111 3.31 -37.69 -13.37
CA MET L 111 3.23 -36.40 -12.69
C MET L 111 2.78 -35.31 -13.67
N THR L 112 1.53 -34.85 -13.55
CA THR L 112 1.06 -33.78 -14.41
C THR L 112 0.35 -32.75 -13.54
N GLY L 113 -0.13 -31.70 -14.20
CA GLY L 113 -0.90 -30.68 -13.54
C GLY L 113 -2.38 -30.96 -13.66
N TRP L 114 -2.81 -31.23 -14.91
CA TRP L 114 -4.22 -31.23 -15.25
C TRP L 114 -4.76 -32.67 -15.28
N GLY L 115 -3.86 -33.63 -15.34
CA GLY L 115 -4.26 -35.03 -15.36
C GLY L 115 -4.11 -35.63 -16.75
N GLN L 116 -4.62 -36.86 -16.91
CA GLN L 116 -4.29 -37.65 -18.10
C GLN L 116 -5.35 -37.42 -19.19
N THR L 117 -6.51 -36.91 -18.81
CA THR L 117 -7.62 -36.70 -19.72
C THR L 117 -8.24 -35.37 -19.34
N GLY L 118 -9.19 -34.95 -20.17
CA GLY L 118 -10.01 -33.79 -19.93
C GLY L 118 -9.61 -32.62 -20.82
N PRO L 119 -10.44 -31.56 -20.90
CA PRO L 119 -10.22 -30.50 -21.88
C PRO L 119 -8.92 -29.71 -21.72
N ARG L 120 -8.34 -29.66 -20.51
CA ARG L 120 -7.13 -28.84 -20.29
C ARG L 120 -5.90 -29.69 -20.32
N SER L 121 -6.09 -30.99 -20.58
CA SER L 121 -5.03 -31.97 -20.40
C SER L 121 -3.80 -31.72 -21.25
N GLN L 122 -3.93 -31.02 -22.40
CA GLN L 122 -2.74 -30.77 -23.21
C GLN L 122 -2.20 -29.33 -23.09
N GLN L 123 -2.85 -28.49 -22.29
CA GLN L 123 -2.37 -27.13 -22.08
C GLN L 123 -1.12 -27.09 -21.21
N ALA L 124 -0.11 -26.33 -21.65
CA ALA L 124 1.02 -26.01 -20.80
C ALA L 124 0.51 -25.25 -19.58
N GLY L 125 1.29 -25.31 -18.52
CA GLY L 125 0.86 -24.69 -17.28
C GLY L 125 1.93 -24.75 -16.21
N HIS L 126 1.73 -23.92 -15.19
CA HIS L 126 2.58 -23.95 -14.00
C HIS L 126 1.69 -23.99 -12.76
N ASP L 127 2.36 -24.04 -11.60
CA ASP L 127 1.69 -24.15 -10.31
C ASP L 127 0.53 -23.19 -10.21
N ILE L 128 0.78 -21.92 -10.51
CA ILE L 128 -0.24 -20.87 -10.40
C ILE L 128 -1.52 -21.20 -11.18
N ASN L 129 -1.38 -21.92 -12.31
CA ASN L 129 -2.53 -22.26 -13.13
C ASN L 129 -3.33 -23.39 -12.49
N TYR L 130 -2.63 -24.42 -11.99
CA TYR L 130 -3.33 -25.55 -11.40
C TYR L 130 -4.11 -25.14 -10.15
N ILE L 131 -3.51 -24.29 -9.30
CA ILE L 131 -4.22 -23.82 -8.10
C ILE L 131 -5.26 -22.73 -8.37
N SER L 132 -5.26 -22.14 -9.57
CA SER L 132 -6.28 -21.17 -9.89
C SER L 132 -7.59 -21.87 -10.15
N LEU L 133 -7.57 -23.09 -10.66
CA LEU L 133 -8.80 -23.68 -11.16
C LEU L 133 -9.61 -24.33 -10.04
N ASN L 134 -9.00 -24.62 -8.88
CA ASN L 134 -9.68 -25.43 -7.87
C ASN L 134 -9.99 -24.63 -6.61
N GLY L 135 -9.94 -23.30 -6.69
CA GLY L 135 -10.33 -22.46 -5.58
C GLY L 135 -9.20 -22.00 -4.66
N ILE L 136 -8.02 -22.61 -4.76
CA ILE L 136 -6.94 -22.41 -3.81
C ILE L 136 -6.35 -21.00 -3.93
N LEU L 137 -6.01 -20.57 -5.15
CA LEU L 137 -5.35 -19.29 -5.35
C LEU L 137 -6.27 -18.14 -4.94
N HIS L 138 -7.56 -18.25 -5.32
CA HIS L 138 -8.55 -17.25 -4.97
C HIS L 138 -8.51 -17.01 -3.45
N ALA L 139 -8.16 -18.05 -2.67
CA ALA L 139 -8.25 -17.95 -1.22
C ALA L 139 -7.04 -17.30 -0.55
N ILE L 140 -6.00 -16.99 -1.32
CA ILE L 140 -4.75 -16.55 -0.73
C ILE L 140 -4.48 -15.08 -0.97
N GLY L 141 -4.17 -14.36 0.13
CA GLY L 141 -3.85 -12.95 0.05
C GLY L 141 -4.79 -12.08 0.89
N ARG L 142 -4.48 -10.80 0.93
CA ARG L 142 -5.32 -9.84 1.64
C ARG L 142 -6.62 -9.60 0.87
N GLY L 143 -7.67 -9.22 1.59
CA GLY L 143 -8.98 -9.06 1.00
C GLY L 143 -9.10 -7.82 0.08
N ASP L 144 -8.24 -6.83 0.25
CA ASP L 144 -8.36 -5.59 -0.52
C ASP L 144 -7.52 -5.66 -1.80
N GLU L 145 -6.93 -6.84 -2.11
CA GLU L 145 -5.90 -6.99 -3.11
C GLU L 145 -6.16 -8.23 -3.96
N ARG L 146 -5.50 -8.33 -5.10
CA ARG L 146 -5.69 -9.49 -5.95
C ARG L 146 -4.93 -10.67 -5.36
N PRO L 147 -5.31 -11.92 -5.66
CA PRO L 147 -4.70 -13.07 -5.00
C PRO L 147 -3.19 -13.09 -5.25
N VAL L 148 -2.45 -13.68 -4.33
CA VAL L 148 -1.02 -13.73 -4.44
C VAL L 148 -0.58 -15.19 -4.42
N PRO L 149 0.35 -15.59 -5.31
CA PRO L 149 0.80 -16.97 -5.33
C PRO L 149 1.62 -17.28 -4.10
N PRO L 150 1.29 -18.44 -3.46
CA PRO L 150 2.06 -18.96 -2.34
C PRO L 150 3.31 -19.67 -2.87
N LEU L 151 4.20 -18.90 -3.52
CA LEU L 151 5.29 -19.44 -4.31
C LEU L 151 4.72 -20.55 -5.18
N ASN L 152 5.54 -21.58 -5.45
CA ASN L 152 5.01 -22.78 -6.09
C ASN L 152 4.97 -23.94 -5.10
N LEU L 153 4.47 -23.71 -3.89
CA LEU L 153 4.54 -24.71 -2.84
C LEU L 153 3.33 -25.62 -2.87
N VAL L 154 2.19 -25.09 -3.28
CA VAL L 154 0.95 -25.78 -3.04
C VAL L 154 0.63 -26.73 -4.20
N GLY L 155 0.93 -26.31 -5.44
CA GLY L 155 0.59 -27.12 -6.60
C GLY L 155 1.72 -28.08 -6.93
N ASP L 156 2.91 -27.56 -7.18
CA ASP L 156 4.05 -28.40 -7.51
C ASP L 156 4.38 -29.39 -6.39
N PHE L 157 4.51 -28.91 -5.14
CA PHE L 157 5.20 -29.73 -4.14
C PHE L 157 4.17 -30.36 -3.22
N GLY L 158 3.50 -29.56 -2.40
CA GLY L 158 2.51 -30.07 -1.49
C GLY L 158 1.46 -30.91 -2.20
N GLY L 159 0.89 -30.37 -3.26
CA GLY L 159 -0.23 -31.02 -3.94
C GLY L 159 0.21 -31.81 -5.18
N GLY L 160 1.51 -31.93 -5.40
CA GLY L 160 2.04 -32.46 -6.66
C GLY L 160 2.98 -33.63 -6.40
N SER L 161 4.25 -33.30 -6.20
CA SER L 161 5.29 -34.26 -5.87
C SER L 161 4.93 -35.11 -4.65
N MET L 162 4.30 -34.52 -3.61
CA MET L 162 4.09 -35.27 -2.38
C MET L 162 3.04 -36.35 -2.61
N PHE L 163 2.06 -36.06 -3.48
CA PHE L 163 1.03 -37.03 -3.80
C PHE L 163 1.58 -38.10 -4.73
N LEU L 164 2.53 -37.74 -5.59
CA LEU L 164 3.21 -38.73 -6.42
C LEU L 164 3.94 -39.71 -5.51
N LEU L 165 4.61 -39.16 -4.48
CA LEU L 165 5.35 -39.96 -3.54
C LEU L 165 4.41 -40.91 -2.79
N VAL L 166 3.25 -40.42 -2.35
CA VAL L 166 2.34 -41.26 -1.59
C VAL L 166 1.80 -42.37 -2.49
N GLY L 167 1.47 -42.01 -3.75
CA GLY L 167 1.05 -42.98 -4.75
C GLY L 167 2.10 -44.06 -5.02
N ILE L 168 3.34 -43.65 -5.30
CA ILE L 168 4.41 -44.60 -5.51
C ILE L 168 4.45 -45.57 -4.31
N LEU L 169 4.52 -45.03 -3.09
CA LEU L 169 4.82 -45.88 -1.95
C LEU L 169 3.60 -46.74 -1.65
N ALA L 170 2.39 -46.25 -1.86
CA ALA L 170 1.21 -47.05 -1.61
C ALA L 170 1.15 -48.21 -2.62
N ALA L 171 1.45 -47.93 -3.89
CA ALA L 171 1.50 -48.94 -4.94
C ALA L 171 2.54 -50.01 -4.61
N LEU L 172 3.70 -49.61 -4.06
CA LEU L 172 4.71 -50.56 -3.61
C LEU L 172 4.19 -51.46 -2.48
N TRP L 173 3.39 -50.92 -1.56
CA TRP L 173 2.80 -51.72 -0.51
C TRP L 173 1.88 -52.77 -1.14
N GLU L 174 0.95 -52.30 -1.98
CA GLU L 174 -0.01 -53.13 -2.68
C GLU L 174 0.70 -54.26 -3.44
N ARG L 175 1.86 -53.96 -4.01
CA ARG L 175 2.61 -54.88 -4.84
C ARG L 175 3.21 -56.02 -4.03
N GLN L 176 3.38 -55.80 -2.72
CA GLN L 176 3.94 -56.84 -1.89
C GLN L 176 3.01 -58.06 -1.87
N SER L 177 1.69 -57.84 -1.92
CA SER L 177 0.79 -58.97 -1.94
C SER L 177 0.41 -59.37 -3.37
N SER L 178 0.35 -58.43 -4.34
CA SER L 178 -0.20 -58.74 -5.65
C SER L 178 0.86 -59.26 -6.62
N GLY L 179 2.16 -59.01 -6.35
CA GLY L 179 3.23 -59.25 -7.30
C GLY L 179 3.20 -58.30 -8.52
N LYS L 180 2.21 -57.39 -8.59
CA LYS L 180 2.03 -56.51 -9.76
C LYS L 180 2.19 -55.02 -9.44
N GLY L 181 2.86 -54.28 -10.35
CA GLY L 181 2.81 -52.83 -10.39
C GLY L 181 1.49 -52.28 -10.94
N GLN L 182 1.49 -50.97 -11.22
CA GLN L 182 0.35 -50.28 -11.81
C GLN L 182 0.77 -48.83 -12.10
N VAL L 183 -0.19 -48.08 -12.62
CA VAL L 183 0.02 -46.68 -12.95
C VAL L 183 -0.51 -45.81 -11.81
N VAL L 184 0.32 -44.86 -11.43
CA VAL L 184 -0.05 -43.79 -10.50
C VAL L 184 -0.25 -42.48 -11.29
N ASP L 185 -1.49 -42.01 -11.31
CA ASP L 185 -1.85 -40.77 -11.97
C ASP L 185 -1.99 -39.64 -10.93
N ALA L 186 -0.90 -38.87 -10.74
CA ALA L 186 -0.82 -37.75 -9.80
C ALA L 186 -0.91 -36.41 -10.54
N ALA L 187 -2.12 -35.81 -10.43
CA ALA L 187 -2.39 -34.51 -11.00
C ALA L 187 -2.40 -33.44 -9.91
N MET L 188 -1.70 -32.31 -10.15
CA MET L 188 -1.58 -31.25 -9.14
C MET L 188 -2.93 -30.66 -8.79
N VAL L 189 -3.83 -30.63 -9.77
CA VAL L 189 -5.15 -30.08 -9.52
C VAL L 189 -5.98 -30.98 -8.60
N ASP L 190 -5.67 -32.27 -8.57
CA ASP L 190 -6.34 -33.19 -7.64
C ASP L 190 -5.67 -33.16 -6.24
N GLY L 191 -4.35 -33.41 -6.21
CA GLY L 191 -3.55 -33.45 -5.01
C GLY L 191 -3.70 -32.19 -4.16
N SER L 192 -3.70 -31.02 -4.81
CA SER L 192 -3.79 -29.76 -4.11
C SER L 192 -5.22 -29.60 -3.57
N SER L 193 -6.20 -30.22 -4.23
CA SER L 193 -7.56 -30.23 -3.71
C SER L 193 -7.65 -31.03 -2.40
N VAL L 194 -6.95 -32.14 -2.32
CA VAL L 194 -6.99 -32.97 -1.13
C VAL L 194 -6.13 -32.28 -0.07
N LEU L 195 -5.07 -31.60 -0.52
CA LEU L 195 -4.25 -30.83 0.41
C LEU L 195 -5.11 -29.83 1.17
N ILE L 196 -6.12 -29.22 0.51
CA ILE L 196 -6.95 -28.17 1.10
C ILE L 196 -8.30 -28.74 1.55
N GLN L 197 -8.33 -30.05 1.82
CA GLN L 197 -9.58 -30.68 2.21
C GLN L 197 -10.20 -29.97 3.42
N MET L 198 -9.40 -29.45 4.35
CA MET L 198 -9.97 -28.88 5.57
C MET L 198 -10.87 -27.69 5.24
N MET L 199 -10.47 -26.91 4.22
CA MET L 199 -11.25 -25.75 3.83
C MET L 199 -12.57 -26.20 3.21
N TRP L 200 -12.54 -27.27 2.39
CA TRP L 200 -13.78 -27.82 1.85
C TRP L 200 -14.67 -28.34 3.01
N ALA L 201 -14.03 -28.93 4.02
CA ALA L 201 -14.74 -29.43 5.19
C ALA L 201 -15.41 -28.26 5.91
N MET L 202 -14.65 -27.20 6.14
CA MET L 202 -15.13 -26.06 6.93
C MET L 202 -16.20 -25.31 6.12
N ARG L 203 -16.06 -25.30 4.80
CA ARG L 203 -17.02 -24.60 3.95
C ARG L 203 -18.39 -25.25 4.07
N ALA L 204 -18.42 -26.60 4.09
CA ALA L 204 -19.63 -27.39 4.27
C ALA L 204 -20.34 -27.07 5.59
N THR L 205 -19.62 -26.64 6.63
CA THR L 205 -20.25 -26.47 7.92
C THR L 205 -20.42 -24.99 8.23
N GLY L 206 -20.37 -24.12 7.23
CA GLY L 206 -20.53 -22.70 7.49
C GLY L 206 -19.33 -22.03 8.16
N MET L 207 -18.16 -22.69 8.20
CA MET L 207 -17.01 -22.24 8.97
C MET L 207 -15.92 -21.64 8.07
N TRP L 208 -16.18 -21.52 6.76
CA TRP L 208 -15.22 -20.94 5.82
C TRP L 208 -16.01 -20.29 4.68
N THR L 209 -15.67 -19.06 4.31
CA THR L 209 -16.35 -18.45 3.18
C THR L 209 -15.36 -18.12 2.07
N ASP L 210 -15.91 -17.90 0.88
CA ASP L 210 -15.11 -17.65 -0.30
C ASP L 210 -14.55 -16.23 -0.34
N THR L 211 -14.94 -15.37 0.61
CA THR L 211 -14.33 -14.04 0.70
C THR L 211 -12.88 -14.16 1.17
N ARG L 212 -11.98 -13.61 0.37
CA ARG L 212 -10.56 -13.67 0.68
C ARG L 212 -10.26 -12.76 1.88
N GLY L 213 -9.38 -13.22 2.78
CA GLY L 213 -8.91 -12.44 3.90
C GLY L 213 -9.94 -12.26 5.03
N ALA L 214 -10.97 -13.12 5.12
CA ALA L 214 -12.06 -12.94 6.07
C ALA L 214 -12.36 -14.25 6.81
N ASN L 215 -11.33 -15.09 7.01
CA ASN L 215 -11.48 -16.38 7.65
C ASN L 215 -10.46 -16.51 8.77
N MET L 216 -10.55 -17.64 9.48
CA MET L 216 -9.71 -17.85 10.66
C MET L 216 -8.25 -18.04 10.32
N LEU L 217 -7.95 -18.69 9.17
CA LEU L 217 -6.60 -19.12 8.80
C LEU L 217 -6.03 -18.44 7.55
N ASP L 218 -6.67 -17.37 7.03
CA ASP L 218 -6.19 -16.73 5.81
C ASP L 218 -5.56 -15.37 6.07
N GLY L 219 -5.45 -14.98 7.34
CA GLY L 219 -5.00 -13.65 7.69
C GLY L 219 -6.11 -12.75 8.20
N GLY L 220 -7.36 -13.17 8.05
CA GLY L 220 -8.47 -12.34 8.49
C GLY L 220 -8.60 -12.29 10.02
N ALA L 221 -8.21 -13.35 10.74
CA ALA L 221 -8.33 -13.31 12.21
C ALA L 221 -7.16 -12.55 12.82
N PRO L 222 -7.38 -11.60 13.74
CA PRO L 222 -6.25 -10.88 14.32
C PRO L 222 -5.27 -11.72 15.14
N TYR L 223 -5.73 -12.90 15.55
CA TYR L 223 -4.87 -13.80 16.31
C TYR L 223 -4.19 -14.86 15.44
N TYR L 224 -4.39 -14.81 14.11
CA TYR L 224 -3.72 -15.70 13.16
C TYR L 224 -3.22 -14.86 11.97
N ASP L 225 -2.07 -14.22 12.16
CA ASP L 225 -1.56 -13.29 11.15
C ASP L 225 -0.17 -12.82 11.54
N THR L 226 0.47 -12.06 10.66
CA THR L 226 1.73 -11.44 10.98
C THR L 226 1.49 -10.00 11.43
N TYR L 227 2.46 -9.47 12.18
CA TYR L 227 2.37 -8.11 12.71
C TYR L 227 3.72 -7.47 12.50
N GLU L 228 3.73 -6.22 12.05
CA GLU L 228 4.97 -5.46 11.96
C GLU L 228 5.38 -4.89 13.34
N CYS L 229 6.68 -5.03 13.64
CA CYS L 229 7.31 -4.64 14.88
C CYS L 229 8.01 -3.29 14.71
N ALA L 230 8.52 -2.74 15.81
CA ALA L 230 9.12 -1.41 15.81
C ALA L 230 10.24 -1.26 14.78
N ASP L 231 10.99 -2.32 14.51
CA ASP L 231 12.15 -2.26 13.62
C ASP L 231 11.75 -2.54 12.16
N GLY L 232 10.46 -2.66 11.86
CA GLY L 232 10.03 -3.02 10.51
C GLY L 232 10.10 -4.51 10.18
N ARG L 233 10.57 -5.36 11.10
CA ARG L 233 10.52 -6.82 10.93
C ARG L 233 9.18 -7.35 11.49
N TYR L 234 8.91 -8.65 11.32
CA TYR L 234 7.59 -9.19 11.64
C TYR L 234 7.64 -10.33 12.64
N VAL L 235 6.50 -10.50 13.35
CA VAL L 235 6.22 -11.73 14.08
C VAL L 235 4.97 -12.36 13.49
N ALA L 236 4.86 -13.67 13.77
CA ALA L 236 3.70 -14.47 13.43
C ALA L 236 3.00 -14.78 14.73
N VAL L 237 1.71 -14.51 14.74
CA VAL L 237 0.81 -14.88 15.81
C VAL L 237 -0.11 -15.98 15.30
N GLY L 238 -0.17 -17.11 16.02
CA GLY L 238 -1.04 -18.21 15.72
C GLY L 238 -1.86 -18.68 16.93
N ALA L 239 -2.28 -17.73 17.77
CA ALA L 239 -2.90 -18.07 19.05
C ALA L 239 -4.38 -18.36 18.89
N ILE L 240 -4.71 -19.55 18.35
CA ILE L 240 -6.08 -19.90 18.06
C ILE L 240 -6.80 -20.25 19.37
N GLU L 241 -6.21 -21.17 20.14
CA GLU L 241 -6.85 -21.67 21.34
C GLU L 241 -6.87 -20.58 22.42
N PRO L 242 -8.01 -20.43 23.12
CA PRO L 242 -8.18 -19.31 24.05
C PRO L 242 -7.10 -19.20 25.11
N GLN L 243 -6.60 -20.34 25.61
CA GLN L 243 -5.55 -20.36 26.63
C GLN L 243 -4.24 -19.82 26.07
N PHE L 244 -3.99 -20.04 24.78
CA PHE L 244 -2.77 -19.54 24.15
C PHE L 244 -2.91 -18.04 23.88
N TYR L 245 -4.05 -17.64 23.34
CA TYR L 245 -4.36 -16.24 23.13
C TYR L 245 -4.23 -15.46 24.45
N ALA L 246 -4.75 -16.00 25.56
CA ALA L 246 -4.68 -15.31 26.84
C ALA L 246 -3.23 -15.09 27.23
N ALA L 247 -2.36 -16.06 26.93
CA ALA L 247 -0.96 -15.93 27.26
C ALA L 247 -0.30 -14.85 26.42
N MET L 248 -0.70 -14.81 25.15
CA MET L 248 -0.19 -13.79 24.25
C MET L 248 -0.56 -12.40 24.78
N LEU L 249 -1.83 -12.21 25.13
CA LEU L 249 -2.28 -10.90 25.60
C LEU L 249 -1.47 -10.47 26.82
N ALA L 250 -1.19 -11.40 27.73
CA ALA L 250 -0.48 -11.02 28.95
C ALA L 250 0.94 -10.57 28.60
N GLY L 251 1.58 -11.19 27.60
CA GLY L 251 2.94 -10.83 27.25
C GLY L 251 3.02 -9.52 26.49
N LEU L 252 1.91 -9.17 25.82
CA LEU L 252 1.80 -7.91 25.14
C LEU L 252 1.52 -6.77 26.11
N GLY L 253 1.05 -7.12 27.32
CA GLY L 253 0.66 -6.12 28.32
C GLY L 253 -0.77 -5.63 28.16
N LEU L 254 -1.62 -6.36 27.43
CA LEU L 254 -2.98 -5.88 27.26
C LEU L 254 -3.91 -6.65 28.20
N ASP L 255 -4.82 -5.95 28.87
CA ASP L 255 -5.76 -6.63 29.75
C ASP L 255 -6.97 -7.05 28.95
N ALA L 256 -7.37 -8.30 29.14
CA ALA L 256 -8.49 -8.85 28.39
C ALA L 256 -9.73 -7.98 28.54
N ALA L 257 -9.90 -7.34 29.72
CA ALA L 257 -11.10 -6.56 30.01
C ALA L 257 -11.27 -5.35 29.09
N GLU L 258 -10.17 -4.83 28.55
CA GLU L 258 -10.17 -3.67 27.68
C GLU L 258 -10.36 -4.06 26.21
N LEU L 259 -10.46 -5.35 25.86
CA LEU L 259 -10.41 -5.76 24.47
C LEU L 259 -11.74 -6.38 24.07
N PRO L 260 -12.14 -6.34 22.79
CA PRO L 260 -13.30 -7.12 22.35
C PRO L 260 -13.02 -8.59 22.57
N PRO L 261 -14.05 -9.43 22.62
CA PRO L 261 -13.84 -10.88 22.64
C PRO L 261 -13.01 -11.33 21.43
N GLN L 262 -12.13 -12.29 21.68
CA GLN L 262 -11.27 -12.92 20.69
C GLN L 262 -12.02 -13.28 19.40
N ASN L 263 -13.23 -13.85 19.50
CA ASN L 263 -13.94 -14.36 18.34
C ASN L 263 -15.24 -13.60 18.08
N ASP L 264 -15.32 -12.34 18.52
CA ASP L 264 -16.36 -11.43 18.02
C ASP L 264 -15.89 -10.80 16.71
N ARG L 265 -16.21 -11.43 15.58
CA ARG L 265 -15.66 -11.02 14.29
C ARG L 265 -16.09 -9.59 13.94
N ALA L 266 -17.26 -9.17 14.43
CA ALA L 266 -17.72 -7.82 14.14
C ALA L 266 -16.80 -6.78 14.76
N ARG L 267 -15.98 -7.17 15.77
CA ARG L 267 -15.10 -6.21 16.39
C ARG L 267 -13.63 -6.53 16.14
N TRP L 268 -13.36 -7.40 15.17
CA TRP L 268 -12.00 -7.69 14.76
C TRP L 268 -11.23 -6.44 14.32
N PRO L 269 -11.81 -5.46 13.60
CA PRO L 269 -11.09 -4.24 13.27
C PRO L 269 -10.49 -3.55 14.50
N GLU L 270 -11.31 -3.38 15.56
CA GLU L 270 -10.80 -2.82 16.81
C GLU L 270 -9.70 -3.70 17.41
N LEU L 271 -9.96 -5.01 17.48
CA LEU L 271 -8.98 -5.90 18.08
C LEU L 271 -7.66 -5.84 17.34
N ARG L 272 -7.71 -5.86 16.00
CA ARG L 272 -6.48 -5.77 15.21
C ARG L 272 -5.74 -4.46 15.48
N ALA L 273 -6.46 -3.34 15.63
CA ALA L 273 -5.80 -2.07 15.90
C ALA L 273 -5.06 -2.11 17.24
N LEU L 274 -5.67 -2.73 18.25
CA LEU L 274 -5.05 -2.84 19.56
C LEU L 274 -3.79 -3.70 19.52
N LEU L 275 -3.87 -4.85 18.83
CA LEU L 275 -2.70 -5.72 18.71
C LEU L 275 -1.63 -5.08 17.85
N THR L 276 -2.05 -4.35 16.81
CA THR L 276 -1.08 -3.74 15.90
C THR L 276 -0.20 -2.78 16.68
N GLU L 277 -0.84 -1.93 17.51
CA GLU L 277 -0.12 -0.94 18.29
C GLU L 277 0.82 -1.60 19.29
N ALA L 278 0.36 -2.66 19.94
CA ALA L 278 1.18 -3.35 20.92
C ALA L 278 2.42 -3.95 20.26
N PHE L 279 2.27 -4.71 19.15
CA PHE L 279 3.44 -5.35 18.56
C PHE L 279 4.39 -4.31 17.97
N ALA L 280 3.83 -3.20 17.49
CA ALA L 280 4.66 -2.15 16.90
C ALA L 280 5.50 -1.41 17.95
N SER L 281 5.21 -1.58 19.24
CA SER L 281 5.93 -0.83 20.27
C SER L 281 7.29 -1.45 20.63
N HIS L 282 7.64 -2.62 20.10
CA HIS L 282 8.93 -3.22 20.37
C HIS L 282 9.36 -3.97 19.10
N ASP L 283 10.65 -4.29 19.01
CA ASP L 283 11.23 -4.92 17.84
C ASP L 283 11.04 -6.45 17.90
N ARG L 284 11.30 -7.09 16.76
CA ARG L 284 10.99 -8.50 16.60
C ARG L 284 11.73 -9.31 17.66
N ASP L 285 13.02 -9.01 17.87
CA ASP L 285 13.82 -9.88 18.71
C ASP L 285 13.42 -9.71 20.17
N HIS L 286 12.88 -8.55 20.53
CA HIS L 286 12.29 -8.42 21.83
C HIS L 286 11.11 -9.40 22.01
N TRP L 287 10.17 -9.43 21.04
CA TRP L 287 9.04 -10.34 21.15
C TRP L 287 9.51 -11.78 21.22
N GLY L 288 10.58 -12.11 20.47
CA GLY L 288 11.09 -13.46 20.36
C GLY L 288 11.58 -13.95 21.72
N ALA L 289 12.17 -13.03 22.48
CA ALA L 289 12.70 -13.33 23.80
C ALA L 289 11.55 -13.36 24.81
N VAL L 290 10.64 -12.38 24.76
CA VAL L 290 9.49 -12.36 25.64
C VAL L 290 8.72 -13.68 25.56
N PHE L 291 8.58 -14.25 24.36
CA PHE L 291 7.70 -15.39 24.19
C PHE L 291 8.47 -16.71 24.04
N ALA L 292 9.79 -16.72 24.13
CA ALA L 292 10.47 -18.01 24.20
C ALA L 292 9.88 -18.84 25.35
N ASN L 293 9.69 -20.14 25.09
CA ASN L 293 9.19 -21.11 26.06
C ASN L 293 7.75 -20.83 26.43
N SER L 294 7.02 -20.02 25.64
CA SER L 294 5.62 -19.76 25.95
C SER L 294 4.73 -20.51 24.97
N ASP L 295 3.47 -20.66 25.36
CA ASP L 295 2.44 -21.23 24.53
C ASP L 295 1.64 -20.13 23.84
N ALA L 296 2.22 -18.93 23.75
CA ALA L 296 1.54 -17.78 23.18
C ALA L 296 1.42 -17.90 21.65
N CYS L 297 2.18 -18.80 21.01
CA CYS L 297 2.13 -18.95 19.56
C CYS L 297 2.55 -17.66 18.86
N VAL L 298 3.61 -17.04 19.35
CA VAL L 298 4.21 -15.89 18.72
C VAL L 298 5.64 -16.28 18.40
N THR L 299 6.01 -16.16 17.12
CA THR L 299 7.35 -16.52 16.70
C THR L 299 7.89 -15.41 15.82
N PRO L 300 9.22 -15.22 15.76
CA PRO L 300 9.79 -14.30 14.79
C PRO L 300 9.69 -14.86 13.36
N VAL L 301 9.40 -13.96 12.41
CA VAL L 301 9.39 -14.28 10.99
C VAL L 301 10.78 -14.05 10.43
N LEU L 302 11.55 -15.13 10.30
CA LEU L 302 12.91 -15.03 9.84
C LEU L 302 12.96 -15.04 8.32
N ALA L 303 13.90 -14.27 7.78
CA ALA L 303 14.24 -14.39 6.36
C ALA L 303 15.19 -15.59 6.20
N PHE L 304 15.21 -16.19 4.98
CA PHE L 304 16.07 -17.32 4.66
C PHE L 304 17.49 -17.13 5.24
N GLY L 305 18.05 -15.93 5.05
CA GLY L 305 19.43 -15.65 5.40
C GLY L 305 19.68 -15.67 6.91
N GLU L 306 18.63 -15.60 7.73
CA GLU L 306 18.76 -15.60 9.19
C GLU L 306 18.55 -16.97 9.81
N VAL L 307 18.01 -17.94 9.05
CA VAL L 307 17.51 -19.20 9.55
C VAL L 307 18.65 -19.98 10.20
N HIS L 308 19.85 -19.90 9.61
CA HIS L 308 21.00 -20.66 10.11
C HIS L 308 21.43 -20.19 11.50
N ASN L 309 20.97 -19.01 11.96
CA ASN L 309 21.31 -18.53 13.30
C ASN L 309 20.30 -18.87 14.39
N GLU L 310 19.22 -19.57 14.06
CA GLU L 310 18.16 -19.79 15.02
C GLU L 310 18.44 -21.08 15.78
N PRO L 311 18.55 -21.03 17.13
CA PRO L 311 18.99 -22.19 17.90
C PRO L 311 18.20 -23.45 17.58
N HIS L 312 16.88 -23.36 17.48
CA HIS L 312 16.10 -24.58 17.31
C HIS L 312 16.45 -25.24 15.97
N ILE L 313 16.76 -24.42 14.97
CA ILE L 313 17.11 -24.91 13.64
C ILE L 313 18.48 -25.59 13.71
N ILE L 314 19.45 -24.92 14.32
CA ILE L 314 20.81 -25.43 14.40
C ILE L 314 20.82 -26.78 15.12
N GLU L 315 20.15 -26.84 16.27
CA GLU L 315 20.31 -27.98 17.15
C GLU L 315 19.63 -29.22 16.61
N ARG L 316 18.61 -29.10 15.76
CA ARG L 316 17.97 -30.31 15.26
C ARG L 316 18.60 -30.74 13.92
N ASN L 317 19.61 -30.00 13.45
CA ASN L 317 20.21 -30.16 12.12
C ASN L 317 19.16 -30.24 11.02
N THR L 318 18.25 -29.27 11.02
CA THR L 318 17.26 -29.19 9.96
C THR L 318 17.96 -29.00 8.61
N PHE L 319 19.05 -28.25 8.60
CA PHE L 319 19.81 -27.92 7.41
C PHE L 319 21.22 -28.50 7.49
N TYR L 320 21.88 -28.60 6.33
CA TYR L 320 23.32 -28.87 6.23
C TYR L 320 23.90 -27.90 5.21
N GLU L 321 25.21 -27.67 5.30
CA GLU L 321 25.88 -26.75 4.39
C GLU L 321 26.44 -27.57 3.23
N ALA L 322 25.92 -27.38 2.02
CA ALA L 322 26.57 -27.83 0.81
C ALA L 322 27.46 -26.71 0.29
N ASN L 323 28.50 -27.10 -0.46
CA ASN L 323 28.76 -26.46 -1.74
C ASN L 323 28.42 -24.96 -1.71
N GLY L 324 27.18 -24.57 -2.05
CA GLY L 324 26.85 -23.19 -2.38
C GLY L 324 25.95 -22.47 -1.37
N GLY L 325 25.59 -23.14 -0.26
CA GLY L 325 24.73 -22.57 0.77
C GLY L 325 23.90 -23.65 1.47
N TRP L 326 23.13 -23.24 2.49
CA TRP L 326 22.40 -24.21 3.29
C TRP L 326 21.32 -24.88 2.45
N GLN L 327 21.08 -26.15 2.80
CA GLN L 327 20.05 -26.95 2.18
C GLN L 327 19.40 -27.81 3.25
N PRO L 328 18.10 -28.13 3.09
CA PRO L 328 17.42 -28.97 4.06
C PRO L 328 17.86 -30.42 4.04
N MET L 329 18.10 -30.94 5.25
CA MET L 329 18.29 -32.36 5.44
C MET L 329 17.02 -33.10 5.08
N PRO L 330 17.14 -34.41 4.76
CA PRO L 330 15.99 -35.23 4.47
C PRO L 330 14.92 -35.15 5.54
N ALA L 331 13.67 -35.23 5.09
CA ALA L 331 12.57 -35.36 6.00
C ALA L 331 11.64 -36.44 5.47
N PRO L 332 10.85 -37.16 6.31
CA PRO L 332 10.93 -37.06 7.77
C PRO L 332 12.16 -37.85 8.26
N ARG L 333 12.18 -38.16 9.57
CA ARG L 333 13.33 -38.84 10.17
C ARG L 333 12.92 -40.21 10.67
N PHE L 334 13.90 -41.13 10.69
CA PHE L 334 13.65 -42.53 11.01
C PHE L 334 14.56 -42.96 12.16
N SER L 335 13.97 -43.65 13.17
CA SER L 335 14.76 -44.03 14.36
C SER L 335 15.83 -45.08 14.05
N ARG L 336 15.46 -46.14 13.31
CA ARG L 336 16.37 -47.25 13.04
C ARG L 336 17.17 -47.01 11.76
N THR L 337 16.48 -46.88 10.61
CA THR L 337 17.19 -46.69 9.34
C THR L 337 17.21 -45.22 8.92
N ALA L 338 18.18 -44.50 9.47
CA ALA L 338 18.25 -43.06 9.30
C ALA L 338 18.85 -42.73 7.95
N SER L 339 18.27 -41.73 7.28
CA SER L 339 18.83 -41.14 6.07
C SER L 339 20.19 -40.57 6.37
N SER L 340 21.01 -40.40 5.35
CA SER L 340 22.27 -39.71 5.56
C SER L 340 22.21 -38.38 4.85
N GLN L 341 23.32 -37.64 5.01
CA GLN L 341 23.49 -36.37 4.33
C GLN L 341 23.41 -36.61 2.83
N PRO L 342 22.67 -35.81 2.04
CA PRO L 342 22.61 -36.03 0.60
C PRO L 342 23.98 -35.99 -0.08
N ARG L 343 24.10 -36.84 -1.10
CA ARG L 343 25.27 -36.80 -1.97
C ARG L 343 25.04 -35.69 -2.98
N PRO L 344 26.03 -34.80 -3.23
CA PRO L 344 25.84 -33.72 -4.19
C PRO L 344 25.57 -34.26 -5.59
N PRO L 345 25.13 -33.38 -6.52
CA PRO L 345 25.12 -33.73 -7.94
C PRO L 345 26.55 -34.09 -8.40
N ALA L 346 26.68 -35.17 -9.19
CA ALA L 346 27.96 -35.68 -9.66
C ALA L 346 27.99 -35.72 -11.19
N ALA L 347 29.11 -36.16 -11.80
CA ALA L 347 29.22 -36.07 -13.26
C ALA L 347 28.32 -37.12 -13.90
N THR L 348 27.94 -36.83 -15.14
CA THR L 348 27.24 -37.80 -15.96
C THR L 348 27.99 -39.13 -15.89
N ILE L 349 27.25 -40.23 -15.91
CA ILE L 349 27.90 -41.52 -16.06
C ILE L 349 27.18 -42.31 -17.16
N ASP L 350 27.82 -43.41 -17.56
CA ASP L 350 27.42 -44.15 -18.75
C ASP L 350 26.26 -45.10 -18.46
N ILE L 351 25.25 -45.07 -19.31
CA ILE L 351 24.03 -45.85 -19.09
C ILE L 351 24.32 -47.35 -19.05
N GLU L 352 25.34 -47.81 -19.81
CA GLU L 352 25.77 -49.21 -19.81
C GLU L 352 26.41 -49.56 -18.45
N ALA L 353 27.27 -48.68 -17.92
CA ALA L 353 27.89 -48.87 -16.61
C ALA L 353 26.85 -49.01 -15.49
N VAL L 354 25.72 -48.31 -15.63
CA VAL L 354 24.64 -48.46 -14.67
C VAL L 354 24.00 -49.83 -14.86
N LEU L 355 23.74 -50.20 -16.14
CA LEU L 355 23.09 -51.45 -16.46
C LEU L 355 23.86 -52.64 -15.90
N THR L 356 25.20 -52.52 -15.87
CA THR L 356 26.09 -53.48 -15.22
C THR L 356 25.78 -53.64 -13.73
N ASP L 357 25.90 -52.53 -12.99
CA ASP L 357 25.66 -52.49 -11.57
C ASP L 357 24.32 -53.16 -11.23
N TRP L 358 23.24 -52.84 -11.96
CA TRP L 358 21.94 -53.45 -11.69
C TRP L 358 21.84 -54.89 -12.20
N ASP L 359 22.93 -55.46 -12.73
CA ASP L 359 22.92 -56.76 -13.38
C ASP L 359 21.75 -56.82 -14.37
N1A ACO M . 18.42 28.14 -30.81
N1A ACO M . 18.28 27.72 -31.32
C2A ACO M . 17.93 28.03 -29.58
C2A ACO M . 17.75 27.33 -30.15
N3A ACO M . 18.48 27.45 -28.50
N3A ACO M . 18.37 26.95 -29.04
C4A ACO M . 19.69 26.96 -28.79
C4A ACO M . 19.71 27.02 -29.19
C5A ACO M . 20.33 27.00 -30.01
C5A ACO M . 20.40 27.41 -30.32
C6A ACO M . 19.65 27.63 -31.07
C6A ACO M . 19.63 27.77 -31.44
N6A ACO M . 20.14 27.74 -32.30
N6A ACO M . 20.15 28.17 -32.59
N7A ACO M . 21.58 26.38 -29.91
N7A ACO M . 21.77 27.35 -30.09
C8A ACO M . 21.67 25.98 -28.65
C8A ACO M . 21.88 26.94 -28.85
N9A ACO M . 20.53 26.30 -27.93
N9A ACO M . 20.65 26.70 -28.26
C1B ACO M . 20.28 26.08 -26.50
C1B ACO M . 20.36 26.32 -26.88
C2B ACO M . 20.50 24.68 -25.93
C2B ACO M . 20.54 24.87 -26.45
O2B ACO M . 19.47 23.77 -26.27
O2B ACO M . 19.48 24.08 -26.94
C3B ACO M . 20.58 25.01 -24.43
C3B ACO M . 20.57 25.06 -24.93
O3B ACO M . 19.30 25.25 -23.79
O3B ACO M . 19.25 25.29 -24.38
P3B ACO M . 18.94 24.37 -22.45
P3B ACO M . 18.95 24.67 -22.89
O7A ACO M . 18.16 25.30 -21.53
O7A ACO M . 18.82 25.89 -22.01
O8A ACO M . 20.22 23.90 -21.78
O8A ACO M . 20.07 23.75 -22.45
O9A ACO M . 18.11 23.16 -22.89
O9A ACO M . 17.64 23.90 -23.01
C4B ACO M . 21.43 26.29 -24.47
C4B ACO M . 21.45 26.30 -24.82
O4B ACO M . 21.16 26.89 -25.76
O4B ACO M . 21.23 27.05 -26.03
C5B ACO M . 22.93 26.08 -24.31
C5B ACO M . 22.93 26.03 -24.67
O5B ACO M . 23.17 25.18 -23.19
O5B ACO M . 23.17 25.43 -23.39
P1A ACO M . 24.53 25.16 -22.31
P1A ACO M . 24.55 25.64 -22.57
O1A ACO M . 24.30 24.36 -21.05
O1A ACO M . 24.42 24.96 -21.23
O2A ACO M . 25.67 24.70 -23.16
O2A ACO M . 25.68 25.22 -23.47
O3A ACO M . 24.69 26.73 -21.99
O3A ACO M . 24.59 27.23 -22.43
P2A ACO M . 24.86 27.54 -20.62
P2A ACO M . 24.84 28.27 -21.22
O4A ACO M . 24.52 28.96 -20.89
O4A ACO M . 24.85 29.62 -21.81
O5A ACO M . 24.24 26.73 -19.52
O5A ACO M . 23.97 27.96 -20.04
O6A ACO M . 26.45 27.42 -20.34
O6A ACO M . 26.31 27.85 -20.67
CBP ACO M . 28.77 27.16 -21.11
CBP ACO M . 28.66 27.30 -21.06
CCP ACO M . 27.42 27.86 -21.35
CCP ACO M . 27.53 28.31 -21.34
CDP ACO M . 29.85 27.96 -21.85
CDP ACO M . 29.94 27.87 -21.67
CEP ACO M . 29.07 27.20 -19.61
CEP ACO M . 28.85 27.15 -19.55
CAP ACO M . 28.77 25.69 -21.59
CAP ACO M . 28.36 25.93 -21.68
OAP ACO M . 28.97 25.63 -23.01
OAP ACO M . 28.04 26.10 -23.07
C9P ACO M . 29.76 24.74 -20.89
C9P ACO M . 29.43 24.86 -21.44
O9P ACO M . 30.16 24.99 -19.76
O9P ACO M . 29.46 24.30 -20.34
N8P ACO M . 30.30 23.72 -21.55
N8P ACO M . 30.42 24.64 -22.32
C7P ACO M . 31.15 23.84 -22.71
C7P ACO M . 31.33 25.65 -22.86
C6P ACO M . 32.54 24.29 -22.26
C6P ACO M . 32.67 25.67 -22.10
C5P ACO M . 32.83 25.69 -22.72
C5P ACO M . 33.73 26.60 -22.67
O5P ACO M . 32.59 26.01 -23.89
O5P ACO M . 33.67 26.99 -23.83
N4P ACO M . 33.24 26.61 -21.82
N4P ACO M . 34.72 26.99 -21.85
C3P ACO M . 34.15 27.72 -22.12
C3P ACO M . 35.98 27.61 -22.27
C2P ACO M . 33.51 28.90 -22.80
C2P ACO M . 35.89 29.11 -22.39
S1P ACO M . 34.67 30.00 -23.70
S1P ACO M . 37.00 30.13 -21.31
C ACO M . 34.89 31.79 -23.56
C ACO M . 37.37 31.74 -21.75
O ACO M . 34.40 32.50 -22.70
O ACO M . 37.86 32.49 -20.94
CH3 ACO M . 35.68 32.38 -24.67
CH3 ACO M . 37.04 32.12 -23.13
N1A ACO N . 73.48 11.38 -36.22
N1A ACO N . 73.02 11.29 -37.35
C2A ACO N . 74.34 12.40 -36.31
C2A ACO N . 73.90 12.27 -37.63
N3A ACO N . 74.10 13.71 -36.37
N3A ACO N . 73.77 13.58 -37.49
C4A ACO N . 72.78 13.94 -36.34
C4A ACO N . 72.56 13.90 -36.99
C5A ACO N . 71.77 13.01 -36.25
C5A ACO N . 71.56 13.02 -36.64
C6A ACO N . 72.14 11.65 -36.19
C6A ACO N . 71.81 11.64 -36.85
N6A ACO N . 71.28 10.66 -36.09
N6A ACO N . 70.93 10.69 -36.54
N7A ACO N . 70.53 13.63 -36.24
N7A ACO N . 70.46 13.70 -36.14
C8A ACO N . 70.79 14.91 -36.33
C8A ACO N . 70.80 14.96 -36.20
N9A ACO N . 72.15 15.15 -36.38
N9A ACO N . 72.07 15.15 -36.71
C1B ACO N . 72.79 16.46 -36.50
C1B ACO N . 72.78 16.43 -36.88
C2B ACO N . 72.45 17.18 -37.79
C2B ACO N . 72.29 17.28 -38.05
O2B ACO N . 73.19 16.60 -38.83
O2B ACO N . 72.83 16.73 -39.24
C3B ACO N . 72.84 18.61 -37.44
C3B ACO N . 72.83 18.67 -37.64
O3B ACO N . 74.23 18.62 -37.76
O3B ACO N . 74.21 18.76 -37.98
P3B ACO N . 74.95 19.86 -38.50
P3B ACO N . 74.96 20.16 -38.37
O7A ACO N . 74.22 21.18 -38.44
O7A ACO N . 74.29 20.87 -39.55
O8A ACO N . 75.28 19.48 -39.95
O8A ACO N . 76.27 19.52 -38.75
O9A ACO N . 76.15 19.81 -37.55
O9A ACO N . 75.18 21.08 -37.17
C4B ACO N . 72.55 18.69 -35.93
C4B ACO N . 72.63 18.64 -36.12
O4B ACO N . 72.35 17.32 -35.48
O4B ACO N . 72.53 17.24 -35.75
C5B ACO N . 71.35 19.50 -35.49
C5B ACO N . 71.41 19.35 -35.58
O5B ACO N . 71.29 20.75 -36.23
O5B ACO N . 71.34 20.71 -36.11
P1A ACO N . 70.47 22.00 -35.64
P1A ACO N . 70.56 21.87 -35.32
O1A ACO N . 69.01 21.72 -35.77
O1A ACO N . 69.11 21.67 -35.48
O2A ACO N . 71.02 23.24 -36.25
O2A ACO N . 71.18 23.17 -35.66
O3A ACO N . 70.89 21.98 -34.09
O3A ACO N . 71.00 21.55 -33.81
P2A ACO N . 71.66 23.01 -33.11
P2A ACO N . 71.65 22.50 -32.69
O4A ACO N . 72.21 22.25 -31.95
O4A ACO N . 72.03 21.67 -31.52
O5A ACO N . 72.48 23.97 -33.90
O5A ACO N . 72.68 23.37 -33.34
O6A ACO N . 70.50 23.97 -32.51
O6A ACO N . 70.43 23.51 -32.29
CBP ACO N . 68.13 24.08 -31.91
CBP ACO N . 67.99 23.94 -32.01
CCP ACO N . 69.49 23.46 -31.58
CCP ACO N . 69.17 22.97 -31.76
CDP ACO N . 67.08 23.51 -30.95
CDP ACO N . 66.89 23.63 -30.99
CEP ACO N . 68.20 25.58 -31.70
CEP ACO N . 68.45 25.38 -31.79
CAP ACO N . 67.74 23.79 -33.37
CAP ACO N . 67.41 23.82 -33.44
OAP ACO N . 67.65 22.37 -33.65
OAP ACO N . 66.60 22.64 -33.61
C9P ACO N . 66.44 24.51 -33.73
C9P ACO N . 66.61 25.05 -33.83
O9P ACO N . 66.36 25.75 -33.75
O9P ACO N . 67.13 26.17 -33.75
N8P ACO N . 65.40 23.74 -34.01
N8P ACO N . 65.34 24.93 -34.16
C7P ACO N . 64.08 24.30 -34.36
C7P ACO N . 64.46 23.90 -33.63
C6P ACO N . 63.45 25.07 -33.19
C6P ACO N . 63.32 24.54 -32.85
C5P ACO N . 63.42 24.28 -31.88
C5P ACO N . 63.42 24.29 -31.36
O5P ACO N . 63.18 23.08 -31.90
O5P ACO N . 63.78 23.19 -30.91
N4P ACO N . 63.64 24.91 -30.70
N4P ACO N . 63.10 25.30 -30.55
C3P ACO N . 63.84 24.19 -29.45
C3P ACO N . 62.99 25.14 -29.11
C2P ACO N . 62.53 23.85 -28.72
C2P ACO N . 61.55 25.02 -28.64
S1P ACO N . 62.70 22.65 -27.33
S1P ACO N . 61.60 24.27 -26.98
C ACO N . 63.32 22.66 -25.64
C ACO N . 61.69 25.16 -25.48
O ACO N . 63.94 23.56 -25.15
O ACO N . 61.95 26.32 -25.52
CH3 ACO N . 62.94 21.46 -24.83
CH3 ACO N . 61.39 24.47 -24.24
N1A ACO O . -15.71 -30.10 33.10
N1A ACO O . -16.20 -29.45 33.16
C2A ACO O . -14.94 -29.77 32.05
C2A ACO O . -15.44 -29.15 32.09
N3A ACO O . -13.90 -28.93 32.00
N3A ACO O . -14.28 -28.52 32.05
C4A ACO O . -13.68 -28.37 33.19
C4A ACO O . -13.89 -28.15 33.29
C5A ACO O . -14.37 -28.62 34.37
C5A ACO O . -14.56 -28.38 34.47
C6A ACO O . -15.45 -29.53 34.30
C6A ACO O . -15.78 -29.07 34.38
N6A ACO O . -16.19 -29.88 35.34
N6A ACO O . -16.53 -29.39 35.43
N7A ACO O . -13.83 -27.87 35.40
N7A ACO O . -13.83 -27.88 35.54
C8A ACO O . -12.84 -27.20 34.85
C8A ACO O . -12.77 -27.35 34.99
N9A ACO O . -12.71 -27.45 33.51
N9A ACO O . -12.75 -27.48 33.62
C1B ACO O . -11.69 -26.89 32.57
C1B ACO O . -11.73 -27.02 32.69
C2B ACO O . -11.74 -25.39 32.34
C2B ACO O . -11.79 -25.55 32.33
O2B ACO O . -12.70 -24.96 31.40
O2B ACO O . -12.80 -25.28 31.39
C3B ACO O . -10.33 -25.13 31.80
C3B ACO O . -10.40 -25.38 31.75
O3B ACO O . -10.38 -25.39 30.38
O3B ACO O . -10.46 -25.95 30.44
P3B ACO O . -9.60 -24.42 29.31
P3B ACO O . -9.46 -25.38 29.30
O7A ACO O . -10.57 -24.48 28.13
O7A ACO O . -10.37 -24.61 28.36
O8A ACO O . -8.31 -25.16 29.03
O8A ACO O . -8.93 -26.68 28.70
O9A ACO O . -9.36 -22.98 29.71
O9A ACO O . -8.37 -24.49 29.87
C4B ACO O . -9.48 -26.14 32.59
C4B ACO O . -9.55 -26.22 32.71
O4B ACO O . -10.42 -27.12 33.14
O4B ACO O . -10.45 -27.21 33.26
C5B ACO O . -8.64 -25.56 33.70
C5B ACO O . -8.89 -25.46 33.84
O5B ACO O . -7.92 -24.41 33.22
O5B ACO O . -7.99 -24.46 33.30
P1A ACO O . -6.59 -23.91 34.00
P1A ACO O . -6.67 -24.08 34.14
O1A ACO O . -7.01 -23.45 35.37
O1A ACO O . -7.09 -23.32 35.37
O2A ACO O . -5.84 -22.94 33.15
O2A ACO O . -5.66 -23.43 33.25
O3A ACO O . -5.77 -25.28 34.14
O3A ACO O . -6.15 -25.55 34.54
P2A ACO O . -4.25 -25.73 33.85
P2A ACO O . -4.78 -26.35 34.23
O4A ACO O . -3.77 -25.06 32.61
O4A ACO O . -4.13 -25.80 33.01
O5A ACO O . -4.08 -27.20 34.05
O5A ACO O . -5.06 -27.82 34.30
O6A ACO O . -3.45 -24.99 35.03
O6A ACO O . -3.88 -26.00 35.54
CBP ACO O . -2.89 -24.50 37.34
CBP ACO O . -2.94 -24.17 36.89
CCP ACO O . -3.32 -25.60 36.37
CCP ACO O . -2.94 -24.88 35.52
CDP ACO O . -2.94 -24.98 38.80
CDP ACO O . -2.98 -25.21 38.00
CEP ACO O . -1.46 -24.07 37.01
CEP ACO O . -1.65 -23.35 37.04
CAP ACO O . -3.86 -23.32 37.10
CAP ACO O . -4.16 -23.23 36.99
OAP ACO O . -5.20 -23.80 37.33
OAP ACO O . -5.32 -23.95 37.43
C9P ACO O . -3.55 -22.09 37.94
C9P ACO O . -3.88 -22.03 37.91
O9P ACO O . -2.51 -21.45 37.76
O9P ACO O . -3.03 -21.19 37.59
N8P ACO O . -4.48 -21.74 38.82
N8P ACO O . -4.58 -21.94 39.03
C7P ACO O . -4.26 -20.71 39.84
C7P ACO O . -4.39 -20.86 39.99
C6P ACO O . -3.09 -21.07 40.76
C6P ACO O . -3.05 -20.92 40.71
C5P ACO O . -3.16 -22.41 41.47
C5P ACO O . -2.85 -22.18 41.53
O5P ACO O . -4.26 -22.85 41.83
O5P ACO O . -3.81 -22.75 42.04
N4P ACO O . -2.03 -23.13 41.60
N4P ACO O . -1.59 -22.63 41.69
C3P ACO O . -1.68 -23.95 42.77
C3P ACO O . -1.25 -23.85 42.43
C2P ACO O . -2.31 -25.32 42.83
C2P ACO O . -1.52 -23.76 43.92
S1P ACO O . -1.17 -26.70 43.34
S1P ACO O . -1.26 -25.38 44.70
C ACO O . -1.20 -28.02 44.51
C ACO O . 0.44 -25.74 45.28
O ACO O . -0.41 -28.94 44.45
O ACO O . 1.36 -25.11 44.87
CH3 ACO O . -2.21 -27.93 45.57
CH3 ACO O . 0.61 -26.71 46.37
N1A ACO P . -2.89 -1.69 81.45
N1A ACO P . -3.49 -1.63 81.75
C2A ACO P . -2.23 -2.36 82.40
C2A ACO P . -3.05 -2.41 82.75
N3A ACO P . -1.94 -3.66 82.47
N3A ACO P . -2.56 -3.65 82.70
C4A ACO P . -2.40 -4.31 81.39
C4A ACO P . -2.50 -4.08 81.42
C5A ACO P . -3.10 -3.76 80.33
C5A ACO P . -2.91 -3.39 80.29
C6A ACO P . -3.35 -2.37 80.37
C6A ACO P . -3.43 -2.11 80.48
N6A ACO P . -4.01 -1.72 79.42
N6A ACO P . -3.84 -1.34 79.48
N7A ACO P . -3.41 -4.74 79.40
N7A ACO P . -2.69 -4.16 79.15
C8A ACO P . -2.92 -5.85 79.90
C8A ACO P . -2.18 -5.28 79.61
N9A ACO P . -2.31 -5.66 81.12
N9A ACO P . -2.05 -5.29 80.98
C1B ACO P . -1.60 -6.65 81.92
C1B ACO P . -1.48 -6.33 81.81
C2B ACO P . -2.40 -7.81 82.53
C2B ACO P . -2.41 -7.46 82.25
O2B ACO P . -3.18 -7.44 83.64
O2B ACO P . -3.21 -7.12 83.36
C3B ACO P . -1.22 -8.73 82.87
C3B ACO P . -1.33 -8.50 82.60
O3B ACO P . -0.40 -8.20 83.92
O3B ACO P . -0.66 -8.09 83.78
P3B ACO P . -0.51 -8.87 85.39
P3B ACO P . -1.08 -9.03 85.02
O7A ACO P . -0.17 -10.37 85.37
O7A ACO P . -1.22 -10.47 84.52
O8A ACO P . -1.92 -8.62 85.83
O8A ACO P . -2.39 -8.48 85.51
O9A ACO P . 0.50 -8.06 86.18
O9A ACO P . 0.04 -8.87 86.03
C4B ACO P . -0.41 -8.63 81.57
C4B ACO P . -0.40 -8.35 81.41
O4B ACO P . -0.68 -7.30 81.07
O4B ACO P . -0.46 -6.96 81.07
C5B ACO P . -0.71 -9.66 80.51
C5B ACO P . -0.72 -9.19 80.20
O5B ACO P . -0.79 -10.98 81.13
O5B ACO P . 0.44 -9.98 79.85
P1A ACO P . -0.03 -12.28 80.53
P1A ACO P . 0.23 -11.56 79.91
O1A ACO P . -0.85 -12.81 79.41
O1A ACO P . -0.77 -11.93 78.85
O2A ACO P . 0.25 -13.20 81.68
O2A ACO P . -0.01 -11.99 81.31
O3A ACO P . 1.32 -11.57 80.02
O3A ACO P . 1.69 -12.05 79.49
P2A ACO P . 2.87 -12.00 80.14
P2A ACO P . 3.20 -11.51 79.59
O4A ACO P . 3.04 -12.91 81.30
O4A ACO P . 3.75 -11.97 80.90
O5A ACO P . 3.74 -10.81 79.83
O5A ACO P . 3.29 -10.07 79.19
O6A ACO P . 2.97 -13.02 78.90
O6A ACO P . 3.85 -12.40 78.43
CBP ACO P . 2.78 -13.67 76.57
CBP ACO P . 2.90 -13.58 76.49
CCP ACO P . 3.07 -12.52 77.54
CCP ACO P . 3.35 -12.25 77.07
CDP ACO P . 2.91 -13.17 75.12
CDP ACO P . 3.21 -13.59 74.99
CEP ACO P . 3.81 -14.79 76.77
CEP ACO P . 3.66 -14.75 77.12
CAP ACO P . 1.36 -14.21 76.86
CAP ACO P . 1.39 -13.79 76.70
OAP ACO P . 0.46 -13.12 77.01
OAP ACO P . 0.74 -12.54 76.49
C9P ACO P . 0.74 -15.21 75.91
C9P ACO P . 0.78 -14.85 75.80
O9P ACO P . 1.07 -16.39 75.95
O9P ACO P . 0.79 -16.04 76.13
N8P ACO P . -0.29 -14.76 75.17
N8P ACO P . 0.17 -14.41 74.70
C7P ACO P . -1.04 -15.61 74.27
C7P ACO P . -0.27 -15.29 73.63
C6P ACO P . -0.20 -16.14 73.11
C6P ACO P . 0.90 -15.90 72.86
C5P ACO P . 0.69 -15.13 72.40
C5P ACO P . 1.62 -14.96 71.91
O5P ACO P . 0.28 -14.01 72.11
O5P ACO P . 1.21 -13.81 71.68
N4P ACO P . 1.97 -15.49 72.15
N4P ACO P . 2.78 -15.42 71.43
C3P ACO P . 2.70 -14.98 70.99
C3P ACO P . 3.25 -15.35 70.04
C2P ACO P . 3.62 -13.81 71.26
C2P ACO P . 3.22 -13.96 69.46
S1P ACO P . 3.99 -12.86 69.72
S1P ACO P . 4.76 -13.49 68.56
C ACO P . 5.53 -12.19 69.08
C ACO P . 5.91 -14.60 67.86
O ACO P . 6.61 -12.44 69.53
O ACO P . 5.88 -15.78 68.11
CH3 ACO P . 5.38 -11.23 67.94
CH3 ACO P . 6.86 -13.97 66.92
N1A ACO Q . -21.42 38.65 21.63
N1A ACO Q . -21.59 38.74 21.38
C2A ACO Q . -22.40 37.74 21.56
C2A ACO Q . -22.71 38.04 21.20
N3A ACO Q . -22.60 36.80 20.65
N3A ACO Q . -22.98 37.06 20.33
C4A ACO Q . -21.64 36.81 19.71
C4A ACO Q . -21.90 36.81 19.58
C5A ACO Q . -20.56 37.68 19.64
C5A ACO Q . -20.67 37.44 19.64
C6A ACO Q . -20.47 38.64 20.66
C6A ACO Q . -20.52 38.46 20.59
N6A ACO Q . -19.48 39.54 20.75
N6A ACO Q . -19.41 39.16 20.78
N7A ACO Q . -19.79 37.39 18.52
N7A ACO Q . -19.81 36.89 18.68
C8A ACO Q . -20.40 36.38 17.94
C8A ACO Q . -20.52 35.96 18.08
N9A ACO Q . -21.53 36.00 18.61
N9A ACO Q . -21.80 35.87 18.58
C1B ACO Q . -22.44 34.91 18.30
C1B ACO Q . -22.88 34.94 18.17
C2B ACO Q . -23.38 35.14 17.13
C2B ACO Q . -23.61 35.29 16.88
O2B ACO Q . -24.36 36.06 17.57
O2B ACO Q . -24.52 36.33 17.15
C3B ACO Q . -23.81 33.70 16.88
C3B ACO Q . -24.21 33.93 16.50
O3B ACO Q . -24.71 33.21 17.88
O3B ACO Q . -25.46 33.65 17.21
P3B ACO Q . -26.06 32.47 17.40
P3B ACO Q . -26.73 32.97 16.41
O7A ACO Q . -25.79 31.01 17.10
O7A ACO Q . -26.28 32.43 15.10
O8A ACO Q . -26.75 33.20 16.25
O8A ACO Q . -27.85 34.00 16.22
O9A ACO Q . -26.75 32.66 18.70
O9A ACO Q . -27.16 31.84 17.32
C4B ACO Q . -22.49 32.95 17.05
C4B ACO Q . -23.06 32.98 16.90
O4B ACO Q . -21.67 33.78 17.92
O4B ACO Q . -22.32 33.66 17.95
C5B ACO Q . -21.73 32.66 15.77
C5B ACO Q . -22.09 32.62 15.79
O5B ACO Q . -22.61 31.92 14.88
O5B ACO Q . -22.81 31.94 14.72
P1A ACO Q . -22.03 30.85 13.84
P1A ACO Q . -22.13 31.01 13.59
O1A ACO Q . -21.04 31.53 12.96
O1A ACO Q . -21.09 31.80 12.85
O2A ACO Q . -23.14 30.11 13.15
O2A ACO Q . -23.19 30.37 12.76
O3A ACO Q . -21.30 29.82 14.89
O3A ACO Q . -21.41 29.86 14.46
P2A ACO Q . -21.31 28.24 15.23
P2A ACO Q . -21.58 28.26 14.54
O4A ACO Q . -22.72 27.75 15.31
O4A ACO Q . -23.02 27.90 14.40
O5A ACO Q . -20.44 28.05 16.42
O5A ACO Q . -20.82 27.75 15.72
O6A ACO Q . -20.59 27.58 13.94
O6A ACO Q . -20.84 27.74 13.19
CBP ACO Q . -18.61 27.49 12.42
CBP ACO Q . -18.92 27.53 11.69
CCP ACO Q . -19.11 27.60 13.86
CCP ACO Q . -19.39 27.59 13.15
CDP ACO Q . -17.10 27.72 12.39
CDP ACO Q . -17.40 27.45 11.66
CEP ACO Q . -18.86 26.06 11.91
CEP ACO Q . -19.48 26.27 11.04
CAP ACO Q . -19.32 28.49 11.48
CAP ACO Q . -19.42 28.78 10.91
OAP ACO Q . -18.91 29.86 11.69
OAP ACO Q . -18.57 29.93 11.09
C9P ACO Q . -19.20 28.05 10.02
C9P ACO Q . -19.63 28.53 9.42
O9P ACO Q . -19.52 26.92 9.71
O9P ACO Q . -20.44 27.68 9.06
N8P ACO Q . -18.67 28.88 9.13
N8P ACO Q . -18.92 29.19 8.52
C7P ACO Q . -17.75 29.97 9.41
C7P ACO Q . -17.54 29.63 8.68
C6P ACO Q . -16.37 29.69 8.81
C6P ACO Q . -16.61 28.70 7.92
C5P ACO Q . -15.40 29.12 9.82
C5P ACO Q . -15.37 28.44 8.75
O5P ACO Q . -15.11 29.74 10.84
O5P ACO Q . -14.87 29.37 9.37
N4P ACO Q . -14.85 27.92 9.55
N4P ACO Q . -14.85 27.19 8.75
C3P ACO Q . -14.12 27.13 10.53
C3P ACO Q . -13.60 26.83 9.43
C2P ACO Q . -12.63 27.43 10.61
C2P ACO Q . -12.43 26.46 8.51
S1P ACO Q . -11.98 26.38 11.96
S1P ACO Q . -11.55 24.86 8.95
C ACO Q . -10.40 26.24 12.75
C ACO Q . -10.18 24.45 9.99
O ACO Q . -10.12 25.34 13.50
O ACO Q . -9.77 23.32 10.03
CH3 ACO Q . -9.49 27.35 12.42
CH3 ACO Q . -9.62 25.51 10.84
N1A ACO R . 13.37 38.57 -24.32
N1A ACO R . 13.86 39.35 -23.70
C2A ACO R . 14.63 38.16 -24.10
C2A ACO R . 15.12 39.01 -23.42
N3A ACO R . 15.14 37.60 -23.00
N3A ACO R . 15.60 38.40 -22.35
C4A ACO R . 14.20 37.47 -22.05
C4A ACO R . 14.62 38.14 -21.46
C5A ACO R . 12.89 37.84 -22.13
C5A ACO R . 13.29 38.44 -21.60
C6A ACO R . 12.45 38.42 -23.34
C6A ACO R . 12.90 39.09 -22.78
N6A ACO R . 11.20 38.82 -23.58
N6A ACO R . 11.65 39.44 -23.08
N7A ACO R . 12.23 37.55 -20.94
N7A ACO R . 12.59 38.00 -20.47
C8A ACO R . 13.15 37.01 -20.18
C8A ACO R . 13.50 37.47 -19.69
N9A ACO R . 14.37 36.93 -20.80
N9A ACO R . 14.77 37.53 -20.24
C1B ACO R . 15.63 36.41 -20.27
C1B ACO R . 16.03 37.00 -19.74
C2B ACO R . 16.28 37.28 -19.21
C2B ACO R . 16.62 37.66 -18.49
O2B ACO R . 16.87 38.42 -19.80
O2B ACO R . 17.23 38.89 -18.84
C3B ACO R . 17.26 36.26 -18.60
C3B ACO R . 17.60 36.57 -18.03
O3B ACO R . 18.48 36.22 -19.37
O3B ACO R . 18.85 36.60 -18.76
P3B ACO R . 19.77 35.55 -18.63
P3B ACO R . 20.27 36.57 -17.93
O7A ACO R . 19.61 35.43 -17.14
O7A ACO R . 20.11 37.01 -16.50
O8A ACO R . 21.00 36.38 -18.97
O8A ACO R . 21.20 37.52 -18.66
O9A ACO R . 19.78 34.22 -19.33
O9A ACO R . 20.74 35.14 -18.00
C4B ACO R . 16.41 34.97 -18.63
C4B ACO R . 16.77 35.31 -18.30
O4B ACO R . 15.38 35.17 -19.63
O4B ACO R . 15.86 35.65 -19.38
C5B ACO R . 15.73 34.61 -17.32
C5B ACO R . 15.96 34.79 -17.14
O5B ACO R . 16.68 34.06 -16.38
O5B ACO R . 16.79 34.74 -15.92
P1A ACO R . 16.16 33.27 -15.07
P1A ACO R . 16.42 33.71 -14.72
O1A ACO R . 15.02 34.04 -14.46
O1A ACO R . 15.24 34.23 -13.95
O2A ACO R . 17.33 32.92 -14.22
O2A ACO R . 17.65 33.39 -13.96
O3A ACO R . 15.57 31.94 -15.75
O3A ACO R . 15.94 32.41 -15.54
P2A ACO R . 16.18 30.46 -15.69
P2A ACO R . 16.33 30.84 -15.50
O4A ACO R . 15.55 29.63 -16.76
O4A ACO R . 15.65 30.18 -16.65
O5A ACO R . 17.67 30.53 -15.53
O5A ACO R . 17.80 30.70 -15.23
O6A ACO R . 15.69 29.96 -14.23
O6A ACO R . 15.66 30.35 -14.12
CBP ACO R . 13.94 29.83 -12.56
CBP ACO R . 13.72 30.07 -12.75
CCP ACO R . 14.29 29.63 -14.03
CCP ACO R . 14.29 29.87 -14.14
CDP ACO R . 12.46 29.48 -12.37
CDP ACO R . 12.22 29.71 -12.75
CEP ACO R . 14.78 28.89 -11.70
CEP ACO R . 14.45 29.16 -11.77
CAP ACO R . 14.20 31.28 -12.11
CAP ACO R . 13.89 31.54 -12.33
OAP ACO R . 13.50 32.17 -13.00
OAP ACO R . 13.07 32.37 -13.15
C9P ACO R . 13.81 31.59 -10.66
C9P ACO R . 13.57 31.77 -10.86
O9P ACO R . 14.45 31.11 -9.74
O9P ACO R . 14.22 31.20 -9.99
N8P ACO R . 12.78 32.43 -10.49
N8P ACO R . 12.57 32.62 -10.61
C7P ACO R . 12.27 32.82 -9.17
C7P ACO R . 12.00 32.83 -9.28
C6P ACO R . 11.66 31.67 -8.39
C6P ACO R . 11.14 31.66 -8.81
C5P ACO R . 10.57 30.92 -9.14
C5P ACO R . 10.31 30.96 -9.87
O5P ACO R . 9.84 31.50 -9.94
O5P ACO R . 9.76 31.59 -10.79
N4P ACO R . 10.45 29.60 -8.91
N4P ACO R . 10.16 29.62 -9.74
C3P ACO R . 9.40 28.78 -9.49
C3P ACO R . 9.41 28.80 -10.69
C2P ACO R . 8.25 28.46 -8.52
C2P ACO R . 7.98 28.55 -10.26
S1P ACO R . 7.06 27.50 -9.42
S1P ACO R . 6.86 27.93 -11.58
C ACO R . 6.64 25.77 -9.22
C ACO R . 6.68 26.30 -12.31
O ACO R . 7.27 25.11 -8.47
O ACO R . 7.53 25.46 -12.17
CH3 ACO R . 5.53 25.23 -10.03
CH3 ACO R . 5.39 26.02 -13.01
N1A ACO S . -71.52 -4.88 37.17
N1A ACO S . -71.50 -5.27 36.61
C2A ACO S . -72.67 -4.21 37.33
C2A ACO S . -72.65 -4.57 36.73
N3A ACO S . -72.92 -2.92 37.17
N3A ACO S . -72.88 -3.27 36.56
C4A ACO S . -71.81 -2.26 36.79
C4A ACO S . -71.75 -2.64 36.20
C5A ACO S . -70.55 -2.80 36.59
C5A ACO S . -70.49 -3.20 36.04
C6A ACO S . -70.41 -4.18 36.81
C6A ACO S . -70.38 -4.59 36.26
N6A ACO S . -69.27 -4.86 36.63
N6A ACO S . -69.25 -5.27 36.13
N7A ACO S . -69.66 -1.80 36.21
N7A ACO S . -69.58 -2.22 35.67
C8A ACO S . -70.38 -0.71 36.19
C8A ACO S . -70.28 -1.10 35.63
N9A ACO S . -71.70 -0.92 36.55
N9A ACO S . -71.60 -1.31 35.95
C1B ACO S . -72.80 0.03 36.61
C1B ACO S . -72.69 -0.33 36.02
C2B ACO S . -72.67 1.18 37.60
C2B ACO S . -72.70 0.46 37.30
O2B ACO S . -72.95 0.79 38.93
O2B ACO S . -73.26 -0.35 38.31
C3B ACO S . -73.72 2.14 37.02
C3B ACO S . -73.53 1.69 36.88
O3B ACO S . -75.05 1.69 37.28
O3B ACO S . -74.95 1.48 36.95
P3B ACO S . -76.15 2.88 37.54
P3B ACO S . -75.77 2.72 37.60
O7A ACO S . -77.25 2.42 38.49
O7A ACO S . -76.10 2.38 39.05
O8A ACO S . -75.37 4.00 38.16
O8A ACO S . -74.94 3.97 37.54
O9A ACO S . -76.71 3.22 36.18
O9A ACO S . -77.02 2.82 36.75
C4B ACO S . -73.38 2.03 35.53
C4B ACO S . -73.08 1.89 35.43
O4B ACO S . -72.91 0.67 35.36
O4B ACO S . -72.55 0.62 34.98
C5B ACO S . -72.34 3.00 34.98
C5B ACO S . -72.02 2.95 35.22
O5B ACO S . -72.59 4.32 35.51
O5B ACO S . -72.60 4.24 35.43
P1A ACO S . -72.13 5.67 34.74
P1A ACO S . -72.08 5.52 34.60
O1A ACO S . -70.67 5.91 34.95
O1A ACO S . -70.59 5.59 34.70
O2A ACO S . -73.05 6.80 35.11
O2A ACO S . -72.87 6.72 35.01
O3A ACO S . -72.37 5.28 33.20
O3A ACO S . -72.46 5.05 33.12
P2A ACO S . -73.33 6.00 32.14
P2A ACO S . -73.18 5.67 31.83
O4A ACO S . -74.33 6.80 32.91
O4A ACO S . -74.53 6.16 32.18
O5A ACO S . -73.63 5.02 31.05
O5A ACO S . -72.97 4.68 30.75
O6A ACO S . -72.38 7.13 31.49
O6A ACO S . -72.34 7.04 31.58
CBP ACO S . -70.14 7.83 30.93
CBP ACO S . -70.28 8.30 31.12
CCP ACO S . -71.18 6.73 30.76
CCP ACO S . -71.08 7.02 30.84
CDP ACO S . -68.91 7.51 30.08
CDP ACO S . -69.01 8.30 30.27
CEP ACO S . -70.72 9.16 30.46
CEP ACO S . -71.11 9.53 30.72
CAP ACO S . -69.73 7.93 32.40
CAP ACO S . -69.92 8.38 32.60
OAP ACO S . -69.15 6.69 32.84
OAP ACO S . -69.40 7.11 32.98
C9P ACO S . -68.76 9.07 32.66
C9P ACO S . -68.89 9.46 32.96
O9P ACO S . -69.12 10.24 32.53
O9P ACO S . -69.23 10.66 32.99
N8P ACO S . -67.52 8.71 33.02
N8P ACO S . -67.68 9.05 33.30
C7P ACO S . -66.48 9.68 33.39
C7P ACO S . -66.59 9.97 33.59
C6P ACO S . -65.86 10.38 32.18
C6P ACO S . -66.17 10.79 32.39
C5P ACO S . -65.79 9.56 30.92
C5P ACO S . -65.67 9.93 31.26
O5P ACO S . -65.37 8.39 30.93
O5P ACO S . -65.16 8.82 31.49
N4P ACO S . -66.26 10.16 29.81
N4P ACO S . -65.83 10.39 30.00
C3P ACO S . -66.03 9.77 28.42
C3P ACO S . -65.22 9.73 28.83
C2P ACO S . -65.45 8.39 28.26
C2P ACO S . -64.08 10.53 28.18
S1P ACO S . -64.41 7.95 26.79
S1P ACO S . -63.82 9.69 26.62
C ACO S . -64.67 7.76 25.00
C ACO S . -63.87 10.34 24.96
O ACO S . -65.61 8.22 24.43
O ACO S . -64.13 11.49 24.78
CH3 ACO S . -63.66 6.92 24.31
CH3 ACO S . -63.56 9.42 23.84
N1A ACO T . -23.52 25.77 31.75
N1A ACO T . -23.86 26.88 31.48
C2A ACO T . -22.89 25.61 30.58
C2A ACO T . -23.24 26.69 30.31
N3A ACO T . -23.31 25.05 29.45
N3A ACO T . -23.68 26.06 29.21
C4A ACO T . -24.56 24.58 29.61
C4A ACO T . -24.93 25.61 29.39
C5A ACO T . -25.36 24.65 30.74
C5A ACO T . -25.70 25.74 30.53
C6A ACO T . -24.79 25.28 31.87
C6A ACO T . -25.12 26.41 31.63
N6A ACO T . -25.41 25.47 33.03
N6A ACO T . -25.75 26.59 32.79
N7A ACO T . -26.60 24.07 30.51
N7A ACO T . -26.94 25.14 30.33
C8A ACO T . -26.54 23.66 29.25
C8A ACO T . -26.91 24.67 29.11
N9A ACO T . -25.32 23.94 28.66
N9A ACO T . -25.69 24.92 28.49
C1B ACO T . -24.86 23.63 27.28
C1B ACO T . -25.26 24.59 27.13
C2B ACO T . -24.74 22.14 26.97
C2B ACO T . -24.82 23.16 26.87
O2B ACO T . -23.59 21.59 27.56
O2B ACO T . -23.56 22.91 27.45
C3B ACO T . -24.73 22.18 25.43
C3B ACO T . -24.84 23.20 25.35
O3B ACO T . -23.41 22.51 24.98
O3B ACO T . -23.74 24.00 24.94
P3B ACO T . -22.74 21.75 23.70
P3B ACO T . -22.77 23.44 23.79
O7A ACO T . -21.25 21.88 23.91
O7A ACO T . -22.51 24.77 23.13
O8A ACO T . -23.11 20.30 23.64
O8A ACO T . -21.63 22.92 24.63
O9A ACO T . -23.17 22.49 22.47
O9A ACO T . -23.32 22.37 22.87
C4B ACO T . -25.77 23.28 25.15
C4B ACO T . -26.12 23.97 25.06
O4B ACO T . -25.78 24.12 26.33
O4B ACO T . -26.34 24.79 26.24
C5B ACO T . -27.19 22.80 24.90
C5B ACO T . -27.35 23.13 24.81
O5B ACO T . -27.16 21.74 23.90
O5B ACO T . -27.06 22.20 23.74
P1A ACO T . -28.46 21.27 23.09
P1A ACO T . -28.24 21.69 22.81
O1A ACO T . -28.05 20.19 22.13
O1A ACO T . -27.69 21.07 21.56
O2A ACO T . -29.57 20.97 24.05
O2A ACO T . -29.12 20.81 23.63
O3A ACO T . -28.84 22.57 22.22
O3A ACO T . -28.93 23.12 22.48
P2A ACO T . -29.08 22.93 20.66
P2A ACO T . -29.34 23.98 21.18
O4A ACO T . -29.38 24.39 20.55
O4A ACO T . -29.60 25.39 21.61
O5A ACO T . -27.97 22.35 19.85
O5A ACO T . -28.40 23.70 20.06
O6A ACO T . -30.41 22.10 20.27
O6A ACO T . -30.71 23.27 20.72
CBP ACO T . -32.78 21.58 20.59
CBP ACO T . -32.84 22.30 21.34
CCP ACO T . -31.74 22.69 20.46
CCP ACO T . -31.94 23.53 21.44
CDP ACO T . -33.18 21.10 19.19
CDP ACO T . -33.16 22.04 19.86
CEP ACO T . -34.04 22.16 21.25
CEP ACO T . -34.16 22.63 22.07
CAP ACO T . -32.27 20.38 21.41
CAP ACO T . -32.17 21.06 21.95
OAP ACO T . -32.01 20.68 22.79
OAP ACO T . -31.88 21.27 23.35
C9P ACO T . -33.29 19.28 21.28
C9P ACO T . -32.96 19.77 21.73
O9P ACO T . -33.38 18.67 20.21
O9P ACO T . -33.19 19.38 20.58
N8P ACO T . -34.06 19.01 22.35
N8P ACO T . -33.35 19.10 22.81
C7P ACO T . -35.34 18.32 22.29
C7P ACO T . -34.39 18.06 22.79
C6P ACO T . -36.50 19.21 21.78
C6P ACO T . -35.70 18.54 22.15
C5P ACO T . -36.87 20.40 22.67
C5P ACO T . -36.45 19.63 22.90
O5P ACO T . -36.18 20.70 23.63
O5P ACO T . -36.27 19.77 24.11
N4P ACO T . -37.99 21.11 22.38
N4P ACO T . -37.29 20.44 22.22
C3P ACO T . -38.92 20.81 21.29
C3P ACO T . -38.30 21.29 22.86
C2P ACO T . -40.37 20.94 21.69
C2P ACO T . -38.26 22.75 22.45
S1P ACO T . -41.36 22.11 20.64
S1P ACO T . -39.54 23.78 23.25
C ACO T . -42.30 23.52 21.06
C ACO T . -40.29 25.32 22.68
O ACO T . -42.87 24.11 20.19
O ACO T . -41.25 25.81 23.23
CH3 ACO T . -42.20 24.01 22.43
CH3 ACO T . -39.65 25.96 21.52
N1A ACO U . 20.41 -24.63 -31.26
N1A ACO U . 20.38 -24.55 -31.23
C2A ACO U . 19.55 -24.48 -30.25
C2A ACO U . 19.51 -24.37 -30.22
N3A ACO U . 18.26 -24.13 -30.28
N3A ACO U . 18.23 -24.01 -30.26
C4A ACO U . 17.88 -23.93 -31.55
C4A ACO U . 17.85 -23.84 -31.53
C5A ACO U . 18.65 -24.03 -32.69
C5A ACO U . 18.61 -23.99 -32.67
C6A ACO U . 19.99 -24.39 -32.52
C6A ACO U . 19.95 -24.36 -32.50
N6A ACO U . 20.85 -24.55 -33.53
N6A ACO U . 20.80 -24.56 -33.49
N7A ACO U . 17.88 -23.75 -33.82
N7A ACO U . 17.85 -23.73 -33.80
C8A ACO U . 16.70 -23.44 -33.34
C8A ACO U . 16.66 -23.41 -33.33
N9A ACO U . 16.63 -23.54 -31.96
N9A ACO U . 16.60 -23.46 -31.95
C1B ACO U . 15.49 -23.36 -31.08
C1B ACO U . 15.46 -23.23 -31.08
C2B ACO U . 14.95 -21.95 -30.92
C2B ACO U . 14.95 -21.79 -30.97
O2B ACO U . 15.67 -21.18 -29.98
O2B ACO U . 15.71 -21.02 -30.08
C3B ACO U . 13.56 -22.30 -30.39
C3B ACO U . 13.56 -22.07 -30.43
O3B ACO U . 13.70 -22.70 -29.03
O3B ACO U . 13.72 -22.41 -29.06
P3B ACO U . 12.66 -21.93 -28.09
P3B ACO U . 12.65 -21.78 -28.00
O7A ACO U . 12.37 -20.55 -28.69
O7A ACO U . 13.37 -20.57 -27.39
O8A ACO U . 13.34 -21.82 -26.75
O8A ACO U . 12.54 -22.97 -27.07
O9A ACO U . 11.47 -22.85 -28.07
O9A ACO U . 11.32 -21.41 -28.64
C4B ACO U . 13.16 -23.49 -31.26
C4B ACO U . 13.12 -23.29 -31.23
O4B ACO U . 14.43 -24.11 -31.62
O4B ACO U . 14.36 -23.95 -31.60
C5B ACO U . 12.37 -23.16 -32.51
C5B ACO U . 12.29 -23.01 -32.46
O5B ACO U . 11.22 -22.38 -32.11
O5B ACO U . 11.20 -22.11 -32.09
P1A ACO U . 9.88 -22.35 -33.00
P1A ACO U . 9.81 -22.09 -32.91
O1A ACO U . 10.20 -21.79 -34.36
O1A ACO U . 10.04 -21.47 -34.27
O2A ACO U . 8.81 -21.67 -32.22
O2A ACO U . 8.75 -21.48 -32.07
O3A ACO U . 9.65 -23.92 -33.18
O3A ACO U . 9.61 -23.66 -33.10
P2A ACO U . 8.47 -24.95 -32.80
P2A ACO U . 8.36 -24.63 -32.81
O4A ACO U . 9.12 -26.27 -32.94
O4A ACO U . 8.91 -26.00 -32.98
O5A ACO U . 7.74 -24.46 -31.61
O5A ACO U . 7.62 -24.18 -31.60
O6A ACO U . 7.47 -24.69 -34.05
O6A ACO U . 7.40 -24.15 -34.01
CBP ACO U . 7.11 -24.46 -36.43
CBP ACO U . 6.79 -23.91 -36.34
CCP ACO U . 7.73 -25.32 -35.33
CCP ACO U . 7.50 -24.79 -35.31
CDP ACO U . 7.46 -25.06 -37.79
CDP ACO U . 7.06 -24.45 -37.74
CEP ACO U . 5.58 -24.44 -36.30
CEP ACO U . 5.28 -23.94 -36.08
CAP ACO U . 7.66 -23.02 -36.33
CAP ACO U . 7.28 -22.46 -36.20
OAP ACO U . 9.05 -23.12 -36.64
OAP ACO U . 8.69 -22.42 -36.34
C9P ACO U . 7.00 -21.99 -37.22
C9P ACO U . 6.66 -21.52 -37.23
O9P ACO U . 5.87 -21.56 -36.97
O9P ACO U . 5.49 -21.16 -37.12
N8P ACO U . 7.72 -21.55 -38.26
N8P ACO U . 7.47 -21.11 -38.21
C7P ACO U . 7.23 -20.57 -39.21
C7P ACO U . 7.03 -20.24 -39.29
C6P ACO U . 6.10 -21.11 -40.09
C6P ACO U . 6.08 -20.95 -40.25
C5P ACO U . 6.50 -22.37 -40.81
C5P ACO U . 6.55 -22.33 -40.64
O5P ACO U . 7.68 -22.63 -41.05
O5P ACO U . 7.73 -22.53 -40.93
N4P ACO U . 5.52 -23.23 -41.13
N4P ACO U . 5.66 -23.33 -40.64
C3P ACO U . 5.64 -24.22 -42.21
C3P ACO U . 5.96 -24.63 -41.18
C2P ACO U . 6.38 -25.47 -41.79
C2P ACO U . 6.31 -24.57 -42.68
S1P ACO U . 6.92 -26.54 -43.18
S1P ACO U . 4.90 -24.65 -43.77
C ACO U . 6.58 -28.31 -43.31
C ACO U . 4.45 -26.44 -44.13
O ACO U . 5.88 -28.86 -42.50
O ACO U . 3.36 -26.84 -44.45
CH3 ACO U . 7.21 -29.06 -44.43
CH3 ACO U . 5.59 -27.41 -44.13
N1A ACO V . 3.10 -6.43 -82.81
N1A ACO V . 2.34 -6.12 -82.61
C2A ACO V . 3.01 -7.36 -83.77
C2A ACO V . 2.25 -7.08 -83.55
N3A ACO V . 3.05 -8.69 -83.67
N3A ACO V . 2.32 -8.40 -83.40
C4A ACO V . 3.19 -9.05 -82.39
C4A ACO V . 2.46 -8.74 -82.10
C5A ACO V . 3.27 -8.23 -81.30
C5A ACO V . 2.55 -7.86 -81.04
C6A ACO V . 3.24 -6.85 -81.53
C6A ACO V . 2.50 -6.49 -81.32
N6A ACO V . 3.31 -5.94 -80.56
N6A ACO V . 2.55 -5.54 -80.39
N7A ACO V . 3.41 -8.98 -80.13
N7A ACO V . 2.68 -8.57 -79.86
C8A ACO V . 3.39 -10.24 -80.55
C8A ACO V . 2.69 -9.84 -80.22
N9A ACO V . 3.28 -10.34 -81.91
N9A ACO V . 2.54 -9.99 -81.57
C1B ACO V . 3.20 -11.55 -82.72
C1B ACO V . 2.51 -11.26 -82.30
C2B ACO V . 4.40 -12.48 -82.67
C2B ACO V . 3.84 -11.94 -82.52
O2B ACO V . 5.44 -12.10 -83.53
O2B ACO V . 4.57 -11.31 -83.54
C3B ACO V . 3.75 -13.79 -83.11
C3B ACO V . 3.35 -13.34 -82.92
O3B ACO V . 3.68 -13.67 -84.55
O3B ACO V . 3.03 -13.20 -84.31
P3B ACO V . 3.90 -15.02 -85.42
P3B ACO V . 2.81 -14.53 -85.22
O7A ACO V . 4.17 -14.54 -86.82
O7A ACO V . 3.67 -14.29 -86.45
O8A ACO V . 5.09 -15.76 -84.88
O8A ACO V . 3.22 -15.81 -84.51
O9A ACO V . 2.61 -15.81 -85.34
O9A ACO V . 1.31 -14.44 -85.51
C4B ACO V . 2.38 -13.72 -82.42
C4B ACO V . 2.13 -13.52 -82.01
O4B ACO V . 2.11 -12.31 -82.24
O4B ACO V . 1.76 -12.19 -81.56
C5B ACO V . 2.24 -14.42 -81.09
C5B ACO V . 2.33 -14.39 -80.78
O5B ACO V . 2.90 -15.71 -81.15
O5B ACO V . 2.82 -15.69 -81.17
P1A ACO V . 2.49 -16.94 -80.17
P1A ACO V . 2.60 -16.94 -80.17
O1A ACO V . 3.21 -16.78 -78.87
O1A ACO V . 3.32 -16.67 -78.89
O2A ACO V . 2.71 -18.22 -80.90
O2A ACO V . 2.95 -18.20 -80.87
O3A ACO V . 0.91 -16.65 -79.95
O3A ACO V . 1.02 -16.77 -79.91
P2A ACO V . -0.35 -17.62 -80.15
P2A ACO V . -0.24 -17.74 -80.13
O4A ACO V . -1.61 -16.86 -79.95
O4A ACO V . -1.49 -16.97 -79.90
O5A ACO V . -0.09 -18.46 -81.35
O5A ACO V . 0.01 -18.54 -81.36
O6A ACO V . -0.16 -18.66 -78.93
O6A ACO V . -0.02 -18.81 -78.96
CBP ACO V . 0.29 -19.15 -76.58
CBP ACO V . 0.34 -19.32 -76.59
CCP ACO V . -0.50 -18.28 -77.57
CCP ACO V . -0.51 -18.53 -77.60
CDP ACO V . -0.10 -18.74 -75.15
CDP ACO V . -0.03 -18.87 -75.17
CEP ACO V . -0.06 -20.62 -76.78
CEP ACO V . 0.04 -20.82 -76.72
CAP ACO V . 1.82 -18.93 -76.75
CAP ACO V . 1.85 -19.05 -76.81
OAP ACO V . 2.03 -17.52 -76.49
OAP ACO V . 2.03 -17.62 -76.81
C9P ACO V . 2.71 -19.79 -75.86
C9P ACO V . 2.72 -19.70 -75.74
O9P ACO V . 2.64 -21.02 -75.91
O9P ACO V . 3.13 -20.86 -75.90
N8P ACO V . 3.57 -19.14 -75.06
N8P ACO V . 3.03 -18.95 -74.69
C7P ACO V . 4.38 -19.83 -74.04
C7P ACO V . 3.59 -19.49 -73.44
C6P ACO V . 3.53 -20.55 -72.99
C6P ACO V . 2.57 -20.32 -72.67
C5P ACO V . 2.44 -19.74 -72.32
C5P ACO V . 1.61 -19.52 -71.80
O5P ACO V . 2.64 -18.56 -72.05
O5P ACO V . 1.65 -18.29 -71.80
N4P ACO V . 1.22 -20.29 -72.10
N4P ACO V . 0.66 -20.24 -71.17
C3P ACO V . 0.30 -19.87 -71.04
C3P ACO V . 0.21 -20.04 -69.78
C2P ACO V . -0.69 -18.78 -71.40
C2P ACO V . -0.64 -18.82 -69.59
S1P ACO V . -1.60 -18.00 -69.93
S1P ACO V . -2.37 -19.07 -69.01
C ACO V . -3.38 -17.98 -69.53
C ACO V . -2.97 -20.54 -68.26
O ACO V . -4.12 -18.75 -70.06
O ACO V . -2.29 -21.51 -68.36
CH3 ACO V . -3.91 -16.95 -68.58
CH3 ACO V . -4.26 -20.51 -67.57
N1A ACO W . -8.30 -39.50 26.70
N1A ACO W . -8.12 -39.96 26.71
C2A ACO W . -7.73 -38.74 27.65
C2A ACO W . -7.55 -39.17 27.63
N3A ACO W . -6.67 -37.94 27.57
N3A ACO W . -6.74 -38.13 27.47
C4A ACO W . -6.18 -37.92 26.32
C4A ACO W . -6.51 -37.91 26.16
C5A ACO W . -6.66 -38.64 25.22
C5A ACO W . -7.00 -38.65 25.10
C6A ACO W . -7.79 -39.45 25.44
C6A ACO W . -7.86 -39.72 25.40
N6A ACO W . -8.37 -40.18 24.49
N6A ACO W . -8.42 -40.50 24.48
N7A ACO W . -5.89 -38.35 24.10
N7A ACO W . -6.54 -38.13 23.90
C8A ACO W . -4.98 -37.50 24.52
C8A ACO W . -5.79 -37.11 24.24
N9A ACO W . -5.10 -37.21 25.87
N9A ACO W . -5.73 -36.94 25.61
C1B ACO W . -4.27 -36.28 26.67
C1B ACO W . -5.01 -35.93 26.34
C2B ACO W . -2.77 -36.54 26.66
C2B ACO W . -3.58 -36.30 26.69
O2B ACO W . -2.38 -37.58 27.53
O2B ACO W . -3.59 -37.21 27.77
C3B ACO W . -2.25 -35.16 27.10
C3B ACO W . -3.03 -34.92 27.02
O3B ACO W . -2.34 -35.01 28.54
O3B ACO W . -3.49 -34.49 28.31
P3B ACO W . -1.28 -34.00 29.27
P3B ACO W . -2.42 -33.87 29.33
O7A ACO W . -1.93 -32.65 29.15
O7A ACO W . -2.21 -32.42 28.98
O8A ACO W . 0.05 -34.07 28.56
O8A ACO W . -1.10 -34.64 29.38
O9A ACO W . -1.13 -34.41 30.71
O9A ACO W . -3.25 -34.02 30.56
C4B ACO W . -3.19 -34.22 26.35
C4B ACO W . -3.67 -34.07 25.93
O4B ACO W . -4.40 -34.99 26.11
O4B ACO W . -4.89 -34.77 25.54
C5B ACO W . -2.66 -33.67 25.04
C5B ACO W . -2.81 -33.83 24.71
O5B ACO W . -1.42 -32.94 25.29
O5B ACO W . -1.68 -33.02 25.10
P1A ACO W . -0.84 -31.79 24.31
P1A ACO W . -1.12 -31.90 24.10
O1A ACO W . -0.31 -32.45 23.06
O1A ACO W . -0.79 -32.57 22.81
O2A ACO W . 0.17 -30.99 25.08
O2A ACO W . -0.03 -31.14 24.79
O3A ACO W . -2.14 -30.93 23.97
O3A ACO W . -2.42 -30.98 23.93
P2A ACO W . -2.53 -29.38 24.20
P2A ACO W . -2.61 -29.40 24.16
O4A ACO W . -4.01 -29.20 24.10
O4A ACO W . -4.06 -29.04 24.05
O5A ACO W . -1.76 -28.87 25.37
O5A ACO W . -1.82 -29.00 25.36
O6A ACO W . -1.81 -28.66 22.97
O6A ACO W . -1.72 -28.77 22.98
CBP ACO W . -1.30 -28.61 20.61
CBP ACO W . -1.12 -28.54 20.66
CCP ACO W . -2.43 -28.68 21.65
CCP ACO W . -2.28 -28.59 21.66
CDP ACO W . -1.91 -28.60 19.21
CDP ACO W . -1.68 -28.46 19.24
CEP ACO W . -0.53 -27.30 20.82
CEP ACO W . -0.28 -27.28 20.92
CAP ACO W . -0.36 -29.81 20.78
CAP ACO W . -0.24 -29.80 20.81
OAP ACO W . -1.11 -31.03 20.62
OAP ACO W . -1.04 -30.98 20.66
C9P ACO W . 0.81 -29.78 19.81
C9P ACO W . 0.92 -29.82 19.84
O9P ACO W . 1.68 -28.90 19.89
O9P ACO W . 1.88 -29.04 19.97
N8P ACO W . 0.86 -30.74 18.90
N8P ACO W . 0.86 -30.72 18.87
C7P ACO W . 1.81 -30.72 17.80
C7P ACO W . 1.89 -30.84 17.83
C6P ACO W . 1.62 -29.49 16.91
C6P ACO W . 1.75 -29.77 16.73
C5P ACO W . 0.29 -29.46 16.18
C5P ACO W . 0.33 -29.50 16.27
O5P ACO W . -0.34 -30.50 15.99
O5P ACO W . -0.47 -30.42 16.10
N4P ACO W . -0.19 -28.26 15.79
N4P ACO W . -0.04 -28.21 16.05
C3P ACO W . -1.14 -28.12 14.69
C3P ACO W . -1.28 -27.87 15.38
C2P ACO W . -2.57 -27.89 15.15
C2P ACO W . -1.14 -27.78 13.85
S1P ACO W . -3.87 -27.92 13.85
S1P ACO W . -2.60 -27.03 13.04
C ACO W . -5.21 -26.75 13.60
C ACO W . -2.66 -25.42 12.28
O ACO W . -5.28 -25.70 14.18
O ACO W . -1.72 -24.72 12.48
CH3 ACO W . -6.25 -27.20 12.65
CH3 ACO W . -3.77 -25.02 11.43
N1A ACO X . 15.18 -37.15 -25.63
N1A ACO X . 15.73 -37.33 -25.56
C2A ACO X . 14.50 -36.48 -26.58
C2A ACO X . 14.84 -37.00 -26.51
N3A ACO X . 13.33 -35.86 -26.48
N3A ACO X . 13.68 -36.36 -26.38
C4A ACO X . 12.85 -35.94 -25.23
C4A ACO X . 13.46 -36.05 -25.09
C5A ACO X . 13.43 -36.59 -24.16
C5A ACO X . 14.27 -36.31 -24.02
C6A ACO X . 14.66 -37.22 -24.38
C6A ACO X . 15.47 -36.99 -24.28
N6A ACO X . 15.34 -37.86 -23.43
N6A ACO X . 16.34 -37.30 -23.34
N7A ACO X . 12.62 -36.48 -23.03
N7A ACO X . 13.70 -35.82 -22.85
C8A ACO X . 11.59 -35.78 -23.43
C8A ACO X . 12.56 -35.30 -23.24
N9A ACO X . 11.65 -35.46 -24.76
N9A ACO X . 12.37 -35.40 -24.59
C1B ACO X . 10.74 -34.62 -25.51
C1B ACO X . 11.29 -34.93 -25.38
C2B ACO X . 9.41 -35.21 -25.92
C2B ACO X . 10.02 -35.72 -25.29
O2B ACO X . 9.55 -36.04 -27.05
O2B ACO X . 10.11 -36.87 -26.10
C3B ACO X . 8.61 -33.93 -26.18
C3B ACO X . 9.04 -34.67 -25.79
O3B ACO X . 8.90 -33.34 -27.46
O3B ACO X . 9.20 -34.67 -27.21
P3B ACO X . 7.97 -33.53 -28.78
P3B ACO X . 8.10 -33.77 -27.99
O7A ACO X . 8.82 -32.73 -29.75
O7A ACO X . 8.55 -32.33 -27.76
O8A ACO X . 7.91 -35.04 -29.10
O8A ACO X . 8.17 -34.16 -29.46
O9A ACO X . 6.58 -32.93 -28.61
O9A ACO X . 6.75 -34.09 -27.38
C4B ACO X . 9.16 -32.97 -25.11
C4B ACO X . 9.57 -33.39 -25.12
O4B ACO X . 10.42 -33.54 -24.68
O4B ACO X . 10.98 -33.63 -24.92
C5B ACO X . 8.26 -32.75 -23.91
C5B ACO X . 8.95 -33.01 -23.79
O5B ACO X . 6.87 -32.92 -24.31
O5B ACO X . 7.58 -32.64 -24.02
P1A ACO X . 5.74 -31.92 -23.76
P1A ACO X . 6.74 -31.66 -23.09
O1A ACO X . 4.78 -31.64 -24.88
O1A ACO X . 5.46 -31.35 -23.80
O2A ACO X . 5.19 -32.51 -22.51
O2A ACO X . 6.65 -32.27 -21.73
O3A ACO X . 6.67 -30.64 -23.44
O3A ACO X . 7.68 -30.36 -23.09
P2A ACO X . 6.67 -29.03 -23.63
P2A ACO X . 7.38 -28.81 -23.40
O4A ACO X . 8.09 -28.55 -23.55
O4A ACO X . 8.62 -28.06 -23.12
O5A ACO X . 5.70 -28.65 -24.70
O5A ACO X . 6.65 -28.63 -24.69
O6A ACO X . 5.93 -28.54 -22.28
O6A ACO X . 6.28 -28.46 -22.26
CBP ACO X . 5.79 -28.42 -19.86
CBP ACO X . 5.53 -28.46 -19.91
CCP ACO X . 6.71 -28.27 -21.07
CCP ACO X . 6.71 -28.28 -20.88
CDP ACO X . 6.55 -28.11 -18.57
CDP ACO X . 6.07 -28.28 -18.49
CEP ACO X . 4.61 -27.45 -19.99
CEP ACO X . 4.48 -27.39 -20.17
CAP ACO X . 5.26 -29.88 -19.86
CAP ACO X . 4.87 -29.85 -20.06
OAP ACO X . 6.39 -30.69 -19.53
OAP ACO X . 5.90 -30.83 -20.00
C9P ACO X . 4.10 -30.19 -18.93
C9P ACO X . 3.82 -30.20 -19.01
O9P ACO X . 3.00 -29.67 -19.08
O9P ACO X . 2.71 -29.66 -19.02
N8P ACO X . 4.36 -31.08 -17.96
N8P ACO X . 4.15 -31.13 -18.12
C7P ACO X . 3.40 -31.43 -16.92
C7P ACO X . 3.29 -31.54 -17.03
C6P ACO X . 3.20 -30.33 -15.88
C6P ACO X . 2.90 -30.38 -16.10
C5P ACO X . 4.48 -29.69 -15.40
C5P ACO X . 4.10 -29.69 -15.50
O5P ACO X . 5.49 -30.36 -15.18
O5P ACO X . 5.10 -30.32 -15.16
N4P ACO X . 4.46 -28.37 -15.17
N4P ACO X . 4.03 -28.36 -15.34
C3P ACO X . 5.67 -27.58 -14.94
C3P ACO X . 5.15 -27.57 -14.85
C2P ACO X . 6.32 -27.75 -13.57
C2P ACO X . 5.47 -27.85 -13.39
S1P ACO X . 7.29 -26.26 -13.31
S1P ACO X . 4.74 -26.60 -12.40
C ACO X . 8.75 -25.37 -12.80
C ACO X . 5.72 -25.05 -11.91
O ACO X . 8.85 -24.21 -13.14
O ACO X . 5.16 -24.03 -11.72
CH3 ACO X . 9.75 -26.02 -11.95
CH3 ACO X . 7.19 -25.06 -11.66
#